data_6MG0
#
_entry.id   6MG0
#
_cell.length_a   161.549
_cell.length_b   212.894
_cell.length_c   253.127
_cell.angle_alpha   90.00
_cell.angle_beta   90.00
_cell.angle_gamma   90.00
#
_symmetry.space_group_name_H-M   'P 21 21 21'
#
loop_
_entity.id
_entity.type
_entity.pdbx_description
1 polymer 'Linear gramicidin synthase subunit A'
2 non-polymer "5'-({[(2R,3R)-3-amino-2-{[2-({N-[(2R)-2-hydroxy-3,3-dimethyl-4-{[oxido(oxo)phosphonio]oxy}butanoyl]-beta-alanyl}amino)ethyl]sulfanyl}-4-methylpentyl]sulfonyl}amino)-5'-deoxyadenosine"
#
_entity_poly.entity_id   1
_entity_poly.type   'polypeptide(L)'
_entity_poly.pdbx_seq_one_letter_code
;GAMGRILFLTTFMSKGNKVVRYLESLHHEVVICQEKVHAQSANLQEIDWIVSYAYGYILDKEIVSRFRGRIINLHPSLLP
WNKGRDPVFWSVWDETPKGVTIHLIDEHVDTGDILVQEEIAFADEDTLLDCYNKANQAIEELFIREWENIVHGRIAPYRQ
TAGGTLHFKADRDFYKNLNMTTVRELLALKRLCAEPKRGEKPIDKTFHQLFEQQVEMTPDHVAVVDRGQSLTYKQLNERA
NQLAHHLRGKGVKPDDQVAIMLDKSLDMIVSILAVMKAGGAYVPIDPDYPGERIAYMLADSSAAILLTNALHEEKANGAC
DIIDVHDPDSYSENTNNLPHVNRPDDLVYVMYTSGSTGLAKGVMIEHHNLVNFCEWYRPYFGVTPADKALVYSSFSFDGS
ALDIFTHLLAGAALHIVPSERKYDLDALNDYCNQEGITISYLPTGAAEQFMQMDNQSFRVVITGGDVLKKIERNGTYKLY
NGYGPTECTIMVTMFEVDKPYANIPIGKPIDRTRILILDEALALQPIGVAGELFIVGEGLGRGYLNRPELTAEKFIVHPQ
TGERMYRTGDRARFLPDGNIEFLGRLDNLVKIRGYRIEPGEIEPFLMNHPLIELTTVLAKEQADGRKYLVGYYVAPEEIP
HGELREWLGNDLPDYMIPTYFVHMKAFPLTANGKVDRRALPDVQADAELLGEDYVAPTDELEQQLAQVWSHVLGIPQMGI
DDHFLERGGDSIKVMQLIHQLKNIGLSLRYDQLFTHPTIRQLKRLLTEQKQVSLEPLRELDEQAEYETSAVEKRMYIIQQ
QDVESIAYNVVYTINFPLTVDTEQIRVALEQLVLRHEGLRSTYHMRGDEIVKRIVPRAELSFVRQTGEEESVQSLLAEQI
KPFDLAKAPLLRAGVIETADKKVLWFDSHHILLDGLSKSILARELQALLGQQVLSPVEKTYKSFARWQNEWFASDEYEQQ
IAYWKTLLQGELPAVQLPTKKRPPQLTFDGAIQMYRVNPEITRKLKATAAKHDLTLYMLMLTIVSIWLSKMNSDSNQVIL
GTVTDGRQHPDTRELLGMFVNTLPLLLSIDHEESFLHNLQQVKAKLLPALQNQYVPFDKILEAARVKREGNRHPLFDVMF
MMQGAPETELESNMHHINAGISKFDLTLEVLERENGLNIVFEYNTHLFDEGMILRMVAQFEHLLLQAVHGLDQQVKRFEL
VTEDEKRDLFLRVNDTAKAYPNKLIMSMLEDWAAATPDKTALVFREQRVTYRELNERVNQLAHTLREKGVQPDDLVMLMA
ERSVEMMVAIFAVLKAGGAYLPIDPHSPAERIAYIFADSGAKLVLAQSPFVEKASMAEVVLDLNSASSYAADTSNPPLVN
QPGDLVYVMYTSGSTGKPKGVMIEHGALLNVLHGMQDEYPLLQDDAFLLKTTYIFDISVAEIFGWVPGRGKLVILEPEAE
KNPKAIWQAVVGAGITHINFVPSMLIPFVEYLEGRTEANRLRYILACGEAMPDELVPKVYEVLPEVKLENIYGPTEATIY
ASRYSLAKGSQESPVPIGKPLPNYRMYIINRHGQLQPIGVPGELCIAGASLARGYLNNPALTEEKFTPHPLEKGERIYRT
GDLARYREDGNIEYLGRMDHQVKIRGYRIELDEIRSKLIQEETIQDAVVVARNDQNGQAYLCAYLLSEQEWTVGQLRELL
RRELPEYMIPAHFVLLKQFPLTANGKLDRKALPEPDGSVAAAENLYFQ
;
_entity_poly.pdbx_strand_id   A,B
#
loop_
_chem_comp.id
_chem_comp.type
_chem_comp.name
_chem_comp.formula
DG9 non-polymer 5'-({[(2R,3R)-3-amino-2-{[2-({N-[(2R)-2-hydroxy-3,3-dimethyl-4-{[oxido(oxo)phosphonio]oxy}butanoyl]-beta-alanyl}amino)ethyl]sulfanyl}-4-methylpentyl]sulfonyl}amino)-5'-deoxyadenosine 'C27 H48 N9 O12 P S2'
#
# COMPACT_ATOMS: atom_id res chain seq x y z
N MET A 3 62.81 -40.61 97.33
CA MET A 3 63.33 -41.80 96.67
C MET A 3 62.42 -43.00 96.90
N GLY A 4 61.48 -43.21 95.99
CA GLY A 4 60.54 -44.30 96.11
C GLY A 4 59.90 -44.62 94.79
N ARG A 5 58.68 -45.14 94.84
CA ARG A 5 57.92 -45.50 93.65
C ARG A 5 56.61 -44.73 93.62
N ILE A 6 56.16 -44.40 92.41
CA ILE A 6 54.99 -43.57 92.19
C ILE A 6 54.06 -44.26 91.21
N LEU A 7 52.76 -44.25 91.52
CA LEU A 7 51.74 -44.85 90.66
C LEU A 7 51.00 -43.72 89.95
N PHE A 8 51.14 -43.66 88.63
CA PHE A 8 50.51 -42.63 87.81
C PHE A 8 49.25 -43.21 87.19
N LEU A 9 48.08 -42.76 87.66
CA LEU A 9 46.79 -43.27 87.21
C LEU A 9 46.13 -42.22 86.32
N THR A 10 46.01 -42.52 85.02
CA THR A 10 45.43 -41.61 84.05
C THR A 10 44.50 -42.39 83.15
N THR A 11 43.91 -41.69 82.17
CA THR A 11 42.95 -42.31 81.26
C THR A 11 43.08 -41.74 79.86
N PHE A 12 42.95 -40.42 79.73
CA PHE A 12 43.11 -39.75 78.45
C PHE A 12 44.53 -39.26 78.21
N MET A 13 45.21 -38.81 79.27
CA MET A 13 46.50 -38.16 79.13
C MET A 13 47.54 -39.14 78.58
N SER A 14 48.54 -38.58 77.90
CA SER A 14 49.59 -39.38 77.28
C SER A 14 50.65 -39.78 78.30
N LYS A 15 51.26 -40.94 78.08
CA LYS A 15 52.28 -41.45 78.99
C LYS A 15 53.62 -40.74 78.82
N GLY A 16 53.79 -39.94 77.78
CA GLY A 16 55.02 -39.19 77.60
C GLY A 16 54.89 -37.77 78.12
N ASN A 17 54.06 -37.59 79.12
CA ASN A 17 53.77 -36.27 79.66
C ASN A 17 55.01 -35.67 80.35
N LYS A 18 55.01 -34.34 80.44
CA LYS A 18 56.10 -33.66 81.14
C LYS A 18 56.15 -34.05 82.61
N VAL A 19 54.99 -34.22 83.24
CA VAL A 19 54.94 -34.60 84.64
C VAL A 19 55.57 -35.97 84.85
N VAL A 20 55.28 -36.93 83.97
CA VAL A 20 55.84 -38.26 84.09
C VAL A 20 57.36 -38.21 83.94
N ARG A 21 57.84 -37.50 82.92
CA ARG A 21 59.27 -37.41 82.67
C ARG A 21 59.99 -36.65 83.78
N TYR A 22 59.33 -35.67 84.40
CA TYR A 22 59.93 -34.95 85.51
C TYR A 22 60.15 -35.86 86.71
N LEU A 23 59.12 -36.63 87.08
CA LEU A 23 59.23 -37.53 88.23
C LEU A 23 60.37 -38.53 88.05
N GLU A 24 60.51 -39.08 86.84
CA GLU A 24 61.59 -40.03 86.61
C GLU A 24 62.96 -39.32 86.63
N SER A 25 62.99 -38.03 86.32
CA SER A 25 64.25 -37.29 86.37
C SER A 25 64.72 -37.09 87.80
N LEU A 26 63.80 -37.03 88.76
CA LEU A 26 64.14 -37.03 90.17
C LEU A 26 64.46 -38.43 90.70
N HIS A 27 64.68 -39.39 89.80
CA HIS A 27 65.07 -40.76 90.14
C HIS A 27 63.97 -41.49 90.91
N HIS A 28 62.72 -41.12 90.69
CA HIS A 28 61.57 -41.86 91.20
C HIS A 28 61.14 -42.88 90.15
N GLU A 29 61.13 -44.15 90.53
CA GLU A 29 60.62 -45.19 89.64
C GLU A 29 59.09 -45.08 89.57
N VAL A 30 58.57 -44.82 88.38
CA VAL A 30 57.14 -44.56 88.19
C VAL A 30 56.53 -45.71 87.41
N VAL A 31 55.32 -46.11 87.81
CA VAL A 31 54.57 -47.16 87.14
C VAL A 31 53.28 -46.54 86.62
N ILE A 32 53.15 -46.48 85.30
CA ILE A 32 51.97 -45.92 84.65
C ILE A 32 50.96 -47.05 84.46
N CYS A 33 49.73 -46.83 84.90
CA CYS A 33 48.69 -47.85 84.82
C CYS A 33 47.36 -47.16 84.57
N GLN A 34 46.70 -47.51 83.46
CA GLN A 34 45.39 -46.97 83.15
C GLN A 34 44.25 -47.94 83.45
N GLU A 35 44.52 -49.24 83.51
CA GLU A 35 43.48 -50.22 83.79
C GLU A 35 43.10 -50.18 85.26
N LYS A 36 41.93 -50.75 85.56
CA LYS A 36 41.44 -50.78 86.93
C LYS A 36 42.36 -51.65 87.78
N VAL A 37 42.75 -51.12 88.95
CA VAL A 37 43.62 -51.81 89.89
C VAL A 37 42.78 -52.32 91.06
N HIS A 38 43.03 -53.55 91.47
CA HIS A 38 42.29 -54.19 92.55
C HIS A 38 43.24 -54.51 93.71
N ALA A 39 42.63 -54.90 94.84
CA ALA A 39 43.39 -55.15 96.05
C ALA A 39 44.43 -56.23 95.88
N GLN A 40 44.14 -57.26 95.08
CA GLN A 40 45.05 -58.38 94.89
C GLN A 40 46.05 -58.16 93.76
N SER A 41 46.20 -56.93 93.29
CA SER A 41 47.17 -56.65 92.24
C SER A 41 48.59 -56.78 92.79
N ALA A 42 49.49 -57.34 91.97
CA ALA A 42 50.86 -57.53 92.39
C ALA A 42 51.62 -56.21 92.53
N ASN A 43 51.08 -55.12 91.98
CA ASN A 43 51.73 -53.83 92.06
C ASN A 43 51.35 -53.06 93.32
N LEU A 44 50.21 -53.37 93.93
CA LEU A 44 49.72 -52.58 95.06
C LEU A 44 50.66 -52.65 96.26
N GLN A 45 51.37 -53.76 96.42
CA GLN A 45 52.27 -53.93 97.56
C GLN A 45 53.59 -53.18 97.40
N GLU A 46 53.90 -52.67 96.21
CA GLU A 46 55.17 -52.02 95.95
C GLU A 46 55.03 -50.55 95.57
N ILE A 47 53.87 -49.96 95.84
CA ILE A 47 53.61 -48.55 95.54
C ILE A 47 53.83 -47.75 96.80
N ASP A 48 54.63 -46.70 96.71
CA ASP A 48 54.87 -45.78 97.81
C ASP A 48 54.04 -44.51 97.73
N TRP A 49 53.67 -44.09 96.51
CA TRP A 49 52.86 -42.90 96.30
C TRP A 49 51.92 -43.14 95.12
N ILE A 50 50.71 -42.62 95.22
CA ILE A 50 49.72 -42.72 94.16
C ILE A 50 49.35 -41.30 93.73
N VAL A 51 49.74 -40.93 92.52
CA VAL A 51 49.37 -39.65 91.93
C VAL A 51 48.42 -39.94 90.78
N SER A 52 47.18 -39.47 90.89
CA SER A 52 46.19 -39.62 89.84
C SER A 52 45.99 -38.30 89.11
N TYR A 53 45.56 -38.39 87.86
CA TYR A 53 45.46 -37.21 86.99
C TYR A 53 44.32 -37.47 86.01
N ALA A 54 43.12 -37.00 86.39
CA ALA A 54 41.91 -37.17 85.58
C ALA A 54 41.66 -38.63 85.23
N TYR A 55 41.88 -39.51 86.20
CA TYR A 55 41.60 -40.92 86.00
C TYR A 55 40.10 -41.14 85.81
N GLY A 56 39.74 -41.96 84.83
CA GLY A 56 38.36 -42.13 84.45
C GLY A 56 37.52 -43.04 85.31
N TYR A 57 38.03 -43.52 86.44
CA TYR A 57 37.28 -44.44 87.28
C TYR A 57 37.61 -44.18 88.74
N ILE A 58 36.84 -44.83 89.62
CA ILE A 58 36.99 -44.75 91.07
C ILE A 58 37.63 -46.04 91.56
N LEU A 59 38.51 -45.92 92.55
CA LEU A 59 39.16 -47.08 93.16
C LEU A 59 38.27 -47.65 94.26
N ASP A 60 38.34 -48.96 94.43
CA ASP A 60 37.58 -49.64 95.46
C ASP A 60 37.93 -49.06 96.83
N LYS A 61 36.92 -48.96 97.70
CA LYS A 61 37.10 -48.34 99.01
C LYS A 61 38.17 -49.03 99.85
N GLU A 62 38.44 -50.31 99.59
CA GLU A 62 39.55 -50.98 100.28
C GLU A 62 40.88 -50.32 99.91
N ILE A 63 41.09 -50.04 98.63
CA ILE A 63 42.36 -49.47 98.17
C ILE A 63 42.51 -48.04 98.66
N VAL A 64 41.43 -47.27 98.69
CA VAL A 64 41.53 -45.87 99.05
C VAL A 64 41.83 -45.70 100.53
N SER A 65 41.27 -46.58 101.38
CA SER A 65 41.52 -46.46 102.82
C SER A 65 42.92 -46.94 103.16
N ARG A 66 43.41 -47.98 102.49
CA ARG A 66 44.75 -48.49 102.76
C ARG A 66 45.80 -47.42 102.52
N PHE A 67 45.62 -46.60 101.49
CA PHE A 67 46.56 -45.53 101.15
C PHE A 67 46.07 -44.16 101.58
N ARG A 68 45.37 -44.11 102.72
CA ARG A 68 44.83 -42.83 103.25
C ARG A 68 45.98 -41.86 103.52
N GLY A 69 45.86 -40.60 103.05
CA GLY A 69 46.87 -39.61 103.25
C GLY A 69 48.00 -39.62 102.23
N ARG A 70 47.99 -40.56 101.28
CA ARG A 70 49.06 -40.64 100.28
C ARG A 70 48.52 -40.82 98.87
N ILE A 71 47.27 -40.45 98.63
CA ILE A 71 46.68 -40.52 97.29
C ILE A 71 46.26 -39.10 96.90
N ILE A 72 46.85 -38.60 95.82
CA ILE A 72 46.64 -37.22 95.40
C ILE A 72 46.11 -37.22 93.97
N ASN A 73 45.30 -36.21 93.65
CA ASN A 73 44.77 -36.02 92.31
C ASN A 73 45.06 -34.60 91.85
N LEU A 74 45.52 -34.47 90.61
CA LEU A 74 45.70 -33.18 89.95
C LEU A 74 44.48 -32.95 89.05
N HIS A 75 43.46 -32.26 89.59
CA HIS A 75 42.24 -32.00 88.84
C HIS A 75 42.21 -30.56 88.37
N PRO A 76 42.12 -30.30 87.06
CA PRO A 76 42.23 -28.93 86.55
C PRO A 76 40.90 -28.19 86.54
N SER A 77 40.38 -28.00 87.75
CA SER A 77 39.24 -27.11 87.96
C SER A 77 39.45 -26.40 89.30
N LEU A 78 38.71 -25.32 89.51
CA LEU A 78 38.79 -24.56 90.76
C LEU A 78 37.75 -25.12 91.73
N LEU A 79 38.07 -26.29 92.30
CA LEU A 79 37.21 -27.00 93.23
C LEU A 79 36.76 -26.08 94.37
N PRO A 80 35.51 -26.21 94.85
CA PRO A 80 34.54 -27.27 94.53
C PRO A 80 33.82 -27.09 93.19
N TRP A 81 34.18 -26.06 92.43
CA TRP A 81 33.52 -25.82 91.15
C TRP A 81 33.91 -26.86 90.12
N ASN A 82 32.92 -27.37 89.40
CA ASN A 82 33.11 -28.33 88.31
C ASN A 82 33.81 -29.61 88.78
N LYS A 83 33.22 -30.23 89.80
CA LYS A 83 33.67 -31.54 90.21
C LYS A 83 33.36 -32.60 89.15
N GLY A 84 34.15 -33.66 89.11
CA GLY A 84 33.87 -34.76 88.21
C GLY A 84 34.21 -34.47 86.76
N ARG A 85 33.29 -34.81 85.85
CA ARG A 85 33.60 -34.94 84.42
C ARG A 85 33.51 -33.60 83.68
N ASP A 86 34.31 -33.49 82.62
CA ASP A 86 34.31 -32.32 81.74
C ASP A 86 34.41 -31.01 82.51
N PRO A 87 35.35 -30.87 83.44
CA PRO A 87 35.34 -29.67 84.30
C PRO A 87 35.55 -28.37 83.55
N VAL A 88 36.47 -28.35 82.58
CA VAL A 88 36.75 -27.12 81.84
C VAL A 88 35.51 -26.65 81.09
N PHE A 89 34.85 -27.58 80.39
CA PHE A 89 33.67 -27.22 79.62
C PHE A 89 32.59 -26.62 80.50
N TRP A 90 32.27 -27.29 81.61
CA TRP A 90 31.24 -26.77 82.51
C TRP A 90 31.68 -25.46 83.18
N SER A 91 32.97 -25.30 83.44
CA SER A 91 33.47 -24.04 84.00
C SER A 91 33.26 -22.88 83.04
N VAL A 92 33.27 -23.15 81.74
CA VAL A 92 33.02 -22.13 80.73
C VAL A 92 31.53 -21.94 80.50
N TRP A 93 30.80 -23.05 80.35
CA TRP A 93 29.36 -22.96 80.12
C TRP A 93 28.65 -22.31 81.29
N ASP A 94 28.83 -22.87 82.49
CA ASP A 94 28.23 -22.28 83.68
C ASP A 94 28.91 -20.98 84.10
N GLU A 95 30.01 -20.61 83.46
CA GLU A 95 30.70 -19.34 83.70
C GLU A 95 31.04 -19.15 85.17
N THR A 96 31.66 -20.17 85.75
CA THR A 96 32.13 -20.13 87.13
C THR A 96 33.56 -19.64 87.17
N PRO A 97 34.08 -19.30 88.36
CA PRO A 97 35.50 -19.00 88.47
C PRO A 97 36.35 -20.16 87.99
N LYS A 98 37.48 -19.85 87.35
CA LYS A 98 38.28 -20.84 86.65
C LYS A 98 39.66 -20.94 87.30
N GLY A 99 40.14 -22.17 87.43
CA GLY A 99 41.44 -22.41 88.02
C GLY A 99 41.76 -23.88 88.01
N VAL A 100 42.86 -24.24 88.66
CA VAL A 100 43.28 -25.63 88.78
C VAL A 100 43.59 -25.93 90.24
N THR A 101 43.32 -27.17 90.65
CA THR A 101 43.38 -27.56 92.06
C THR A 101 44.09 -28.90 92.19
N ILE A 102 45.14 -28.94 93.00
CA ILE A 102 45.79 -30.17 93.41
C ILE A 102 45.29 -30.52 94.80
N HIS A 103 44.56 -31.62 94.93
CA HIS A 103 43.84 -31.93 96.15
C HIS A 103 44.03 -33.41 96.51
N LEU A 104 43.75 -33.71 97.77
CA LEU A 104 43.74 -35.09 98.24
C LEU A 104 42.49 -35.80 97.74
N ILE A 105 42.60 -37.11 97.56
CA ILE A 105 41.47 -37.94 97.16
C ILE A 105 40.83 -38.51 98.42
N ASP A 106 39.57 -38.18 98.66
CA ASP A 106 38.83 -38.74 99.76
C ASP A 106 37.84 -39.78 99.22
N GLU A 107 36.77 -40.05 99.96
CA GLU A 107 35.85 -41.12 99.60
C GLU A 107 35.09 -40.81 98.32
N HIS A 108 34.75 -39.54 98.09
CA HIS A 108 33.90 -39.17 96.97
C HIS A 108 34.73 -38.58 95.83
N VAL A 109 34.04 -38.21 94.76
CA VAL A 109 34.69 -37.80 93.51
C VAL A 109 35.09 -36.33 93.62
N ASP A 110 36.39 -36.07 93.66
CA ASP A 110 36.93 -34.71 93.61
C ASP A 110 36.35 -33.82 94.72
N THR A 111 36.31 -34.37 95.93
CA THR A 111 35.76 -33.66 97.08
C THR A 111 36.77 -33.51 98.21
N GLY A 112 37.97 -34.08 98.09
CA GLY A 112 38.94 -34.03 99.16
C GLY A 112 39.48 -32.63 99.40
N ASP A 113 40.18 -32.50 100.52
CA ASP A 113 40.75 -31.21 100.90
C ASP A 113 41.76 -30.74 99.88
N ILE A 114 41.83 -29.43 99.70
CA ILE A 114 42.68 -28.81 98.69
C ILE A 114 44.08 -28.64 99.27
N LEU A 115 45.08 -29.19 98.57
CA LEU A 115 46.46 -28.89 98.92
C LEU A 115 46.91 -27.58 98.30
N VAL A 116 46.70 -27.42 96.98
CA VAL A 116 47.15 -26.26 96.24
C VAL A 116 46.08 -25.88 95.22
N GLN A 117 45.82 -24.59 95.11
CA GLN A 117 44.77 -24.09 94.23
C GLN A 117 45.23 -22.77 93.61
N GLU A 118 44.97 -22.60 92.32
CA GLU A 118 45.43 -21.42 91.59
C GLU A 118 44.41 -21.00 90.54
N GLU A 119 44.21 -19.70 90.38
CA GLU A 119 43.26 -19.19 89.40
C GLU A 119 43.90 -19.13 88.01
N ILE A 120 43.05 -19.21 86.99
CA ILE A 120 43.49 -19.14 85.60
C ILE A 120 42.43 -18.37 84.80
N ALA A 121 42.84 -17.84 83.65
CA ALA A 121 41.98 -17.04 82.81
C ALA A 121 42.04 -17.52 81.37
N PHE A 122 40.89 -17.50 80.69
CA PHE A 122 40.78 -17.90 79.29
C PHE A 122 40.32 -16.71 78.47
N ALA A 123 40.98 -16.48 77.35
CA ALA A 123 40.61 -15.40 76.45
C ALA A 123 39.38 -15.77 75.64
N ASP A 124 38.63 -14.74 75.22
CA ASP A 124 37.40 -14.98 74.47
C ASP A 124 37.66 -15.72 73.17
N GLU A 125 38.79 -15.44 72.52
CA GLU A 125 39.07 -16.03 71.21
C GLU A 125 39.55 -17.47 71.30
N ASP A 126 39.93 -17.95 72.49
CA ASP A 126 40.39 -19.33 72.62
C ASP A 126 39.24 -20.30 72.43
N THR A 127 39.55 -21.42 71.77
CA THR A 127 38.58 -22.51 71.65
C THR A 127 38.60 -23.36 72.91
N LEU A 128 37.53 -24.14 73.09
CA LEU A 128 37.43 -24.99 74.27
C LEU A 128 38.59 -25.99 74.34
N LEU A 129 39.18 -26.35 73.20
CA LEU A 129 40.37 -27.18 73.22
C LEU A 129 41.58 -26.40 73.71
N ASP A 130 41.71 -25.14 73.29
CA ASP A 130 42.81 -24.29 73.75
C ASP A 130 42.76 -24.10 75.25
N CYS A 131 41.56 -23.78 75.78
CA CYS A 131 41.40 -23.64 77.23
C CYS A 131 41.75 -24.93 77.94
N TYR A 132 41.24 -26.06 77.43
CA TYR A 132 41.57 -27.36 77.99
C TYR A 132 43.09 -27.59 78.01
N ASN A 133 43.77 -27.23 76.93
CA ASN A 133 45.21 -27.41 76.87
C ASN A 133 45.92 -26.43 77.80
N LYS A 134 45.50 -25.16 77.78
CA LYS A 134 46.15 -24.15 78.62
C LYS A 134 46.04 -24.51 80.11
N ALA A 135 44.86 -24.97 80.53
CA ALA A 135 44.69 -25.37 81.92
C ALA A 135 45.55 -26.58 82.26
N ASN A 136 45.64 -27.54 81.33
CA ASN A 136 46.48 -28.72 81.57
C ASN A 136 47.94 -28.33 81.72
N GLN A 137 48.41 -27.38 80.91
CA GLN A 137 49.80 -26.93 81.03
C GLN A 137 50.03 -26.20 82.35
N ALA A 138 49.05 -25.40 82.79
CA ALA A 138 49.22 -24.62 84.01
C ALA A 138 49.27 -25.51 85.24
N ILE A 139 48.48 -26.58 85.25
CA ILE A 139 48.48 -27.45 86.42
C ILE A 139 49.71 -28.34 86.45
N GLU A 140 50.25 -28.72 85.28
CA GLU A 140 51.48 -29.50 85.25
C GLU A 140 52.66 -28.69 85.78
N GLU A 141 52.77 -27.43 85.36
CA GLU A 141 53.82 -26.56 85.87
C GLU A 141 53.64 -26.30 87.37
N LEU A 142 52.40 -26.15 87.82
CA LEU A 142 52.13 -26.02 89.25
C LEU A 142 52.61 -27.25 90.00
N PHE A 143 52.39 -28.44 89.43
CA PHE A 143 52.85 -29.67 90.04
C PHE A 143 54.38 -29.73 90.08
N ILE A 144 55.03 -29.23 89.03
CA ILE A 144 56.49 -29.29 88.95
C ILE A 144 57.12 -28.43 90.05
N ARG A 145 56.53 -27.27 90.34
CA ARG A 145 57.08 -26.40 91.36
C ARG A 145 56.81 -26.89 92.77
N GLU A 146 55.67 -27.55 92.99
CA GLU A 146 55.19 -27.86 94.33
C GLU A 146 55.29 -29.35 94.66
N TRP A 147 55.94 -30.15 93.82
CA TRP A 147 56.04 -31.58 94.09
C TRP A 147 56.88 -31.86 95.33
N GLU A 148 58.02 -31.19 95.46
CA GLU A 148 58.86 -31.37 96.64
C GLU A 148 58.09 -31.05 97.92
N ASN A 149 57.27 -29.99 97.89
CA ASN A 149 56.47 -29.64 99.05
C ASN A 149 55.38 -30.67 99.32
N ILE A 150 54.87 -31.32 98.27
CA ILE A 150 53.82 -32.31 98.44
C ILE A 150 54.39 -33.61 99.02
N VAL A 151 55.56 -34.03 98.53
CA VAL A 151 56.18 -35.26 99.03
C VAL A 151 56.45 -35.14 100.53
N HIS A 152 57.21 -34.11 100.92
CA HIS A 152 57.56 -33.92 102.32
C HIS A 152 56.38 -33.54 103.19
N GLY A 153 55.17 -33.47 102.64
CA GLY A 153 54.02 -33.09 103.43
C GLY A 153 54.09 -31.71 104.02
N ARG A 154 54.91 -30.82 103.44
CA ARG A 154 55.02 -29.47 103.97
C ARG A 154 53.73 -28.69 103.82
N ILE A 155 52.96 -28.97 102.78
CA ILE A 155 51.75 -28.20 102.50
C ILE A 155 50.65 -28.61 103.46
N ALA A 156 49.83 -27.63 103.87
CA ALA A 156 48.70 -27.85 104.78
C ALA A 156 47.41 -27.94 103.97
N PRO A 157 46.84 -29.13 103.79
CA PRO A 157 45.57 -29.23 103.07
C PRO A 157 44.44 -28.53 103.82
N TYR A 158 43.57 -27.87 103.07
CA TYR A 158 42.43 -27.16 103.62
C TYR A 158 41.17 -27.61 102.92
N ARG A 159 40.11 -27.83 103.69
CA ARG A 159 38.87 -28.37 103.15
C ARG A 159 38.26 -27.43 102.12
N GLN A 160 37.50 -28.01 101.19
CA GLN A 160 36.87 -27.23 100.15
C GLN A 160 35.72 -26.40 100.71
N THR A 161 35.46 -25.28 100.04
CA THR A 161 34.30 -24.45 100.37
C THR A 161 33.01 -25.25 100.20
N ALA A 162 31.98 -24.86 100.94
CA ALA A 162 30.68 -25.50 100.83
C ALA A 162 29.98 -25.08 99.54
N GLY A 163 29.51 -26.07 98.78
CA GLY A 163 28.81 -25.79 97.55
C GLY A 163 29.39 -26.51 96.35
N GLY A 164 29.25 -25.92 95.17
CA GLY A 164 29.79 -26.48 93.95
C GLY A 164 28.73 -27.20 93.12
N THR A 165 29.21 -27.89 92.09
CA THR A 165 28.38 -28.66 91.19
C THR A 165 29.04 -30.01 90.93
N LEU A 166 28.35 -30.86 90.17
CA LEU A 166 28.86 -32.18 89.83
C LEU A 166 28.29 -32.61 88.49
N HIS A 167 29.12 -33.26 87.68
CA HIS A 167 28.71 -33.71 86.36
C HIS A 167 29.32 -35.08 86.08
N PHE A 168 28.59 -35.88 85.29
CA PHE A 168 28.99 -37.24 84.95
C PHE A 168 29.31 -37.32 83.47
N LYS A 169 29.70 -38.53 83.04
CA LYS A 169 30.13 -38.73 81.66
C LYS A 169 29.00 -38.43 80.67
N ALA A 170 27.78 -38.87 80.99
CA ALA A 170 26.67 -38.72 80.06
C ALA A 170 26.18 -37.28 79.95
N ASP A 171 26.49 -36.44 80.93
CA ASP A 171 26.00 -35.06 80.94
C ASP A 171 26.44 -34.28 79.70
N ARG A 172 27.44 -34.77 78.98
CA ARG A 172 28.01 -34.06 77.83
C ARG A 172 27.50 -34.59 76.49
N ASP A 173 26.74 -35.69 76.49
CA ASP A 173 26.25 -36.25 75.23
C ASP A 173 25.53 -35.21 74.40
N PHE A 174 24.66 -34.42 75.04
CA PHE A 174 23.94 -33.37 74.34
C PHE A 174 24.88 -32.32 73.76
N TYR A 175 26.08 -32.19 74.31
CA TYR A 175 27.02 -31.14 73.93
C TYR A 175 28.27 -31.68 73.26
N LYS A 176 28.24 -32.93 72.78
CA LYS A 176 29.46 -33.53 72.23
C LYS A 176 29.97 -32.79 71.00
N ASN A 177 29.06 -32.22 70.21
CA ASN A 177 29.43 -31.53 68.97
C ASN A 177 29.79 -30.06 69.19
N LEU A 178 29.97 -29.63 70.43
CA LEU A 178 30.09 -28.21 70.73
C LEU A 178 31.49 -27.78 71.14
N ASN A 179 32.41 -28.71 71.44
CA ASN A 179 33.70 -28.30 71.99
C ASN A 179 34.59 -27.58 70.98
N MET A 180 34.17 -27.43 69.73
CA MET A 180 34.91 -26.68 68.72
C MET A 180 34.18 -25.36 68.47
N THR A 181 34.40 -24.41 69.37
CA THR A 181 33.84 -23.07 69.22
C THR A 181 34.59 -22.12 70.14
N THR A 182 34.75 -20.87 69.68
CA THR A 182 35.39 -19.86 70.51
C THR A 182 34.56 -19.62 71.76
N VAL A 183 35.24 -19.16 72.83
CA VAL A 183 34.55 -18.84 74.07
C VAL A 183 33.43 -17.84 73.82
N ARG A 184 33.70 -16.81 73.01
CA ARG A 184 32.67 -15.83 72.67
C ARG A 184 31.48 -16.50 71.97
N GLU A 185 31.76 -17.30 70.95
CA GLU A 185 30.68 -17.96 70.21
C GLU A 185 29.92 -18.93 71.10
N LEU A 186 30.62 -19.64 71.99
CA LEU A 186 29.96 -20.58 72.89
C LEU A 186 28.98 -19.86 73.80
N LEU A 187 29.45 -18.85 74.52
CA LEU A 187 28.57 -18.08 75.39
C LEU A 187 27.49 -17.37 74.60
N ALA A 188 27.75 -17.05 73.33
CA ALA A 188 26.70 -16.48 72.49
C ALA A 188 25.60 -17.50 72.24
N LEU A 189 25.97 -18.75 71.97
CA LEU A 189 24.97 -19.80 71.82
C LEU A 189 24.24 -20.06 73.12
N LYS A 190 24.96 -19.98 74.25
CA LYS A 190 24.33 -20.21 75.55
C LYS A 190 23.20 -19.22 75.80
N ARG A 191 23.41 -17.95 75.45
CA ARG A 191 22.36 -16.95 75.63
C ARG A 191 21.17 -17.26 74.73
N LEU A 192 21.44 -17.62 73.47
CA LEU A 192 20.35 -17.92 72.53
C LEU A 192 19.62 -19.20 72.90
N CYS A 193 20.21 -20.04 73.76
CA CYS A 193 19.58 -21.29 74.19
C CYS A 193 19.38 -21.32 75.70
N ALA A 194 19.21 -20.16 76.33
CA ALA A 194 19.04 -20.06 77.77
C ALA A 194 17.57 -19.90 78.11
N GLU A 195 17.05 -20.80 78.93
CA GLU A 195 15.69 -20.67 79.41
C GLU A 195 15.56 -19.39 80.23
N PRO A 196 14.43 -18.68 80.14
CA PRO A 196 14.30 -17.44 80.91
C PRO A 196 14.30 -17.70 82.41
N LYS A 197 14.73 -16.69 83.16
CA LYS A 197 14.97 -16.81 84.59
C LYS A 197 13.76 -17.39 85.31
N ARG A 198 14.04 -18.23 86.31
CA ARG A 198 13.01 -18.95 87.06
C ARG A 198 11.97 -17.99 87.62
N GLY A 199 10.71 -18.36 87.49
CA GLY A 199 9.61 -17.50 87.80
C GLY A 199 8.98 -16.82 86.59
N GLU A 200 9.24 -17.32 85.38
CA GLU A 200 8.73 -16.70 84.17
C GLU A 200 7.21 -16.61 84.19
N LYS A 201 6.68 -15.49 83.70
CA LYS A 201 5.26 -15.20 83.78
C LYS A 201 4.46 -16.33 83.12
N PRO A 202 3.63 -17.04 83.87
CA PRO A 202 2.83 -18.10 83.26
C PRO A 202 1.52 -17.56 82.71
N ILE A 203 0.56 -18.44 82.41
CA ILE A 203 -0.74 -18.03 81.89
C ILE A 203 -1.83 -18.69 82.73
N ASP A 204 -2.71 -17.86 83.30
CA ASP A 204 -3.80 -18.32 84.14
C ASP A 204 -5.18 -18.10 83.53
N LYS A 205 -5.30 -17.18 82.58
CA LYS A 205 -6.60 -16.82 82.03
C LYS A 205 -6.84 -17.51 80.69
N THR A 206 -8.11 -17.75 80.39
CA THR A 206 -8.49 -18.19 79.06
C THR A 206 -8.75 -16.96 78.18
N PHE A 207 -8.91 -17.21 76.88
CA PHE A 207 -9.02 -16.12 75.92
C PHE A 207 -10.28 -15.30 76.15
N HIS A 208 -11.44 -15.95 76.24
CA HIS A 208 -12.69 -15.23 76.42
C HIS A 208 -12.76 -14.48 77.74
N GLN A 209 -11.92 -14.89 78.71
CA GLN A 209 -11.83 -14.20 80.01
C GLN A 209 -11.22 -12.80 79.75
N LEU A 210 -10.17 -12.76 78.92
CA LEU A 210 -9.52 -11.51 78.53
C LEU A 210 -10.37 -10.70 77.57
N PHE A 211 -11.08 -11.37 76.66
CA PHE A 211 -11.90 -10.65 75.69
C PHE A 211 -13.04 -9.91 76.37
N GLU A 212 -13.79 -10.61 77.23
CA GLU A 212 -14.86 -9.95 77.98
C GLU A 212 -14.32 -8.81 78.83
N GLN A 213 -13.13 -8.99 79.41
CA GLN A 213 -12.49 -7.90 80.15
C GLN A 213 -12.23 -6.71 79.25
N GLN A 214 -11.80 -6.95 78.01
CA GLN A 214 -11.55 -5.85 77.08
C GLN A 214 -12.85 -5.23 76.56
N VAL A 215 -13.92 -6.03 76.44
CA VAL A 215 -15.21 -5.49 76.04
C VAL A 215 -15.68 -4.46 77.05
N GLU A 216 -15.52 -4.75 78.34
CA GLU A 216 -15.93 -3.81 79.38
C GLU A 216 -15.00 -2.61 79.48
N MET A 217 -13.85 -2.65 78.81
CA MET A 217 -12.97 -1.49 78.77
C MET A 217 -13.31 -0.53 77.63
N THR A 218 -13.76 -1.06 76.49
CA THR A 218 -14.16 -0.25 75.34
C THR A 218 -15.44 -0.83 74.76
N PRO A 219 -16.57 -0.67 75.47
CA PRO A 219 -17.80 -1.32 75.01
C PRO A 219 -18.36 -0.71 73.74
N ASP A 220 -18.33 0.61 73.60
CA ASP A 220 -18.90 1.28 72.45
C ASP A 220 -17.92 1.47 71.30
N HIS A 221 -16.76 0.80 71.41
CA HIS A 221 -15.73 0.86 70.33
C HIS A 221 -16.11 -0.15 69.24
N VAL A 222 -15.90 0.22 67.96
CA VAL A 222 -16.25 -0.66 66.85
C VAL A 222 -15.44 -1.94 66.95
N ALA A 223 -16.15 -3.08 66.96
CA ALA A 223 -15.52 -4.39 67.09
C ALA A 223 -15.38 -5.11 65.76
N VAL A 224 -16.43 -5.12 64.95
CA VAL A 224 -16.45 -5.86 63.69
C VAL A 224 -17.18 -5.03 62.64
N VAL A 225 -16.64 -5.02 61.42
CA VAL A 225 -17.20 -4.29 60.30
C VAL A 225 -17.32 -5.23 59.12
N ASP A 226 -18.50 -5.27 58.51
CA ASP A 226 -18.78 -6.12 57.35
C ASP A 226 -19.53 -5.27 56.32
N ARG A 227 -18.79 -4.73 55.36
CA ARG A 227 -19.32 -3.86 54.30
C ARG A 227 -19.95 -2.65 54.99
N GLY A 228 -21.26 -2.39 54.81
CA GLY A 228 -21.87 -1.26 55.46
C GLY A 228 -22.21 -1.49 56.92
N GLN A 229 -22.58 -2.71 57.28
CA GLN A 229 -22.99 -3.02 58.64
C GLN A 229 -21.77 -3.12 59.56
N SER A 230 -22.03 -2.97 60.86
CA SER A 230 -20.98 -3.08 61.86
C SER A 230 -21.61 -3.35 63.22
N LEU A 231 -20.84 -4.03 64.07
CA LEU A 231 -21.24 -4.30 65.44
C LEU A 231 -20.16 -3.81 66.39
N THR A 232 -20.59 -3.33 67.55
CA THR A 232 -19.65 -2.88 68.57
C THR A 232 -19.26 -4.05 69.48
N TYR A 233 -18.29 -3.79 70.36
CA TYR A 233 -17.86 -4.80 71.32
C TYR A 233 -19.01 -5.23 72.22
N LYS A 234 -19.81 -4.27 72.67
CA LYS A 234 -20.97 -4.60 73.51
C LYS A 234 -21.97 -5.47 72.75
N GLN A 235 -22.32 -5.06 71.54
CA GLN A 235 -23.29 -5.80 70.74
C GLN A 235 -22.78 -7.21 70.43
N LEU A 236 -21.52 -7.32 70.00
CA LEU A 236 -20.94 -8.63 69.71
C LEU A 236 -20.91 -9.51 70.95
N ASN A 237 -20.46 -8.96 72.08
CA ASN A 237 -20.35 -9.75 73.30
C ASN A 237 -21.73 -10.26 73.76
N GLU A 238 -22.75 -9.42 73.65
CA GLU A 238 -24.08 -9.83 74.10
C GLU A 238 -24.69 -10.88 73.19
N ARG A 239 -24.63 -10.65 71.87
CA ARG A 239 -25.20 -11.62 70.93
C ARG A 239 -24.52 -12.97 71.03
N ALA A 240 -23.20 -12.98 71.17
CA ALA A 240 -22.48 -14.24 71.36
C ALA A 240 -22.90 -14.93 72.65
N ASN A 241 -23.12 -14.15 73.71
CA ASN A 241 -23.57 -14.73 74.98
C ASN A 241 -24.94 -15.39 74.82
N GLN A 242 -25.84 -14.78 74.03
CA GLN A 242 -27.15 -15.36 73.80
C GLN A 242 -27.02 -16.72 73.13
N LEU A 243 -26.26 -16.78 72.03
CA LEU A 243 -26.03 -18.07 71.35
C LEU A 243 -25.28 -19.04 72.25
N ALA A 244 -24.41 -18.53 73.12
CA ALA A 244 -23.63 -19.41 73.99
C ALA A 244 -24.52 -20.09 75.04
N HIS A 245 -25.43 -19.33 75.66
CA HIS A 245 -26.39 -19.93 76.59
C HIS A 245 -27.18 -21.03 75.93
N HIS A 246 -27.68 -20.78 74.71
CA HIS A 246 -28.41 -21.79 73.97
C HIS A 246 -27.53 -23.00 73.66
N LEU A 247 -26.27 -22.76 73.30
CA LEU A 247 -25.37 -23.85 72.98
C LEU A 247 -25.03 -24.69 74.21
N ARG A 248 -24.70 -23.99 75.30
CA ARG A 248 -24.36 -24.64 76.59
C ARG A 248 -25.58 -25.45 77.06
N GLY A 249 -26.78 -24.89 76.88
CA GLY A 249 -28.00 -25.58 77.26
C GLY A 249 -28.29 -26.82 76.46
N LYS A 250 -27.67 -26.97 75.30
CA LYS A 250 -27.82 -28.15 74.46
C LYS A 250 -26.78 -29.22 74.75
N GLY A 251 -25.89 -29.01 75.72
CA GLY A 251 -24.97 -30.05 76.15
C GLY A 251 -23.52 -29.86 75.76
N VAL A 252 -23.12 -28.68 75.29
CA VAL A 252 -21.72 -28.45 74.95
C VAL A 252 -20.88 -28.46 76.23
N LYS A 253 -19.84 -29.28 76.23
CA LYS A 253 -18.98 -29.48 77.39
C LYS A 253 -17.52 -29.19 77.02
N PRO A 254 -16.66 -29.01 78.00
CA PRO A 254 -15.23 -28.81 77.70
C PRO A 254 -14.66 -29.96 76.89
N ASP A 255 -13.78 -29.61 75.94
CA ASP A 255 -13.11 -30.50 75.00
C ASP A 255 -14.06 -31.10 73.95
N ASP A 256 -15.35 -30.78 74.00
CA ASP A 256 -16.24 -31.16 72.92
C ASP A 256 -15.96 -30.33 71.68
N GLN A 257 -16.14 -30.94 70.52
CA GLN A 257 -15.91 -30.28 69.24
C GLN A 257 -17.24 -29.86 68.64
N VAL A 258 -17.30 -28.61 68.17
CA VAL A 258 -18.48 -28.09 67.47
C VAL A 258 -18.02 -27.61 66.11
N ALA A 259 -18.49 -28.28 65.06
CA ALA A 259 -18.13 -27.89 63.70
C ALA A 259 -18.85 -26.59 63.32
N ILE A 260 -18.15 -25.74 62.57
CA ILE A 260 -18.69 -24.49 62.07
C ILE A 260 -18.43 -24.43 60.57
N MET A 261 -19.49 -24.28 59.77
CA MET A 261 -19.38 -24.21 58.32
C MET A 261 -20.16 -22.99 57.84
N LEU A 262 -19.46 -21.87 57.66
CA LEU A 262 -20.09 -20.62 57.26
C LEU A 262 -19.10 -19.81 56.43
N ASP A 263 -19.65 -18.98 55.53
CA ASP A 263 -18.84 -17.98 54.87
C ASP A 263 -18.41 -16.91 55.87
N LYS A 264 -17.38 -16.16 55.50
CA LYS A 264 -16.93 -15.05 56.35
C LYS A 264 -18.03 -14.01 56.48
N SER A 265 -18.43 -13.72 57.72
CA SER A 265 -19.53 -12.81 57.99
C SER A 265 -19.52 -12.48 59.47
N LEU A 266 -20.54 -11.73 59.91
CA LEU A 266 -20.69 -11.45 61.33
C LEU A 266 -21.12 -12.69 62.10
N ASP A 267 -21.99 -13.50 61.49
CA ASP A 267 -22.44 -14.74 62.13
C ASP A 267 -21.27 -15.65 62.47
N MET A 268 -20.18 -15.58 61.69
CA MET A 268 -19.01 -16.39 61.97
C MET A 268 -18.37 -16.00 63.30
N ILE A 269 -18.08 -14.71 63.49
CA ILE A 269 -17.45 -14.25 64.73
C ILE A 269 -18.37 -14.52 65.92
N VAL A 270 -19.68 -14.37 65.72
CA VAL A 270 -20.63 -14.69 66.79
C VAL A 270 -20.59 -16.17 67.11
N SER A 271 -20.56 -17.03 66.09
CA SER A 271 -20.51 -18.47 66.33
C SER A 271 -19.19 -18.88 66.97
N ILE A 272 -18.08 -18.29 66.53
CA ILE A 272 -16.77 -18.65 67.09
C ILE A 272 -16.74 -18.38 68.58
N LEU A 273 -17.10 -17.17 68.99
CA LEU A 273 -17.09 -16.83 70.41
C LEU A 273 -18.12 -17.62 71.19
N ALA A 274 -19.25 -17.94 70.56
CA ALA A 274 -20.29 -18.70 71.26
C ALA A 274 -19.80 -20.10 71.60
N VAL A 275 -18.98 -20.70 70.74
CA VAL A 275 -18.45 -22.03 71.02
C VAL A 275 -17.49 -21.98 72.20
N MET A 276 -16.60 -20.98 72.23
CA MET A 276 -15.66 -20.86 73.32
C MET A 276 -16.38 -20.68 74.66
N LYS A 277 -17.28 -19.70 74.72
CA LYS A 277 -18.01 -19.45 75.97
C LYS A 277 -18.80 -20.67 76.41
N ALA A 278 -19.40 -21.39 75.45
CA ALA A 278 -20.10 -22.62 75.79
C ALA A 278 -19.16 -23.64 76.44
N GLY A 279 -17.90 -23.67 76.03
CA GLY A 279 -16.92 -24.50 76.69
C GLY A 279 -16.04 -25.33 75.78
N GLY A 280 -16.50 -25.56 74.54
CA GLY A 280 -15.85 -26.47 73.63
C GLY A 280 -14.90 -25.80 72.66
N ALA A 281 -14.46 -26.59 71.69
CA ALA A 281 -13.54 -26.14 70.64
C ALA A 281 -14.24 -26.16 69.30
N TYR A 282 -13.98 -25.15 68.47
CA TYR A 282 -14.65 -25.05 67.18
C TYR A 282 -13.81 -25.73 66.09
N VAL A 283 -14.49 -26.49 65.23
CA VAL A 283 -13.85 -27.19 64.12
C VAL A 283 -14.23 -26.47 62.83
N PRO A 284 -13.37 -25.57 62.32
CA PRO A 284 -13.74 -24.82 61.12
C PRO A 284 -13.73 -25.70 59.88
N ILE A 285 -14.79 -25.60 59.08
CA ILE A 285 -14.96 -26.40 57.88
C ILE A 285 -15.25 -25.43 56.74
N ASP A 286 -14.26 -25.19 55.89
CA ASP A 286 -14.43 -24.33 54.72
C ASP A 286 -15.53 -24.90 53.83
N PRO A 287 -16.61 -24.17 53.58
CA PRO A 287 -17.72 -24.72 52.78
C PRO A 287 -17.36 -24.99 51.34
N ASP A 288 -16.24 -24.46 50.84
CA ASP A 288 -15.80 -24.77 49.48
C ASP A 288 -15.20 -26.17 49.36
N TYR A 289 -14.88 -26.81 50.48
CA TYR A 289 -14.44 -28.20 50.45
C TYR A 289 -15.53 -29.07 49.83
N PRO A 290 -15.15 -30.15 49.15
CA PRO A 290 -16.17 -31.10 48.66
C PRO A 290 -16.82 -31.86 49.80
N GLY A 291 -18.02 -32.36 49.53
CA GLY A 291 -18.76 -33.09 50.55
C GLY A 291 -17.99 -34.27 51.13
N GLU A 292 -17.16 -34.91 50.32
CA GLU A 292 -16.31 -35.99 50.81
C GLU A 292 -15.40 -35.49 51.92
N ARG A 293 -14.74 -34.35 51.70
CA ARG A 293 -13.85 -33.79 52.71
C ARG A 293 -14.63 -33.34 53.93
N ILE A 294 -15.81 -32.74 53.72
CA ILE A 294 -16.61 -32.24 54.83
C ILE A 294 -17.11 -33.40 55.68
N ALA A 295 -17.63 -34.45 55.04
CA ALA A 295 -18.10 -35.62 55.78
C ALA A 295 -16.95 -36.28 56.54
N TYR A 296 -15.75 -36.27 55.98
CA TYR A 296 -14.62 -36.89 56.65
C TYR A 296 -14.27 -36.15 57.94
N MET A 297 -14.18 -34.82 57.87
CA MET A 297 -13.87 -34.03 59.06
C MET A 297 -14.94 -34.20 60.12
N LEU A 298 -16.22 -34.29 59.70
CA LEU A 298 -17.30 -34.51 60.65
C LEU A 298 -17.22 -35.88 61.30
N ALA A 299 -16.76 -36.90 60.56
CA ALA A 299 -16.68 -38.25 61.10
C ALA A 299 -15.48 -38.41 62.03
N ASP A 300 -14.29 -38.03 61.56
CA ASP A 300 -13.09 -38.18 62.38
C ASP A 300 -13.19 -37.36 63.65
N SER A 301 -13.67 -36.12 63.55
CA SER A 301 -13.87 -35.31 64.73
C SER A 301 -15.10 -35.77 65.49
N SER A 302 -14.99 -35.83 66.81
CA SER A 302 -16.10 -36.27 67.65
C SER A 302 -17.08 -35.12 67.87
N ALA A 303 -17.57 -34.54 66.78
CA ALA A 303 -18.44 -33.37 66.83
C ALA A 303 -19.85 -33.77 66.41
N ALA A 304 -20.79 -33.64 67.34
CA ALA A 304 -22.20 -33.89 67.03
C ALA A 304 -22.91 -32.65 66.53
N ILE A 305 -22.49 -31.47 66.98
CA ILE A 305 -23.15 -30.20 66.63
C ILE A 305 -22.42 -29.58 65.45
N LEU A 306 -23.18 -29.11 64.48
CA LEU A 306 -22.65 -28.39 63.32
C LEU A 306 -23.37 -27.06 63.21
N LEU A 307 -22.66 -25.97 63.49
CA LEU A 307 -23.20 -24.63 63.32
C LEU A 307 -23.07 -24.23 61.86
N THR A 308 -24.20 -24.12 61.17
CA THR A 308 -24.22 -23.80 59.75
C THR A 308 -25.49 -23.03 59.44
N ASN A 309 -25.70 -22.75 58.17
CA ASN A 309 -26.86 -22.02 57.69
C ASN A 309 -27.81 -22.99 56.98
N ALA A 310 -28.95 -22.45 56.53
CA ALA A 310 -29.87 -23.22 55.70
C ALA A 310 -29.41 -23.29 54.25
N LEU A 311 -28.58 -22.34 53.80
CA LEU A 311 -28.05 -22.39 52.44
C LEU A 311 -27.15 -23.61 52.25
N HIS A 312 -26.41 -24.00 53.29
CA HIS A 312 -25.48 -25.13 53.23
C HIS A 312 -25.88 -26.28 54.13
N GLU A 313 -27.08 -26.25 54.71
CA GLU A 313 -27.48 -27.31 55.64
C GLU A 313 -27.52 -28.67 54.95
N GLU A 314 -28.09 -28.73 53.75
CA GLU A 314 -28.22 -30.02 53.04
C GLU A 314 -26.88 -30.61 52.67
N LYS A 315 -25.83 -29.80 52.56
CA LYS A 315 -24.49 -30.30 52.22
C LYS A 315 -23.93 -31.23 53.29
N ALA A 316 -24.52 -31.26 54.48
CA ALA A 316 -24.11 -32.19 55.52
C ALA A 316 -24.92 -33.48 55.51
N ASN A 317 -25.99 -33.54 54.73
CA ASN A 317 -26.83 -34.74 54.59
C ASN A 317 -27.27 -35.27 55.96
N GLY A 318 -27.75 -34.35 56.80
CA GLY A 318 -28.30 -34.73 58.09
C GLY A 318 -27.40 -35.52 58.99
N ALA A 319 -26.08 -35.43 58.81
CA ALA A 319 -25.16 -36.21 59.64
C ALA A 319 -25.06 -35.63 61.05
N CYS A 320 -25.23 -34.32 61.20
CA CYS A 320 -25.09 -33.65 62.48
C CYS A 320 -26.38 -32.92 62.85
N ASP A 321 -26.60 -32.76 64.15
CA ASP A 321 -27.69 -31.95 64.65
C ASP A 321 -27.40 -30.48 64.32
N ILE A 322 -28.02 -29.99 63.26
CA ILE A 322 -27.73 -28.66 62.75
C ILE A 322 -28.37 -27.61 63.65
N ILE A 323 -27.63 -26.53 63.89
CA ILE A 323 -28.14 -25.35 64.59
C ILE A 323 -27.97 -24.18 63.62
N ASP A 324 -29.05 -23.84 62.92
CA ASP A 324 -29.01 -22.74 61.96
C ASP A 324 -28.70 -21.43 62.68
N VAL A 325 -27.61 -20.77 62.28
CA VAL A 325 -27.23 -19.49 62.87
C VAL A 325 -28.19 -18.37 62.52
N HIS A 326 -29.15 -18.66 61.63
CA HIS A 326 -30.16 -17.65 61.23
C HIS A 326 -31.48 -17.92 61.97
N ASP A 327 -31.68 -19.15 62.46
CA ASP A 327 -32.89 -19.48 63.18
C ASP A 327 -32.98 -18.64 64.46
N PRO A 328 -33.99 -17.78 64.61
CA PRO A 328 -34.04 -16.90 65.78
C PRO A 328 -34.09 -17.63 67.11
N ASP A 329 -34.60 -18.86 67.14
CA ASP A 329 -34.66 -19.61 68.39
C ASP A 329 -33.30 -20.12 68.85
N SER A 330 -32.24 -19.88 68.07
CA SER A 330 -30.89 -20.26 68.48
C SER A 330 -30.28 -19.30 69.47
N TYR A 331 -30.92 -18.16 69.74
CA TYR A 331 -30.39 -17.16 70.66
C TYR A 331 -31.31 -17.04 71.87
N SER A 332 -30.71 -17.10 73.05
CA SER A 332 -31.47 -16.97 74.29
C SER A 332 -31.76 -15.50 74.60
N GLU A 333 -32.62 -15.28 75.59
CA GLU A 333 -32.85 -13.92 76.08
C GLU A 333 -31.67 -13.44 76.91
N ASN A 334 -30.96 -14.36 77.57
CA ASN A 334 -29.86 -13.99 78.47
C ASN A 334 -28.70 -13.42 77.68
N THR A 335 -28.30 -12.18 78.02
CA THR A 335 -27.22 -11.50 77.34
C THR A 335 -25.96 -11.35 78.18
N ASN A 336 -25.98 -11.83 79.42
CA ASN A 336 -24.82 -11.69 80.29
C ASN A 336 -23.72 -12.65 79.90
N ASN A 337 -22.50 -12.32 80.31
CA ASN A 337 -21.38 -13.25 80.13
C ASN A 337 -21.64 -14.53 80.90
N LEU A 338 -21.41 -15.67 80.26
CA LEU A 338 -21.62 -16.94 80.93
C LEU A 338 -20.53 -17.18 81.97
N PRO A 339 -20.83 -17.95 83.01
CA PRO A 339 -19.77 -18.32 83.97
C PRO A 339 -18.67 -19.11 83.28
N HIS A 340 -17.42 -18.71 83.52
CA HIS A 340 -16.29 -19.35 82.89
C HIS A 340 -16.08 -20.75 83.45
N VAL A 341 -16.04 -21.74 82.55
CA VAL A 341 -15.89 -23.14 82.92
C VAL A 341 -14.66 -23.77 82.28
N ASN A 342 -13.84 -22.98 81.62
CA ASN A 342 -12.70 -23.49 80.86
C ASN A 342 -11.40 -23.14 81.54
N ARG A 343 -10.44 -24.05 81.48
CA ARG A 343 -9.07 -23.87 81.93
C ARG A 343 -8.18 -23.56 80.73
N PRO A 344 -7.06 -22.86 80.94
CA PRO A 344 -6.13 -22.61 79.83
C PRO A 344 -5.57 -23.86 79.18
N ASP A 345 -5.71 -25.02 79.81
CA ASP A 345 -5.25 -26.28 79.26
C ASP A 345 -6.34 -27.01 78.46
N ASP A 346 -7.48 -26.37 78.25
CA ASP A 346 -8.56 -26.97 77.47
C ASP A 346 -8.43 -26.59 76.01
N LEU A 347 -8.99 -27.44 75.15
CA LEU A 347 -8.96 -27.18 73.71
C LEU A 347 -9.84 -26.03 73.23
N VAL A 348 -9.26 -25.15 72.42
CA VAL A 348 -9.97 -23.97 71.93
C VAL A 348 -10.43 -24.16 70.49
N TYR A 349 -9.65 -24.86 69.66
CA TYR A 349 -10.09 -25.18 68.32
C TYR A 349 -9.29 -26.36 67.80
N VAL A 350 -9.78 -26.95 66.71
CA VAL A 350 -9.14 -28.05 66.02
C VAL A 350 -9.12 -27.72 64.53
N MET A 351 -7.96 -27.34 64.02
CA MET A 351 -7.79 -27.04 62.60
C MET A 351 -7.15 -28.21 61.88
N TYR A 352 -7.51 -28.37 60.61
CA TYR A 352 -7.02 -29.49 59.80
C TYR A 352 -5.99 -28.99 58.81
N THR A 353 -4.81 -29.57 58.86
CA THR A 353 -3.74 -29.37 57.88
C THR A 353 -3.56 -30.68 57.11
N SER A 354 -2.64 -30.66 56.13
CA SER A 354 -2.41 -31.87 55.36
C SER A 354 -1.87 -32.99 56.25
N GLY A 355 -2.03 -34.22 55.77
CA GLY A 355 -1.51 -35.38 56.45
C GLY A 355 -0.18 -35.82 55.86
N SER A 356 0.64 -36.47 56.68
CA SER A 356 1.97 -36.89 56.23
C SER A 356 1.89 -38.15 55.36
N THR A 357 1.28 -39.21 55.87
CA THR A 357 1.15 -40.47 55.14
C THR A 357 -0.30 -40.90 55.18
N GLY A 358 -1.11 -40.33 54.27
CA GLY A 358 -2.51 -40.66 54.21
C GLY A 358 -3.43 -39.48 54.41
N LEU A 359 -4.44 -39.66 55.24
CA LEU A 359 -5.47 -38.65 55.47
C LEU A 359 -5.01 -37.63 56.52
N ALA A 360 -5.60 -36.45 56.43
CA ALA A 360 -5.21 -35.30 57.24
C ALA A 360 -5.49 -35.54 58.72
N LYS A 361 -4.78 -34.79 59.57
CA LYS A 361 -4.92 -34.95 61.04
C LYS A 361 -5.31 -33.62 61.68
N GLY A 362 -6.34 -33.65 62.53
CA GLY A 362 -6.82 -32.47 63.25
C GLY A 362 -5.84 -32.02 64.31
N VAL A 363 -5.32 -30.80 64.15
CA VAL A 363 -4.35 -30.24 65.10
C VAL A 363 -5.12 -29.59 66.24
N MET A 364 -4.86 -30.07 67.45
CA MET A 364 -5.52 -29.56 68.66
C MET A 364 -4.67 -28.45 69.27
N ILE A 365 -5.24 -27.24 69.27
CA ILE A 365 -4.60 -26.02 69.86
C ILE A 365 -5.34 -25.69 71.16
N GLU A 366 -4.57 -25.40 72.23
CA GLU A 366 -5.14 -25.11 73.53
C GLU A 366 -5.26 -23.61 73.75
N HIS A 367 -6.04 -23.24 74.77
CA HIS A 367 -6.30 -21.82 75.11
C HIS A 367 -5.02 -21.17 75.66
N HIS A 368 -4.07 -21.98 76.10
CA HIS A 368 -2.79 -21.46 76.66
C HIS A 368 -1.82 -21.17 75.51
N ASN A 369 -2.18 -21.60 74.30
CA ASN A 369 -1.33 -21.40 73.10
C ASN A 369 -1.81 -20.17 72.31
N LEU A 370 -3.04 -19.72 72.56
CA LEU A 370 -3.55 -18.55 71.85
C LEU A 370 -3.33 -17.33 72.74
N VAL A 371 -3.56 -17.47 74.04
CA VAL A 371 -3.37 -16.35 74.95
C VAL A 371 -1.92 -15.89 74.95
N ASN A 372 -0.98 -16.85 74.98
CA ASN A 372 0.44 -16.50 74.94
C ASN A 372 0.78 -15.71 73.69
N PHE A 373 0.18 -16.08 72.55
CA PHE A 373 0.44 -15.38 71.30
C PHE A 373 -0.14 -13.98 71.33
N CYS A 374 -1.39 -13.85 71.79
CA CYS A 374 -2.03 -12.53 71.85
C CYS A 374 -1.36 -11.63 72.88
N GLU A 375 -0.91 -12.21 74.00
CA GLU A 375 -0.27 -11.42 75.04
C GLU A 375 1.11 -10.92 74.64
N TRP A 376 1.74 -11.55 73.64
CA TRP A 376 2.97 -11.02 73.08
C TRP A 376 2.71 -10.08 71.91
N TYR A 377 1.69 -10.39 71.11
CA TYR A 377 1.40 -9.60 69.91
C TYR A 377 1.05 -8.16 70.26
N ARG A 378 0.18 -7.97 71.26
CA ARG A 378 -0.31 -6.64 71.57
C ARG A 378 0.77 -5.67 72.02
N PRO A 379 1.65 -6.00 72.97
CA PRO A 379 2.70 -5.03 73.35
C PRO A 379 3.74 -4.83 72.27
N TYR A 380 4.13 -5.88 71.56
CA TYR A 380 5.23 -5.79 70.60
C TYR A 380 4.88 -4.83 69.46
N PHE A 381 3.68 -4.95 68.90
CA PHE A 381 3.26 -4.10 67.79
C PHE A 381 2.51 -2.85 68.24
N GLY A 382 2.32 -2.66 69.54
CA GLY A 382 1.64 -1.49 70.05
C GLY A 382 0.24 -1.32 69.49
N VAL A 383 -0.54 -2.39 69.49
CA VAL A 383 -1.89 -2.35 68.94
C VAL A 383 -2.82 -1.67 69.92
N THR A 384 -3.69 -0.82 69.41
CA THR A 384 -4.62 -0.03 70.19
C THR A 384 -6.00 -0.11 69.56
N PRO A 385 -7.06 0.26 70.30
CA PRO A 385 -8.41 0.25 69.70
C PRO A 385 -8.54 1.10 68.45
N ALA A 386 -7.69 2.11 68.26
CA ALA A 386 -7.75 2.92 67.04
C ALA A 386 -7.48 2.09 65.79
N ASP A 387 -6.77 0.97 65.93
CA ASP A 387 -6.46 0.13 64.78
C ASP A 387 -7.70 -0.57 64.26
N LYS A 388 -7.73 -0.79 62.94
CA LYS A 388 -8.78 -1.55 62.29
C LYS A 388 -8.12 -2.65 61.48
N ALA A 389 -8.45 -3.91 61.79
CA ALA A 389 -7.79 -5.06 61.22
C ALA A 389 -8.67 -5.75 60.19
N LEU A 390 -8.04 -6.34 59.18
CA LEU A 390 -8.72 -7.05 58.12
C LEU A 390 -8.78 -8.54 58.44
N VAL A 391 -10.00 -9.08 58.43
CA VAL A 391 -10.19 -10.54 58.58
C VAL A 391 -10.18 -11.10 57.16
N TYR A 392 -8.96 -11.28 56.64
CA TYR A 392 -8.77 -11.66 55.25
C TYR A 392 -8.62 -13.15 55.03
N SER A 393 -7.83 -13.83 55.86
CA SER A 393 -7.52 -15.24 55.62
C SER A 393 -8.73 -16.13 55.85
N SER A 394 -8.80 -17.21 55.07
CA SER A 394 -9.82 -18.24 55.27
C SER A 394 -9.79 -18.74 56.71
N PHE A 395 -10.97 -18.84 57.32
CA PHE A 395 -11.05 -19.08 58.76
C PHE A 395 -10.78 -20.52 59.17
N SER A 396 -10.44 -21.40 58.23
CA SER A 396 -9.96 -22.73 58.58
C SER A 396 -8.46 -22.77 58.87
N PHE A 397 -7.73 -21.73 58.48
CA PHE A 397 -6.30 -21.61 58.74
C PHE A 397 -6.04 -20.65 59.89
N ASP A 398 -5.02 -20.96 60.69
CA ASP A 398 -4.77 -20.18 61.90
C ASP A 398 -4.32 -18.76 61.61
N GLY A 399 -3.98 -18.42 60.37
CA GLY A 399 -3.74 -17.03 60.02
C GLY A 399 -4.96 -16.17 60.24
N SER A 400 -6.15 -16.78 60.20
CA SER A 400 -7.36 -16.06 60.56
C SER A 400 -7.45 -15.83 62.07
N ALA A 401 -6.93 -16.77 62.87
CA ALA A 401 -6.89 -16.58 64.31
C ALA A 401 -6.02 -15.38 64.68
N LEU A 402 -4.95 -15.14 63.92
CA LEU A 402 -4.18 -13.92 64.09
C LEU A 402 -5.02 -12.69 63.76
N ASP A 403 -5.70 -12.72 62.61
CA ASP A 403 -6.50 -11.59 62.19
C ASP A 403 -7.57 -11.25 63.22
N ILE A 404 -8.19 -12.26 63.82
CA ILE A 404 -9.38 -12.06 64.64
C ILE A 404 -9.02 -11.89 66.11
N PHE A 405 -8.25 -12.82 66.67
CA PHE A 405 -8.14 -12.92 68.13
C PHE A 405 -7.14 -11.93 68.70
N THR A 406 -6.00 -11.72 68.03
CA THR A 406 -5.00 -10.80 68.56
C THR A 406 -5.51 -9.36 68.56
N HIS A 407 -6.34 -8.99 67.58
CA HIS A 407 -6.82 -7.62 67.48
C HIS A 407 -8.02 -7.37 68.38
N LEU A 408 -8.80 -8.40 68.69
CA LEU A 408 -9.94 -8.22 69.60
C LEU A 408 -9.47 -7.96 71.02
N LEU A 409 -8.42 -8.65 71.47
CA LEU A 409 -7.88 -8.40 72.79
C LEU A 409 -7.24 -7.02 72.91
N ALA A 410 -6.84 -6.43 71.79
CA ALA A 410 -6.28 -5.08 71.79
C ALA A 410 -7.34 -4.00 71.57
N GLY A 411 -8.61 -4.37 71.47
CA GLY A 411 -9.67 -3.42 71.23
C GLY A 411 -9.81 -2.95 69.80
N ALA A 412 -9.03 -3.51 68.87
CA ALA A 412 -9.09 -3.09 67.48
C ALA A 412 -10.40 -3.53 66.83
N ALA A 413 -10.61 -3.07 65.61
CA ALA A 413 -11.82 -3.35 64.86
C ALA A 413 -11.54 -4.35 63.75
N LEU A 414 -12.37 -5.38 63.65
CA LEU A 414 -12.23 -6.39 62.61
C LEU A 414 -13.03 -5.99 61.38
N HIS A 415 -12.43 -6.13 60.21
CA HIS A 415 -13.09 -5.85 58.94
C HIS A 415 -13.06 -7.12 58.09
N ILE A 416 -14.18 -7.84 58.06
CA ILE A 416 -14.30 -8.98 57.16
C ILE A 416 -14.07 -8.50 55.73
N VAL A 417 -13.15 -9.16 55.03
CA VAL A 417 -12.85 -8.78 53.66
C VAL A 417 -14.02 -9.21 52.78
N PRO A 418 -14.64 -8.29 52.05
CA PRO A 418 -15.71 -8.67 51.13
C PRO A 418 -15.20 -9.63 50.06
N SER A 419 -16.01 -10.64 49.77
CA SER A 419 -15.61 -11.66 48.80
C SER A 419 -15.24 -11.05 47.46
N GLU A 420 -15.92 -9.97 47.05
CA GLU A 420 -15.64 -9.38 45.75
C GLU A 420 -14.31 -8.62 45.75
N ARG A 421 -14.02 -7.89 46.83
CA ARG A 421 -12.77 -7.13 46.90
C ARG A 421 -11.60 -7.96 47.40
N LYS A 422 -11.83 -9.24 47.71
CA LYS A 422 -10.77 -10.07 48.27
C LYS A 422 -9.63 -10.27 47.28
N TYR A 423 -9.96 -10.59 46.03
CA TYR A 423 -8.95 -10.85 45.02
C TYR A 423 -8.66 -9.63 44.14
N ASP A 424 -9.54 -8.63 44.15
CA ASP A 424 -9.28 -7.37 43.45
C ASP A 424 -8.63 -6.42 44.45
N LEU A 425 -7.29 -6.52 44.56
CA LEU A 425 -6.56 -5.72 45.54
C LEU A 425 -6.69 -4.22 45.28
N ASP A 426 -7.07 -3.83 44.07
CA ASP A 426 -7.32 -2.41 43.79
C ASP A 426 -8.46 -1.89 44.67
N ALA A 427 -9.59 -2.58 44.67
CA ALA A 427 -10.72 -2.15 45.50
C ALA A 427 -10.43 -2.32 46.98
N LEU A 428 -9.63 -3.32 47.35
CA LEU A 428 -9.25 -3.49 48.75
C LEU A 428 -8.44 -2.29 49.25
N ASN A 429 -7.42 -1.90 48.49
CA ASN A 429 -6.62 -0.74 48.86
C ASN A 429 -7.48 0.53 48.90
N ASP A 430 -8.43 0.66 47.97
CA ASP A 430 -9.34 1.81 47.99
C ASP A 430 -10.13 1.84 49.29
N TYR A 431 -10.72 0.71 49.68
CA TYR A 431 -11.45 0.63 50.95
C TYR A 431 -10.54 0.93 52.13
N CYS A 432 -9.31 0.40 52.09
CA CYS A 432 -8.40 0.60 53.21
C CYS A 432 -7.99 2.07 53.35
N ASN A 433 -7.84 2.78 52.23
CA ASN A 433 -7.51 4.19 52.30
C ASN A 433 -8.72 5.03 52.73
N GLN A 434 -9.93 4.59 52.38
CA GLN A 434 -11.12 5.34 52.74
C GLN A 434 -11.45 5.19 54.23
N GLU A 435 -11.56 3.94 54.70
CA GLU A 435 -11.91 3.70 56.10
C GLU A 435 -10.73 3.85 57.04
N GLY A 436 -9.50 3.81 56.54
CA GLY A 436 -8.34 3.98 57.38
C GLY A 436 -7.90 2.70 58.06
N ILE A 437 -7.75 1.60 57.22
CA ILE A 437 -7.28 0.35 57.82
C ILE A 437 -5.79 0.48 58.10
N THR A 438 -5.41 0.38 59.38
CA THR A 438 -4.04 0.63 59.80
C THR A 438 -3.18 -0.62 59.88
N ILE A 439 -3.69 -1.71 60.45
CA ILE A 439 -2.91 -2.93 60.62
C ILE A 439 -3.68 -4.11 60.03
N SER A 440 -2.95 -5.06 59.47
CA SER A 440 -3.54 -6.26 58.89
C SER A 440 -2.45 -7.27 58.62
N TYR A 441 -2.81 -8.55 58.64
CA TYR A 441 -1.96 -9.63 58.16
C TYR A 441 -2.39 -10.02 56.76
N LEU A 442 -1.45 -10.09 55.83
CA LEU A 442 -1.73 -10.45 54.45
C LEU A 442 -0.81 -11.59 54.04
N PRO A 443 -1.35 -12.65 53.44
CA PRO A 443 -0.49 -13.73 52.93
C PRO A 443 0.53 -13.21 51.93
N THR A 444 1.62 -13.95 51.80
CA THR A 444 2.75 -13.52 50.97
C THR A 444 2.31 -13.13 49.57
N GLY A 445 1.40 -13.89 48.98
CA GLY A 445 0.91 -13.55 47.65
C GLY A 445 0.26 -12.17 47.61
N ALA A 446 -0.66 -11.92 48.55
CA ALA A 446 -1.33 -10.62 48.58
C ALA A 446 -0.41 -9.51 49.05
N ALA A 447 0.59 -9.83 49.88
CA ALA A 447 1.51 -8.81 50.37
C ALA A 447 2.33 -8.19 49.24
N GLU A 448 2.96 -9.04 48.43
CA GLU A 448 3.76 -8.52 47.32
C GLU A 448 2.93 -7.68 46.36
N GLN A 449 1.70 -8.11 46.07
CA GLN A 449 0.83 -7.33 45.19
C GLN A 449 0.45 -6.00 45.84
N PHE A 450 0.40 -5.94 47.17
CA PHE A 450 0.04 -4.71 47.85
C PHE A 450 1.20 -3.73 47.91
N MET A 451 2.44 -4.24 47.87
CA MET A 451 3.65 -3.38 47.93
C MET A 451 3.70 -2.47 46.70
N GLN A 452 3.13 -2.90 45.57
CA GLN A 452 3.13 -2.10 44.35
C GLN A 452 2.20 -0.90 44.46
N MET A 453 1.14 -1.01 45.25
CA MET A 453 0.20 0.09 45.40
C MET A 453 0.86 1.26 46.13
N ASP A 454 0.38 2.47 45.83
CA ASP A 454 0.87 3.68 46.49
C ASP A 454 0.06 3.91 47.76
N ASN A 455 0.27 3.00 48.72
CA ASN A 455 -0.46 3.06 49.98
C ASN A 455 0.23 4.02 50.94
N GLN A 456 -0.59 4.73 51.72
CA GLN A 456 -0.08 5.65 52.72
C GLN A 456 -0.80 5.53 54.06
N SER A 457 -1.77 4.64 54.20
CA SER A 457 -2.57 4.53 55.41
C SER A 457 -2.03 3.50 56.39
N PHE A 458 -1.58 2.36 55.90
CA PHE A 458 -1.12 1.29 56.78
C PHE A 458 0.17 1.68 57.49
N ARG A 459 0.32 1.18 58.71
CA ARG A 459 1.56 1.32 59.47
C ARG A 459 2.27 0.00 59.72
N VAL A 460 1.55 -1.12 59.78
CA VAL A 460 2.14 -2.43 60.03
C VAL A 460 1.39 -3.45 59.19
N VAL A 461 2.08 -4.03 58.21
CA VAL A 461 1.56 -5.17 57.45
C VAL A 461 2.38 -6.39 57.82
N ILE A 462 1.72 -7.38 58.41
CA ILE A 462 2.40 -8.62 58.77
C ILE A 462 2.19 -9.63 57.66
N THR A 463 3.25 -10.33 57.30
CA THR A 463 3.22 -11.34 56.25
C THR A 463 3.92 -12.60 56.75
N GLY A 464 3.91 -13.62 55.91
CA GLY A 464 4.51 -14.89 56.26
C GLY A 464 3.78 -16.03 55.58
N GLY A 465 4.28 -17.24 55.83
CA GLY A 465 3.75 -18.45 55.27
C GLY A 465 4.46 -18.92 54.00
N ASP A 466 5.02 -18.00 53.23
CA ASP A 466 5.76 -18.36 52.02
C ASP A 466 6.99 -17.46 51.90
N VAL A 467 7.98 -17.97 51.16
CA VAL A 467 9.26 -17.28 51.00
C VAL A 467 9.04 -15.91 50.38
N LEU A 468 9.22 -14.86 51.17
CA LEU A 468 9.13 -13.50 50.67
C LEU A 468 10.40 -13.14 49.92
N LYS A 469 10.26 -12.59 48.72
CA LYS A 469 11.39 -12.18 47.91
C LYS A 469 11.39 -10.70 47.56
N LYS A 470 10.23 -10.08 47.39
CA LYS A 470 10.15 -8.67 47.04
C LYS A 470 10.08 -7.83 48.31
N ILE A 471 10.93 -6.80 48.37
CA ILE A 471 10.97 -5.89 49.49
C ILE A 471 10.52 -4.48 49.12
N GLU A 472 10.77 -4.05 47.89
CA GLU A 472 10.49 -2.68 47.49
C GLU A 472 9.00 -2.36 47.54
N ARG A 473 8.68 -1.20 48.08
CA ARG A 473 7.31 -0.74 48.22
C ARG A 473 7.34 0.78 48.33
N ASN A 474 6.27 1.42 47.88
CA ASN A 474 6.17 2.87 47.93
C ASN A 474 5.55 3.37 49.23
N GLY A 475 5.12 2.46 50.12
CA GLY A 475 4.51 2.87 51.36
C GLY A 475 5.52 3.04 52.48
N THR A 476 5.11 3.81 53.49
CA THR A 476 5.93 4.09 54.66
C THR A 476 5.65 3.15 55.82
N TYR A 477 5.07 1.98 55.53
CA TYR A 477 4.66 1.03 56.57
C TYR A 477 5.74 -0.01 56.80
N LYS A 478 5.93 -0.38 58.07
CA LYS A 478 6.90 -1.39 58.44
C LYS A 478 6.43 -2.78 57.99
N LEU A 479 7.20 -3.41 57.12
CA LEU A 479 6.92 -4.78 56.72
C LEU A 479 7.46 -5.75 57.76
N TYR A 480 6.62 -6.65 58.24
CA TYR A 480 7.00 -7.63 59.25
C TYR A 480 6.83 -9.03 58.68
N ASN A 481 7.89 -9.83 58.76
CA ASN A 481 7.90 -11.20 58.28
C ASN A 481 7.83 -12.14 59.47
N GLY A 482 6.76 -12.94 59.54
CA GLY A 482 6.58 -13.88 60.62
C GLY A 482 6.69 -15.32 60.18
N TYR A 483 7.00 -16.21 61.12
CA TYR A 483 7.19 -17.63 60.83
C TYR A 483 6.66 -18.46 61.98
N GLY A 484 6.12 -19.63 61.65
CA GLY A 484 5.66 -20.57 62.64
C GLY A 484 4.65 -21.56 62.08
N PRO A 485 4.72 -22.80 62.55
CA PRO A 485 3.74 -23.80 62.11
C PRO A 485 2.44 -23.70 62.90
N THR A 486 1.39 -24.29 62.33
CA THR A 486 0.09 -24.36 63.02
C THR A 486 0.22 -25.12 64.33
N GLU A 487 1.10 -26.12 64.40
CA GLU A 487 1.23 -26.94 65.59
C GLU A 487 1.76 -26.16 66.79
N CYS A 488 2.57 -25.13 66.49
CA CYS A 488 3.24 -24.28 67.50
C CYS A 488 2.52 -22.94 67.67
N THR A 489 1.26 -22.90 67.21
CA THR A 489 0.35 -21.73 67.35
C THR A 489 0.72 -20.52 66.48
N ILE A 490 0.18 -20.48 65.26
CA ILE A 490 0.19 -19.36 64.34
C ILE A 490 1.66 -19.15 63.96
N MET A 491 2.41 -18.45 64.81
CA MET A 491 3.80 -18.13 64.50
C MET A 491 4.66 -18.19 65.75
N VAL A 492 5.94 -18.43 65.55
CA VAL A 492 6.89 -18.55 66.65
C VAL A 492 8.02 -17.52 66.58
N THR A 493 8.32 -16.97 65.41
CA THR A 493 9.35 -15.96 65.26
C THR A 493 8.78 -14.76 64.50
N MET A 494 9.44 -13.62 64.65
CA MET A 494 9.04 -12.39 63.98
C MET A 494 10.27 -11.59 63.61
N PHE A 495 10.29 -11.09 62.37
CA PHE A 495 11.38 -10.26 61.88
C PHE A 495 10.83 -8.95 61.36
N GLU A 496 11.50 -7.85 61.71
CA GLU A 496 11.19 -6.53 61.17
C GLU A 496 12.05 -6.32 59.93
N VAL A 497 11.43 -6.36 58.75
CA VAL A 497 12.16 -6.23 57.50
C VAL A 497 12.66 -4.79 57.36
N ASP A 498 13.94 -4.63 57.03
CA ASP A 498 14.53 -3.30 56.97
C ASP A 498 15.34 -3.08 55.69
N LYS A 499 15.89 -4.14 55.12
CA LYS A 499 16.73 -4.04 53.94
C LYS A 499 16.63 -5.33 53.15
N PRO A 500 17.10 -5.34 51.90
CA PRO A 500 17.14 -6.60 51.15
C PRO A 500 18.17 -7.56 51.70
N TYR A 501 17.84 -8.85 51.64
CA TYR A 501 18.75 -9.91 52.01
C TYR A 501 18.66 -11.03 50.98
N ALA A 502 19.78 -11.70 50.75
CA ALA A 502 19.75 -12.90 49.93
C ALA A 502 18.87 -13.98 50.54
N ASN A 503 18.78 -14.01 51.86
CA ASN A 503 17.86 -14.89 52.59
C ASN A 503 17.25 -14.05 53.70
N ILE A 504 16.06 -13.52 53.45
CA ILE A 504 15.34 -12.71 54.44
C ILE A 504 15.08 -13.57 55.67
N PRO A 505 15.71 -13.27 56.81
CA PRO A 505 15.54 -14.12 57.99
C PRO A 505 14.12 -14.07 58.54
N ILE A 506 13.77 -15.12 59.29
CA ILE A 506 12.43 -15.22 59.87
C ILE A 506 12.34 -14.57 61.24
N GLY A 507 13.46 -14.13 61.81
CA GLY A 507 13.44 -13.34 63.03
C GLY A 507 13.86 -14.11 64.26
N LYS A 508 13.44 -13.59 65.41
CA LYS A 508 13.75 -14.11 66.73
C LYS A 508 12.50 -14.70 67.38
N PRO A 509 12.67 -15.65 68.30
CA PRO A 509 11.50 -16.26 68.95
C PRO A 509 10.65 -15.23 69.68
N ILE A 510 9.35 -15.54 69.80
CA ILE A 510 8.42 -14.67 70.52
C ILE A 510 8.48 -15.04 72.00
N ASP A 511 7.53 -14.53 72.77
CA ASP A 511 7.55 -14.72 74.22
C ASP A 511 7.47 -16.20 74.58
N ARG A 512 8.18 -16.56 75.66
CA ARG A 512 8.12 -17.89 76.26
C ARG A 512 8.36 -19.00 75.23
N THR A 513 9.15 -18.71 74.20
CA THR A 513 9.45 -19.68 73.16
C THR A 513 10.96 -19.80 73.00
N ARG A 514 11.48 -21.01 73.18
CA ARG A 514 12.86 -21.33 72.88
C ARG A 514 12.91 -22.16 71.61
N ILE A 515 13.88 -21.86 70.75
CA ILE A 515 14.08 -22.59 69.50
C ILE A 515 15.49 -23.17 69.51
N LEU A 516 15.58 -24.49 69.38
CA LEU A 516 16.86 -25.20 69.38
C LEU A 516 17.17 -25.68 67.97
N ILE A 517 18.42 -25.50 67.57
CA ILE A 517 18.93 -26.03 66.31
C ILE A 517 19.72 -27.30 66.64
N LEU A 518 19.17 -28.46 66.29
CA LEU A 518 19.75 -29.73 66.65
C LEU A 518 20.12 -30.52 65.40
N ASP A 519 21.15 -31.37 65.53
CA ASP A 519 21.59 -32.19 64.42
C ASP A 519 20.78 -33.49 64.39
N GLU A 520 21.18 -34.40 63.51
CA GLU A 520 20.51 -35.70 63.41
C GLU A 520 20.52 -36.45 64.73
N ALA A 521 21.56 -36.25 65.54
CA ALA A 521 21.68 -36.91 66.83
C ALA A 521 20.97 -36.14 67.94
N LEU A 522 20.18 -35.13 67.60
CA LEU A 522 19.43 -34.30 68.53
C LEU A 522 20.33 -33.46 69.44
N ALA A 523 21.62 -33.38 69.13
CA ALA A 523 22.55 -32.56 69.90
C ALA A 523 22.53 -31.13 69.39
N LEU A 524 22.89 -30.20 70.29
CA LEU A 524 22.89 -28.79 69.94
C LEU A 524 23.80 -28.50 68.77
N GLN A 525 23.35 -27.64 67.87
CA GLN A 525 24.28 -27.26 66.83
C GLN A 525 24.95 -25.93 67.18
N PRO A 526 26.26 -25.83 66.99
CA PRO A 526 26.94 -24.54 67.18
C PRO A 526 26.33 -23.47 66.28
N ILE A 527 26.47 -22.21 66.70
CA ILE A 527 25.97 -21.10 65.90
C ILE A 527 26.60 -21.18 64.52
N GLY A 528 25.76 -21.04 63.49
CA GLY A 528 26.19 -21.17 62.11
C GLY A 528 26.12 -22.57 61.54
N VAL A 529 25.85 -23.58 62.37
CA VAL A 529 25.71 -24.95 61.90
C VAL A 529 24.24 -25.25 61.71
N ALA A 530 23.87 -25.71 60.52
CA ALA A 530 22.48 -25.98 60.20
C ALA A 530 21.97 -27.19 60.99
N GLY A 531 20.65 -27.23 61.16
CA GLY A 531 20.03 -28.32 61.89
C GLY A 531 18.53 -28.16 61.92
N GLU A 532 17.88 -29.09 62.63
CA GLU A 532 16.43 -29.10 62.71
C GLU A 532 15.94 -28.11 63.76
N LEU A 533 14.98 -27.27 63.37
CA LEU A 533 14.41 -26.28 64.26
C LEU A 533 13.46 -26.97 65.24
N PHE A 534 13.82 -26.98 66.52
CA PHE A 534 12.98 -27.52 67.58
C PHE A 534 12.37 -26.37 68.38
N ILE A 535 11.06 -26.46 68.62
CA ILE A 535 10.33 -25.42 69.34
C ILE A 535 10.01 -25.93 70.74
N VAL A 536 10.33 -25.11 71.74
CA VAL A 536 10.02 -25.39 73.14
C VAL A 536 9.29 -24.19 73.71
N GLY A 537 8.33 -24.45 74.59
CA GLY A 537 7.72 -23.37 75.34
C GLY A 537 6.21 -23.47 75.30
N GLU A 538 5.56 -22.36 75.65
CA GLU A 538 4.07 -22.29 75.80
C GLU A 538 3.31 -22.43 74.49
N GLY A 539 3.98 -22.31 73.33
CA GLY A 539 3.27 -22.41 72.07
C GLY A 539 2.92 -23.82 71.66
N LEU A 540 3.60 -24.81 72.26
CA LEU A 540 3.37 -26.24 71.94
C LEU A 540 1.89 -26.58 72.12
N GLY A 541 1.32 -27.33 71.15
CA GLY A 541 -0.10 -27.72 71.19
C GLY A 541 -0.30 -29.00 72.00
N ARG A 542 -1.55 -29.44 72.14
CA ARG A 542 -1.88 -30.68 72.90
C ARG A 542 -1.48 -31.91 72.08
N GLY A 543 -1.39 -31.76 70.75
CA GLY A 543 -1.03 -32.86 69.88
C GLY A 543 -2.03 -32.98 68.74
N TYR A 544 -1.96 -34.12 68.07
CA TYR A 544 -2.86 -34.40 66.95
C TYR A 544 -4.07 -35.18 67.42
N LEU A 545 -5.23 -34.86 66.85
CA LEU A 545 -6.47 -35.51 67.23
C LEU A 545 -6.54 -36.92 66.65
N ASN A 546 -6.78 -37.90 67.53
CA ASN A 546 -6.90 -39.30 67.16
C ASN A 546 -5.63 -39.87 66.53
N ARG A 547 -4.49 -39.23 66.79
CA ARG A 547 -3.20 -39.68 66.25
C ARG A 547 -2.15 -39.65 67.36
N PRO A 548 -2.29 -40.50 68.38
CA PRO A 548 -1.31 -40.48 69.47
C PRO A 548 0.07 -40.94 69.04
N GLU A 549 0.17 -41.81 68.03
CA GLU A 549 1.48 -42.24 67.57
C GLU A 549 2.26 -41.09 66.95
N LEU A 550 1.57 -40.18 66.26
CA LEU A 550 2.24 -39.03 65.68
C LEU A 550 2.57 -37.98 66.73
N THR A 551 1.75 -37.87 67.77
CA THR A 551 2.06 -36.97 68.86
C THR A 551 3.35 -37.40 69.57
N ALA A 552 3.49 -38.70 69.84
CA ALA A 552 4.70 -39.19 70.46
C ALA A 552 5.93 -38.99 69.57
N GLU A 553 5.74 -39.09 68.25
CA GLU A 553 6.86 -38.92 67.33
C GLU A 553 7.25 -37.45 67.18
N LYS A 554 6.27 -36.56 67.17
CA LYS A 554 6.53 -35.13 66.96
C LYS A 554 6.68 -34.34 68.25
N PHE A 555 5.97 -34.73 69.31
CA PHE A 555 6.08 -34.07 70.61
C PHE A 555 6.87 -35.01 71.52
N ILE A 556 8.18 -34.84 71.53
CA ILE A 556 9.07 -35.74 72.25
C ILE A 556 9.53 -35.08 73.53
N VAL A 557 9.87 -35.91 74.51
CA VAL A 557 10.54 -35.48 75.74
C VAL A 557 12.02 -35.77 75.57
N HIS A 558 12.84 -34.71 75.59
CA HIS A 558 14.25 -34.87 75.30
C HIS A 558 14.90 -35.79 76.33
N PRO A 559 15.71 -36.76 75.90
CA PRO A 559 16.27 -37.72 76.87
C PRO A 559 17.24 -37.09 77.85
N GLN A 560 18.13 -36.20 77.38
CA GLN A 560 19.10 -35.58 78.28
C GLN A 560 18.50 -34.38 79.00
N THR A 561 17.81 -33.50 78.28
CA THR A 561 17.32 -32.25 78.87
C THR A 561 16.06 -32.48 79.69
N GLY A 562 15.19 -33.40 79.24
CA GLY A 562 13.92 -33.63 79.90
C GLY A 562 12.81 -32.68 79.49
N GLU A 563 13.11 -31.69 78.67
CA GLU A 563 12.08 -30.74 78.24
C GLU A 563 11.24 -31.32 77.11
N ARG A 564 9.96 -30.94 77.11
CA ARG A 564 9.06 -31.33 76.02
C ARG A 564 9.28 -30.40 74.84
N MET A 565 9.56 -30.99 73.68
CA MET A 565 9.82 -30.23 72.47
C MET A 565 8.97 -30.78 71.33
N TYR A 566 8.73 -29.94 70.33
CA TYR A 566 8.00 -30.34 69.13
C TYR A 566 8.97 -30.49 67.97
N ARG A 567 8.92 -31.65 67.32
CA ARG A 567 9.75 -31.92 66.14
C ARG A 567 9.03 -31.36 64.92
N THR A 568 9.54 -30.23 64.41
CA THR A 568 8.87 -29.55 63.31
C THR A 568 9.13 -30.22 61.97
N GLY A 569 10.27 -30.88 61.82
CA GLY A 569 10.69 -31.35 60.52
C GLY A 569 11.26 -30.28 59.62
N ASP A 570 11.45 -29.06 60.14
CA ASP A 570 12.02 -27.95 59.39
C ASP A 570 13.50 -27.80 59.71
N ARG A 571 14.25 -27.37 58.70
CA ARG A 571 15.67 -27.08 58.87
C ARG A 571 15.88 -25.59 59.00
N ALA A 572 16.72 -25.19 59.96
CA ALA A 572 16.98 -23.78 60.20
C ALA A 572 18.33 -23.62 60.88
N ARG A 573 18.77 -22.37 60.98
CA ARG A 573 20.06 -22.05 61.55
C ARG A 573 19.97 -20.70 62.27
N PHE A 574 20.72 -20.59 63.36
CA PHE A 574 20.85 -19.30 64.04
C PHE A 574 21.94 -18.47 63.35
N LEU A 575 21.60 -17.24 62.99
CA LEU A 575 22.58 -16.31 62.49
C LEU A 575 23.33 -15.67 63.66
N PRO A 576 24.52 -15.10 63.41
CA PRO A 576 25.27 -14.51 64.52
C PRO A 576 24.51 -13.46 65.31
N ASP A 577 23.62 -12.70 64.66
CA ASP A 577 22.88 -11.65 65.33
C ASP A 577 21.68 -12.17 66.11
N GLY A 578 21.38 -13.46 66.04
CA GLY A 578 20.27 -14.06 66.74
C GLY A 578 19.11 -14.45 65.85
N ASN A 579 18.96 -13.78 64.71
CA ASN A 579 17.90 -14.12 63.78
C ASN A 579 18.12 -15.52 63.21
N ILE A 580 17.03 -16.12 62.74
CA ILE A 580 17.03 -17.50 62.26
C ILE A 580 16.86 -17.49 60.75
N GLU A 581 17.63 -18.34 60.08
CA GLU A 581 17.58 -18.50 58.63
C GLU A 581 16.88 -19.81 58.31
N PHE A 582 15.88 -19.76 57.43
CA PHE A 582 15.13 -20.94 57.02
C PHE A 582 15.85 -21.60 55.86
N LEU A 583 16.18 -22.89 56.01
CA LEU A 583 16.99 -23.63 55.06
C LEU A 583 16.23 -24.79 54.45
N GLY A 584 14.95 -24.58 54.19
CA GLY A 584 14.13 -25.64 53.61
C GLY A 584 13.74 -26.68 54.63
N ARG A 585 13.24 -27.81 54.13
CA ARG A 585 12.78 -28.91 55.04
C ARG A 585 13.23 -30.26 54.51
N LEU A 586 13.56 -31.17 55.44
CA LEU A 586 13.99 -32.52 55.10
C LEU A 586 12.92 -33.27 54.33
N ASP A 587 11.66 -33.09 54.71
CA ASP A 587 10.58 -34.01 54.37
C ASP A 587 10.11 -33.82 52.93
N ASN A 588 9.07 -34.57 52.54
CA ASN A 588 8.43 -34.46 51.24
C ASN A 588 7.58 -33.19 51.10
N LEU A 589 7.22 -32.54 52.21
CA LEU A 589 6.28 -31.39 52.17
C LEU A 589 6.90 -30.21 51.43
N VAL A 590 6.06 -29.21 51.09
CA VAL A 590 6.48 -27.96 50.47
C VAL A 590 5.30 -27.03 50.67
N LYS A 591 5.61 -25.78 51.04
CA LYS A 591 4.59 -24.73 51.27
C LYS A 591 4.31 -24.01 49.94
N ILE A 592 3.12 -24.23 49.38
CA ILE A 592 2.73 -23.64 48.10
C ILE A 592 1.62 -22.64 48.36
N ARG A 593 1.88 -21.37 48.02
CA ARG A 593 0.95 -20.25 48.15
C ARG A 593 0.08 -20.31 49.40
N GLY A 594 0.70 -20.64 50.54
CA GLY A 594 -0.01 -20.60 51.81
C GLY A 594 -0.59 -21.91 52.28
N TYR A 595 -0.20 -23.03 51.68
CA TYR A 595 -0.78 -24.32 52.04
C TYR A 595 0.33 -25.34 52.28
N ARG A 596 0.23 -26.04 53.42
CA ARG A 596 1.16 -27.15 53.77
C ARG A 596 0.55 -28.43 53.18
N ILE A 597 1.17 -28.98 52.13
CA ILE A 597 0.61 -30.14 51.44
C ILE A 597 1.64 -31.26 51.39
N GLU A 598 1.13 -32.50 51.42
CA GLU A 598 1.89 -33.70 51.14
C GLU A 598 1.60 -34.13 49.71
N PRO A 599 2.52 -33.92 48.76
CA PRO A 599 2.25 -34.35 47.38
C PRO A 599 1.91 -35.83 47.27
N GLY A 600 2.48 -36.65 48.16
CA GLY A 600 2.16 -38.06 48.23
C GLY A 600 0.81 -38.41 48.83
N GLU A 601 0.18 -37.47 49.57
CA GLU A 601 -1.15 -37.73 50.10
C GLU A 601 -2.22 -37.63 49.03
N ILE A 602 -1.90 -37.06 47.87
CA ILE A 602 -2.79 -37.11 46.71
C ILE A 602 -2.65 -38.43 45.97
N GLU A 603 -1.53 -39.14 46.16
CA GLU A 603 -1.28 -40.37 45.41
C GLU A 603 -2.38 -41.42 45.56
N PRO A 604 -2.87 -41.76 46.76
CA PRO A 604 -3.92 -42.78 46.83
C PRO A 604 -5.17 -42.42 46.04
N PHE A 605 -5.62 -41.17 46.12
CA PHE A 605 -6.84 -40.76 45.37
C PHE A 605 -6.60 -40.95 43.86
N LEU A 606 -5.47 -40.41 43.38
CA LEU A 606 -5.01 -40.45 42.01
C LEU A 606 -4.83 -41.88 41.52
N MET A 607 -4.04 -42.67 42.25
CA MET A 607 -3.81 -44.07 41.87
C MET A 607 -5.12 -44.87 41.89
N ASN A 608 -6.09 -44.44 42.70
CA ASN A 608 -7.38 -45.12 42.74
C ASN A 608 -8.15 -44.97 41.44
N HIS A 609 -7.79 -44.01 40.59
CA HIS A 609 -8.43 -43.88 39.29
C HIS A 609 -8.19 -45.14 38.48
N PRO A 610 -9.19 -45.63 37.73
CA PRO A 610 -9.00 -46.88 36.97
C PRO A 610 -7.89 -46.79 35.94
N LEU A 611 -7.78 -45.68 35.22
CA LEU A 611 -6.79 -45.54 34.17
C LEU A 611 -5.40 -45.18 34.68
N ILE A 612 -5.25 -44.87 35.96
CA ILE A 612 -3.98 -44.40 36.51
C ILE A 612 -3.31 -45.54 37.26
N GLU A 613 -2.05 -45.81 36.92
CA GLU A 613 -1.27 -46.87 37.57
C GLU A 613 -0.36 -46.34 38.65
N LEU A 614 0.51 -45.38 38.31
CA LEU A 614 1.43 -44.77 39.26
C LEU A 614 1.38 -43.25 39.14
N THR A 615 1.73 -42.57 40.22
CA THR A 615 1.71 -41.12 40.26
C THR A 615 2.83 -40.61 41.17
N THR A 616 3.44 -39.50 40.77
CA THR A 616 4.39 -38.78 41.61
C THR A 616 4.22 -37.29 41.37
N VAL A 617 3.88 -36.55 42.42
CA VAL A 617 3.68 -35.11 42.33
C VAL A 617 4.91 -34.41 42.90
N LEU A 618 5.60 -33.65 42.06
CA LEU A 618 6.77 -32.90 42.46
C LEU A 618 6.49 -31.41 42.45
N ALA A 619 7.39 -30.65 43.06
CA ALA A 619 7.30 -29.20 43.11
C ALA A 619 8.45 -28.61 42.30
N LYS A 620 8.10 -27.80 41.30
CA LYS A 620 9.10 -27.16 40.41
C LYS A 620 8.86 -25.63 40.39
N GLU A 621 9.95 -24.86 40.47
CA GLU A 621 9.88 -23.41 40.46
C GLU A 621 10.32 -22.87 39.09
N GLN A 622 9.61 -21.86 38.61
CA GLN A 622 9.93 -21.24 37.32
C GLN A 622 10.62 -19.89 37.60
N ALA A 623 11.95 -19.93 37.65
CA ALA A 623 12.81 -18.74 37.65
C ALA A 623 12.65 -17.86 38.88
N ASP A 624 11.44 -17.39 39.17
CA ASP A 624 11.27 -16.49 40.31
C ASP A 624 11.18 -17.24 41.64
N GLY A 625 11.52 -18.54 41.65
CA GLY A 625 11.63 -19.32 42.86
C GLY A 625 10.34 -19.91 43.38
N ARG A 626 9.20 -19.46 42.87
CA ARG A 626 7.91 -19.91 43.40
C ARG A 626 7.62 -21.33 42.97
N LYS A 627 7.49 -22.22 43.96
CA LYS A 627 7.27 -23.63 43.68
C LYS A 627 5.79 -23.89 43.38
N TYR A 628 5.54 -24.64 42.30
CA TYR A 628 4.22 -25.13 41.97
C TYR A 628 4.33 -26.62 41.75
N LEU A 629 3.18 -27.30 41.78
CA LEU A 629 3.14 -28.76 41.73
C LEU A 629 2.81 -29.23 40.32
N VAL A 630 3.62 -30.17 39.83
CA VAL A 630 3.36 -30.89 38.59
C VAL A 630 3.09 -32.35 38.93
N GLY A 631 1.96 -32.87 38.47
CA GLY A 631 1.58 -34.24 38.77
C GLY A 631 1.85 -35.21 37.63
N TYR A 632 2.96 -35.92 37.70
CA TYR A 632 3.30 -36.92 36.70
C TYR A 632 2.56 -38.22 36.99
N TYR A 633 1.99 -38.82 35.96
CA TYR A 633 1.24 -40.06 36.10
C TYR A 633 1.47 -40.96 34.90
N VAL A 634 1.56 -42.26 35.15
CA VAL A 634 1.71 -43.25 34.10
C VAL A 634 0.32 -43.83 33.83
N ALA A 635 -0.21 -43.53 32.65
CA ALA A 635 -1.51 -44.01 32.20
C ALA A 635 -1.40 -44.41 30.75
N PRO A 636 -2.27 -45.30 30.26
CA PRO A 636 -2.20 -45.65 28.84
C PRO A 636 -2.32 -44.45 27.91
N GLU A 637 -3.36 -43.65 28.09
CA GLU A 637 -3.55 -42.42 27.32
C GLU A 637 -3.64 -41.24 28.29
N GLU A 638 -3.28 -40.06 27.78
CA GLU A 638 -3.41 -38.84 28.57
C GLU A 638 -4.87 -38.63 28.99
N ILE A 639 -5.06 -38.26 30.24
CA ILE A 639 -6.39 -38.00 30.78
C ILE A 639 -6.62 -36.49 30.71
N PRO A 640 -7.81 -36.03 30.28
CA PRO A 640 -8.05 -34.59 30.19
C PRO A 640 -7.76 -33.90 31.52
N HIS A 641 -7.02 -32.79 31.44
CA HIS A 641 -6.59 -32.00 32.62
C HIS A 641 -7.79 -31.72 33.54
N GLY A 642 -8.86 -31.16 32.97
CA GLY A 642 -10.02 -30.81 33.77
C GLY A 642 -10.72 -32.02 34.38
N GLU A 643 -10.59 -33.18 33.74
CA GLU A 643 -11.19 -34.38 34.30
C GLU A 643 -10.46 -34.83 35.57
N LEU A 644 -9.13 -34.70 35.58
CA LEU A 644 -8.37 -35.01 36.79
C LEU A 644 -8.60 -33.97 37.87
N ARG A 645 -8.66 -32.69 37.50
CA ARG A 645 -8.91 -31.63 38.47
C ARG A 645 -10.28 -31.82 39.13
N GLU A 646 -11.29 -32.20 38.34
CA GLU A 646 -12.58 -32.51 38.93
C GLU A 646 -12.54 -33.81 39.71
N TRP A 647 -11.74 -34.78 39.28
CA TRP A 647 -11.59 -36.03 40.01
C TRP A 647 -11.04 -35.78 41.41
N LEU A 648 -9.97 -34.97 41.46
CA LEU A 648 -9.33 -34.59 42.75
C LEU A 648 -10.28 -33.64 43.49
N GLY A 649 -11.02 -32.81 42.76
CA GLY A 649 -11.96 -31.89 43.37
C GLY A 649 -13.08 -32.57 44.11
N ASN A 650 -13.35 -33.84 43.80
CA ASN A 650 -14.37 -34.59 44.51
C ASN A 650 -13.91 -35.02 45.90
N ASP A 651 -12.60 -35.10 46.12
CA ASP A 651 -12.04 -35.51 47.40
C ASP A 651 -11.15 -34.48 48.05
N LEU A 652 -10.53 -33.60 47.27
CA LEU A 652 -9.57 -32.64 47.76
C LEU A 652 -10.06 -31.22 47.53
N PRO A 653 -9.66 -30.28 48.37
CA PRO A 653 -9.98 -28.87 48.12
C PRO A 653 -9.19 -28.35 46.92
N ASP A 654 -9.58 -27.16 46.47
CA ASP A 654 -8.96 -26.56 45.29
C ASP A 654 -7.45 -26.43 45.46
N TYR A 655 -6.99 -26.08 46.67
CA TYR A 655 -5.57 -25.84 46.88
C TYR A 655 -4.75 -27.11 46.87
N MET A 656 -5.37 -28.27 47.07
CA MET A 656 -4.68 -29.54 46.98
C MET A 656 -4.71 -30.14 45.57
N ILE A 657 -5.31 -29.43 44.61
CA ILE A 657 -5.33 -29.87 43.22
C ILE A 657 -4.07 -29.36 42.54
N PRO A 658 -3.18 -30.22 42.08
CA PRO A 658 -1.95 -29.75 41.43
C PRO A 658 -2.25 -28.85 40.24
N THR A 659 -1.43 -27.82 40.07
CA THR A 659 -1.64 -26.86 38.99
C THR A 659 -1.45 -27.51 37.62
N TYR A 660 -0.46 -28.39 37.48
CA TYR A 660 -0.20 -29.07 36.22
C TYR A 660 -0.20 -30.57 36.42
N PHE A 661 -0.64 -31.29 35.39
CA PHE A 661 -0.55 -32.74 35.32
C PHE A 661 0.18 -33.11 34.04
N VAL A 662 1.13 -34.04 34.13
CA VAL A 662 1.94 -34.45 33.00
C VAL A 662 1.77 -35.94 32.79
N HIS A 663 1.30 -36.33 31.61
CA HIS A 663 1.17 -37.73 31.26
C HIS A 663 2.50 -38.27 30.74
N MET A 664 2.84 -39.49 31.15
CA MET A 664 4.08 -40.14 30.74
C MET A 664 3.80 -41.62 30.51
N LYS A 665 4.46 -42.20 29.51
CA LYS A 665 4.28 -43.63 29.23
C LYS A 665 4.93 -44.51 30.29
N ALA A 666 6.02 -44.03 30.91
CA ALA A 666 6.69 -44.78 31.96
C ALA A 666 7.56 -43.81 32.75
N PHE A 667 7.97 -44.26 33.93
CA PHE A 667 8.77 -43.38 34.79
C PHE A 667 10.25 -43.74 34.72
N PRO A 668 11.12 -42.73 34.77
CA PRO A 668 12.57 -43.01 34.84
C PRO A 668 12.98 -43.52 36.21
N LEU A 669 13.89 -44.48 36.20
CA LEU A 669 14.30 -45.17 37.42
C LEU A 669 15.79 -44.93 37.69
N THR A 670 16.14 -44.92 38.97
CA THR A 670 17.54 -44.87 39.38
C THR A 670 18.12 -46.28 39.41
N ALA A 671 19.43 -46.37 39.66
CA ALA A 671 20.08 -47.66 39.77
C ALA A 671 19.51 -48.50 40.92
N ASN A 672 18.89 -47.86 41.90
CA ASN A 672 18.30 -48.54 43.05
C ASN A 672 16.81 -48.79 42.87
N GLY A 673 16.25 -48.51 41.70
CA GLY A 673 14.85 -48.71 41.43
C GLY A 673 13.96 -47.54 41.80
N LYS A 674 14.49 -46.52 42.46
CA LYS A 674 13.70 -45.36 42.80
C LYS A 674 13.39 -44.53 41.57
N VAL A 675 12.29 -43.78 41.62
CA VAL A 675 11.98 -42.84 40.55
C VAL A 675 13.06 -41.77 40.50
N ASP A 676 13.63 -41.57 39.31
CA ASP A 676 14.65 -40.53 39.13
C ASP A 676 13.93 -39.19 39.01
N ARG A 677 13.65 -38.60 40.18
CA ARG A 677 12.94 -37.33 40.24
C ARG A 677 13.66 -36.23 39.49
N ARG A 678 15.00 -36.28 39.48
CA ARG A 678 15.78 -35.25 38.79
C ARG A 678 15.53 -35.24 37.29
N ALA A 679 15.27 -36.40 36.70
CA ALA A 679 15.18 -36.55 35.25
C ALA A 679 13.80 -36.23 34.68
N LEU A 680 12.87 -35.78 35.51
CA LEU A 680 11.54 -35.50 34.97
C LEU A 680 11.52 -34.14 34.28
N PRO A 681 10.84 -34.03 33.13
CA PRO A 681 10.84 -32.76 32.39
C PRO A 681 9.99 -31.69 33.05
N ASP A 682 9.89 -30.52 32.41
CA ASP A 682 8.99 -29.48 32.89
C ASP A 682 8.76 -28.49 31.76
N VAL A 683 7.57 -27.87 31.78
CA VAL A 683 7.20 -26.90 30.76
C VAL A 683 6.84 -25.57 31.43
N VAL A 695 -7.68 -21.34 16.99
CA VAL A 695 -6.74 -21.22 18.09
C VAL A 695 -6.12 -19.82 18.10
N ALA A 696 -5.83 -19.31 16.91
CA ALA A 696 -5.20 -18.00 16.78
C ALA A 696 -6.21 -16.88 16.99
N PRO A 697 -5.77 -15.76 17.57
CA PRO A 697 -6.69 -14.62 17.74
C PRO A 697 -7.03 -13.96 16.41
N THR A 698 -8.15 -13.24 16.41
CA THR A 698 -8.66 -12.60 15.21
C THR A 698 -8.46 -11.09 15.24
N ASP A 699 -9.01 -10.40 16.23
CA ASP A 699 -8.85 -8.96 16.30
C ASP A 699 -7.62 -8.59 17.13
N GLU A 700 -7.19 -7.34 16.99
CA GLU A 700 -6.02 -6.86 17.74
C GLU A 700 -6.27 -6.90 19.24
N LEU A 701 -7.52 -6.76 19.66
CA LEU A 701 -7.84 -6.82 21.09
C LEU A 701 -7.65 -8.23 21.64
N GLU A 702 -8.15 -9.24 20.91
CA GLU A 702 -7.96 -10.62 21.35
C GLU A 702 -6.49 -10.99 21.42
N GLN A 703 -5.66 -10.41 20.56
CA GLN A 703 -4.22 -10.62 20.64
C GLN A 703 -3.65 -9.99 21.91
N GLN A 704 -4.06 -8.75 22.21
CA GLN A 704 -3.62 -8.12 23.44
C GLN A 704 -4.06 -8.91 24.66
N LEU A 705 -5.30 -9.43 24.64
CA LEU A 705 -5.77 -10.25 25.76
C LEU A 705 -4.98 -11.54 25.86
N ALA A 706 -4.60 -12.13 24.72
CA ALA A 706 -3.78 -13.33 24.74
C ALA A 706 -2.39 -13.04 25.29
N GLN A 707 -1.88 -11.83 25.06
CA GLN A 707 -0.54 -11.49 25.53
C GLN A 707 -0.50 -11.35 27.05
N VAL A 708 -1.45 -10.60 27.61
CA VAL A 708 -1.53 -10.47 29.07
C VAL A 708 -1.74 -11.83 29.70
N TRP A 709 -2.53 -12.69 29.06
CA TRP A 709 -2.68 -14.07 29.51
C TRP A 709 -1.35 -14.79 29.52
N SER A 710 -0.61 -14.71 28.40
CA SER A 710 0.70 -15.35 28.31
C SER A 710 1.64 -14.85 29.39
N HIS A 711 1.57 -13.55 29.70
CA HIS A 711 2.45 -12.97 30.71
C HIS A 711 2.15 -13.53 32.10
N VAL A 712 0.86 -13.56 32.47
CA VAL A 712 0.48 -14.06 33.78
C VAL A 712 0.90 -15.50 33.97
N LEU A 713 0.71 -16.32 32.94
CA LEU A 713 0.97 -17.76 33.02
C LEU A 713 2.42 -18.13 32.69
N GLY A 714 3.24 -17.16 32.30
CA GLY A 714 4.62 -17.42 31.96
C GLY A 714 4.83 -18.34 30.78
N ILE A 715 3.84 -18.46 29.90
CA ILE A 715 3.92 -19.33 28.72
C ILE A 715 3.40 -18.53 27.52
N PRO A 716 4.14 -18.48 26.42
CA PRO A 716 3.74 -17.63 25.30
C PRO A 716 2.67 -18.27 24.43
N GLN A 717 2.10 -17.44 23.55
CA GLN A 717 1.16 -17.84 22.51
C GLN A 717 -0.01 -18.64 23.09
N MET A 718 -0.89 -17.89 23.77
CA MET A 718 -2.10 -18.46 24.35
C MET A 718 -3.23 -18.43 23.33
N GLY A 719 -3.83 -19.59 23.08
CA GLY A 719 -4.99 -19.65 22.22
C GLY A 719 -6.27 -19.29 22.95
N ILE A 720 -7.26 -18.84 22.16
CA ILE A 720 -8.53 -18.39 22.71
C ILE A 720 -9.43 -19.56 23.09
N ASP A 721 -9.02 -20.80 22.80
CA ASP A 721 -9.73 -21.97 23.26
C ASP A 721 -8.99 -22.72 24.36
N ASP A 722 -7.79 -22.28 24.73
CA ASP A 722 -7.11 -22.84 25.88
C ASP A 722 -7.86 -22.45 27.15
N HIS A 723 -8.12 -23.43 28.00
CA HIS A 723 -8.84 -23.17 29.24
C HIS A 723 -7.89 -22.56 30.26
N PHE A 724 -8.35 -21.49 30.94
CA PHE A 724 -7.49 -20.79 31.88
C PHE A 724 -7.07 -21.70 33.02
N LEU A 725 -8.00 -22.47 33.57
CA LEU A 725 -7.71 -23.37 34.68
C LEU A 725 -6.97 -24.62 34.23
N GLU A 726 -6.72 -24.79 32.94
CA GLU A 726 -5.95 -25.91 32.41
C GLU A 726 -4.53 -25.50 32.02
N ARG A 727 -4.15 -24.26 32.30
CA ARG A 727 -2.81 -23.77 32.00
C ARG A 727 -2.09 -23.24 33.24
N GLY A 728 -2.42 -23.80 34.40
CA GLY A 728 -1.73 -23.46 35.63
C GLY A 728 -2.28 -22.29 36.41
N GLY A 729 -3.51 -21.87 36.15
CA GLY A 729 -4.03 -20.66 36.77
C GLY A 729 -4.46 -20.93 38.20
N ASP A 730 -3.84 -20.24 39.16
CA ASP A 730 -4.26 -20.26 40.55
C ASP A 730 -5.11 -19.04 40.84
N SER A 731 -5.47 -18.85 42.12
CA SER A 731 -6.11 -17.61 42.53
C SER A 731 -5.13 -16.45 42.50
N ILE A 732 -3.87 -16.71 42.88
CA ILE A 732 -2.84 -15.67 42.84
C ILE A 732 -2.62 -15.19 41.41
N LYS A 733 -2.68 -16.11 40.45
CA LYS A 733 -2.52 -15.72 39.06
C LYS A 733 -3.73 -14.93 38.58
N VAL A 734 -4.92 -15.28 39.06
CA VAL A 734 -6.11 -14.49 38.77
C VAL A 734 -5.93 -13.06 39.27
N MET A 735 -5.35 -12.92 40.47
CA MET A 735 -5.09 -11.58 41.01
C MET A 735 -4.14 -10.80 40.10
N GLN A 736 -3.08 -11.44 39.61
CA GLN A 736 -2.15 -10.76 38.71
C GLN A 736 -2.85 -10.29 37.45
N LEU A 737 -3.78 -11.09 36.93
CA LEU A 737 -4.56 -10.66 35.78
C LEU A 737 -5.42 -9.45 36.13
N ILE A 738 -6.16 -9.52 37.24
CA ILE A 738 -7.02 -8.41 37.65
C ILE A 738 -6.18 -7.17 37.92
N HIS A 739 -5.03 -7.33 38.59
CA HIS A 739 -4.17 -6.19 38.87
C HIS A 739 -3.64 -5.57 37.59
N GLN A 740 -3.06 -6.38 36.70
CA GLN A 740 -2.50 -5.87 35.47
C GLN A 740 -3.57 -5.40 34.48
N LEU A 741 -4.83 -5.76 34.69
CA LEU A 741 -5.91 -5.26 33.85
C LEU A 741 -6.34 -3.86 34.27
N LYS A 742 -6.45 -3.62 35.58
CA LYS A 742 -6.73 -2.26 36.05
C LYS A 742 -5.62 -1.29 35.64
N ASN A 743 -4.37 -1.78 35.56
CA ASN A 743 -3.27 -0.95 35.10
C ASN A 743 -3.46 -0.52 33.65
N ILE A 744 -3.93 -1.44 32.80
CA ILE A 744 -4.15 -1.15 31.38
C ILE A 744 -5.46 -1.79 30.96
N GLY A 745 -6.46 -0.97 30.67
CA GLY A 745 -7.75 -1.48 30.24
C GLY A 745 -8.81 -1.36 31.32
N LEU A 746 -9.69 -2.36 31.42
CA LEU A 746 -10.78 -2.37 32.37
C LEU A 746 -10.49 -3.38 33.49
N SER A 747 -11.51 -3.64 34.30
CA SER A 747 -11.37 -4.51 35.46
C SER A 747 -12.02 -5.87 35.18
N LEU A 748 -11.99 -6.73 36.19
CA LEU A 748 -12.56 -8.07 36.09
C LEU A 748 -12.71 -8.64 37.49
N ARG A 749 -13.79 -9.37 37.72
CA ARG A 749 -14.06 -9.98 39.01
C ARG A 749 -13.63 -11.43 39.04
N TYR A 750 -13.41 -11.92 40.27
CA TYR A 750 -12.90 -13.28 40.47
C TYR A 750 -13.87 -14.32 39.93
N ASP A 751 -15.15 -14.21 40.33
CA ASP A 751 -16.13 -15.20 39.89
C ASP A 751 -16.46 -15.10 38.41
N GLN A 752 -16.24 -13.93 37.80
CA GLN A 752 -16.48 -13.79 36.37
C GLN A 752 -15.47 -14.58 35.54
N LEU A 753 -14.29 -14.88 36.11
CA LEU A 753 -13.31 -15.68 35.38
C LEU A 753 -13.72 -17.13 35.28
N PHE A 754 -14.36 -17.66 36.33
CA PHE A 754 -14.73 -19.07 36.32
C PHE A 754 -15.96 -19.34 35.47
N THR A 755 -16.89 -18.39 35.39
CA THR A 755 -18.03 -18.52 34.50
C THR A 755 -17.68 -18.17 33.06
N HIS A 756 -16.54 -17.50 32.84
CA HIS A 756 -16.01 -17.24 31.50
C HIS A 756 -14.55 -17.69 31.47
N PRO A 757 -14.30 -19.01 31.58
CA PRO A 757 -12.92 -19.48 31.76
C PRO A 757 -12.13 -19.58 30.47
N THR A 758 -12.62 -18.96 29.39
CA THR A 758 -11.90 -18.89 28.13
C THR A 758 -11.89 -17.45 27.64
N ILE A 759 -11.01 -17.18 26.68
CA ILE A 759 -10.94 -15.83 26.12
C ILE A 759 -12.15 -15.54 25.25
N ARG A 760 -12.67 -16.56 24.56
CA ARG A 760 -13.89 -16.36 23.77
C ARG A 760 -15.07 -15.97 24.66
N GLN A 761 -15.19 -16.61 25.83
CA GLN A 761 -16.27 -16.25 26.74
C GLN A 761 -16.05 -14.88 27.35
N LEU A 762 -14.80 -14.55 27.69
CA LEU A 762 -14.51 -13.23 28.24
C LEU A 762 -14.74 -12.14 27.19
N LYS A 763 -14.44 -12.46 25.93
CA LYS A 763 -14.73 -11.53 24.85
C LYS A 763 -16.22 -11.21 24.78
N ARG A 764 -17.05 -12.25 24.82
CA ARG A 764 -18.50 -12.07 24.83
C ARG A 764 -18.97 -11.27 26.04
N LEU A 765 -18.29 -11.45 27.17
CA LEU A 765 -18.63 -10.75 28.42
C LEU A 765 -18.21 -9.29 28.31
N LEU A 766 -18.58 -8.62 27.21
CA LEU A 766 -18.22 -7.20 26.97
C LEU A 766 -19.32 -6.31 27.57
N THR A 767 -20.40 -6.92 28.06
CA THR A 767 -21.53 -6.16 28.68
C THR A 767 -20.98 -5.20 29.73
N GLU A 768 -19.82 -5.50 30.31
CA GLU A 768 -19.21 -4.61 31.34
C GLU A 768 -18.87 -3.24 30.75
N GLN A 769 -18.28 -3.21 29.55
CA GLN A 769 -17.87 -1.97 28.90
C GLN A 769 -19.07 -1.14 28.49
N LEU A 777 -24.36 -7.47 17.50
CA LEU A 777 -24.68 -7.31 16.09
C LEU A 777 -26.02 -6.60 15.92
N ARG A 778 -26.00 -5.48 15.20
CA ARG A 778 -27.20 -4.66 15.04
C ARG A 778 -28.04 -5.22 13.89
N GLU A 779 -29.19 -5.80 14.22
CA GLU A 779 -30.11 -6.25 13.19
C GLU A 779 -30.67 -5.06 12.43
N LEU A 780 -30.66 -5.15 11.10
CA LEU A 780 -31.12 -4.06 10.26
C LEU A 780 -32.65 -4.00 10.25
N ASP A 781 -33.18 -2.81 9.97
CA ASP A 781 -34.60 -2.64 9.78
C ASP A 781 -35.01 -3.10 8.38
N GLU A 782 -36.29 -3.44 8.24
CA GLU A 782 -36.82 -4.06 7.03
C GLU A 782 -36.80 -3.05 5.88
N GLN A 783 -35.61 -2.84 5.33
CA GLN A 783 -35.47 -2.00 4.17
C GLN A 783 -35.86 -2.77 2.91
N ALA A 784 -36.20 -2.02 1.86
CA ALA A 784 -36.51 -2.65 0.58
C ALA A 784 -35.27 -3.26 -0.06
N GLU A 785 -34.09 -2.72 0.23
CA GLU A 785 -32.85 -3.18 -0.37
C GLU A 785 -31.71 -2.95 0.60
N TYR A 786 -30.71 -3.84 0.55
CA TYR A 786 -29.59 -3.81 1.49
C TYR A 786 -28.27 -3.85 0.73
N GLU A 787 -27.23 -3.33 1.37
CA GLU A 787 -25.89 -3.42 0.83
C GLU A 787 -25.40 -4.86 0.87
N THR A 788 -24.52 -5.19 -0.07
CA THR A 788 -23.87 -6.49 -0.10
C THR A 788 -22.45 -6.37 0.45
N SER A 789 -21.95 -7.48 1.00
CA SER A 789 -20.60 -7.50 1.54
C SER A 789 -19.59 -7.48 0.40
N ALA A 790 -18.33 -7.18 0.75
CA ALA A 790 -17.27 -7.14 -0.24
C ALA A 790 -17.10 -8.48 -0.94
N VAL A 791 -17.21 -9.58 -0.18
CA VAL A 791 -17.04 -10.90 -0.79
C VAL A 791 -18.26 -11.27 -1.63
N GLU A 792 -19.45 -10.81 -1.23
CA GLU A 792 -20.62 -11.00 -2.08
C GLU A 792 -20.46 -10.23 -3.40
N LYS A 793 -19.91 -9.01 -3.32
CA LYS A 793 -19.62 -8.26 -4.54
C LYS A 793 -18.70 -9.04 -5.46
N ARG A 794 -17.68 -9.69 -4.90
CA ARG A 794 -16.71 -10.41 -5.73
C ARG A 794 -17.36 -11.60 -6.43
N MET A 795 -18.15 -12.39 -5.69
CA MET A 795 -18.84 -13.53 -6.30
C MET A 795 -19.75 -13.09 -7.43
N TYR A 796 -20.53 -12.03 -7.19
CA TYR A 796 -21.42 -11.51 -8.22
C TYR A 796 -20.64 -11.03 -9.44
N ILE A 797 -19.55 -10.30 -9.21
CA ILE A 797 -18.74 -9.79 -10.31
C ILE A 797 -18.17 -10.94 -11.13
N ILE A 798 -17.66 -11.97 -10.48
CA ILE A 798 -17.07 -13.11 -11.19
C ILE A 798 -18.13 -13.81 -12.03
N GLN A 799 -19.32 -14.02 -11.46
CA GLN A 799 -20.36 -14.76 -12.17
C GLN A 799 -20.92 -13.95 -13.34
N GLN A 800 -21.08 -12.63 -13.16
CA GLN A 800 -21.59 -11.80 -14.23
C GLN A 800 -20.57 -11.63 -15.36
N GLN A 801 -19.29 -11.90 -15.11
CA GLN A 801 -18.29 -11.84 -16.16
C GLN A 801 -18.30 -13.09 -17.03
N ASP A 802 -18.94 -14.17 -16.59
CA ASP A 802 -19.14 -15.37 -17.38
C ASP A 802 -20.43 -16.04 -16.87
N VAL A 803 -21.57 -15.56 -17.40
CA VAL A 803 -22.87 -15.98 -16.91
C VAL A 803 -23.09 -17.48 -17.14
N GLU A 804 -22.45 -18.05 -18.16
CA GLU A 804 -22.60 -19.46 -18.47
C GLU A 804 -21.71 -20.36 -17.63
N SER A 805 -20.90 -19.81 -16.73
CA SER A 805 -19.95 -20.61 -15.97
C SER A 805 -20.64 -21.38 -14.85
N ILE A 806 -20.42 -22.68 -14.82
CA ILE A 806 -20.77 -23.51 -13.67
C ILE A 806 -19.58 -23.72 -12.74
N ALA A 807 -18.56 -22.87 -12.85
CA ALA A 807 -17.32 -23.07 -12.11
C ALA A 807 -17.52 -22.97 -10.60
N TYR A 808 -18.51 -22.19 -10.16
CA TYR A 808 -18.76 -21.98 -8.73
C TYR A 808 -20.00 -22.71 -8.23
N ASN A 809 -20.47 -23.72 -8.95
CA ASN A 809 -21.53 -24.58 -8.44
C ASN A 809 -20.98 -25.52 -7.39
N VAL A 810 -21.72 -25.64 -6.28
CA VAL A 810 -21.30 -26.43 -5.12
C VAL A 810 -22.23 -27.64 -5.05
N VAL A 811 -21.73 -28.79 -5.50
CA VAL A 811 -22.54 -29.99 -5.68
C VAL A 811 -22.18 -31.01 -4.61
N TYR A 812 -23.20 -31.60 -3.99
CA TYR A 812 -23.03 -32.64 -2.98
C TYR A 812 -24.10 -33.71 -3.19
N THR A 813 -23.77 -34.92 -2.75
CA THR A 813 -24.71 -36.04 -2.79
C THR A 813 -24.79 -36.67 -1.41
N ILE A 814 -25.96 -37.27 -1.12
CA ILE A 814 -26.18 -38.01 0.12
C ILE A 814 -26.90 -39.31 -0.23
N ASN A 815 -26.32 -40.44 0.15
CA ASN A 815 -26.93 -41.75 -0.08
C ASN A 815 -27.86 -42.07 1.08
N PHE A 816 -29.19 -42.04 0.82
CA PHE A 816 -30.17 -42.41 1.82
C PHE A 816 -30.72 -43.81 1.53
N PRO A 817 -31.13 -44.55 2.57
CA PRO A 817 -31.75 -45.85 2.34
C PRO A 817 -33.15 -45.71 1.78
N LEU A 818 -33.66 -46.81 1.22
CA LEU A 818 -34.98 -46.83 0.60
C LEU A 818 -36.09 -46.54 1.60
N THR A 819 -35.84 -46.74 2.90
CA THR A 819 -36.88 -46.51 3.90
C THR A 819 -37.30 -45.05 4.02
N VAL A 820 -36.47 -44.12 3.54
CA VAL A 820 -36.77 -42.70 3.68
C VAL A 820 -37.86 -42.30 2.70
N ASP A 821 -38.80 -41.50 3.17
CA ASP A 821 -39.83 -40.92 2.32
C ASP A 821 -39.25 -39.69 1.60
N THR A 822 -39.23 -39.74 0.28
CA THR A 822 -38.64 -38.64 -0.48
C THR A 822 -39.41 -37.34 -0.31
N GLU A 823 -40.73 -37.42 -0.11
CA GLU A 823 -41.51 -36.20 0.10
C GLU A 823 -41.16 -35.54 1.42
N GLN A 824 -40.77 -36.32 2.43
CA GLN A 824 -40.29 -35.73 3.66
C GLN A 824 -39.03 -34.90 3.42
N ILE A 825 -38.10 -35.44 2.63
CA ILE A 825 -36.92 -34.69 2.25
C ILE A 825 -37.31 -33.41 1.52
N ARG A 826 -38.20 -33.53 0.53
CA ARG A 826 -38.67 -32.38 -0.20
C ARG A 826 -39.29 -31.34 0.74
N VAL A 827 -40.14 -31.81 1.66
CA VAL A 827 -40.82 -30.89 2.58
C VAL A 827 -39.81 -30.27 3.54
N ALA A 828 -38.82 -31.05 3.99
CA ALA A 828 -37.82 -30.52 4.91
C ALA A 828 -36.99 -29.43 4.26
N LEU A 829 -36.55 -29.65 3.02
CA LEU A 829 -35.78 -28.64 2.30
C LEU A 829 -36.59 -27.37 2.10
N GLU A 830 -37.90 -27.50 1.84
CA GLU A 830 -38.75 -26.33 1.67
C GLU A 830 -38.84 -25.51 2.94
N GLN A 831 -38.75 -26.17 4.11
CA GLN A 831 -38.71 -25.41 5.36
C GLN A 831 -37.43 -24.61 5.49
N LEU A 832 -36.28 -25.22 5.15
CA LEU A 832 -35.01 -24.51 5.20
C LEU A 832 -35.01 -23.32 4.24
N VAL A 833 -35.70 -23.44 3.10
CA VAL A 833 -35.85 -22.31 2.20
C VAL A 833 -36.58 -21.17 2.91
N LEU A 834 -37.70 -21.48 3.56
CA LEU A 834 -38.43 -20.47 4.32
C LEU A 834 -37.67 -19.99 5.55
N ARG A 835 -36.74 -20.80 6.05
CA ARG A 835 -36.08 -20.49 7.32
C ARG A 835 -34.91 -19.54 7.16
N HIS A 836 -34.16 -19.63 6.07
CA HIS A 836 -32.93 -18.88 5.89
C HIS A 836 -33.10 -17.86 4.77
N GLU A 837 -32.84 -16.59 5.08
CA GLU A 837 -32.95 -15.52 4.10
C GLU A 837 -31.98 -15.72 2.94
N GLY A 838 -30.85 -16.39 3.18
CA GLY A 838 -29.90 -16.63 2.11
C GLY A 838 -30.50 -17.39 0.94
N LEU A 839 -31.38 -18.34 1.24
CA LEU A 839 -32.10 -19.07 0.20
C LEU A 839 -33.19 -18.25 -0.46
N ARG A 840 -33.52 -17.09 0.09
CA ARG A 840 -34.49 -16.18 -0.52
C ARG A 840 -33.85 -14.85 -0.90
N SER A 841 -32.52 -14.80 -0.99
CA SER A 841 -31.81 -13.59 -1.34
C SER A 841 -31.60 -13.51 -2.84
N THR A 842 -31.84 -12.31 -3.40
CA THR A 842 -31.62 -12.03 -4.81
C THR A 842 -30.67 -10.84 -4.94
N TYR A 843 -29.70 -10.96 -5.82
CA TYR A 843 -28.69 -9.92 -6.03
C TYR A 843 -29.00 -9.16 -7.33
N HIS A 844 -28.91 -7.84 -7.25
CA HIS A 844 -29.25 -6.99 -8.39
C HIS A 844 -28.23 -5.86 -8.51
N MET A 845 -28.23 -5.21 -9.67
CA MET A 845 -27.32 -4.12 -9.97
C MET A 845 -28.14 -2.82 -10.06
N ARG A 846 -28.05 -2.00 -9.02
CA ARG A 846 -28.70 -0.69 -9.00
C ARG A 846 -27.63 0.35 -9.31
N GLY A 847 -27.54 0.74 -10.57
CA GLY A 847 -26.50 1.64 -11.01
C GLY A 847 -25.12 1.01 -10.96
N ASP A 848 -24.27 1.49 -10.05
CA ASP A 848 -22.95 0.91 -9.83
C ASP A 848 -22.84 0.21 -8.49
N GLU A 849 -23.95 0.03 -7.78
CA GLU A 849 -23.95 -0.60 -6.46
C GLU A 849 -24.57 -1.99 -6.57
N ILE A 850 -23.80 -3.01 -6.20
CA ILE A 850 -24.33 -4.36 -6.10
C ILE A 850 -25.22 -4.42 -4.86
N VAL A 851 -26.49 -4.75 -5.06
CA VAL A 851 -27.52 -4.60 -4.03
C VAL A 851 -28.23 -5.93 -3.85
N LYS A 852 -28.68 -6.19 -2.63
CA LYS A 852 -29.39 -7.41 -2.26
C LYS A 852 -30.85 -7.10 -1.99
N ARG A 853 -31.73 -7.92 -2.53
CA ARG A 853 -33.16 -7.88 -2.22
C ARG A 853 -33.56 -9.17 -1.51
N ILE A 854 -34.46 -9.04 -0.53
CA ILE A 854 -34.96 -10.18 0.25
C ILE A 854 -36.38 -10.49 -0.22
N VAL A 855 -36.56 -11.67 -0.81
CA VAL A 855 -37.87 -12.12 -1.27
C VAL A 855 -38.56 -12.83 -0.11
N PRO A 856 -39.85 -12.59 0.12
CA PRO A 856 -40.53 -13.24 1.25
C PRO A 856 -40.75 -14.73 1.06
N ARG A 857 -41.02 -15.19 -0.16
CA ARG A 857 -41.26 -16.61 -0.42
C ARG A 857 -40.74 -16.97 -1.81
N ALA A 858 -40.06 -18.10 -1.90
CA ALA A 858 -39.50 -18.58 -3.16
C ALA A 858 -39.95 -20.01 -3.44
N GLU A 859 -40.10 -20.32 -4.72
CA GLU A 859 -40.56 -21.62 -5.18
C GLU A 859 -39.34 -22.48 -5.51
N LEU A 860 -39.22 -23.62 -4.82
CA LEU A 860 -38.06 -24.50 -4.98
C LEU A 860 -38.29 -25.51 -6.08
N SER A 861 -37.36 -25.56 -7.03
CA SER A 861 -37.39 -26.60 -8.06
C SER A 861 -37.01 -27.94 -7.43
N PHE A 862 -37.90 -28.92 -7.55
CA PHE A 862 -37.65 -30.26 -6.98
C PHE A 862 -38.11 -31.28 -8.02
N VAL A 863 -37.14 -31.90 -8.70
CA VAL A 863 -37.41 -32.89 -9.74
C VAL A 863 -37.22 -34.28 -9.14
N ARG A 864 -38.02 -35.22 -9.62
CA ARG A 864 -37.92 -36.63 -9.20
C ARG A 864 -37.61 -37.48 -10.41
N GLN A 865 -36.61 -38.36 -10.29
CA GLN A 865 -36.19 -39.22 -11.38
C GLN A 865 -35.89 -40.61 -10.86
N THR A 866 -36.18 -41.62 -11.67
CA THR A 866 -35.85 -43.01 -11.38
C THR A 866 -34.81 -43.48 -12.39
N GLY A 867 -33.75 -44.10 -11.90
CA GLY A 867 -32.70 -44.55 -12.78
C GLY A 867 -31.90 -45.69 -12.18
N GLU A 868 -30.69 -45.87 -12.71
CA GLU A 868 -29.78 -46.90 -12.25
C GLU A 868 -28.42 -46.28 -11.94
N GLU A 869 -27.64 -47.00 -11.13
CA GLU A 869 -26.30 -46.55 -10.76
C GLU A 869 -25.45 -46.23 -11.97
N GLU A 870 -25.67 -46.94 -13.09
CA GLU A 870 -24.91 -46.71 -14.31
C GLU A 870 -25.24 -45.37 -14.95
N SER A 871 -26.36 -44.75 -14.60
CA SER A 871 -26.80 -43.50 -15.21
C SER A 871 -26.87 -42.34 -14.21
N VAL A 872 -26.33 -42.52 -13.00
CA VAL A 872 -26.41 -41.47 -11.99
C VAL A 872 -25.67 -40.23 -12.47
N GLN A 873 -24.44 -40.41 -12.98
CA GLN A 873 -23.65 -39.26 -13.42
C GLN A 873 -24.31 -38.58 -14.62
N SER A 874 -24.92 -39.35 -15.50
CA SER A 874 -25.64 -38.75 -16.64
C SER A 874 -26.84 -37.96 -16.15
N LEU A 875 -27.59 -38.51 -15.20
CA LEU A 875 -28.73 -37.78 -14.64
C LEU A 875 -28.27 -36.53 -13.89
N LEU A 876 -27.10 -36.58 -13.25
CA LEU A 876 -26.62 -35.42 -12.51
C LEU A 876 -26.16 -34.31 -13.45
N ALA A 877 -25.46 -34.67 -14.53
CA ALA A 877 -24.96 -33.66 -15.46
C ALA A 877 -26.10 -32.83 -16.03
N GLU A 878 -27.25 -33.46 -16.29
CA GLU A 878 -28.42 -32.71 -16.75
C GLU A 878 -28.97 -31.78 -15.68
N GLN A 879 -28.68 -32.06 -14.40
CA GLN A 879 -29.16 -31.21 -13.33
C GLN A 879 -28.28 -29.99 -13.10
N ILE A 880 -27.00 -30.07 -13.46
CA ILE A 880 -26.06 -28.98 -13.26
C ILE A 880 -26.32 -27.89 -14.29
N LYS A 881 -27.14 -26.91 -13.92
CA LYS A 881 -27.51 -25.81 -14.80
C LYS A 881 -27.03 -24.49 -14.23
N PRO A 882 -26.82 -23.47 -15.07
CA PRO A 882 -26.35 -22.18 -14.55
C PRO A 882 -27.38 -21.54 -13.64
N PHE A 883 -26.90 -20.64 -12.78
CA PHE A 883 -27.76 -19.91 -11.87
C PHE A 883 -27.94 -18.49 -12.34
N ASP A 884 -29.17 -17.98 -12.21
CA ASP A 884 -29.44 -16.56 -12.38
C ASP A 884 -29.34 -15.93 -11.00
N LEU A 885 -28.25 -15.20 -10.75
CA LEU A 885 -28.04 -14.60 -9.44
C LEU A 885 -29.14 -13.61 -9.06
N ALA A 886 -29.92 -13.14 -10.04
CA ALA A 886 -31.05 -12.28 -9.80
C ALA A 886 -32.34 -13.06 -9.53
N LYS A 887 -32.27 -14.39 -9.52
CA LYS A 887 -33.44 -15.24 -9.35
C LYS A 887 -33.25 -16.14 -8.14
N ALA A 888 -34.26 -16.17 -7.26
CA ALA A 888 -34.27 -17.04 -6.09
C ALA A 888 -35.19 -18.23 -6.31
N PRO A 889 -34.90 -19.38 -5.69
CA PRO A 889 -33.75 -19.62 -4.82
C PRO A 889 -32.51 -20.05 -5.58
N LEU A 890 -31.33 -19.69 -5.07
CA LEU A 890 -30.06 -20.12 -5.66
C LEU A 890 -29.71 -21.53 -5.18
N LEU A 891 -30.65 -22.45 -5.44
CA LEU A 891 -30.51 -23.83 -4.99
C LEU A 891 -31.50 -24.73 -5.71
N ARG A 892 -31.02 -25.85 -6.25
CA ARG A 892 -31.86 -26.87 -6.85
C ARG A 892 -31.58 -28.21 -6.17
N ALA A 893 -32.58 -29.09 -6.19
CA ALA A 893 -32.45 -30.38 -5.54
C ALA A 893 -33.25 -31.42 -6.30
N GLY A 894 -33.07 -32.67 -5.91
CA GLY A 894 -33.78 -33.78 -6.54
C GLY A 894 -33.38 -35.08 -5.88
N VAL A 895 -34.15 -36.12 -6.21
CA VAL A 895 -33.92 -37.46 -5.68
C VAL A 895 -33.86 -38.43 -6.85
N ILE A 896 -32.74 -39.13 -6.98
CA ILE A 896 -32.57 -40.19 -7.97
C ILE A 896 -32.74 -41.52 -7.24
N GLU A 897 -33.87 -42.18 -7.47
CA GLU A 897 -34.16 -43.44 -6.81
C GLU A 897 -33.63 -44.60 -7.66
N THR A 898 -32.85 -45.48 -7.04
CA THR A 898 -32.30 -46.65 -7.70
C THR A 898 -32.90 -47.91 -7.08
N ALA A 899 -32.40 -49.07 -7.50
CA ALA A 899 -32.87 -50.33 -6.95
C ALA A 899 -32.46 -50.49 -5.49
N ASP A 900 -31.34 -49.89 -5.09
CA ASP A 900 -30.78 -50.06 -3.75
C ASP A 900 -30.94 -48.83 -2.86
N LYS A 901 -30.75 -47.63 -3.41
CA LYS A 901 -30.71 -46.41 -2.61
C LYS A 901 -31.65 -45.36 -3.18
N LYS A 902 -31.99 -44.40 -2.32
CA LYS A 902 -32.65 -43.16 -2.72
C LYS A 902 -31.63 -42.04 -2.54
N VAL A 903 -31.01 -41.64 -3.65
CA VAL A 903 -29.90 -40.70 -3.62
C VAL A 903 -30.47 -39.29 -3.63
N LEU A 904 -30.33 -38.58 -2.50
CA LEU A 904 -30.66 -37.17 -2.46
C LEU A 904 -29.50 -36.36 -3.02
N TRP A 905 -29.81 -35.44 -3.93
CA TRP A 905 -28.83 -34.53 -4.50
C TRP A 905 -29.35 -33.11 -4.38
N PHE A 906 -28.44 -32.18 -4.09
CA PHE A 906 -28.76 -30.77 -4.04
C PHE A 906 -27.60 -29.97 -4.60
N ASP A 907 -27.92 -28.83 -5.24
CA ASP A 907 -26.93 -28.00 -5.90
C ASP A 907 -27.13 -26.56 -5.45
N SER A 908 -26.09 -25.98 -4.87
CA SER A 908 -26.12 -24.59 -4.41
C SER A 908 -24.97 -23.82 -5.04
N HIS A 909 -25.02 -22.51 -4.89
CA HIS A 909 -23.96 -21.62 -5.36
C HIS A 909 -23.06 -21.26 -4.19
N HIS A 910 -21.79 -21.01 -4.48
CA HIS A 910 -20.83 -20.75 -3.41
C HIS A 910 -21.07 -19.42 -2.73
N ILE A 911 -21.72 -18.46 -3.40
CA ILE A 911 -22.06 -17.20 -2.76
C ILE A 911 -22.99 -17.40 -1.57
N LEU A 912 -23.64 -18.57 -1.49
CA LEU A 912 -24.54 -18.90 -0.40
C LEU A 912 -23.99 -20.01 0.50
N LEU A 913 -23.44 -21.08 -0.08
CA LEU A 913 -23.12 -22.29 0.68
C LEU A 913 -21.60 -22.47 0.71
N ASP A 914 -20.97 -21.90 1.74
CA ASP A 914 -19.56 -22.17 1.99
C ASP A 914 -19.46 -23.44 2.85
N GLY A 915 -18.26 -23.75 3.32
CA GLY A 915 -18.02 -24.97 4.08
C GLY A 915 -18.88 -25.11 5.33
N LEU A 916 -18.80 -24.13 6.23
CA LEU A 916 -19.53 -24.23 7.48
C LEU A 916 -21.04 -24.18 7.25
N SER A 917 -21.50 -23.44 6.23
CA SER A 917 -22.92 -23.38 5.93
C SER A 917 -23.47 -24.76 5.60
N LYS A 918 -22.70 -25.56 4.87
CA LYS A 918 -23.15 -26.91 4.54
C LYS A 918 -23.24 -27.79 5.78
N SER A 919 -22.28 -27.63 6.71
CA SER A 919 -22.37 -28.34 7.99
C SER A 919 -23.63 -27.91 8.76
N ILE A 920 -23.97 -26.63 8.68
CA ILE A 920 -25.20 -26.15 9.31
C ILE A 920 -26.42 -26.72 8.60
N LEU A 921 -26.35 -26.85 7.28
CA LEU A 921 -27.46 -27.41 6.53
C LEU A 921 -27.65 -28.88 6.84
N ALA A 922 -26.57 -29.67 6.80
CA ALA A 922 -26.65 -31.09 7.13
C ALA A 922 -27.14 -31.29 8.56
N ARG A 923 -26.64 -30.48 9.49
CA ARG A 923 -27.06 -30.59 10.89
C ARG A 923 -28.57 -30.39 11.03
N GLU A 924 -29.09 -29.32 10.44
CA GLU A 924 -30.50 -28.99 10.64
C GLU A 924 -31.43 -29.89 9.81
N LEU A 925 -30.99 -30.34 8.65
CA LEU A 925 -31.78 -31.31 7.89
C LEU A 925 -31.90 -32.62 8.66
N GLN A 926 -30.82 -33.04 9.32
CA GLN A 926 -30.86 -34.24 10.15
C GLN A 926 -31.83 -34.06 11.32
N ALA A 927 -31.82 -32.89 11.94
CA ALA A 927 -32.73 -32.63 13.06
C ALA A 927 -34.18 -32.70 12.62
N LEU A 928 -34.50 -32.07 11.48
CA LEU A 928 -35.87 -32.11 10.99
C LEU A 928 -36.28 -33.53 10.59
N LEU A 929 -35.40 -34.23 9.87
CA LEU A 929 -35.70 -35.62 9.50
C LEU A 929 -35.81 -36.51 10.74
N GLY A 930 -35.10 -36.17 11.81
CA GLY A 930 -35.20 -36.87 13.07
C GLY A 930 -36.35 -36.43 13.95
N GLN A 931 -37.29 -35.66 13.41
CA GLN A 931 -38.48 -35.20 14.13
C GLN A 931 -38.11 -34.35 15.34
N GLN A 932 -37.28 -33.34 15.10
CA GLN A 932 -36.90 -32.37 16.11
C GLN A 932 -37.28 -30.97 15.64
N VAL A 933 -37.26 -30.02 16.58
CA VAL A 933 -37.59 -28.63 16.30
C VAL A 933 -36.34 -27.79 16.48
N LEU A 934 -36.25 -26.71 15.71
CA LEU A 934 -35.10 -25.82 15.70
C LEU A 934 -35.45 -24.48 16.32
N SER A 935 -34.52 -23.95 17.12
CA SER A 935 -34.70 -22.61 17.65
C SER A 935 -34.67 -21.59 16.51
N PRO A 936 -35.45 -20.50 16.63
CA PRO A 936 -35.46 -19.51 15.55
C PRO A 936 -34.11 -18.85 15.37
N VAL A 937 -33.80 -18.53 14.11
CA VAL A 937 -32.52 -17.88 13.79
C VAL A 937 -32.51 -16.48 14.38
N GLU A 938 -31.50 -16.21 15.22
CA GLU A 938 -31.47 -14.93 15.93
C GLU A 938 -31.06 -13.80 14.99
N LYS A 939 -30.03 -14.01 14.18
CA LYS A 939 -29.49 -12.98 13.30
C LYS A 939 -29.78 -13.30 11.84
N THR A 940 -29.49 -12.34 10.98
CA THR A 940 -29.65 -12.47 9.54
C THR A 940 -28.35 -12.07 8.85
N TYR A 941 -28.16 -12.60 7.64
CA TYR A 941 -26.92 -12.33 6.90
C TYR A 941 -26.77 -10.84 6.62
N LYS A 942 -27.86 -10.17 6.24
CA LYS A 942 -27.79 -8.74 5.91
C LYS A 942 -27.25 -7.92 7.06
N SER A 943 -27.50 -8.35 8.30
CA SER A 943 -26.97 -7.63 9.45
C SER A 943 -25.45 -7.72 9.51
N PHE A 944 -24.89 -8.89 9.23
CA PHE A 944 -23.44 -9.02 9.14
C PHE A 944 -22.89 -8.22 7.98
N ALA A 945 -23.61 -8.17 6.86
CA ALA A 945 -23.16 -7.42 5.70
C ALA A 945 -22.96 -5.96 6.04
N ARG A 946 -23.89 -5.37 6.78
CA ARG A 946 -23.76 -3.96 7.17
C ARG A 946 -22.65 -3.76 8.19
N TRP A 947 -22.56 -4.65 9.18
CA TRP A 947 -21.52 -4.53 10.20
C TRP A 947 -20.13 -4.54 9.58
N GLN A 948 -19.88 -5.47 8.66
CA GLN A 948 -18.57 -5.55 8.03
C GLN A 948 -18.32 -4.37 7.11
N ASN A 949 -19.37 -3.85 6.47
CA ASN A 949 -19.20 -2.67 5.61
C ASN A 949 -18.80 -1.45 6.42
N GLU A 950 -19.41 -1.27 7.59
CA GLU A 950 -19.03 -0.16 8.46
C GLU A 950 -17.68 -0.40 9.12
N TRP A 951 -17.34 -1.67 9.39
CA TRP A 951 -16.05 -1.99 10.00
C TRP A 951 -14.89 -1.68 9.05
N PHE A 952 -15.13 -1.68 7.74
CA PHE A 952 -14.09 -1.35 6.77
C PHE A 952 -13.56 0.08 6.92
N ALA A 953 -14.24 0.93 7.69
CA ALA A 953 -13.83 2.31 7.88
C ALA A 953 -13.15 2.55 9.22
N SER A 954 -12.87 1.50 9.98
CA SER A 954 -12.32 1.64 11.31
C SER A 954 -10.78 1.63 11.28
N ASP A 955 -10.18 2.00 12.41
CA ASP A 955 -8.73 1.97 12.52
C ASP A 955 -8.19 0.55 12.42
N GLU A 956 -8.91 -0.42 12.98
CA GLU A 956 -8.45 -1.81 12.96
C GLU A 956 -8.24 -2.30 11.54
N TYR A 957 -9.17 -1.98 10.64
CA TYR A 957 -8.98 -2.36 9.23
C TYR A 957 -7.77 -1.66 8.63
N GLU A 958 -7.61 -0.36 8.91
CA GLU A 958 -6.49 0.38 8.38
C GLU A 958 -5.16 -0.18 8.89
N GLN A 959 -5.15 -0.74 10.11
CA GLN A 959 -3.96 -1.39 10.61
C GLN A 959 -3.73 -2.76 9.98
N GLN A 960 -4.81 -3.48 9.66
CA GLN A 960 -4.65 -4.79 9.04
C GLN A 960 -4.17 -4.66 7.60
N ILE A 961 -4.79 -3.78 6.82
CA ILE A 961 -4.34 -3.57 5.45
C ILE A 961 -2.94 -2.96 5.41
N ALA A 962 -2.53 -2.25 6.48
CA ALA A 962 -1.16 -1.76 6.54
C ALA A 962 -0.17 -2.91 6.64
N TYR A 963 -0.52 -3.96 7.38
CA TYR A 963 0.33 -5.14 7.44
C TYR A 963 0.50 -5.77 6.07
N TRP A 964 -0.58 -5.84 5.28
CA TRP A 964 -0.49 -6.44 3.95
C TRP A 964 0.31 -5.57 3.00
N LYS A 965 0.21 -4.25 3.18
CA LYS A 965 0.95 -3.28 2.34
C LYS A 965 2.46 -3.49 2.53
N THR A 966 2.90 -3.52 3.79
CA THR A 966 4.31 -3.74 4.11
C THR A 966 4.77 -5.13 3.71
N LEU A 967 3.89 -6.13 3.80
CA LEU A 967 4.28 -7.51 3.50
C LEU A 967 4.38 -7.75 2.00
N LEU A 968 3.47 -7.16 1.21
CA LEU A 968 3.34 -7.47 -0.20
C LEU A 968 3.87 -6.35 -1.10
N GLN A 969 4.68 -5.44 -0.57
CA GLN A 969 5.17 -4.33 -1.38
C GLN A 969 6.33 -4.75 -2.27
N GLY A 970 7.26 -5.57 -1.75
CA GLY A 970 8.43 -5.96 -2.50
C GLY A 970 8.14 -6.97 -3.60
N GLU A 971 9.18 -7.64 -4.09
CA GLU A 971 9.03 -8.64 -5.13
C GLU A 971 8.52 -9.94 -4.53
N LEU A 972 7.50 -10.52 -5.17
CA LEU A 972 6.88 -11.74 -4.68
C LEU A 972 7.39 -12.95 -5.43
N PRO A 973 7.57 -14.08 -4.74
CA PRO A 973 8.05 -15.29 -5.42
C PRO A 973 6.99 -15.87 -6.33
N ALA A 974 7.46 -16.50 -7.40
CA ALA A 974 6.60 -17.19 -8.36
C ALA A 974 6.82 -18.70 -8.25
N VAL A 975 5.73 -19.45 -8.28
CA VAL A 975 5.77 -20.90 -8.18
C VAL A 975 5.55 -21.46 -9.58
N GLN A 976 6.63 -22.00 -10.16
CA GLN A 976 6.58 -22.60 -11.52
C GLN A 976 6.43 -24.13 -11.40
N LEU A 977 5.39 -24.69 -12.02
CA LEU A 977 5.15 -26.12 -11.97
C LEU A 977 5.44 -26.76 -13.31
N PRO A 978 5.87 -28.03 -13.32
CA PRO A 978 6.10 -28.72 -14.60
C PRO A 978 4.81 -28.99 -15.33
N THR A 979 4.27 -27.97 -15.98
CA THR A 979 3.01 -28.07 -16.71
C THR A 979 3.28 -28.20 -18.20
N LYS A 980 2.20 -28.41 -18.95
CA LYS A 980 2.26 -28.24 -20.40
C LYS A 980 2.17 -26.75 -20.72
N LYS A 981 2.28 -26.42 -22.00
CA LYS A 981 2.20 -25.02 -22.41
C LYS A 981 0.88 -24.41 -21.94
N ARG A 982 0.97 -23.28 -21.25
CA ARG A 982 -0.22 -22.67 -20.67
C ARG A 982 -1.13 -22.14 -21.77
N PRO A 983 -2.45 -22.28 -21.62
CA PRO A 983 -3.37 -21.57 -22.50
C PRO A 983 -3.19 -20.07 -22.36
N PRO A 984 -3.36 -19.31 -23.45
CA PRO A 984 -3.24 -17.86 -23.35
C PRO A 984 -4.10 -17.23 -22.27
N GLN A 985 -5.30 -17.76 -22.04
CA GLN A 985 -6.18 -17.28 -21.00
C GLN A 985 -6.48 -18.38 -19.98
N LEU A 986 -6.95 -17.96 -18.82
CA LEU A 986 -7.22 -18.89 -17.72
C LEU A 986 -8.30 -19.89 -18.11
N THR A 987 -7.97 -21.18 -17.96
CA THR A 987 -8.91 -22.27 -18.14
C THR A 987 -9.30 -22.85 -16.78
N PHE A 988 -10.44 -23.53 -16.74
CA PHE A 988 -10.95 -24.08 -15.50
C PHE A 988 -11.35 -25.55 -15.61
N ASP A 989 -11.06 -26.22 -16.73
CA ASP A 989 -11.24 -27.66 -16.82
C ASP A 989 -10.29 -28.34 -15.86
N GLY A 990 -10.82 -29.30 -15.08
CA GLY A 990 -10.01 -29.95 -14.07
C GLY A 990 -10.49 -31.35 -13.78
N ALA A 991 -9.77 -32.00 -12.87
CA ALA A 991 -10.12 -33.34 -12.41
C ALA A 991 -9.54 -33.52 -11.01
N ILE A 992 -9.96 -34.61 -10.36
CA ILE A 992 -9.59 -34.88 -8.97
C ILE A 992 -8.93 -36.25 -8.90
N GLN A 993 -7.86 -36.34 -8.12
CA GLN A 993 -7.29 -37.61 -7.66
C GLN A 993 -7.24 -37.58 -6.14
N MET A 994 -7.61 -38.71 -5.52
CA MET A 994 -7.73 -38.79 -4.07
C MET A 994 -6.67 -39.75 -3.53
N TYR A 995 -5.81 -39.23 -2.65
CA TYR A 995 -4.82 -40.03 -1.95
C TYR A 995 -5.30 -40.27 -0.52
N ARG A 996 -5.38 -41.55 -0.14
CA ARG A 996 -5.95 -41.95 1.14
C ARG A 996 -4.81 -42.20 2.14
N VAL A 997 -4.71 -41.33 3.15
CA VAL A 997 -3.82 -41.56 4.28
C VAL A 997 -4.58 -42.41 5.27
N ASN A 998 -4.13 -43.66 5.46
CA ASN A 998 -4.83 -44.60 6.30
C ASN A 998 -4.95 -44.08 7.74
N PRO A 999 -5.89 -44.59 8.52
CA PRO A 999 -6.05 -44.08 9.90
C PRO A 999 -4.81 -44.23 10.76
N GLU A 1000 -3.99 -45.25 10.53
CA GLU A 1000 -2.80 -45.46 11.37
C GLU A 1000 -1.81 -44.31 11.21
N ILE A 1001 -1.44 -43.99 9.96
CA ILE A 1001 -0.52 -42.88 9.73
C ILE A 1001 -1.12 -41.57 10.22
N THR A 1002 -2.43 -41.39 10.02
CA THR A 1002 -3.08 -40.15 10.43
C THR A 1002 -2.95 -39.93 11.93
N ARG A 1003 -3.05 -40.99 12.72
CA ARG A 1003 -2.90 -40.86 14.17
C ARG A 1003 -1.47 -40.50 14.54
N LYS A 1004 -0.49 -41.06 13.85
CA LYS A 1004 0.90 -40.72 14.13
C LYS A 1004 1.19 -39.27 13.77
N LEU A 1005 0.61 -38.78 12.66
CA LEU A 1005 0.72 -37.38 12.31
C LEU A 1005 0.11 -36.49 13.40
N LYS A 1006 -1.10 -36.84 13.85
CA LYS A 1006 -1.73 -36.07 14.91
C LYS A 1006 -0.93 -36.14 16.19
N ALA A 1007 -0.35 -37.29 16.49
CA ALA A 1007 0.47 -37.43 17.70
C ALA A 1007 1.73 -36.58 17.60
N THR A 1008 2.34 -36.52 16.42
CA THR A 1008 3.52 -35.68 16.23
C THR A 1008 3.16 -34.20 16.37
N ALA A 1009 2.08 -33.77 15.72
CA ALA A 1009 1.67 -32.37 15.80
C ALA A 1009 1.36 -31.96 17.23
N ALA A 1010 0.65 -32.81 17.97
CA ALA A 1010 0.32 -32.49 19.36
C ALA A 1010 1.57 -32.51 20.24
N LYS A 1011 2.54 -33.36 19.93
CA LYS A 1011 3.75 -33.45 20.74
C LYS A 1011 4.54 -32.15 20.73
N HIS A 1012 4.55 -31.44 19.60
CA HIS A 1012 5.37 -30.26 19.43
C HIS A 1012 4.53 -28.99 19.25
N ASP A 1013 3.38 -28.95 19.92
CA ASP A 1013 2.49 -27.78 19.95
C ASP A 1013 2.20 -27.27 18.54
N LEU A 1014 1.59 -28.15 17.74
CA LEU A 1014 1.23 -27.82 16.37
C LEU A 1014 -0.13 -28.43 16.06
N THR A 1015 -0.83 -27.79 15.12
CA THR A 1015 -2.07 -28.35 14.59
C THR A 1015 -1.78 -29.19 13.36
N LEU A 1016 -2.69 -30.11 13.06
CA LEU A 1016 -2.56 -30.90 11.83
C LEU A 1016 -2.55 -30.01 10.61
N TYR A 1017 -3.29 -28.89 10.64
CA TYR A 1017 -3.29 -27.95 9.52
C TYR A 1017 -1.90 -27.37 9.29
N MET A 1018 -1.24 -26.91 10.35
CA MET A 1018 0.11 -26.39 10.22
C MET A 1018 1.08 -27.43 9.68
N LEU A 1019 0.91 -28.69 10.09
CA LEU A 1019 1.77 -29.76 9.62
C LEU A 1019 1.58 -30.01 8.12
N MET A 1020 0.32 -30.20 7.70
CA MET A 1020 0.05 -30.43 6.28
C MET A 1020 0.45 -29.24 5.43
N LEU A 1021 0.27 -28.03 5.95
CA LEU A 1021 0.68 -26.84 5.22
C LEU A 1021 2.18 -26.81 4.99
N THR A 1022 2.95 -27.16 6.01
CA THR A 1022 4.40 -27.19 5.87
C THR A 1022 4.86 -28.28 4.90
N ILE A 1023 4.16 -29.42 4.89
CA ILE A 1023 4.50 -30.48 3.95
C ILE A 1023 4.21 -30.04 2.53
N VAL A 1024 3.09 -29.35 2.31
CA VAL A 1024 2.78 -28.84 0.98
C VAL A 1024 3.77 -27.77 0.56
N SER A 1025 4.18 -26.91 1.50
CA SER A 1025 5.15 -25.87 1.17
C SER A 1025 6.49 -26.46 0.78
N ILE A 1026 6.96 -27.47 1.52
CA ILE A 1026 8.18 -28.16 1.15
C ILE A 1026 8.03 -28.84 -0.20
N TRP A 1027 6.90 -29.53 -0.40
CA TRP A 1027 6.64 -30.19 -1.68
C TRP A 1027 6.72 -29.21 -2.84
N LEU A 1028 6.02 -28.07 -2.73
CA LEU A 1028 6.11 -27.04 -3.76
C LEU A 1028 7.53 -26.49 -3.88
N SER A 1029 8.22 -26.34 -2.75
CA SER A 1029 9.59 -25.84 -2.77
C SER A 1029 10.50 -26.77 -3.57
N LYS A 1030 10.42 -28.08 -3.28
CA LYS A 1030 11.29 -29.03 -3.97
C LYS A 1030 10.98 -29.10 -5.46
N MET A 1031 9.70 -29.02 -5.81
CA MET A 1031 9.33 -29.00 -7.23
C MET A 1031 9.64 -27.67 -7.90
N ASN A 1032 10.03 -26.65 -7.14
CA ASN A 1032 10.39 -25.34 -7.68
C ASN A 1032 11.89 -25.08 -7.57
N SER A 1033 12.69 -26.12 -7.81
CA SER A 1033 14.15 -26.03 -7.74
C SER A 1033 14.61 -25.59 -6.35
N ASP A 1034 13.94 -26.10 -5.31
CA ASP A 1034 14.28 -25.82 -3.92
C ASP A 1034 14.32 -24.31 -3.64
N SER A 1035 13.27 -23.62 -4.10
CA SER A 1035 13.19 -22.19 -3.88
C SER A 1035 13.07 -21.88 -2.40
N ASN A 1036 13.69 -20.78 -1.97
CA ASN A 1036 13.66 -20.41 -0.57
C ASN A 1036 12.29 -19.88 -0.15
N GLN A 1037 11.56 -19.24 -1.06
CA GLN A 1037 10.24 -18.70 -0.77
C GLN A 1037 9.18 -19.37 -1.63
N VAL A 1038 8.04 -19.66 -1.01
CA VAL A 1038 6.88 -20.24 -1.69
C VAL A 1038 5.67 -19.41 -1.33
N ILE A 1039 4.76 -19.27 -2.29
CA ILE A 1039 3.50 -18.57 -2.08
C ILE A 1039 2.36 -19.51 -2.44
N LEU A 1040 1.34 -19.56 -1.59
CA LEU A 1040 0.17 -20.39 -1.82
C LEU A 1040 -1.00 -19.81 -1.06
N GLY A 1041 -2.20 -20.00 -1.61
CA GLY A 1041 -3.39 -19.49 -0.97
C GLY A 1041 -4.00 -20.47 0.02
N THR A 1042 -4.77 -19.92 0.95
CA THR A 1042 -5.49 -20.73 1.93
C THR A 1042 -6.86 -20.11 2.15
N VAL A 1043 -7.69 -20.81 2.92
CA VAL A 1043 -9.06 -20.40 3.18
C VAL A 1043 -9.27 -20.33 4.69
N THR A 1044 -9.71 -19.18 5.18
CA THR A 1044 -10.11 -19.02 6.57
C THR A 1044 -11.64 -19.04 6.67
N ASP A 1045 -12.14 -19.45 7.84
CA ASP A 1045 -13.58 -19.57 8.02
C ASP A 1045 -14.29 -18.23 7.82
N GLY A 1046 -13.60 -17.12 8.09
CA GLY A 1046 -14.16 -15.80 7.90
C GLY A 1046 -15.29 -15.41 8.84
N ARG A 1047 -15.60 -16.25 9.83
CA ARG A 1047 -16.67 -15.95 10.79
C ARG A 1047 -16.15 -14.96 11.83
N GLN A 1048 -16.00 -13.71 11.38
CA GLN A 1048 -15.38 -12.68 12.21
C GLN A 1048 -16.22 -12.39 13.45
N HIS A 1049 -17.51 -12.10 13.26
CA HIS A 1049 -18.39 -11.84 14.38
C HIS A 1049 -18.86 -13.18 14.96
N PRO A 1050 -18.75 -13.37 16.29
CA PRO A 1050 -19.16 -14.67 16.87
C PRO A 1050 -20.63 -14.99 16.69
N ASP A 1051 -21.47 -14.01 16.34
CA ASP A 1051 -22.90 -14.22 16.14
C ASP A 1051 -23.24 -14.73 14.74
N THR A 1052 -22.24 -15.22 13.99
CA THR A 1052 -22.47 -15.69 12.62
C THR A 1052 -22.20 -17.18 12.47
N ARG A 1053 -21.94 -17.90 13.56
CA ARG A 1053 -21.61 -19.31 13.46
C ARG A 1053 -22.78 -20.17 12.99
N GLU A 1054 -24.00 -19.65 13.05
CA GLU A 1054 -25.20 -20.40 12.71
C GLU A 1054 -25.88 -19.90 11.45
N LEU A 1055 -25.26 -18.98 10.72
CA LEU A 1055 -25.88 -18.34 9.57
C LEU A 1055 -25.46 -19.03 8.28
N LEU A 1056 -26.42 -19.18 7.37
CA LEU A 1056 -26.12 -19.64 6.02
C LEU A 1056 -25.63 -18.47 5.18
N GLY A 1057 -24.45 -18.62 4.61
CA GLY A 1057 -23.88 -17.56 3.79
C GLY A 1057 -22.42 -17.84 3.52
N MET A 1058 -21.88 -17.07 2.58
CA MET A 1058 -20.47 -17.17 2.21
C MET A 1058 -19.66 -16.23 3.09
N PHE A 1059 -18.94 -16.79 4.06
CA PHE A 1059 -18.07 -16.04 4.94
C PHE A 1059 -16.59 -16.23 4.66
N VAL A 1060 -16.21 -17.37 4.07
CA VAL A 1060 -14.81 -17.76 4.02
C VAL A 1060 -14.01 -16.74 3.22
N ASN A 1061 -12.86 -16.35 3.76
CA ASN A 1061 -11.96 -15.41 3.12
C ASN A 1061 -10.72 -16.13 2.63
N THR A 1062 -10.19 -15.67 1.50
CA THR A 1062 -9.01 -16.25 0.89
C THR A 1062 -7.77 -15.46 1.32
N LEU A 1063 -6.74 -16.18 1.78
CA LEU A 1063 -5.52 -15.55 2.26
C LEU A 1063 -4.31 -16.02 1.46
N PRO A 1064 -3.41 -15.11 1.11
CA PRO A 1064 -2.13 -15.54 0.52
C PRO A 1064 -1.08 -15.80 1.58
N LEU A 1065 -0.40 -16.93 1.50
CA LEU A 1065 0.61 -17.33 2.49
C LEU A 1065 1.99 -17.23 1.87
N LEU A 1066 2.80 -16.32 2.39
CA LEU A 1066 4.20 -16.16 1.98
C LEU A 1066 5.07 -16.94 2.97
N LEU A 1067 5.34 -18.20 2.65
CA LEU A 1067 6.10 -19.09 3.51
C LEU A 1067 7.53 -19.22 3.01
N SER A 1068 8.45 -19.35 3.96
CA SER A 1068 9.87 -19.52 3.67
C SER A 1068 10.31 -20.90 4.15
N ILE A 1069 10.98 -21.64 3.26
CA ILE A 1069 11.45 -22.98 3.56
C ILE A 1069 12.97 -22.95 3.60
N ASP A 1070 13.53 -23.15 4.80
CA ASP A 1070 14.98 -23.24 4.99
C ASP A 1070 15.37 -24.70 4.85
N HIS A 1071 15.83 -25.08 3.66
CA HIS A 1071 16.16 -26.47 3.39
C HIS A 1071 17.34 -26.96 4.23
N GLU A 1072 18.16 -26.05 4.75
CA GLU A 1072 19.28 -26.45 5.60
C GLU A 1072 18.85 -26.76 7.02
N GLU A 1073 17.68 -26.29 7.45
CA GLU A 1073 17.20 -26.55 8.79
C GLU A 1073 16.29 -27.79 8.80
N SER A 1074 16.05 -28.30 10.00
CA SER A 1074 15.26 -29.51 10.16
C SER A 1074 13.79 -29.25 9.84
N PHE A 1075 13.02 -30.33 9.79
CA PHE A 1075 11.58 -30.23 9.54
C PHE A 1075 10.89 -29.47 10.67
N LEU A 1076 11.30 -29.72 11.91
CA LEU A 1076 10.70 -29.03 13.05
C LEU A 1076 10.93 -27.53 12.98
N HIS A 1077 12.14 -27.11 12.61
CA HIS A 1077 12.44 -25.68 12.52
C HIS A 1077 11.58 -25.00 11.49
N ASN A 1078 11.32 -25.67 10.36
CA ASN A 1078 10.41 -25.11 9.36
C ASN A 1078 8.98 -25.05 9.87
N LEU A 1079 8.58 -26.02 10.70
CA LEU A 1079 7.25 -25.97 11.31
C LEU A 1079 7.09 -24.74 12.18
N GLN A 1080 8.15 -24.38 12.93
CA GLN A 1080 8.09 -23.18 13.77
C GLN A 1080 8.09 -21.91 12.92
N GLN A 1081 8.86 -21.90 11.83
CA GLN A 1081 8.86 -20.75 10.94
C GLN A 1081 7.52 -20.55 10.26
N VAL A 1082 6.91 -21.65 9.77
CA VAL A 1082 5.60 -21.56 9.17
C VAL A 1082 4.57 -21.07 10.19
N LYS A 1083 4.66 -21.57 11.43
CA LYS A 1083 3.81 -21.05 12.50
C LYS A 1083 4.05 -19.57 12.73
N ALA A 1084 5.31 -19.15 12.72
CA ALA A 1084 5.63 -17.74 12.94
C ALA A 1084 5.09 -16.86 11.82
N LYS A 1085 5.08 -17.37 10.58
CA LYS A 1085 4.54 -16.60 9.47
C LYS A 1085 3.01 -16.67 9.39
N LEU A 1086 2.43 -17.78 9.85
CA LEU A 1086 0.99 -17.99 9.70
C LEU A 1086 0.18 -17.09 10.64
N LEU A 1087 0.60 -17.02 11.91
CA LEU A 1087 -0.20 -16.31 12.90
C LEU A 1087 -0.46 -14.85 12.55
N PRO A 1088 0.50 -14.07 12.04
CA PRO A 1088 0.14 -12.71 11.57
C PRO A 1088 -0.92 -12.72 10.48
N ALA A 1089 -0.85 -13.69 9.56
CA ALA A 1089 -1.86 -13.78 8.51
C ALA A 1089 -3.24 -14.06 9.08
N LEU A 1090 -3.33 -15.02 10.01
CA LEU A 1090 -4.62 -15.33 10.62
C LEU A 1090 -5.14 -14.18 11.46
N GLN A 1091 -4.25 -13.35 12.01
CA GLN A 1091 -4.69 -12.21 12.79
C GLN A 1091 -5.24 -11.10 11.91
N ASN A 1092 -4.75 -10.99 10.68
CA ASN A 1092 -5.26 -10.01 9.72
C ASN A 1092 -6.03 -10.69 8.60
N GLN A 1093 -6.75 -11.76 8.93
CA GLN A 1093 -7.40 -12.59 7.92
C GLN A 1093 -8.67 -11.97 7.36
N TYR A 1094 -9.22 -10.93 7.99
CA TYR A 1094 -10.52 -10.40 7.61
C TYR A 1094 -10.44 -9.20 6.67
N VAL A 1095 -9.33 -9.05 5.96
CA VAL A 1095 -9.23 -8.10 4.86
C VAL A 1095 -9.68 -8.82 3.59
N PRO A 1096 -10.72 -8.34 2.91
CA PRO A 1096 -11.19 -9.03 1.71
C PRO A 1096 -10.09 -9.22 0.68
N PHE A 1097 -10.15 -10.35 -0.02
CA PHE A 1097 -9.11 -10.70 -0.99
C PHE A 1097 -8.97 -9.62 -2.05
N ASP A 1098 -10.09 -9.01 -2.47
CA ASP A 1098 -10.03 -7.97 -3.48
C ASP A 1098 -9.28 -6.73 -2.98
N LYS A 1099 -9.40 -6.48 -1.67
CA LYS A 1099 -8.70 -5.35 -1.01
C LYS A 1099 -7.20 -5.68 -0.97
N ILE A 1100 -6.86 -6.94 -0.68
CA ILE A 1100 -5.46 -7.36 -0.66
C ILE A 1100 -4.86 -7.18 -2.05
N LEU A 1101 -5.65 -7.41 -3.09
CA LEU A 1101 -5.18 -7.16 -4.46
C LEU A 1101 -4.92 -5.68 -4.69
N GLU A 1102 -5.83 -4.83 -4.19
CA GLU A 1102 -5.65 -3.38 -4.31
C GLU A 1102 -4.36 -2.93 -3.61
N ALA A 1103 -4.19 -3.34 -2.35
CA ALA A 1103 -3.03 -2.91 -1.57
C ALA A 1103 -1.70 -3.39 -2.17
N ALA A 1104 -1.73 -4.45 -2.97
CA ALA A 1104 -0.51 -5.02 -3.54
C ALA A 1104 -0.17 -4.46 -4.91
N ARG A 1105 -0.98 -3.54 -5.45
CA ARG A 1105 -0.78 -2.98 -6.79
C ARG A 1105 -0.79 -4.06 -7.86
N VAL A 1106 -1.58 -5.11 -7.65
CA VAL A 1106 -1.65 -6.25 -8.57
C VAL A 1106 -3.09 -6.43 -9.01
N LYS A 1107 -3.28 -6.78 -10.28
CA LYS A 1107 -4.61 -6.99 -10.85
C LYS A 1107 -4.63 -8.31 -11.61
N ARG A 1108 -5.85 -8.82 -11.82
CA ARG A 1108 -6.04 -10.09 -12.52
C ARG A 1108 -5.69 -9.91 -13.99
N GLU A 1109 -4.54 -10.47 -14.40
CA GLU A 1109 -4.06 -10.32 -15.76
C GLU A 1109 -3.41 -11.62 -16.22
N GLY A 1110 -3.53 -11.90 -17.51
CA GLY A 1110 -2.77 -12.96 -18.14
C GLY A 1110 -3.24 -14.36 -17.80
N ASN A 1111 -2.34 -15.32 -18.01
CA ASN A 1111 -2.62 -16.73 -17.86
C ASN A 1111 -2.36 -17.26 -16.46
N ARG A 1112 -1.95 -16.41 -15.52
CA ARG A 1112 -1.74 -16.82 -14.14
C ARG A 1112 -2.80 -16.20 -13.24
N HIS A 1113 -3.06 -16.89 -12.14
CA HIS A 1113 -3.95 -16.37 -11.11
C HIS A 1113 -3.22 -15.32 -10.28
N PRO A 1114 -3.95 -14.31 -9.74
CA PRO A 1114 -3.31 -13.09 -9.23
C PRO A 1114 -2.11 -13.13 -8.29
N LEU A 1115 -2.20 -13.90 -7.21
CA LEU A 1115 -1.17 -13.92 -6.19
C LEU A 1115 -0.62 -15.33 -6.06
N PHE A 1116 -1.45 -16.35 -6.30
CA PHE A 1116 -1.03 -17.73 -6.09
C PHE A 1116 -1.68 -18.61 -7.14
N ASP A 1117 -1.05 -19.76 -7.38
CA ASP A 1117 -1.58 -20.77 -8.29
C ASP A 1117 -1.98 -22.05 -7.58
N VAL A 1118 -1.56 -22.25 -6.34
CA VAL A 1118 -1.89 -23.44 -5.56
C VAL A 1118 -2.78 -23.02 -4.40
N MET A 1119 -3.97 -23.62 -4.33
CA MET A 1119 -4.87 -23.43 -3.20
C MET A 1119 -4.72 -24.60 -2.24
N PHE A 1120 -4.63 -24.29 -0.95
CA PHE A 1120 -4.62 -25.30 0.10
C PHE A 1120 -5.84 -25.10 0.98
N MET A 1121 -6.83 -25.97 0.83
CA MET A 1121 -8.02 -25.97 1.66
C MET A 1121 -7.95 -27.08 2.69
N MET A 1122 -8.57 -26.85 3.84
CA MET A 1122 -8.59 -27.85 4.90
C MET A 1122 -9.82 -27.66 5.76
N GLN A 1123 -10.58 -28.73 5.94
CA GLN A 1123 -11.77 -28.73 6.79
C GLN A 1123 -11.70 -29.92 7.73
N GLY A 1124 -12.07 -29.70 8.98
CA GLY A 1124 -12.02 -30.74 9.98
C GLY A 1124 -12.97 -31.90 9.74
N ALA A 1125 -13.04 -32.81 10.69
CA ALA A 1125 -13.92 -33.97 10.55
C ALA A 1125 -15.38 -33.51 10.49
N PRO A 1126 -16.24 -34.31 9.87
CA PRO A 1126 -17.67 -33.95 9.85
C PRO A 1126 -18.24 -33.87 11.26
N GLU A 1127 -19.14 -32.92 11.46
CA GLU A 1127 -19.79 -32.78 12.76
C GLU A 1127 -20.87 -33.83 13.01
N THR A 1128 -21.40 -34.44 11.95
CA THR A 1128 -22.49 -35.39 12.06
C THR A 1128 -22.25 -36.56 11.12
N GLU A 1129 -23.00 -37.64 11.33
CA GLU A 1129 -22.93 -38.79 10.44
C GLU A 1129 -23.39 -38.43 9.04
N LEU A 1130 -24.45 -37.65 8.93
CA LEU A 1130 -24.97 -37.25 7.63
C LEU A 1130 -23.93 -36.45 6.86
N GLU A 1131 -23.21 -35.55 7.55
CA GLU A 1131 -22.14 -34.79 6.91
C GLU A 1131 -21.01 -35.70 6.44
N SER A 1132 -20.79 -36.82 7.13
CA SER A 1132 -19.73 -37.74 6.74
C SER A 1132 -20.05 -38.42 5.41
N ASN A 1133 -21.32 -38.76 5.18
CA ASN A 1133 -21.72 -39.42 3.95
C ASN A 1133 -21.93 -38.46 2.79
N MET A 1134 -21.69 -37.17 2.98
CA MET A 1134 -21.76 -36.20 1.89
C MET A 1134 -20.50 -36.29 1.05
N HIS A 1135 -20.66 -36.63 -0.23
CA HIS A 1135 -19.53 -36.73 -1.16
C HIS A 1135 -19.49 -35.48 -2.02
N HIS A 1136 -18.40 -34.72 -1.92
CA HIS A 1136 -18.25 -33.53 -2.75
C HIS A 1136 -18.02 -33.94 -4.20
N ILE A 1137 -18.94 -33.55 -5.08
CA ILE A 1137 -18.88 -33.90 -6.49
C ILE A 1137 -18.21 -32.76 -7.24
N ASN A 1138 -17.06 -33.05 -7.84
CA ASN A 1138 -16.39 -32.11 -8.73
C ASN A 1138 -16.86 -32.36 -10.15
N ALA A 1139 -17.51 -31.38 -10.75
CA ALA A 1139 -18.04 -31.49 -12.12
C ALA A 1139 -17.00 -31.15 -13.17
N GLY A 1140 -15.75 -31.58 -12.98
CA GLY A 1140 -14.68 -31.27 -13.91
C GLY A 1140 -14.30 -29.80 -13.88
N ILE A 1141 -14.04 -29.29 -12.67
CA ILE A 1141 -13.78 -27.87 -12.46
C ILE A 1141 -12.52 -27.74 -11.61
N SER A 1142 -11.67 -26.77 -11.96
CA SER A 1142 -10.48 -26.44 -11.17
C SER A 1142 -10.37 -24.93 -11.11
N LYS A 1143 -10.67 -24.35 -9.95
CA LYS A 1143 -10.66 -22.89 -9.81
C LYS A 1143 -9.26 -22.31 -9.94
N PHE A 1144 -8.23 -23.10 -9.67
CA PHE A 1144 -6.84 -22.69 -9.84
C PHE A 1144 -6.11 -23.80 -10.59
N ASP A 1145 -4.79 -23.61 -10.76
CA ASP A 1145 -3.98 -24.65 -11.38
C ASP A 1145 -4.04 -25.94 -10.58
N LEU A 1146 -3.96 -25.83 -9.25
CA LEU A 1146 -3.95 -27.00 -8.38
C LEU A 1146 -4.53 -26.62 -7.03
N THR A 1147 -5.37 -27.50 -6.49
CA THR A 1147 -5.95 -27.31 -5.16
C THR A 1147 -5.76 -28.59 -4.37
N LEU A 1148 -5.07 -28.47 -3.23
CA LEU A 1148 -4.92 -29.57 -2.28
C LEU A 1148 -5.90 -29.36 -1.13
N GLU A 1149 -6.95 -30.18 -1.09
CA GLU A 1149 -7.96 -30.11 -0.04
C GLU A 1149 -7.82 -31.35 0.84
N VAL A 1150 -7.15 -31.19 1.98
CA VAL A 1150 -7.05 -32.27 2.96
C VAL A 1150 -8.34 -32.31 3.75
N LEU A 1151 -9.03 -33.45 3.73
CA LEU A 1151 -10.28 -33.64 4.44
C LEU A 1151 -10.13 -34.79 5.42
N GLU A 1152 -10.30 -34.50 6.70
CA GLU A 1152 -10.34 -35.55 7.72
C GLU A 1152 -11.62 -36.36 7.54
N ARG A 1153 -11.50 -37.57 7.00
CA ARG A 1153 -12.65 -38.43 6.75
C ARG A 1153 -12.33 -39.85 7.21
N GLU A 1154 -13.21 -40.42 8.02
CA GLU A 1154 -13.09 -41.81 8.49
C GLU A 1154 -11.74 -42.05 9.16
N ASN A 1155 -11.33 -41.10 10.00
CA ASN A 1155 -10.10 -41.13 10.80
C ASN A 1155 -8.84 -41.07 9.94
N GLY A 1156 -8.98 -40.91 8.63
CA GLY A 1156 -7.87 -40.72 7.74
C GLY A 1156 -7.84 -39.32 7.14
N LEU A 1157 -7.04 -39.17 6.09
CA LEU A 1157 -6.93 -37.92 5.37
C LEU A 1157 -7.19 -38.17 3.89
N ASN A 1158 -8.29 -37.60 3.38
CA ASN A 1158 -8.58 -37.62 1.96
C ASN A 1158 -7.89 -36.42 1.32
N ILE A 1159 -6.69 -36.64 0.79
CA ILE A 1159 -5.91 -35.58 0.17
C ILE A 1159 -6.36 -35.48 -1.29
N VAL A 1160 -7.27 -34.56 -1.56
CA VAL A 1160 -7.82 -34.39 -2.90
C VAL A 1160 -6.89 -33.49 -3.72
N PHE A 1161 -6.39 -34.02 -4.83
CA PHE A 1161 -5.58 -33.27 -5.79
C PHE A 1161 -6.50 -32.77 -6.90
N GLU A 1162 -7.01 -31.55 -6.75
CA GLU A 1162 -7.79 -30.90 -7.80
C GLU A 1162 -6.82 -30.17 -8.72
N TYR A 1163 -6.69 -30.66 -9.96
CA TYR A 1163 -5.68 -30.17 -10.88
C TYR A 1163 -6.32 -29.78 -12.21
N ASN A 1164 -5.71 -28.81 -12.88
CA ASN A 1164 -6.17 -28.37 -14.19
C ASN A 1164 -5.81 -29.41 -15.25
N THR A 1165 -6.83 -29.93 -15.95
CA THR A 1165 -6.60 -30.98 -16.92
C THR A 1165 -5.82 -30.49 -18.14
N HIS A 1166 -5.85 -29.19 -18.43
CA HIS A 1166 -5.04 -28.66 -19.51
C HIS A 1166 -3.57 -28.50 -19.13
N LEU A 1167 -3.26 -28.52 -17.83
CA LEU A 1167 -1.89 -28.37 -17.36
C LEU A 1167 -1.24 -29.67 -16.95
N PHE A 1168 -2.02 -30.69 -16.61
CA PHE A 1168 -1.48 -31.97 -16.18
C PHE A 1168 -2.28 -33.11 -16.79
N ASP A 1169 -1.59 -34.07 -17.39
CA ASP A 1169 -2.24 -35.31 -17.79
C ASP A 1169 -2.56 -36.15 -16.55
N GLU A 1170 -3.36 -37.19 -16.76
CA GLU A 1170 -3.67 -38.09 -15.65
C GLU A 1170 -2.41 -38.80 -15.14
N GLY A 1171 -1.47 -39.10 -16.04
CA GLY A 1171 -0.22 -39.70 -15.60
C GLY A 1171 0.68 -38.72 -14.87
N MET A 1172 0.61 -37.43 -15.24
CA MET A 1172 1.44 -36.44 -14.57
C MET A 1172 1.02 -36.25 -13.12
N ILE A 1173 -0.29 -36.23 -12.86
CA ILE A 1173 -0.75 -36.02 -11.48
C ILE A 1173 -0.50 -37.26 -10.64
N LEU A 1174 -0.73 -38.46 -11.21
CA LEU A 1174 -0.46 -39.69 -10.48
C LEU A 1174 1.00 -39.77 -10.06
N ARG A 1175 1.90 -39.15 -10.81
CA ARG A 1175 3.30 -39.07 -10.40
C ARG A 1175 3.49 -38.06 -9.28
N MET A 1176 3.00 -36.83 -9.48
CA MET A 1176 3.08 -35.81 -8.44
C MET A 1176 2.44 -36.29 -7.15
N VAL A 1177 1.31 -37.01 -7.25
CA VAL A 1177 0.68 -37.59 -6.08
C VAL A 1177 1.61 -38.61 -5.43
N ALA A 1178 2.20 -39.49 -6.24
CA ALA A 1178 3.14 -40.47 -5.71
C ALA A 1178 4.35 -39.78 -5.07
N GLN A 1179 4.82 -38.68 -5.67
CA GLN A 1179 5.91 -37.91 -5.07
C GLN A 1179 5.51 -37.34 -3.72
N PHE A 1180 4.31 -36.74 -3.65
CA PHE A 1180 3.83 -36.17 -2.40
C PHE A 1180 3.71 -37.24 -1.32
N GLU A 1181 3.19 -38.41 -1.68
CA GLU A 1181 3.10 -39.51 -0.72
C GLU A 1181 4.48 -39.92 -0.23
N HIS A 1182 5.42 -40.12 -1.15
CA HIS A 1182 6.78 -40.48 -0.78
C HIS A 1182 7.40 -39.43 0.15
N LEU A 1183 7.18 -38.15 -0.16
CA LEU A 1183 7.74 -37.08 0.67
C LEU A 1183 7.06 -37.03 2.03
N LEU A 1184 5.74 -37.19 2.07
CA LEU A 1184 5.02 -37.21 3.34
C LEU A 1184 5.51 -38.34 4.24
N LEU A 1185 5.78 -39.51 3.65
CA LEU A 1185 6.26 -40.64 4.43
C LEU A 1185 7.66 -40.42 4.98
N GLN A 1186 8.47 -39.63 4.27
CA GLN A 1186 9.81 -39.31 4.78
C GLN A 1186 9.74 -38.28 5.90
N ALA A 1187 8.80 -37.34 5.82
CA ALA A 1187 8.69 -36.30 6.84
C ALA A 1187 8.23 -36.88 8.17
N VAL A 1188 7.22 -37.76 8.14
CA VAL A 1188 6.71 -38.35 9.38
C VAL A 1188 7.78 -39.22 10.03
N HIS A 1189 8.62 -39.86 9.22
CA HIS A 1189 9.69 -40.73 9.73
C HIS A 1189 11.00 -39.99 9.91
N GLY A 1190 11.07 -38.71 9.55
CA GLY A 1190 12.28 -37.93 9.70
C GLY A 1190 12.02 -36.53 10.24
N LEU A 1191 11.49 -36.46 11.46
CA LEU A 1191 11.17 -35.16 12.04
C LEU A 1191 12.42 -34.34 12.29
N ASP A 1192 13.47 -34.95 12.84
CA ASP A 1192 14.71 -34.26 13.16
C ASP A 1192 15.69 -34.24 12.00
N GLN A 1193 15.37 -34.88 10.88
CA GLN A 1193 16.23 -34.87 9.72
C GLN A 1193 16.09 -33.55 8.96
N GLN A 1194 17.19 -33.12 8.37
CA GLN A 1194 17.17 -31.92 7.54
C GLN A 1194 16.32 -32.14 6.30
N VAL A 1195 15.51 -31.14 5.95
CA VAL A 1195 14.59 -31.26 4.83
C VAL A 1195 15.33 -31.53 3.53
N LYS A 1196 16.56 -31.01 3.40
CA LYS A 1196 17.34 -31.23 2.19
C LYS A 1196 17.63 -32.70 1.92
N ARG A 1197 17.56 -33.55 2.94
CA ARG A 1197 17.84 -34.97 2.78
C ARG A 1197 16.65 -35.77 2.30
N PHE A 1198 15.46 -35.17 2.22
CA PHE A 1198 14.28 -35.89 1.77
C PHE A 1198 14.24 -35.94 0.25
N GLU A 1199 14.13 -37.13 -0.30
CA GLU A 1199 14.06 -37.32 -1.75
C GLU A 1199 12.64 -37.13 -2.24
N LEU A 1200 12.51 -36.50 -3.40
CA LEU A 1200 11.23 -36.30 -4.06
C LEU A 1200 10.98 -37.31 -5.17
N VAL A 1201 12.00 -37.63 -5.96
CA VAL A 1201 11.88 -38.62 -7.02
C VAL A 1201 11.83 -40.01 -6.40
N THR A 1202 10.91 -40.84 -6.89
CA THR A 1202 10.77 -42.18 -6.36
C THR A 1202 11.77 -43.14 -7.01
N GLU A 1203 11.95 -44.29 -6.37
CA GLU A 1203 12.89 -45.29 -6.88
C GLU A 1203 12.45 -45.86 -8.23
N ASP A 1204 11.13 -45.99 -8.45
CA ASP A 1204 10.65 -46.48 -9.74
C ASP A 1204 10.93 -45.49 -10.86
N GLU A 1205 10.93 -44.19 -10.56
CA GLU A 1205 11.28 -43.21 -11.58
C GLU A 1205 12.76 -43.27 -11.93
N LYS A 1206 13.62 -43.59 -10.95
CA LYS A 1206 15.03 -43.76 -11.22
C LYS A 1206 15.29 -44.98 -12.11
N ARG A 1207 14.62 -46.10 -11.82
CA ARG A 1207 14.81 -47.32 -12.59
C ARG A 1207 14.38 -47.11 -14.04
N ASP A 1208 13.20 -46.54 -14.26
CA ASP A 1208 12.72 -46.30 -15.62
C ASP A 1208 13.61 -45.31 -16.35
N LEU A 1209 14.16 -44.31 -15.65
CA LEU A 1209 15.07 -43.37 -16.30
C LEU A 1209 16.29 -44.09 -16.87
N PHE A 1210 16.82 -45.05 -16.09
CA PHE A 1210 18.01 -45.83 -16.49
C PHE A 1210 17.66 -46.74 -17.67
N LEU A 1211 16.48 -47.37 -17.63
CA LEU A 1211 16.06 -48.28 -18.70
C LEU A 1211 15.79 -47.53 -20.00
N ARG A 1212 15.12 -46.39 -19.91
CA ARG A 1212 14.73 -45.65 -21.11
C ARG A 1212 15.83 -44.75 -21.66
N VAL A 1213 16.71 -44.28 -20.77
CA VAL A 1213 17.77 -43.31 -21.20
C VAL A 1213 19.18 -43.86 -20.92
N ASN A 1214 19.40 -44.47 -19.76
CA ASN A 1214 20.73 -44.99 -19.37
C ASN A 1214 21.05 -46.33 -20.03
N ASP A 1215 20.12 -46.89 -20.79
CA ASP A 1215 20.34 -48.20 -21.47
C ASP A 1215 21.33 -47.91 -22.60
N THR A 1216 22.60 -48.30 -22.42
CA THR A 1216 23.65 -48.07 -23.45
C THR A 1216 24.80 -49.07 -23.27
N ALA A 1217 24.81 -49.81 -22.16
CA ALA A 1217 25.88 -50.79 -21.87
C ALA A 1217 26.09 -51.71 -23.09
N LYS A 1218 27.21 -51.55 -23.80
CA LYS A 1218 27.51 -52.35 -24.99
C LYS A 1218 29.01 -52.58 -25.02
N ALA A 1219 29.43 -53.82 -24.83
CA ALA A 1219 30.85 -54.15 -24.81
C ALA A 1219 31.50 -53.83 -26.16
N TYR A 1220 32.65 -53.18 -26.12
CA TYR A 1220 33.38 -52.78 -27.32
C TYR A 1220 34.81 -53.27 -27.24
N PRO A 1221 35.44 -53.55 -28.38
CA PRO A 1221 36.85 -53.94 -28.36
C PRO A 1221 37.73 -52.81 -27.83
N ASN A 1222 38.64 -53.16 -26.92
CA ASN A 1222 39.57 -52.20 -26.35
C ASN A 1222 40.82 -51.99 -27.20
N LYS A 1223 40.89 -52.65 -28.36
CA LYS A 1223 42.04 -52.47 -29.24
C LYS A 1223 42.13 -51.02 -29.69
N LEU A 1224 43.32 -50.44 -29.54
CA LEU A 1224 43.52 -49.02 -29.77
C LEU A 1224 43.24 -48.65 -31.23
N ILE A 1225 43.14 -47.34 -31.48
CA ILE A 1225 42.72 -46.87 -32.79
C ILE A 1225 43.81 -47.09 -33.83
N MET A 1226 45.07 -46.84 -33.46
CA MET A 1226 46.15 -47.07 -34.42
C MET A 1226 46.40 -48.57 -34.64
N SER A 1227 46.13 -49.40 -33.63
CA SER A 1227 46.17 -50.84 -33.84
C SER A 1227 45.14 -51.26 -34.89
N MET A 1228 43.96 -50.63 -34.86
CA MET A 1228 42.97 -50.85 -35.91
C MET A 1228 43.46 -50.29 -37.24
N LEU A 1229 44.12 -49.12 -37.21
CA LEU A 1229 44.72 -48.57 -38.41
C LEU A 1229 45.76 -49.53 -38.99
N GLU A 1230 46.56 -50.16 -38.14
CA GLU A 1230 47.58 -51.08 -38.60
C GLU A 1230 46.95 -52.27 -39.32
N ASP A 1231 45.87 -52.69 -38.67
CA ASP A 1231 44.99 -53.80 -39.08
C ASP A 1231 44.39 -53.44 -40.44
N TRP A 1232 44.14 -52.14 -40.77
CA TRP A 1232 43.53 -52.07 -42.09
C TRP A 1232 44.56 -51.89 -43.19
N ALA A 1233 45.77 -51.42 -42.84
CA ALA A 1233 46.82 -51.32 -43.85
C ALA A 1233 47.40 -52.68 -44.20
N ALA A 1234 47.36 -53.63 -43.26
CA ALA A 1234 47.86 -54.97 -43.53
C ALA A 1234 46.86 -55.80 -44.32
N ALA A 1235 45.56 -55.59 -44.10
CA ALA A 1235 44.54 -56.40 -44.77
C ALA A 1235 44.26 -55.88 -46.18
N THR A 1236 44.07 -54.58 -46.33
CA THR A 1236 43.78 -53.95 -47.62
C THR A 1236 44.73 -52.78 -47.84
N PRO A 1237 46.00 -53.06 -48.17
CA PRO A 1237 46.97 -51.96 -48.31
C PRO A 1237 46.57 -50.89 -49.32
N ASP A 1238 46.14 -51.30 -50.52
CA ASP A 1238 45.95 -50.37 -51.62
C ASP A 1238 44.60 -49.66 -51.60
N LYS A 1239 43.79 -49.90 -50.57
CA LYS A 1239 42.45 -49.26 -50.48
C LYS A 1239 42.61 -47.75 -50.24
N THR A 1240 41.90 -46.92 -51.03
CA THR A 1240 41.97 -45.48 -50.88
C THR A 1240 41.53 -45.07 -49.47
N ALA A 1241 42.41 -44.38 -48.77
CA ALA A 1241 42.19 -44.02 -47.37
C ALA A 1241 41.98 -42.53 -47.15
N LEU A 1242 42.73 -41.67 -47.84
CA LEU A 1242 42.63 -40.23 -47.69
C LEU A 1242 42.43 -39.58 -49.05
N VAL A 1243 41.65 -38.51 -49.09
CA VAL A 1243 41.39 -37.79 -50.32
C VAL A 1243 41.49 -36.29 -50.09
N PHE A 1244 42.61 -35.69 -50.49
CA PHE A 1244 42.83 -34.25 -50.40
C PHE A 1244 43.07 -33.74 -51.82
N ARG A 1245 42.02 -33.22 -52.44
CA ARG A 1245 42.07 -32.68 -53.80
C ARG A 1245 42.54 -33.79 -54.73
N GLU A 1246 43.71 -33.68 -55.37
CA GLU A 1246 44.18 -34.72 -56.27
C GLU A 1246 44.89 -35.86 -55.54
N GLN A 1247 45.19 -35.69 -54.24
CA GLN A 1247 45.85 -36.74 -53.48
C GLN A 1247 44.81 -37.78 -53.06
N ARG A 1248 45.10 -39.06 -53.35
CA ARG A 1248 44.25 -40.17 -52.98
C ARG A 1248 45.11 -41.24 -52.28
N VAL A 1249 45.64 -40.88 -51.11
CA VAL A 1249 46.54 -41.75 -50.37
C VAL A 1249 45.83 -43.04 -49.99
N THR A 1250 46.55 -44.15 -50.11
CA THR A 1250 46.04 -45.46 -49.70
C THR A 1250 46.40 -45.74 -48.24
N TYR A 1251 45.86 -46.85 -47.73
CA TYR A 1251 46.14 -47.23 -46.35
C TYR A 1251 47.61 -47.55 -46.14
N ARG A 1252 48.22 -48.27 -47.09
CA ARG A 1252 49.63 -48.61 -46.97
C ARG A 1252 50.50 -47.36 -47.07
N GLU A 1253 50.14 -46.42 -47.96
CA GLU A 1253 50.89 -45.18 -48.07
C GLU A 1253 50.76 -44.35 -46.80
N LEU A 1254 49.54 -44.24 -46.26
CA LEU A 1254 49.33 -43.45 -45.05
C LEU A 1254 50.06 -44.06 -43.85
N ASN A 1255 49.89 -45.37 -43.65
CA ASN A 1255 50.42 -46.02 -42.45
C ASN A 1255 51.94 -45.89 -42.38
N GLU A 1256 52.63 -46.04 -43.52
CA GLU A 1256 54.08 -46.00 -43.51
C GLU A 1256 54.60 -44.60 -43.19
N ARG A 1257 54.02 -43.58 -43.82
CA ARG A 1257 54.41 -42.21 -43.51
C ARG A 1257 54.19 -41.89 -42.03
N VAL A 1258 53.10 -42.43 -41.46
CA VAL A 1258 52.87 -42.28 -40.02
C VAL A 1258 53.99 -42.96 -39.23
N ASN A 1259 54.39 -44.17 -39.64
CA ASN A 1259 55.44 -44.89 -38.94
C ASN A 1259 56.77 -44.14 -38.98
N GLN A 1260 57.02 -43.40 -40.06
CA GLN A 1260 58.23 -42.59 -40.13
C GLN A 1260 58.29 -41.57 -39.00
N LEU A 1261 57.23 -40.78 -38.83
CA LEU A 1261 57.21 -39.74 -37.82
C LEU A 1261 57.09 -40.30 -36.42
N ALA A 1262 56.66 -41.56 -36.27
CA ALA A 1262 56.51 -42.13 -34.94
C ALA A 1262 57.86 -42.40 -34.29
N HIS A 1263 58.84 -42.86 -35.08
CA HIS A 1263 60.12 -43.23 -34.50
C HIS A 1263 60.89 -42.01 -34.00
N THR A 1264 60.85 -40.91 -34.76
CA THR A 1264 61.59 -39.71 -34.34
C THR A 1264 60.98 -39.10 -33.09
N LEU A 1265 59.69 -39.33 -32.84
CA LEU A 1265 59.11 -38.93 -31.56
C LEU A 1265 59.60 -39.83 -30.43
N ARG A 1266 59.64 -41.14 -30.67
CA ARG A 1266 60.21 -42.05 -29.69
C ARG A 1266 61.69 -41.77 -29.46
N GLU A 1267 62.39 -41.31 -30.49
CA GLU A 1267 63.80 -40.97 -30.37
C GLU A 1267 64.01 -39.73 -29.51
N LYS A 1268 62.96 -38.95 -29.25
CA LYS A 1268 63.05 -37.71 -28.49
C LYS A 1268 62.28 -37.82 -27.17
N GLY A 1269 62.31 -38.99 -26.56
CA GLY A 1269 61.75 -39.18 -25.23
C GLY A 1269 60.25 -38.92 -25.12
N VAL A 1270 59.46 -39.56 -25.96
CA VAL A 1270 58.00 -39.46 -25.90
C VAL A 1270 57.49 -40.70 -25.19
N GLN A 1271 57.14 -40.55 -23.93
CA GLN A 1271 56.45 -41.57 -23.16
C GLN A 1271 54.95 -41.37 -23.27
N PRO A 1272 54.14 -42.30 -22.78
CA PRO A 1272 52.70 -42.04 -22.68
C PRO A 1272 52.43 -40.85 -21.76
N ASP A 1273 51.28 -40.20 -21.98
CA ASP A 1273 50.87 -38.97 -21.32
C ASP A 1273 51.75 -37.77 -21.68
N ASP A 1274 52.66 -37.93 -22.65
CA ASP A 1274 53.46 -36.80 -23.11
C ASP A 1274 52.57 -35.90 -23.97
N LEU A 1275 52.64 -34.59 -23.72
CA LEU A 1275 51.79 -33.63 -24.41
C LEU A 1275 52.55 -33.07 -25.60
N VAL A 1276 52.25 -33.60 -26.79
CA VAL A 1276 52.85 -33.11 -28.02
C VAL A 1276 51.93 -32.06 -28.62
N MET A 1277 52.48 -30.88 -28.90
CA MET A 1277 51.69 -29.77 -29.41
C MET A 1277 51.68 -29.79 -30.93
N LEU A 1278 50.55 -29.38 -31.50
CA LEU A 1278 50.36 -29.33 -32.95
C LEU A 1278 49.72 -28.01 -33.32
N MET A 1279 50.14 -27.44 -34.45
CA MET A 1279 49.50 -26.26 -35.01
C MET A 1279 49.58 -26.32 -36.53
N ALA A 1280 49.17 -27.45 -37.10
CA ALA A 1280 49.19 -27.68 -38.54
C ALA A 1280 47.76 -27.59 -39.05
N GLU A 1281 47.50 -26.60 -39.90
CA GLU A 1281 46.18 -26.43 -40.47
C GLU A 1281 45.84 -27.63 -41.36
N ARG A 1282 44.60 -27.65 -41.85
CA ARG A 1282 44.07 -28.81 -42.55
C ARG A 1282 44.93 -29.19 -43.74
N SER A 1283 45.47 -30.40 -43.70
CA SER A 1283 46.30 -30.95 -44.76
C SER A 1283 46.56 -32.42 -44.44
N VAL A 1284 47.15 -33.12 -45.40
CA VAL A 1284 47.53 -34.52 -45.19
C VAL A 1284 48.57 -34.62 -44.08
N GLU A 1285 49.33 -33.54 -43.85
CA GLU A 1285 50.32 -33.53 -42.78
C GLU A 1285 49.66 -33.60 -41.41
N MET A 1286 48.45 -33.04 -41.27
CA MET A 1286 47.73 -33.13 -40.00
C MET A 1286 47.48 -34.58 -39.61
N MET A 1287 46.95 -35.37 -40.55
CA MET A 1287 46.69 -36.79 -40.27
C MET A 1287 47.99 -37.52 -39.93
N VAL A 1288 49.05 -37.27 -40.70
CA VAL A 1288 50.34 -37.89 -40.42
C VAL A 1288 50.82 -37.50 -39.02
N ALA A 1289 50.62 -36.23 -38.65
CA ALA A 1289 51.04 -35.79 -37.32
C ALA A 1289 50.23 -36.47 -36.22
N ILE A 1290 48.91 -36.55 -36.39
CA ILE A 1290 48.05 -37.06 -35.32
C ILE A 1290 48.32 -38.54 -35.07
N PHE A 1291 48.20 -39.37 -36.12
CA PHE A 1291 48.39 -40.81 -35.94
C PHE A 1291 49.80 -41.14 -35.45
N ALA A 1292 50.81 -40.39 -35.89
CA ALA A 1292 52.17 -40.65 -35.42
C ALA A 1292 52.33 -40.31 -33.94
N VAL A 1293 51.84 -39.14 -33.53
CA VAL A 1293 51.83 -38.80 -32.11
C VAL A 1293 51.03 -39.83 -31.32
N LEU A 1294 49.96 -40.35 -31.93
CA LEU A 1294 49.21 -41.44 -31.29
C LEU A 1294 50.03 -42.70 -31.19
N LYS A 1295 50.73 -43.08 -32.27
CA LYS A 1295 51.57 -44.27 -32.22
C LYS A 1295 52.70 -44.10 -31.23
N ALA A 1296 53.30 -42.90 -31.17
CA ALA A 1296 54.40 -42.67 -30.26
C ALA A 1296 54.00 -42.90 -28.81
N GLY A 1297 52.76 -42.56 -28.46
CA GLY A 1297 52.24 -42.73 -27.12
C GLY A 1297 51.76 -41.45 -26.47
N GLY A 1298 52.25 -40.29 -26.92
CA GLY A 1298 51.85 -39.03 -26.34
C GLY A 1298 50.57 -38.47 -26.92
N ALA A 1299 50.01 -37.49 -26.23
CA ALA A 1299 48.78 -36.84 -26.65
C ALA A 1299 49.11 -35.68 -27.59
N TYR A 1300 48.29 -35.53 -28.63
CA TYR A 1300 48.47 -34.44 -29.59
C TYR A 1300 47.59 -33.27 -29.18
N LEU A 1301 48.19 -32.08 -29.10
CA LEU A 1301 47.53 -30.88 -28.61
C LEU A 1301 47.40 -29.87 -29.75
N PRO A 1302 46.25 -29.76 -30.40
CA PRO A 1302 46.10 -28.83 -31.51
C PRO A 1302 46.16 -27.37 -31.06
N ILE A 1303 46.69 -26.53 -31.95
CA ILE A 1303 46.72 -25.08 -31.75
C ILE A 1303 46.35 -24.43 -33.08
N ASP A 1304 45.64 -23.32 -33.01
CA ASP A 1304 45.28 -22.58 -34.23
C ASP A 1304 46.44 -21.68 -34.64
N PRO A 1305 46.99 -21.83 -35.84
CA PRO A 1305 48.09 -20.95 -36.27
C PRO A 1305 47.71 -19.47 -36.31
N HIS A 1306 46.43 -19.14 -36.40
CA HIS A 1306 45.98 -17.76 -36.49
C HIS A 1306 45.68 -17.15 -35.13
N SER A 1307 46.05 -17.83 -34.03
CA SER A 1307 45.78 -17.29 -32.71
C SER A 1307 46.92 -16.36 -32.26
N PRO A 1308 46.60 -15.39 -31.41
CA PRO A 1308 47.65 -14.47 -30.93
C PRO A 1308 48.76 -15.22 -30.22
N ALA A 1309 49.95 -14.60 -30.22
CA ALA A 1309 51.12 -15.25 -29.64
C ALA A 1309 51.02 -15.33 -28.11
N GLU A 1310 50.29 -14.40 -27.48
CA GLU A 1310 50.16 -14.43 -26.03
C GLU A 1310 49.47 -15.69 -25.55
N ARG A 1311 48.57 -16.26 -26.37
CA ARG A 1311 47.84 -17.45 -25.97
C ARG A 1311 48.66 -18.72 -26.23
N ILE A 1312 49.36 -18.76 -27.36
CA ILE A 1312 50.24 -19.90 -27.65
C ILE A 1312 51.32 -20.00 -26.58
N ALA A 1313 51.88 -18.86 -26.16
CA ALA A 1313 52.84 -18.88 -25.07
C ALA A 1313 52.18 -19.27 -23.76
N TYR A 1314 50.95 -18.81 -23.52
CA TYR A 1314 50.22 -19.21 -22.32
C TYR A 1314 49.95 -20.71 -22.33
N ILE A 1315 49.37 -21.22 -23.42
CA ILE A 1315 49.03 -22.64 -23.50
C ILE A 1315 50.27 -23.50 -23.29
N PHE A 1316 51.35 -23.18 -24.02
CA PHE A 1316 52.58 -23.95 -23.90
C PHE A 1316 53.12 -23.90 -22.47
N ALA A 1317 53.14 -22.72 -21.86
CA ALA A 1317 53.66 -22.59 -20.51
C ALA A 1317 52.82 -23.38 -19.52
N ASP A 1318 51.49 -23.25 -19.61
CA ASP A 1318 50.61 -23.98 -18.71
C ASP A 1318 50.60 -25.48 -19.04
N SER A 1319 50.76 -25.85 -20.31
CA SER A 1319 50.73 -27.26 -20.66
C SER A 1319 52.00 -27.99 -20.25
N GLY A 1320 53.14 -27.30 -20.24
CA GLY A 1320 54.39 -27.97 -19.99
C GLY A 1320 54.74 -29.01 -21.03
N ALA A 1321 54.32 -28.78 -22.29
CA ALA A 1321 54.55 -29.74 -23.35
C ALA A 1321 56.04 -29.95 -23.57
N LYS A 1322 56.39 -31.14 -24.06
CA LYS A 1322 57.80 -31.50 -24.27
C LYS A 1322 58.31 -31.07 -25.64
N LEU A 1323 57.45 -31.05 -26.65
CA LEU A 1323 57.89 -30.71 -28.00
C LEU A 1323 56.67 -30.30 -28.82
N VAL A 1324 56.94 -29.69 -29.98
CA VAL A 1324 55.91 -29.17 -30.87
C VAL A 1324 56.22 -29.63 -32.29
N LEU A 1325 55.21 -30.15 -32.98
CA LEU A 1325 55.28 -30.42 -34.41
C LEU A 1325 54.35 -29.43 -35.12
N ALA A 1326 54.91 -28.64 -36.03
CA ALA A 1326 54.17 -27.61 -36.71
C ALA A 1326 54.47 -27.64 -38.21
N GLN A 1327 53.46 -27.34 -39.02
CA GLN A 1327 53.67 -27.19 -40.44
C GLN A 1327 54.73 -26.13 -40.70
N SER A 1328 55.45 -26.28 -41.80
CA SER A 1328 56.65 -25.47 -42.11
C SER A 1328 56.48 -23.97 -41.85
N PRO A 1329 55.41 -23.29 -42.28
CA PRO A 1329 55.32 -21.85 -42.00
C PRO A 1329 55.18 -21.53 -40.52
N PHE A 1330 54.58 -22.41 -39.73
CA PHE A 1330 54.17 -22.11 -38.37
C PHE A 1330 55.22 -22.49 -37.32
N VAL A 1331 56.48 -22.64 -37.73
CA VAL A 1331 57.54 -22.88 -36.75
C VAL A 1331 57.97 -21.58 -36.09
N GLU A 1332 58.03 -20.49 -36.88
CA GLU A 1332 58.33 -19.18 -36.31
C GLU A 1332 57.20 -18.70 -35.41
N LYS A 1333 55.95 -19.01 -35.76
CA LYS A 1333 54.82 -18.65 -34.90
C LYS A 1333 54.89 -19.39 -33.57
N ALA A 1334 55.52 -20.56 -33.53
CA ALA A 1334 55.77 -21.28 -32.29
C ALA A 1334 57.08 -20.77 -31.68
N SER A 1335 57.02 -19.55 -31.17
CA SER A 1335 58.21 -18.90 -30.62
C SER A 1335 58.68 -19.59 -29.35
N MET A 1336 60.00 -19.71 -29.22
CA MET A 1336 60.64 -20.25 -28.01
C MET A 1336 60.03 -21.60 -27.61
N ALA A 1337 59.84 -22.46 -28.60
CA ALA A 1337 59.39 -23.83 -28.35
C ALA A 1337 60.63 -24.72 -28.26
N GLU A 1338 60.75 -25.45 -27.15
CA GLU A 1338 61.95 -26.21 -26.82
C GLU A 1338 62.46 -27.08 -27.96
N VAL A 1339 61.67 -28.08 -28.35
CA VAL A 1339 62.06 -29.04 -29.38
C VAL A 1339 61.00 -29.00 -30.47
N VAL A 1340 61.35 -28.40 -31.61
CA VAL A 1340 60.42 -28.25 -32.72
C VAL A 1340 60.92 -29.10 -33.87
N LEU A 1341 60.19 -30.16 -34.20
CA LEU A 1341 60.43 -30.96 -35.39
C LEU A 1341 59.45 -30.48 -36.45
N ASP A 1342 59.97 -29.77 -37.45
CA ASP A 1342 59.11 -29.23 -38.49
C ASP A 1342 58.33 -30.35 -39.17
N LEU A 1343 57.01 -30.18 -39.23
CA LEU A 1343 56.15 -31.26 -39.71
C LEU A 1343 56.37 -31.55 -41.18
N ASN A 1344 56.57 -30.50 -41.99
CA ASN A 1344 56.68 -30.70 -43.43
C ASN A 1344 58.07 -31.21 -43.83
N SER A 1345 59.11 -30.76 -43.13
CA SER A 1345 60.47 -31.11 -43.52
C SER A 1345 60.70 -32.60 -43.40
N ALA A 1346 61.44 -33.17 -44.38
CA ALA A 1346 61.72 -34.59 -44.39
C ALA A 1346 62.62 -35.03 -43.24
N SER A 1347 63.35 -34.10 -42.62
CA SER A 1347 64.27 -34.46 -41.55
C SER A 1347 63.54 -35.11 -40.38
N SER A 1348 62.32 -34.65 -40.10
CA SER A 1348 61.55 -35.18 -38.98
C SER A 1348 61.02 -36.58 -39.22
N TYR A 1349 61.23 -37.16 -40.40
CA TYR A 1349 60.74 -38.50 -40.73
C TYR A 1349 61.93 -39.46 -40.79
N ALA A 1350 61.88 -40.52 -40.00
CA ALA A 1350 62.88 -41.57 -40.05
C ALA A 1350 62.50 -42.59 -41.12
N ALA A 1351 63.52 -43.13 -41.81
CA ALA A 1351 63.27 -44.05 -42.91
C ALA A 1351 62.53 -45.31 -42.47
N ASP A 1352 62.63 -45.67 -41.19
CA ASP A 1352 61.94 -46.86 -40.68
C ASP A 1352 60.44 -46.69 -40.84
N THR A 1353 59.81 -47.67 -41.49
CA THR A 1353 58.35 -47.68 -41.69
C THR A 1353 57.68 -48.87 -41.00
N SER A 1354 58.41 -49.60 -40.17
CA SER A 1354 57.79 -50.69 -39.42
C SER A 1354 56.90 -50.13 -38.31
N ASN A 1355 55.71 -50.73 -38.17
CA ASN A 1355 54.75 -50.31 -37.16
C ASN A 1355 55.38 -50.37 -35.77
N PRO A 1356 55.55 -49.22 -35.11
CA PRO A 1356 56.20 -49.20 -33.80
C PRO A 1356 55.41 -50.01 -32.79
N PRO A 1357 56.04 -50.41 -31.67
CA PRO A 1357 55.29 -51.15 -30.65
C PRO A 1357 54.31 -50.25 -29.93
N LEU A 1358 53.12 -50.79 -29.66
CA LEU A 1358 52.03 -50.01 -29.06
C LEU A 1358 52.07 -50.19 -27.54
N VAL A 1359 52.86 -49.34 -26.89
CA VAL A 1359 52.89 -49.30 -25.43
C VAL A 1359 51.75 -48.48 -24.86
N ASN A 1360 51.02 -47.75 -25.70
CA ASN A 1360 49.88 -46.97 -25.24
C ASN A 1360 48.79 -47.88 -24.68
N GLN A 1361 48.31 -47.54 -23.49
CA GLN A 1361 47.21 -48.22 -22.84
C GLN A 1361 45.92 -47.43 -23.04
N PRO A 1362 44.76 -48.04 -22.75
CA PRO A 1362 43.50 -47.29 -22.85
C PRO A 1362 43.36 -46.17 -21.83
N GLY A 1363 44.26 -46.07 -20.85
CA GLY A 1363 44.16 -45.06 -19.82
C GLY A 1363 45.00 -43.83 -20.06
N ASP A 1364 45.94 -43.91 -21.00
CA ASP A 1364 46.79 -42.77 -21.30
C ASP A 1364 46.07 -41.76 -22.19
N LEU A 1365 46.55 -40.53 -22.15
CA LEU A 1365 45.93 -39.45 -22.92
C LEU A 1365 46.06 -39.70 -24.42
N VAL A 1366 45.01 -39.35 -25.15
CA VAL A 1366 45.03 -39.42 -26.61
C VAL A 1366 45.22 -38.03 -27.23
N TYR A 1367 44.49 -37.03 -26.73
CA TYR A 1367 44.71 -35.66 -27.14
C TYR A 1367 44.42 -34.74 -25.96
N VAL A 1368 44.79 -33.47 -26.12
CA VAL A 1368 44.50 -32.44 -25.14
C VAL A 1368 43.83 -31.29 -25.88
N MET A 1369 42.54 -31.07 -25.61
CA MET A 1369 41.76 -30.06 -26.31
C MET A 1369 41.58 -28.84 -25.42
N TYR A 1370 41.97 -27.68 -25.92
CA TYR A 1370 41.94 -26.45 -25.14
C TYR A 1370 40.64 -25.69 -25.39
N THR A 1371 40.00 -25.25 -24.31
CA THR A 1371 38.71 -24.56 -24.40
C THR A 1371 38.89 -23.05 -24.26
N LYS A 1377 41.79 -16.91 -19.70
CA LYS A 1377 42.74 -17.99 -19.53
C LYS A 1377 42.11 -19.34 -19.88
N PRO A 1378 42.45 -19.88 -21.05
CA PRO A 1378 41.85 -21.14 -21.48
C PRO A 1378 42.38 -22.31 -20.68
N LYS A 1379 41.69 -23.44 -20.81
CA LYS A 1379 42.02 -24.64 -20.07
C LYS A 1379 42.11 -25.84 -21.02
N GLY A 1380 43.00 -26.77 -20.68
CA GLY A 1380 43.21 -27.94 -21.51
C GLY A 1380 42.53 -29.19 -20.98
N VAL A 1381 41.66 -29.78 -21.79
CA VAL A 1381 40.89 -30.94 -21.38
C VAL A 1381 41.72 -32.19 -21.67
N MET A 1382 42.22 -32.83 -20.61
CA MET A 1382 42.93 -34.09 -20.74
C MET A 1382 41.92 -35.22 -20.90
N ILE A 1383 42.10 -36.04 -21.94
CA ILE A 1383 41.16 -37.11 -22.26
C ILE A 1383 41.94 -38.38 -22.56
N GLU A 1384 41.49 -39.49 -22.00
CA GLU A 1384 42.18 -40.78 -22.13
C GLU A 1384 41.77 -41.47 -23.44
N HIS A 1385 42.57 -42.49 -23.79
CA HIS A 1385 42.37 -43.19 -25.06
C HIS A 1385 41.03 -43.93 -25.08
N GLY A 1386 40.83 -44.84 -24.13
CA GLY A 1386 39.64 -45.68 -24.13
C GLY A 1386 38.34 -44.89 -24.17
N ALA A 1387 38.35 -43.68 -23.59
CA ALA A 1387 37.18 -42.81 -23.69
C ALA A 1387 36.84 -42.53 -25.14
N LEU A 1388 37.85 -42.32 -25.99
CA LEU A 1388 37.59 -42.05 -27.40
C LEU A 1388 37.14 -43.30 -28.15
N LEU A 1389 37.74 -44.46 -27.83
CA LEU A 1389 37.37 -45.69 -28.50
C LEU A 1389 35.88 -46.00 -28.34
N ASN A 1390 35.33 -45.73 -27.16
CA ASN A 1390 33.93 -46.04 -26.89
C ASN A 1390 32.99 -45.25 -27.80
N VAL A 1391 33.39 -44.04 -28.20
CA VAL A 1391 32.55 -43.21 -29.07
C VAL A 1391 32.73 -43.59 -30.53
N LEU A 1392 33.96 -43.90 -30.95
CA LEU A 1392 34.17 -44.31 -32.34
C LEU A 1392 33.42 -45.60 -32.64
N HIS A 1393 33.45 -46.56 -31.71
CA HIS A 1393 32.62 -47.74 -31.87
C HIS A 1393 31.14 -47.41 -31.67
N GLY A 1394 30.83 -46.44 -30.82
CA GLY A 1394 29.44 -46.05 -30.62
C GLY A 1394 28.84 -45.43 -31.87
N MET A 1395 29.53 -44.43 -32.43
CA MET A 1395 29.04 -43.79 -33.65
C MET A 1395 28.96 -44.79 -34.80
N GLN A 1396 29.96 -45.68 -34.90
CA GLN A 1396 29.98 -46.65 -35.99
C GLN A 1396 28.77 -47.59 -35.95
N ASP A 1397 28.30 -47.94 -34.76
CA ASP A 1397 27.10 -48.78 -34.68
C ASP A 1397 25.87 -48.04 -35.21
N GLU A 1398 25.64 -46.82 -34.73
CA GLU A 1398 24.47 -46.07 -35.16
C GLU A 1398 24.62 -45.57 -36.59
N TYR A 1399 25.78 -45.02 -36.92
CA TYR A 1399 26.03 -44.40 -38.23
C TYR A 1399 27.24 -45.06 -38.87
N PRO A 1400 27.09 -46.28 -39.39
CA PRO A 1400 28.24 -47.01 -39.94
C PRO A 1400 28.86 -46.30 -41.12
N LEU A 1401 30.15 -45.94 -40.96
CA LEU A 1401 30.96 -45.32 -42.05
C LEU A 1401 31.78 -46.47 -42.65
N LEU A 1402 31.20 -47.18 -43.63
CA LEU A 1402 31.80 -48.38 -44.18
C LEU A 1402 32.72 -48.03 -45.36
N GLN A 1403 33.28 -49.07 -45.97
CA GLN A 1403 34.25 -48.93 -47.10
C GLN A 1403 33.68 -47.98 -48.15
N ASP A 1404 32.48 -48.28 -48.67
CA ASP A 1404 31.86 -47.45 -49.71
C ASP A 1404 31.74 -46.01 -49.27
N ASP A 1405 31.66 -45.77 -47.96
CA ASP A 1405 31.25 -44.49 -47.40
C ASP A 1405 32.47 -43.64 -47.02
N ALA A 1406 32.23 -42.34 -46.90
CA ALA A 1406 33.32 -41.38 -46.68
C ALA A 1406 32.88 -40.30 -45.70
N PHE A 1407 33.88 -39.63 -45.12
CA PHE A 1407 33.70 -38.53 -44.18
C PHE A 1407 34.34 -37.27 -44.74
N LEU A 1408 33.82 -36.12 -44.34
CA LEU A 1408 34.32 -34.82 -44.77
C LEU A 1408 34.77 -34.01 -43.56
N LEU A 1409 35.93 -33.35 -43.70
CA LEU A 1409 36.54 -32.59 -42.60
C LEU A 1409 36.22 -31.11 -42.79
N LYS A 1410 35.20 -30.62 -42.08
CA LYS A 1410 34.79 -29.23 -42.17
C LYS A 1410 35.11 -28.41 -40.93
N THR A 1411 35.03 -29.02 -39.75
CA THR A 1411 35.24 -28.29 -38.50
C THR A 1411 36.72 -28.19 -38.17
N THR A 1412 37.14 -27.00 -37.75
CA THR A 1412 38.52 -26.78 -37.36
C THR A 1412 38.92 -27.73 -36.23
N TYR A 1413 40.17 -28.18 -36.26
CA TYR A 1413 40.63 -29.22 -35.34
C TYR A 1413 41.11 -28.65 -34.00
N ILE A 1414 40.83 -27.38 -33.72
CA ILE A 1414 40.89 -26.87 -32.36
C ILE A 1414 39.51 -26.96 -31.69
N PHE A 1415 38.66 -27.84 -32.17
CA PHE A 1415 37.32 -28.07 -31.64
C PHE A 1415 37.10 -29.58 -31.60
N ASP A 1416 36.49 -30.10 -30.52
CA ASP A 1416 36.28 -31.56 -30.33
C ASP A 1416 35.49 -32.23 -31.47
N ILE A 1417 34.75 -31.47 -32.28
CA ILE A 1417 33.95 -32.07 -33.34
C ILE A 1417 34.84 -32.75 -34.38
N SER A 1418 35.99 -32.13 -34.69
CA SER A 1418 36.86 -32.67 -35.73
C SER A 1418 37.34 -34.08 -35.42
N VAL A 1419 37.56 -34.38 -34.14
CA VAL A 1419 38.06 -35.70 -33.75
C VAL A 1419 37.14 -36.81 -34.21
N ALA A 1420 35.84 -36.52 -34.34
CA ALA A 1420 34.92 -37.49 -34.91
C ALA A 1420 35.25 -37.77 -36.37
N GLU A 1421 35.45 -36.71 -37.15
CA GLU A 1421 35.83 -36.88 -38.55
C GLU A 1421 37.18 -37.58 -38.67
N ILE A 1422 38.15 -37.14 -37.86
CA ILE A 1422 39.52 -37.64 -37.97
C ILE A 1422 39.60 -39.14 -37.77
N PHE A 1423 38.75 -39.70 -36.91
CA PHE A 1423 38.82 -41.11 -36.56
C PHE A 1423 37.58 -41.92 -36.91
N GLY A 1424 36.47 -41.28 -37.27
CA GLY A 1424 35.25 -42.00 -37.56
C GLY A 1424 35.27 -42.85 -38.81
N TRP A 1425 36.39 -42.87 -39.54
CA TRP A 1425 36.48 -43.59 -40.81
C TRP A 1425 37.33 -44.84 -40.73
N VAL A 1426 37.93 -45.13 -39.57
CA VAL A 1426 38.76 -46.31 -39.38
C VAL A 1426 37.93 -47.56 -39.05
N PRO A 1427 36.87 -47.49 -38.24
CA PRO A 1427 36.16 -48.74 -37.89
C PRO A 1427 35.58 -49.48 -39.09
N GLY A 1428 35.08 -48.76 -40.09
CA GLY A 1428 34.48 -49.38 -41.25
C GLY A 1428 35.34 -49.41 -42.50
N ARG A 1429 36.62 -49.10 -42.34
CA ARG A 1429 37.57 -49.08 -43.48
C ARG A 1429 37.05 -48.14 -44.58
N GLY A 1430 36.53 -46.96 -44.20
CA GLY A 1430 36.15 -45.92 -45.12
C GLY A 1430 37.33 -45.06 -45.52
N LYS A 1431 37.01 -43.93 -46.14
CA LYS A 1431 38.02 -42.96 -46.53
C LYS A 1431 37.71 -41.60 -45.92
N LEU A 1432 38.74 -40.76 -45.84
CA LEU A 1432 38.64 -39.45 -45.20
C LEU A 1432 39.01 -38.39 -46.22
N VAL A 1433 38.06 -37.52 -46.55
CA VAL A 1433 38.28 -36.43 -47.49
C VAL A 1433 38.72 -35.21 -46.69
N ILE A 1434 39.97 -34.80 -46.89
CA ILE A 1434 40.55 -33.66 -46.16
C ILE A 1434 40.15 -32.41 -46.92
N LEU A 1435 38.99 -31.86 -46.58
CA LEU A 1435 38.53 -30.62 -47.18
C LEU A 1435 39.54 -29.50 -46.91
N GLU A 1436 39.77 -28.67 -47.91
CA GLU A 1436 40.81 -27.65 -47.87
C GLU A 1436 40.37 -26.46 -47.03
N PRO A 1437 41.30 -25.84 -46.28
CA PRO A 1437 40.94 -24.65 -45.48
C PRO A 1437 40.30 -23.53 -46.30
N GLU A 1438 40.59 -23.49 -47.60
CA GLU A 1438 39.98 -22.50 -48.47
C GLU A 1438 38.46 -22.65 -48.52
N ALA A 1439 37.96 -23.88 -48.45
CA ALA A 1439 36.54 -24.17 -48.55
C ALA A 1439 35.88 -24.38 -47.20
N GLU A 1440 36.41 -23.75 -46.15
CA GLU A 1440 35.91 -23.99 -44.80
C GLU A 1440 34.49 -23.48 -44.63
N LYS A 1441 34.29 -22.17 -44.78
CA LYS A 1441 32.99 -21.55 -44.57
C LYS A 1441 32.19 -21.39 -45.84
N ASN A 1442 32.65 -21.97 -46.95
CA ASN A 1442 32.02 -21.77 -48.25
C ASN A 1442 31.11 -22.95 -48.55
N PRO A 1443 29.78 -22.80 -48.45
CA PRO A 1443 28.91 -23.99 -48.56
C PRO A 1443 28.89 -24.59 -49.95
N LYS A 1444 28.94 -23.76 -51.01
CA LYS A 1444 28.93 -24.31 -52.36
C LYS A 1444 30.22 -25.09 -52.64
N ALA A 1445 31.34 -24.63 -52.11
CA ALA A 1445 32.58 -25.41 -52.24
C ALA A 1445 32.49 -26.70 -51.43
N ILE A 1446 31.95 -26.63 -50.22
CA ILE A 1446 31.62 -27.84 -49.47
C ILE A 1446 30.69 -28.73 -50.27
N TRP A 1447 29.67 -28.13 -50.91
CA TRP A 1447 28.68 -28.89 -51.65
C TRP A 1447 29.32 -29.69 -52.78
N GLN A 1448 30.37 -29.15 -53.40
CA GLN A 1448 31.10 -29.90 -54.42
C GLN A 1448 31.68 -31.19 -53.84
N ALA A 1449 32.25 -31.12 -52.64
CA ALA A 1449 32.84 -32.30 -52.02
C ALA A 1449 31.82 -33.41 -51.81
N VAL A 1450 30.57 -33.04 -51.52
CA VAL A 1450 29.52 -34.04 -51.31
C VAL A 1450 29.33 -34.87 -52.57
N VAL A 1451 29.04 -34.21 -53.69
CA VAL A 1451 28.79 -34.94 -54.93
C VAL A 1451 30.10 -35.49 -55.51
N GLY A 1452 31.20 -34.74 -55.34
CA GLY A 1452 32.47 -35.13 -55.91
C GLY A 1452 33.01 -36.44 -55.37
N ALA A 1453 33.27 -36.50 -54.07
CA ALA A 1453 33.81 -37.69 -53.44
C ALA A 1453 32.74 -38.62 -52.90
N GLY A 1454 31.46 -38.27 -53.07
CA GLY A 1454 30.39 -39.08 -52.54
C GLY A 1454 30.41 -39.15 -51.03
N ILE A 1455 30.48 -37.98 -50.38
CA ILE A 1455 30.55 -37.94 -48.92
C ILE A 1455 29.29 -38.55 -48.34
N THR A 1456 29.48 -39.36 -47.29
CA THR A 1456 28.38 -40.01 -46.59
C THR A 1456 28.14 -39.47 -45.19
N HIS A 1457 29.18 -39.05 -44.49
CA HIS A 1457 29.06 -38.46 -43.16
C HIS A 1457 29.55 -37.02 -43.22
N ILE A 1458 28.73 -36.10 -42.72
CA ILE A 1458 29.13 -34.71 -42.56
C ILE A 1458 28.77 -34.28 -41.14
N ASN A 1459 29.71 -33.64 -40.45
CA ASN A 1459 29.44 -32.99 -39.19
C ASN A 1459 29.17 -31.51 -39.44
N PHE A 1460 28.15 -30.97 -38.78
CA PHE A 1460 27.72 -29.60 -39.01
C PHE A 1460 27.40 -28.94 -37.68
N VAL A 1461 27.07 -27.66 -37.76
CA VAL A 1461 26.63 -26.85 -36.63
C VAL A 1461 25.36 -26.13 -37.08
N PRO A 1462 24.36 -25.95 -36.21
CA PRO A 1462 23.13 -25.25 -36.63
C PRO A 1462 23.37 -23.94 -37.38
N SER A 1463 24.50 -23.27 -37.18
CA SER A 1463 24.76 -22.01 -37.89
C SER A 1463 25.17 -22.26 -39.33
N MET A 1464 26.21 -23.07 -39.54
CA MET A 1464 26.76 -23.26 -40.89
C MET A 1464 25.76 -23.93 -41.82
N LEU A 1465 24.86 -24.75 -41.29
CA LEU A 1465 23.96 -25.52 -42.16
C LEU A 1465 22.86 -24.68 -42.80
N ILE A 1466 22.55 -23.50 -42.26
CA ILE A 1466 21.44 -22.71 -42.83
C ILE A 1466 21.87 -22.14 -44.18
N PRO A 1467 23.02 -21.45 -44.30
CA PRO A 1467 23.56 -21.21 -45.65
C PRO A 1467 23.60 -22.45 -46.52
N PHE A 1468 24.09 -23.57 -45.97
CA PHE A 1468 24.06 -24.84 -46.69
C PHE A 1468 22.64 -25.20 -47.10
N VAL A 1469 21.67 -24.96 -46.22
CA VAL A 1469 20.28 -25.26 -46.54
C VAL A 1469 19.76 -24.33 -47.62
N GLU A 1470 20.24 -23.08 -47.65
CA GLU A 1470 19.73 -22.09 -48.59
C GLU A 1470 19.90 -22.52 -50.05
N TYR A 1471 20.80 -23.46 -50.33
CA TYR A 1471 20.90 -24.07 -51.65
C TYR A 1471 19.91 -25.23 -51.68
N LEU A 1472 18.69 -24.94 -52.13
CA LEU A 1472 17.54 -25.80 -51.90
C LEU A 1472 17.48 -27.00 -52.85
N GLU A 1473 16.27 -27.54 -53.04
CA GLU A 1473 16.08 -28.73 -53.86
C GLU A 1473 16.46 -28.52 -55.32
N GLY A 1474 16.49 -27.26 -55.78
CA GLY A 1474 16.89 -26.99 -57.15
C GLY A 1474 18.22 -27.63 -57.52
N ARG A 1475 19.14 -27.70 -56.56
CA ARG A 1475 20.40 -28.40 -56.77
C ARG A 1475 20.20 -29.88 -56.48
N THR A 1476 20.81 -30.74 -57.29
CA THR A 1476 20.49 -32.15 -57.25
C THR A 1476 21.71 -32.99 -57.60
N GLU A 1477 21.49 -34.31 -57.67
CA GLU A 1477 22.45 -35.35 -58.02
C GLU A 1477 23.33 -35.73 -56.83
N ALA A 1478 22.78 -35.68 -55.62
CA ALA A 1478 23.44 -36.15 -54.41
C ALA A 1478 22.76 -37.45 -53.98
N ASN A 1479 23.50 -38.56 -54.05
CA ASN A 1479 22.93 -39.87 -53.79
C ASN A 1479 23.60 -40.60 -52.63
N ARG A 1480 24.93 -40.52 -52.52
CA ARG A 1480 25.64 -41.33 -51.53
C ARG A 1480 25.46 -40.81 -50.10
N LEU A 1481 25.13 -39.52 -49.94
CA LEU A 1481 25.08 -38.93 -48.61
C LEU A 1481 24.07 -39.65 -47.73
N ARG A 1482 24.52 -40.05 -46.53
CA ARG A 1482 23.71 -40.79 -45.58
C ARG A 1482 23.27 -39.95 -44.40
N TYR A 1483 24.22 -39.34 -43.68
CA TYR A 1483 23.93 -38.70 -42.42
C TYR A 1483 24.44 -37.26 -42.40
N ILE A 1484 23.70 -36.41 -41.68
CA ILE A 1484 24.16 -35.08 -41.31
C ILE A 1484 24.06 -34.99 -39.80
N LEU A 1485 25.19 -34.74 -39.15
CA LEU A 1485 25.28 -34.72 -37.69
C LEU A 1485 25.53 -33.29 -37.23
N ALA A 1486 24.49 -32.63 -36.74
CA ALA A 1486 24.59 -31.28 -36.24
C ALA A 1486 24.94 -31.29 -34.76
N CYS A 1487 25.85 -30.39 -34.36
CA CYS A 1487 26.31 -30.35 -32.98
C CYS A 1487 26.76 -28.92 -32.67
N GLY A 1488 27.03 -28.69 -31.38
CA GLY A 1488 27.58 -27.43 -30.91
C GLY A 1488 26.55 -26.40 -30.48
N GLU A 1489 25.37 -26.39 -31.09
CA GLU A 1489 24.34 -25.42 -30.77
C GLU A 1489 22.97 -26.08 -30.76
N ALA A 1490 22.03 -25.43 -30.09
CA ALA A 1490 20.64 -25.88 -30.11
C ALA A 1490 20.08 -25.71 -31.52
N MET A 1491 19.58 -26.79 -32.08
CA MET A 1491 19.10 -26.76 -33.46
C MET A 1491 17.75 -26.05 -33.53
N PRO A 1492 17.56 -25.15 -34.48
CA PRO A 1492 16.23 -24.55 -34.67
C PRO A 1492 15.22 -25.58 -35.14
N ASP A 1493 13.94 -25.22 -34.98
CA ASP A 1493 12.86 -26.13 -35.35
C ASP A 1493 12.61 -26.14 -36.86
N GLU A 1494 12.59 -24.96 -37.48
CA GLU A 1494 12.36 -24.86 -38.91
C GLU A 1494 13.43 -25.58 -39.72
N LEU A 1495 14.63 -25.75 -39.16
CA LEU A 1495 15.72 -26.36 -39.90
C LEU A 1495 15.44 -27.82 -40.24
N VAL A 1496 14.69 -28.52 -39.41
CA VAL A 1496 14.46 -29.95 -39.59
C VAL A 1496 13.63 -30.21 -40.85
N PRO A 1497 12.42 -29.65 -41.00
CA PRO A 1497 11.67 -29.93 -42.23
C PRO A 1497 12.28 -29.28 -43.46
N LYS A 1498 12.95 -28.13 -43.30
CA LYS A 1498 13.57 -27.47 -44.44
C LYS A 1498 14.67 -28.33 -45.05
N VAL A 1499 15.37 -29.11 -44.24
CA VAL A 1499 16.40 -30.01 -44.76
C VAL A 1499 15.77 -31.08 -45.65
N TYR A 1500 14.70 -31.71 -45.16
CA TYR A 1500 14.17 -32.91 -45.81
C TYR A 1500 13.61 -32.60 -47.20
N GLU A 1501 13.00 -31.43 -47.38
CA GLU A 1501 12.61 -31.03 -48.72
C GLU A 1501 13.83 -30.82 -49.60
N VAL A 1502 14.90 -30.27 -49.05
CA VAL A 1502 16.12 -30.05 -49.81
C VAL A 1502 16.84 -31.37 -50.06
N LEU A 1503 16.77 -32.31 -49.13
CA LEU A 1503 17.52 -33.57 -49.24
C LEU A 1503 16.70 -34.71 -48.66
N PRO A 1504 15.85 -35.33 -49.46
CA PRO A 1504 15.17 -36.54 -49.02
C PRO A 1504 16.11 -37.73 -49.00
N GLU A 1505 15.59 -38.86 -48.51
CA GLU A 1505 16.31 -40.12 -48.39
C GLU A 1505 17.61 -39.99 -47.58
N VAL A 1506 17.66 -39.01 -46.68
CA VAL A 1506 18.85 -38.72 -45.88
C VAL A 1506 18.42 -38.59 -44.43
N LYS A 1507 19.24 -39.11 -43.52
CA LYS A 1507 18.94 -39.10 -42.09
C LYS A 1507 19.68 -37.95 -41.42
N LEU A 1508 18.93 -37.03 -40.83
CA LEU A 1508 19.50 -35.90 -40.08
C LEU A 1508 19.49 -36.23 -38.60
N GLU A 1509 20.60 -35.91 -37.93
CA GLU A 1509 20.78 -36.22 -36.52
C GLU A 1509 21.24 -34.97 -35.77
N ASN A 1510 20.66 -34.75 -34.60
CA ASN A 1510 21.11 -33.70 -33.69
C ASN A 1510 22.03 -34.32 -32.65
N ILE A 1511 23.23 -33.76 -32.52
CA ILE A 1511 24.25 -34.31 -31.63
C ILE A 1511 24.60 -33.25 -30.58
N TYR A 1512 24.97 -33.74 -29.39
CA TYR A 1512 25.41 -32.89 -28.31
C TYR A 1512 26.59 -33.55 -27.60
N GLY A 1513 27.62 -32.76 -27.30
CA GLY A 1513 28.77 -33.28 -26.62
C GLY A 1513 29.74 -32.19 -26.22
N PRO A 1514 29.98 -32.05 -24.91
CA PRO A 1514 31.02 -31.12 -24.45
C PRO A 1514 32.39 -31.75 -24.57
N THR A 1515 33.40 -30.89 -24.69
CA THR A 1515 34.78 -31.34 -24.87
C THR A 1515 35.19 -32.30 -23.77
N GLU A 1516 34.73 -32.05 -22.54
CA GLU A 1516 35.08 -32.88 -21.39
C GLU A 1516 34.34 -34.22 -21.38
N ALA A 1517 33.49 -34.48 -22.36
CA ALA A 1517 32.76 -35.75 -22.46
C ALA A 1517 33.09 -36.45 -23.77
N THR A 1518 34.38 -36.43 -24.15
CA THR A 1518 34.86 -37.08 -25.41
C THR A 1518 34.05 -36.59 -26.62
N ILE A 1519 34.00 -35.26 -26.81
CA ILE A 1519 33.26 -34.54 -27.89
C ILE A 1519 31.86 -35.13 -27.64
N TYR A 1520 31.27 -35.90 -28.57
CA TYR A 1520 29.87 -36.39 -28.47
C TYR A 1520 29.48 -37.05 -27.14
N ALA A 1521 28.19 -36.89 -26.75
CA ALA A 1521 27.54 -37.48 -25.60
C ALA A 1521 26.14 -37.97 -25.93
N SER A 1522 25.40 -37.21 -26.73
CA SER A 1522 24.00 -37.53 -27.01
C SER A 1522 23.69 -37.37 -28.49
N ARG A 1523 22.65 -38.07 -28.92
CA ARG A 1523 22.21 -38.05 -30.31
C ARG A 1523 20.70 -38.20 -30.33
N TYR A 1524 20.07 -37.55 -31.32
CA TYR A 1524 18.64 -37.69 -31.55
C TYR A 1524 18.39 -37.92 -33.04
N SER A 1525 17.82 -39.07 -33.37
CA SER A 1525 17.46 -39.37 -34.75
C SER A 1525 16.17 -38.65 -35.10
N LEU A 1526 16.25 -37.78 -36.11
CA LEU A 1526 15.07 -36.99 -36.55
C LEU A 1526 14.39 -37.70 -37.72
N ALA A 1527 13.17 -38.20 -37.50
CA ALA A 1527 12.42 -38.87 -38.56
C ALA A 1527 11.97 -37.81 -39.56
N LYS A 1528 11.82 -38.24 -40.82
CA LYS A 1528 11.40 -37.31 -41.86
C LYS A 1528 9.97 -36.85 -41.65
N GLY A 1529 9.10 -37.74 -41.17
CA GLY A 1529 7.70 -37.43 -40.96
C GLY A 1529 7.35 -36.88 -39.60
N SER A 1530 8.33 -36.47 -38.80
CA SER A 1530 8.10 -35.92 -37.48
C SER A 1530 8.70 -34.52 -37.36
N GLN A 1531 7.99 -33.64 -36.67
CA GLN A 1531 8.45 -32.29 -36.41
C GLN A 1531 8.43 -32.05 -34.91
N GLU A 1532 9.59 -31.69 -34.36
CA GLU A 1532 9.74 -31.51 -32.92
C GLU A 1532 9.53 -30.06 -32.54
N SER A 1533 8.73 -29.82 -31.49
CA SER A 1533 8.52 -28.45 -31.04
C SER A 1533 9.76 -27.89 -30.35
N PRO A 1534 10.37 -28.55 -29.35
CA PRO A 1534 11.75 -28.21 -29.00
C PRO A 1534 12.57 -29.35 -29.60
N VAL A 1535 13.72 -29.04 -30.18
CA VAL A 1535 14.55 -30.04 -30.84
C VAL A 1535 15.41 -30.57 -29.70
N PRO A 1536 15.23 -31.83 -29.30
CA PRO A 1536 16.00 -32.37 -28.16
C PRO A 1536 17.38 -32.84 -28.58
N ILE A 1537 18.30 -32.83 -27.62
CA ILE A 1537 19.67 -33.25 -27.88
C ILE A 1537 19.72 -34.77 -27.84
N GLY A 1538 18.60 -35.40 -27.50
CA GLY A 1538 18.46 -36.83 -27.62
C GLY A 1538 18.99 -37.61 -26.44
N LYS A 1539 19.05 -38.94 -26.64
CA LYS A 1539 19.50 -39.90 -25.66
C LYS A 1539 21.00 -40.15 -25.80
N PRO A 1540 21.65 -40.62 -24.73
CA PRO A 1540 23.10 -40.80 -24.78
C PRO A 1540 23.51 -41.96 -25.67
N LEU A 1541 24.82 -42.03 -25.93
CA LEU A 1541 25.41 -43.05 -26.78
C LEU A 1541 25.68 -44.30 -25.97
N PRO A 1542 26.14 -45.39 -26.61
CA PRO A 1542 26.48 -46.60 -25.86
C PRO A 1542 27.52 -46.33 -24.79
N ASN A 1543 27.32 -46.95 -23.61
CA ASN A 1543 28.17 -46.79 -22.44
C ASN A 1543 28.21 -45.36 -21.93
N TYR A 1544 27.19 -44.57 -22.25
CA TYR A 1544 27.02 -43.22 -21.74
C TYR A 1544 25.89 -43.18 -20.72
N ARG A 1545 26.03 -42.31 -19.73
CA ARG A 1545 24.99 -42.09 -18.73
C ARG A 1545 24.93 -40.61 -18.42
N MET A 1546 23.76 -40.00 -18.62
CA MET A 1546 23.58 -38.56 -18.43
C MET A 1546 22.61 -38.31 -17.28
N TYR A 1547 22.90 -37.31 -16.47
CA TYR A 1547 22.09 -36.98 -15.31
C TYR A 1547 21.87 -35.48 -15.25
N ILE A 1548 20.64 -35.09 -14.91
CA ILE A 1548 20.26 -33.69 -14.78
C ILE A 1548 19.94 -33.45 -13.31
N ILE A 1549 20.81 -32.70 -12.63
CA ILE A 1549 20.70 -32.52 -11.19
C ILE A 1549 20.50 -31.04 -10.88
N ASN A 1550 19.90 -30.78 -9.72
CA ASN A 1550 19.67 -29.41 -9.28
C ASN A 1550 20.89 -28.91 -8.50
N ARG A 1551 20.81 -27.66 -8.03
CA ARG A 1551 21.93 -27.02 -7.34
C ARG A 1551 22.27 -27.68 -6.01
N HIS A 1552 21.50 -28.67 -5.55
CA HIS A 1552 21.80 -29.41 -4.34
C HIS A 1552 22.30 -30.81 -4.60
N GLY A 1553 22.51 -31.18 -5.86
CA GLY A 1553 23.13 -32.45 -6.18
C GLY A 1553 22.23 -33.66 -6.13
N GLN A 1554 20.94 -33.50 -6.42
CA GLN A 1554 20.02 -34.62 -6.50
C GLN A 1554 19.34 -34.61 -7.86
N LEU A 1555 19.02 -35.82 -8.33
CA LEU A 1555 18.50 -35.98 -9.68
C LEU A 1555 17.16 -35.25 -9.85
N GLN A 1556 16.98 -34.63 -11.03
CA GLN A 1556 15.75 -33.93 -11.36
C GLN A 1556 14.77 -34.87 -12.06
N PRO A 1557 13.48 -34.68 -11.87
CA PRO A 1557 12.48 -35.48 -12.59
C PRO A 1557 12.24 -34.90 -13.98
N ILE A 1558 11.31 -35.54 -14.70
CA ILE A 1558 11.04 -35.15 -16.08
C ILE A 1558 10.50 -33.72 -16.12
N GLY A 1559 11.07 -32.91 -17.01
CA GLY A 1559 10.63 -31.55 -17.23
C GLY A 1559 11.29 -30.50 -16.37
N VAL A 1560 11.84 -30.88 -15.23
CA VAL A 1560 12.43 -29.91 -14.31
C VAL A 1560 13.83 -29.56 -14.79
N PRO A 1561 14.16 -28.29 -14.99
CA PRO A 1561 15.50 -27.92 -15.43
C PRO A 1561 16.55 -28.22 -14.38
N GLY A 1562 17.77 -28.47 -14.85
CA GLY A 1562 18.89 -28.75 -13.97
C GLY A 1562 20.18 -28.84 -14.75
N GLU A 1563 21.27 -28.93 -14.02
CA GLU A 1563 22.59 -29.00 -14.64
C GLU A 1563 22.82 -30.37 -15.26
N LEU A 1564 23.16 -30.39 -16.54
CA LEU A 1564 23.42 -31.64 -17.25
C LEU A 1564 24.79 -32.19 -16.87
N CYS A 1565 24.85 -33.48 -16.57
CA CYS A 1565 26.08 -34.13 -16.16
C CYS A 1565 26.22 -35.46 -16.88
N ILE A 1566 27.43 -35.73 -17.39
CA ILE A 1566 27.72 -36.97 -18.09
C ILE A 1566 28.66 -37.81 -17.22
N ALA A 1567 28.49 -39.12 -17.30
CA ALA A 1567 29.33 -40.05 -16.55
C ALA A 1567 29.57 -41.30 -17.41
N GLY A 1568 30.49 -42.13 -16.94
CA GLY A 1568 30.84 -43.36 -17.62
C GLY A 1568 32.32 -43.43 -17.95
N ALA A 1569 32.68 -44.49 -18.67
CA ALA A 1569 34.07 -44.70 -19.05
C ALA A 1569 34.59 -43.62 -19.99
N SER A 1570 33.70 -42.86 -20.62
CA SER A 1570 34.08 -41.89 -21.63
C SER A 1570 34.32 -40.50 -21.07
N LEU A 1571 34.39 -40.35 -19.76
CA LEU A 1571 34.68 -39.04 -19.18
C LEU A 1571 36.15 -38.69 -19.34
N ALA A 1572 36.41 -37.41 -19.57
CA ALA A 1572 37.79 -36.88 -19.78
C ALA A 1572 38.59 -36.98 -18.48
N ARG A 1573 39.90 -37.17 -18.59
CA ARG A 1573 40.80 -37.28 -17.44
C ARG A 1573 40.70 -36.04 -16.55
N GLY A 1574 40.35 -34.89 -17.11
CA GLY A 1574 40.20 -33.67 -16.35
C GLY A 1574 40.87 -32.53 -17.08
N TYR A 1575 41.09 -31.43 -16.34
CA TYR A 1575 41.76 -30.26 -16.87
C TYR A 1575 43.25 -30.32 -16.57
N LEU A 1576 44.04 -29.79 -17.49
CA LEU A 1576 45.50 -29.93 -17.45
C LEU A 1576 46.11 -28.94 -16.47
N ASN A 1577 46.74 -29.47 -15.42
CA ASN A 1577 47.41 -28.66 -14.40
C ASN A 1577 46.49 -27.56 -13.87
N ASN A 1578 45.22 -27.92 -13.64
CA ASN A 1578 44.25 -27.04 -12.99
C ASN A 1578 43.43 -27.87 -12.01
N PRO A 1579 44.07 -28.44 -10.99
CA PRO A 1579 43.36 -29.43 -10.15
C PRO A 1579 42.23 -28.83 -9.35
N ALA A 1580 42.40 -27.60 -8.85
CA ALA A 1580 41.31 -26.95 -8.12
C ALA A 1580 40.05 -26.85 -8.97
N LEU A 1581 40.20 -26.66 -10.28
CA LEU A 1581 39.04 -26.63 -11.17
C LEU A 1581 38.60 -28.03 -11.58
N THR A 1582 39.55 -28.96 -11.76
CA THR A 1582 39.19 -30.33 -12.12
C THR A 1582 38.29 -30.94 -11.06
N GLU A 1583 38.67 -30.81 -9.78
CA GLU A 1583 37.83 -31.31 -8.71
C GLU A 1583 36.55 -30.49 -8.55
N GLU A 1584 36.54 -29.25 -9.04
CA GLU A 1584 35.30 -28.47 -9.02
C GLU A 1584 34.29 -29.00 -10.02
N LYS A 1585 34.77 -29.42 -11.20
CA LYS A 1585 33.89 -29.80 -12.30
C LYS A 1585 33.75 -31.30 -12.46
N PHE A 1586 34.74 -32.09 -12.02
CA PHE A 1586 34.67 -33.55 -12.06
C PHE A 1586 34.53 -34.03 -10.62
N THR A 1587 33.30 -33.97 -10.10
CA THR A 1587 33.03 -34.26 -8.70
C THR A 1587 32.58 -35.70 -8.54
N PRO A 1588 33.18 -36.46 -7.62
CA PRO A 1588 32.67 -37.80 -7.30
C PRO A 1588 31.23 -37.77 -6.82
N HIS A 1589 30.31 -38.20 -7.68
CA HIS A 1589 28.89 -38.14 -7.33
C HIS A 1589 28.40 -39.51 -6.88
N PRO A 1590 27.52 -39.56 -5.86
CA PRO A 1590 27.02 -40.86 -5.40
C PRO A 1590 26.12 -41.57 -6.39
N LEU A 1591 25.58 -40.86 -7.40
CA LEU A 1591 24.68 -41.50 -8.36
C LEU A 1591 25.43 -42.37 -9.36
N GLU A 1592 26.75 -42.23 -9.45
CA GLU A 1592 27.58 -43.06 -10.32
C GLU A 1592 28.44 -44.02 -9.52
N LYS A 1593 27.96 -44.45 -8.35
CA LYS A 1593 28.68 -45.39 -7.48
C LYS A 1593 30.05 -44.83 -7.11
N GLY A 1594 30.09 -43.54 -6.76
CA GLY A 1594 31.31 -42.88 -6.38
C GLY A 1594 32.10 -42.28 -7.53
N GLU A 1595 31.95 -42.82 -8.74
CA GLU A 1595 32.66 -42.29 -9.88
C GLU A 1595 32.22 -40.86 -10.18
N ARG A 1596 33.17 -40.13 -10.83
CA ARG A 1596 32.96 -38.70 -11.02
C ARG A 1596 31.99 -38.44 -12.18
N ILE A 1597 31.39 -37.20 -12.17
CA ILE A 1597 30.57 -36.69 -13.26
C ILE A 1597 31.09 -35.31 -13.64
N TYR A 1598 30.93 -34.96 -14.91
CA TYR A 1598 31.33 -33.65 -15.40
C TYR A 1598 30.13 -32.71 -15.35
N ARG A 1599 30.24 -31.67 -14.52
CA ARG A 1599 29.20 -30.66 -14.40
C ARG A 1599 29.35 -29.67 -15.54
N THR A 1600 28.47 -29.79 -16.55
CA THR A 1600 28.61 -29.01 -17.78
C THR A 1600 28.28 -27.54 -17.59
N GLY A 1601 27.48 -27.19 -16.58
CA GLY A 1601 26.97 -25.83 -16.52
C GLY A 1601 25.88 -25.55 -17.52
N ASP A 1602 25.31 -26.61 -18.10
CA ASP A 1602 24.24 -26.47 -19.12
C ASP A 1602 22.89 -26.88 -18.53
N LEU A 1603 21.88 -26.01 -18.65
CA LEU A 1603 20.54 -26.30 -18.15
C LEU A 1603 19.79 -27.15 -19.17
N ALA A 1604 19.13 -28.20 -18.69
CA ALA A 1604 18.44 -29.12 -19.57
C ALA A 1604 17.32 -29.82 -18.81
N ARG A 1605 16.52 -30.59 -19.55
CA ARG A 1605 15.42 -31.33 -18.97
C ARG A 1605 15.11 -32.54 -19.83
N TYR A 1606 14.45 -33.53 -19.24
CA TYR A 1606 14.06 -34.74 -19.94
C TYR A 1606 12.69 -34.58 -20.59
N ARG A 1607 12.46 -35.33 -21.66
CA ARG A 1607 11.14 -35.46 -22.24
C ARG A 1607 10.45 -36.71 -21.68
N GLU A 1608 9.18 -36.88 -22.05
CA GLU A 1608 8.44 -38.06 -21.63
C GLU A 1608 9.13 -39.34 -22.07
N ASP A 1609 9.63 -39.36 -23.31
CA ASP A 1609 10.35 -40.53 -23.82
C ASP A 1609 11.78 -40.60 -23.33
N GLY A 1610 12.30 -39.53 -22.73
CA GLY A 1610 13.62 -39.53 -22.13
C GLY A 1610 14.65 -38.69 -22.86
N ASN A 1611 14.38 -38.30 -24.10
CA ASN A 1611 15.31 -37.44 -24.83
C ASN A 1611 15.49 -36.12 -24.11
N ILE A 1612 16.74 -35.71 -23.95
CA ILE A 1612 17.07 -34.50 -23.21
C ILE A 1612 16.90 -33.30 -24.13
N GLU A 1613 16.41 -32.19 -23.56
CA GLU A 1613 16.21 -30.94 -24.29
C GLU A 1613 17.19 -29.90 -23.78
N TYR A 1614 17.98 -29.34 -24.69
CA TYR A 1614 18.94 -28.30 -24.32
C TYR A 1614 18.19 -26.99 -24.06
N LEU A 1615 18.47 -26.37 -22.91
CA LEU A 1615 17.82 -25.13 -22.53
C LEU A 1615 18.77 -23.93 -22.48
N GLY A 1616 20.06 -24.16 -22.42
CA GLY A 1616 21.04 -23.09 -22.38
C GLY A 1616 21.92 -23.17 -21.14
N ARG A 1617 22.90 -22.27 -21.10
CA ARG A 1617 23.87 -22.16 -19.98
C ARG A 1617 23.12 -21.70 -18.72
N MET A 1618 23.60 -22.14 -17.55
CA MET A 1618 22.98 -21.80 -16.28
C MET A 1618 23.27 -20.35 -15.92
N ASP A 1619 22.44 -19.81 -15.02
CA ASP A 1619 22.53 -18.43 -14.56
C ASP A 1619 22.43 -17.44 -15.72
N HIS A 1620 21.90 -17.90 -16.85
CA HIS A 1620 21.75 -17.06 -18.07
C HIS A 1620 20.28 -16.67 -18.25
N GLN A 1621 19.36 -17.64 -18.15
CA GLN A 1621 17.95 -17.35 -18.32
C GLN A 1621 17.48 -16.41 -17.21
N VAL A 1622 16.73 -15.38 -17.58
CA VAL A 1622 16.35 -14.31 -16.67
C VAL A 1622 14.88 -14.55 -16.37
N LYS A 1623 14.52 -14.47 -15.10
CA LYS A 1623 13.11 -14.48 -14.68
C LYS A 1623 12.70 -12.99 -14.64
N ILE A 1624 12.28 -12.50 -15.81
CA ILE A 1624 11.99 -11.09 -15.96
C ILE A 1624 10.61 -10.86 -15.33
N ARG A 1625 10.55 -9.96 -14.36
CA ARG A 1625 9.31 -9.59 -13.69
C ARG A 1625 8.63 -10.80 -13.04
N GLY A 1626 9.45 -11.71 -12.51
CA GLY A 1626 8.93 -12.85 -11.80
C GLY A 1626 8.43 -13.99 -12.67
N TYR A 1627 8.92 -14.11 -13.90
CA TYR A 1627 8.48 -15.16 -14.82
C TYR A 1627 9.72 -15.81 -15.44
N ARG A 1628 9.86 -17.11 -15.23
CA ARG A 1628 10.99 -17.88 -15.76
C ARG A 1628 10.63 -18.60 -17.05
N ILE A 1629 9.91 -17.93 -17.96
CA ILE A 1629 9.57 -18.54 -19.24
C ILE A 1629 10.82 -18.66 -20.09
N GLU A 1630 10.95 -19.79 -20.79
CA GLU A 1630 12.11 -20.03 -21.61
C GLU A 1630 12.19 -19.03 -22.75
N LEU A 1631 13.41 -18.82 -23.25
CA LEU A 1631 13.65 -17.91 -24.34
C LEU A 1631 13.38 -18.52 -25.72
N ASP A 1632 13.11 -19.82 -25.76
CA ASP A 1632 12.88 -20.50 -27.05
C ASP A 1632 11.51 -20.18 -27.63
N GLU A 1633 10.52 -19.92 -26.78
CA GLU A 1633 9.18 -19.62 -27.28
C GLU A 1633 9.13 -18.30 -28.02
N ILE A 1634 10.04 -17.38 -27.71
CA ILE A 1634 10.06 -16.08 -28.39
C ILE A 1634 10.48 -16.26 -29.84
N ARG A 1635 11.60 -16.96 -30.07
CA ARG A 1635 12.10 -17.15 -31.43
C ARG A 1635 11.22 -18.11 -32.22
N SER A 1636 10.52 -19.01 -31.54
CA SER A 1636 9.70 -20.01 -32.23
C SER A 1636 8.60 -19.35 -33.04
N LYS A 1637 7.83 -18.46 -32.40
CA LYS A 1637 6.74 -17.75 -33.06
C LYS A 1637 7.20 -16.47 -33.74
N LEU A 1638 8.51 -16.21 -33.76
CA LEU A 1638 9.03 -14.99 -34.35
C LEU A 1638 9.39 -15.17 -35.82
N ILE A 1639 9.98 -16.30 -36.19
CA ILE A 1639 10.41 -16.54 -37.56
C ILE A 1639 9.26 -17.11 -38.37
N GLN A 1640 8.04 -16.99 -37.83
CA GLN A 1640 6.87 -17.45 -38.57
C GLN A 1640 6.54 -16.57 -39.77
N GLU A 1641 7.18 -15.42 -39.90
CA GLU A 1641 7.00 -14.55 -41.06
C GLU A 1641 8.03 -14.89 -42.13
N GLU A 1642 7.72 -14.48 -43.37
CA GLU A 1642 8.57 -14.84 -44.49
C GLU A 1642 9.84 -14.00 -44.52
N THR A 1643 9.72 -12.70 -44.23
CA THR A 1643 10.86 -11.80 -44.29
C THR A 1643 11.85 -12.02 -43.15
N ILE A 1644 11.49 -12.83 -42.15
CA ILE A 1644 12.36 -13.12 -41.01
C ILE A 1644 13.01 -14.48 -41.25
N GLN A 1645 14.32 -14.56 -41.07
CA GLN A 1645 15.09 -15.78 -41.31
C GLN A 1645 15.69 -16.35 -40.04
N ASP A 1646 16.41 -15.55 -39.26
CA ASP A 1646 17.02 -16.00 -38.02
C ASP A 1646 16.83 -14.94 -36.95
N ALA A 1647 16.84 -15.37 -35.69
CA ALA A 1647 16.57 -14.48 -34.57
C ALA A 1647 17.45 -14.85 -33.39
N VAL A 1648 17.76 -13.84 -32.56
CA VAL A 1648 18.52 -14.03 -31.33
C VAL A 1648 17.87 -13.17 -30.25
N VAL A 1649 17.55 -13.79 -29.11
CA VAL A 1649 16.88 -13.12 -28.01
C VAL A 1649 17.77 -13.24 -26.77
N VAL A 1650 18.04 -12.11 -26.12
CA VAL A 1650 18.87 -12.07 -24.92
C VAL A 1650 18.55 -10.80 -24.14
N ALA A 1651 19.00 -10.74 -22.89
CA ALA A 1651 18.78 -9.59 -22.03
C ALA A 1651 20.10 -9.18 -21.38
N ARG A 1652 20.41 -7.89 -21.43
CA ARG A 1652 21.63 -7.34 -20.86
C ARG A 1652 21.29 -6.34 -19.77
N ASN A 1653 21.90 -6.50 -18.60
CA ASN A 1653 21.69 -5.54 -17.53
C ASN A 1653 22.39 -4.23 -17.84
N ASP A 1654 21.77 -3.12 -17.44
CA ASP A 1654 22.30 -1.79 -17.72
C ASP A 1654 23.31 -1.37 -16.65
N GLN A 1655 23.29 -0.08 -16.29
CA GLN A 1655 24.24 0.42 -15.32
C GLN A 1655 23.92 -0.09 -13.91
N ASN A 1656 22.63 -0.18 -13.58
CA ASN A 1656 22.19 -0.67 -12.27
C ASN A 1656 21.22 -1.82 -12.49
N GLY A 1657 21.73 -2.92 -13.04
CA GLY A 1657 20.88 -4.07 -13.31
C GLY A 1657 19.86 -3.76 -14.39
N GLN A 1658 18.63 -4.25 -14.17
CA GLN A 1658 17.51 -4.03 -15.08
C GLN A 1658 17.85 -4.48 -16.49
N ALA A 1659 17.76 -5.78 -16.74
CA ALA A 1659 18.09 -6.32 -18.05
C ALA A 1659 16.98 -6.01 -19.05
N TYR A 1660 17.36 -5.52 -20.23
CA TYR A 1660 16.42 -5.19 -21.29
C TYR A 1660 16.53 -6.21 -22.41
N LEU A 1661 15.37 -6.52 -23.01
CA LEU A 1661 15.29 -7.50 -24.12
C LEU A 1661 15.71 -6.82 -25.43
N CYS A 1662 16.49 -7.53 -26.25
CA CYS A 1662 16.97 -7.02 -27.54
C CYS A 1662 16.92 -8.14 -28.57
N ALA A 1663 16.42 -7.81 -29.75
CA ALA A 1663 16.28 -8.77 -30.84
C ALA A 1663 17.21 -8.41 -31.99
N TYR A 1664 17.73 -9.43 -32.66
CA TYR A 1664 18.67 -9.27 -33.76
C TYR A 1664 18.16 -10.09 -34.94
N LEU A 1665 17.86 -9.42 -36.05
CA LEU A 1665 17.26 -10.06 -37.21
C LEU A 1665 18.03 -9.68 -38.47
N LEU A 1666 17.94 -10.55 -39.47
CA LEU A 1666 18.44 -10.27 -40.82
C LEU A 1666 17.23 -10.26 -41.75
N SER A 1667 16.92 -9.09 -42.29
CA SER A 1667 15.78 -8.93 -43.20
C SER A 1667 16.19 -8.02 -44.34
N GLU A 1668 16.08 -8.52 -45.58
CA GLU A 1668 16.39 -7.70 -46.73
C GLU A 1668 15.44 -6.52 -46.86
N GLN A 1669 14.21 -6.66 -46.38
CA GLN A 1669 13.23 -5.58 -46.35
C GLN A 1669 13.14 -5.06 -44.92
N GLU A 1670 13.73 -3.89 -44.68
CA GLU A 1670 13.77 -3.34 -43.34
C GLU A 1670 12.39 -2.84 -42.91
N TRP A 1671 12.05 -3.10 -41.65
CA TRP A 1671 10.78 -2.67 -41.07
C TRP A 1671 11.03 -1.62 -39.99
N THR A 1672 9.99 -0.83 -39.73
CA THR A 1672 10.10 0.22 -38.73
C THR A 1672 10.00 -0.38 -37.33
N VAL A 1673 10.30 0.46 -36.32
CA VAL A 1673 10.29 0.00 -34.94
C VAL A 1673 8.87 -0.13 -34.42
N GLY A 1674 7.99 0.79 -34.81
CA GLY A 1674 6.64 0.78 -34.26
C GLY A 1674 5.80 -0.37 -34.79
N GLN A 1675 5.98 -0.73 -36.06
CA GLN A 1675 5.18 -1.79 -36.65
C GLN A 1675 5.49 -3.15 -36.02
N LEU A 1676 6.77 -3.43 -35.77
CA LEU A 1676 7.15 -4.72 -35.21
C LEU A 1676 6.69 -4.85 -33.76
N ARG A 1677 6.57 -3.75 -33.04
CA ARG A 1677 6.15 -3.80 -31.64
C ARG A 1677 4.67 -4.16 -31.49
N GLU A 1678 3.86 -3.91 -32.52
CA GLU A 1678 2.43 -4.21 -32.43
C GLU A 1678 2.10 -5.58 -33.00
N LEU A 1679 2.89 -6.08 -33.96
CA LEU A 1679 2.67 -7.44 -34.45
C LEU A 1679 3.02 -8.48 -33.40
N LEU A 1680 3.96 -8.16 -32.50
CA LEU A 1680 4.34 -9.10 -31.44
C LEU A 1680 3.30 -9.19 -30.34
N ARG A 1681 2.55 -8.10 -30.14
CA ARG A 1681 1.50 -8.03 -29.09
C ARG A 1681 0.37 -9.02 -29.42
N ARG A 1682 0.12 -9.26 -30.71
CA ARG A 1682 -0.95 -10.18 -31.11
C ARG A 1682 -0.64 -11.61 -30.72
N GLU A 1683 0.64 -11.98 -30.71
CA GLU A 1683 1.03 -13.37 -30.51
C GLU A 1683 0.84 -13.81 -29.06
N LEU A 1684 1.35 -13.03 -28.11
CA LEU A 1684 1.35 -13.43 -26.71
C LEU A 1684 0.92 -12.27 -25.83
N PRO A 1685 0.68 -12.49 -24.51
CA PRO A 1685 0.35 -11.38 -23.62
C PRO A 1685 1.34 -10.22 -23.67
N GLU A 1686 0.92 -9.06 -23.18
CA GLU A 1686 1.63 -7.81 -23.39
C GLU A 1686 2.86 -7.63 -22.50
N TYR A 1687 3.22 -8.62 -21.69
CA TYR A 1687 4.45 -8.53 -20.90
C TYR A 1687 5.63 -9.20 -21.60
N MET A 1688 5.44 -9.73 -22.80
CA MET A 1688 6.50 -10.35 -23.57
C MET A 1688 7.11 -9.38 -24.58
N ILE A 1689 6.87 -8.08 -24.42
CA ILE A 1689 7.34 -7.07 -25.36
C ILE A 1689 8.85 -6.94 -25.25
N PRO A 1690 9.60 -7.18 -26.33
CA PRO A 1690 11.05 -6.94 -26.28
C PRO A 1690 11.35 -5.46 -26.11
N ALA A 1691 12.37 -5.16 -25.32
CA ALA A 1691 12.68 -3.78 -25.00
C ALA A 1691 13.29 -3.04 -26.19
N HIS A 1692 14.14 -3.72 -26.97
CA HIS A 1692 14.81 -3.09 -28.09
C HIS A 1692 14.81 -4.03 -29.29
N PHE A 1693 15.04 -3.45 -30.47
CA PHE A 1693 15.03 -4.19 -31.72
C PHE A 1693 16.17 -3.66 -32.58
N VAL A 1694 17.09 -4.54 -32.96
CA VAL A 1694 18.28 -4.16 -33.72
C VAL A 1694 18.12 -4.61 -35.16
N LEU A 1695 18.49 -3.74 -36.09
CA LEU A 1695 18.47 -4.05 -37.51
C LEU A 1695 19.88 -4.46 -37.93
N LEU A 1696 20.02 -5.72 -38.36
CA LEU A 1696 21.29 -6.26 -38.81
C LEU A 1696 21.12 -6.92 -40.17
N LYS A 1697 22.25 -7.21 -40.81
CA LYS A 1697 22.25 -7.88 -42.10
C LYS A 1697 23.27 -9.01 -42.21
N GLN A 1698 24.07 -9.24 -41.17
CA GLN A 1698 25.04 -10.33 -41.16
C GLN A 1698 25.08 -10.96 -39.78
N PHE A 1699 25.12 -12.28 -39.72
CA PHE A 1699 25.14 -13.01 -38.46
C PHE A 1699 26.57 -13.27 -38.04
N PRO A 1700 27.05 -12.67 -36.96
CA PRO A 1700 28.43 -12.93 -36.53
C PRO A 1700 28.56 -14.24 -35.78
N LEU A 1701 29.69 -14.90 -35.98
CA LEU A 1701 29.97 -16.19 -35.35
C LEU A 1701 31.37 -16.13 -34.75
N THR A 1702 31.92 -17.31 -34.43
CA THR A 1702 33.26 -17.40 -33.87
C THR A 1702 34.10 -18.43 -34.62
N ALA A 1703 35.30 -18.72 -34.11
CA ALA A 1703 36.15 -19.72 -34.74
C ALA A 1703 35.54 -21.11 -34.61
N ASN A 1704 34.91 -21.40 -33.47
CA ASN A 1704 34.23 -22.68 -33.26
C ASN A 1704 32.84 -22.71 -33.89
N GLY A 1705 32.43 -21.66 -34.58
CA GLY A 1705 31.10 -21.57 -35.16
C GLY A 1705 29.99 -21.37 -34.16
N LYS A 1706 30.29 -21.36 -32.86
CA LYS A 1706 29.25 -21.21 -31.85
C LYS A 1706 28.80 -19.76 -31.72
N LEU A 1707 27.49 -19.57 -31.63
CA LEU A 1707 26.96 -18.26 -31.30
C LEU A 1707 27.28 -17.92 -29.84
N ASP A 1708 27.83 -16.74 -29.62
CA ASP A 1708 28.32 -16.34 -28.31
C ASP A 1708 27.66 -15.05 -27.86
N ARG A 1709 27.69 -14.83 -26.54
CA ARG A 1709 27.12 -13.61 -25.92
C ARG A 1709 28.08 -12.43 -26.17
N LYS A 1710 29.35 -12.72 -26.44
CA LYS A 1710 30.32 -11.66 -26.70
C LYS A 1710 30.08 -10.98 -28.04
N ALA A 1711 29.54 -11.71 -29.02
CA ALA A 1711 29.26 -11.14 -30.33
C ALA A 1711 28.04 -10.22 -30.33
N LEU A 1712 27.14 -10.38 -29.38
CA LEU A 1712 25.94 -9.56 -29.34
C LEU A 1712 26.28 -8.15 -28.88
N PRO A 1713 26.01 -7.12 -29.68
CA PRO A 1713 26.38 -5.75 -29.28
C PRO A 1713 25.21 -4.98 -28.69
N GLU A 1714 25.42 -3.70 -28.41
CA GLU A 1714 24.39 -2.81 -27.88
C GLU A 1714 23.56 -2.23 -29.03
N PRO A 1715 22.23 -2.22 -28.90
CA PRO A 1715 21.38 -1.79 -30.03
C PRO A 1715 21.61 -0.34 -30.42
N ASP A 1716 21.28 -0.04 -31.68
CA ASP A 1716 21.33 1.31 -32.22
C ASP A 1716 20.13 1.49 -33.15
N GLY A 1717 19.23 2.39 -32.78
CA GLY A 1717 18.06 2.66 -33.59
C GLY A 1717 17.09 1.49 -33.66
N MET B 3 22.77 79.01 79.03
CA MET B 3 22.12 80.06 78.26
C MET B 3 22.42 79.91 76.77
N GLY B 4 21.76 80.72 75.96
CA GLY B 4 21.94 80.66 74.52
C GLY B 4 20.63 80.50 73.76
N ARG B 5 19.87 81.59 73.66
CA ARG B 5 18.61 81.55 72.93
C ARG B 5 18.85 81.42 71.44
N ILE B 6 17.92 80.74 70.77
CA ILE B 6 18.03 80.47 69.33
C ILE B 6 16.73 80.87 68.66
N LEU B 7 16.84 81.56 67.53
CA LEU B 7 15.69 81.99 66.75
C LEU B 7 15.54 81.06 65.54
N PHE B 8 14.47 80.26 65.54
CA PHE B 8 14.23 79.29 64.49
C PHE B 8 13.18 79.85 63.54
N LEU B 9 13.60 80.25 62.34
CA LEU B 9 12.72 80.83 61.34
C LEU B 9 12.47 79.80 60.25
N THR B 10 11.24 79.30 60.16
CA THR B 10 10.91 78.24 59.21
C THR B 10 9.54 78.50 58.62
N THR B 11 9.49 78.74 57.30
CA THR B 11 8.22 79.08 56.67
C THR B 11 7.34 77.84 56.51
N PHE B 12 7.87 76.79 55.88
CA PHE B 12 7.12 75.57 55.60
C PHE B 12 7.37 74.45 56.61
N MET B 13 8.62 74.26 57.04
CA MET B 13 8.97 73.08 57.82
C MET B 13 8.23 73.05 59.15
N SER B 14 8.20 71.87 59.75
CA SER B 14 7.43 71.61 60.97
C SER B 14 8.23 72.01 62.21
N LYS B 15 7.48 72.39 63.26
CA LYS B 15 8.08 72.82 64.51
C LYS B 15 8.61 71.67 65.34
N GLY B 16 8.07 70.46 65.16
CA GLY B 16 8.48 69.31 65.94
C GLY B 16 9.72 68.62 65.39
N ASN B 17 10.61 69.40 64.77
CA ASN B 17 11.79 68.83 64.14
C ASN B 17 12.74 68.25 65.18
N LYS B 18 13.53 67.27 64.74
CA LYS B 18 14.52 66.65 65.62
C LYS B 18 15.59 67.65 66.04
N VAL B 19 15.97 68.55 65.13
CA VAL B 19 16.97 69.57 65.45
C VAL B 19 16.48 70.47 66.59
N VAL B 20 15.22 70.88 66.53
CA VAL B 20 14.67 71.74 67.59
C VAL B 20 14.67 71.01 68.92
N ARG B 21 14.23 69.75 68.92
CA ARG B 21 14.16 68.98 70.16
C ARG B 21 15.54 68.72 70.74
N TYR B 22 16.53 68.50 69.88
CA TYR B 22 17.90 68.27 70.36
C TYR B 22 18.46 69.49 71.06
N LEU B 23 18.33 70.67 70.45
CA LEU B 23 18.83 71.89 71.06
C LEU B 23 18.22 72.12 72.44
N GLU B 24 16.92 71.84 72.58
CA GLU B 24 16.28 72.00 73.88
C GLU B 24 16.80 71.01 74.91
N SER B 25 17.23 69.83 74.47
CA SER B 25 17.80 68.86 75.40
C SER B 25 19.15 69.35 75.96
N LEU B 26 19.90 70.12 75.17
CA LEU B 26 21.09 70.80 75.66
C LEU B 26 20.77 72.09 76.41
N HIS B 27 19.50 72.28 76.78
CA HIS B 27 19.04 73.41 77.59
C HIS B 27 19.17 74.74 76.84
N HIS B 28 19.11 74.70 75.51
CA HIS B 28 19.02 75.90 74.69
C HIS B 28 17.55 76.24 74.48
N GLU B 29 17.15 77.44 74.90
CA GLU B 29 15.79 77.91 74.67
C GLU B 29 15.65 78.31 73.20
N VAL B 30 14.75 77.65 72.49
CA VAL B 30 14.57 77.85 71.06
C VAL B 30 13.21 78.49 70.82
N VAL B 31 13.16 79.43 69.88
CA VAL B 31 11.93 80.14 69.53
C VAL B 31 11.63 79.85 68.07
N ILE B 32 10.55 79.13 67.82
CA ILE B 32 10.10 78.82 66.46
C ILE B 32 9.17 79.93 66.00
N CYS B 33 9.43 80.48 64.82
CA CYS B 33 8.66 81.59 64.29
C CYS B 33 8.52 81.43 62.78
N GLN B 34 7.27 81.38 62.30
CA GLN B 34 7.00 81.29 60.87
C GLN B 34 6.59 82.62 60.26
N GLU B 35 6.08 83.56 61.05
CA GLU B 35 5.64 84.84 60.53
C GLU B 35 6.84 85.70 60.17
N LYS B 36 6.58 86.72 59.35
CA LYS B 36 7.65 87.61 58.90
C LYS B 36 8.22 88.40 60.08
N VAL B 37 9.54 88.40 60.20
CA VAL B 37 10.25 89.10 61.26
C VAL B 37 10.91 90.34 60.66
N HIS B 38 10.79 91.46 61.37
CA HIS B 38 11.32 92.73 60.91
C HIS B 38 12.40 93.23 61.87
N ALA B 39 13.14 94.25 61.42
CA ALA B 39 14.28 94.74 62.17
C ALA B 39 13.88 95.26 63.56
N GLN B 40 12.71 95.88 63.68
CA GLN B 40 12.28 96.49 64.93
C GLN B 40 11.51 95.53 65.84
N SER B 41 11.55 94.22 65.56
CA SER B 41 10.89 93.26 66.43
C SER B 41 11.61 93.18 67.76
N ALA B 42 10.84 93.13 68.85
CA ALA B 42 11.44 93.00 70.18
C ALA B 42 12.12 91.66 70.37
N ASN B 43 11.81 90.68 69.52
CA ASN B 43 12.41 89.35 69.59
C ASN B 43 13.68 89.25 68.76
N LEU B 44 14.42 90.34 68.58
CA LEU B 44 15.60 90.33 67.74
C LEU B 44 16.88 90.76 68.46
N GLN B 45 16.77 91.63 69.47
CA GLN B 45 17.98 92.10 70.16
C GLN B 45 18.49 91.06 71.15
N GLU B 46 17.60 90.46 71.94
CA GLU B 46 17.99 89.49 72.96
C GLU B 46 18.23 88.10 72.39
N ILE B 47 18.44 87.98 71.08
CA ILE B 47 18.72 86.72 70.42
C ILE B 47 20.22 86.56 70.27
N ASP B 48 20.74 85.39 70.63
CA ASP B 48 22.15 85.09 70.50
C ASP B 48 22.48 84.29 69.25
N TRP B 49 21.54 83.52 68.72
CA TRP B 49 21.76 82.71 67.52
C TRP B 49 20.51 82.70 66.67
N ILE B 50 20.69 82.78 65.36
CA ILE B 50 19.61 82.72 64.39
C ILE B 50 19.89 81.56 63.45
N VAL B 51 19.06 80.52 63.51
CA VAL B 51 19.15 79.38 62.61
C VAL B 51 17.93 79.42 61.70
N SER B 52 18.17 79.59 60.40
CA SER B 52 17.11 79.59 59.40
C SER B 52 17.14 78.28 58.63
N TYR B 53 15.98 77.88 58.12
CA TYR B 53 15.83 76.57 57.47
C TYR B 53 14.74 76.72 56.41
N ALA B 54 15.16 77.01 55.17
CA ALA B 54 14.26 77.18 54.04
C ALA B 54 13.21 78.26 54.34
N TYR B 55 13.63 79.33 54.99
CA TYR B 55 12.74 80.45 55.24
C TYR B 55 12.30 81.07 53.93
N GLY B 56 11.00 81.35 53.82
CA GLY B 56 10.44 81.78 52.56
C GLY B 56 10.75 83.21 52.15
N TYR B 57 10.64 84.15 53.08
CA TYR B 57 10.84 85.55 52.78
C TYR B 57 12.32 85.91 52.91
N ILE B 58 12.65 87.12 52.44
CA ILE B 58 14.01 87.64 52.47
C ILE B 58 14.10 88.68 53.59
N LEU B 59 15.24 88.69 54.28
CA LEU B 59 15.45 89.58 55.41
C LEU B 59 15.99 90.94 54.94
N ASP B 60 16.24 91.81 55.92
CA ASP B 60 16.81 93.12 55.66
C ASP B 60 18.31 93.10 55.98
N LYS B 61 19.09 93.84 55.19
CA LYS B 61 20.54 93.88 55.39
C LYS B 61 20.92 94.35 56.78
N GLU B 62 20.04 95.09 57.47
CA GLU B 62 20.31 95.49 58.84
C GLU B 62 20.41 94.26 59.75
N ILE B 63 19.46 93.33 59.61
CA ILE B 63 19.46 92.13 60.45
C ILE B 63 20.69 91.28 60.16
N VAL B 64 21.06 91.18 58.88
CA VAL B 64 22.20 90.34 58.51
C VAL B 64 23.51 90.93 59.03
N SER B 65 23.66 92.26 58.93
CA SER B 65 24.89 92.89 59.37
C SER B 65 25.03 92.91 60.88
N ARG B 66 23.90 93.10 61.59
CA ARG B 66 23.96 93.11 63.05
C ARG B 66 24.49 91.79 63.59
N PHE B 67 24.09 90.67 62.99
CA PHE B 67 24.52 89.34 63.44
C PHE B 67 25.59 88.83 62.49
N ARG B 68 26.84 89.03 62.86
CA ARG B 68 27.99 88.53 62.09
C ARG B 68 28.53 87.28 62.77
N GLY B 69 28.73 86.22 61.98
CA GLY B 69 29.30 85.01 62.53
C GLY B 69 28.35 84.13 63.30
N ARG B 70 27.06 84.49 63.37
CA ARG B 70 26.11 83.70 64.14
C ARG B 70 24.78 83.49 63.41
N ILE B 71 24.75 83.60 62.09
CA ILE B 71 23.56 83.32 61.30
C ILE B 71 23.88 82.13 60.40
N ILE B 72 23.18 81.01 60.63
CA ILE B 72 23.43 79.78 59.90
C ILE B 72 22.15 79.36 59.20
N ASN B 73 22.31 78.69 58.06
CA ASN B 73 21.19 78.12 57.32
C ASN B 73 21.48 76.66 57.03
N LEU B 74 20.50 75.80 57.27
CA LEU B 74 20.58 74.39 56.90
C LEU B 74 19.90 74.24 55.55
N HIS B 75 20.69 74.35 54.48
CA HIS B 75 20.18 74.20 53.12
C HIS B 75 20.53 72.83 52.58
N PRO B 76 19.57 72.03 52.09
CA PRO B 76 19.89 70.66 51.65
C PRO B 76 20.25 70.54 50.18
N SER B 77 21.42 71.10 49.89
CA SER B 77 21.98 70.97 48.58
C SER B 77 23.50 71.09 48.70
N LEU B 78 24.21 70.64 47.66
CA LEU B 78 25.67 70.69 47.61
C LEU B 78 26.10 71.99 46.93
N LEU B 79 25.99 73.09 47.68
CA LEU B 79 26.32 74.44 47.22
C LEU B 79 27.72 74.47 46.61
N PRO B 80 27.95 75.28 45.56
CA PRO B 80 27.02 76.26 44.98
C PRO B 80 25.93 75.67 44.09
N TRP B 81 25.87 74.34 44.00
CA TRP B 81 24.87 73.70 43.14
C TRP B 81 23.49 73.81 43.75
N ASN B 82 22.52 74.15 42.91
CA ASN B 82 21.12 74.26 43.30
C ASN B 82 20.90 75.24 44.46
N LYS B 83 21.44 76.46 44.28
CA LYS B 83 21.03 77.56 45.11
C LYS B 83 19.54 77.93 44.95
N GLY B 84 18.97 78.49 45.99
CA GLY B 84 17.57 78.89 45.94
C GLY B 84 16.57 77.72 45.94
N ARG B 85 15.57 77.82 45.06
CA ARG B 85 14.34 77.04 45.17
C ARG B 85 14.45 75.61 44.63
N ASP B 86 13.67 74.73 45.26
CA ASP B 86 13.55 73.34 44.85
C ASP B 86 14.93 72.67 44.64
N PRO B 87 15.85 72.79 45.61
CA PRO B 87 17.22 72.32 45.35
C PRO B 87 17.31 70.83 45.07
N VAL B 88 16.59 70.00 45.83
CA VAL B 88 16.64 68.56 45.62
C VAL B 88 16.13 68.20 44.23
N PHE B 89 14.98 68.76 43.84
CA PHE B 89 14.40 68.46 42.55
C PHE B 89 15.35 68.85 41.41
N TRP B 90 15.88 70.06 41.45
CA TRP B 90 16.79 70.51 40.40
C TRP B 90 18.10 69.73 40.42
N SER B 91 18.55 69.29 41.60
CA SER B 91 19.73 68.44 41.67
C SER B 91 19.50 67.13 40.95
N VAL B 92 18.25 66.67 40.90
CA VAL B 92 17.93 65.44 40.18
C VAL B 92 17.72 65.73 38.69
N TRP B 93 16.94 66.78 38.39
CA TRP B 93 16.66 67.11 37.00
C TRP B 93 17.93 67.50 36.25
N ASP B 94 18.66 68.48 36.78
CA ASP B 94 19.92 68.87 36.15
C ASP B 94 21.05 67.88 36.37
N GLU B 95 20.82 66.83 37.18
CA GLU B 95 21.79 65.75 37.39
C GLU B 95 23.15 66.30 37.82
N THR B 96 23.12 67.13 38.85
CA THR B 96 24.30 67.74 39.43
C THR B 96 24.83 66.91 40.59
N PRO B 97 26.03 67.20 41.08
CA PRO B 97 26.51 66.53 42.30
C PRO B 97 25.55 66.76 43.46
N LYS B 98 25.36 65.70 44.26
CA LYS B 98 24.38 65.75 45.38
C LYS B 98 25.10 65.81 46.73
N GLY B 99 24.59 66.65 47.62
CA GLY B 99 25.12 66.81 48.96
C GLY B 99 24.27 67.76 49.77
N VAL B 100 24.76 68.05 50.97
CA VAL B 100 24.13 68.99 51.90
C VAL B 100 25.19 69.96 52.39
N THR B 101 24.80 71.21 52.62
CA THR B 101 25.77 72.24 52.98
C THR B 101 25.22 73.14 54.07
N ILE B 102 25.95 73.24 55.17
CA ILE B 102 25.69 74.18 56.26
C ILE B 102 26.57 75.39 56.02
N HIS B 103 25.98 76.56 55.78
CA HIS B 103 26.77 77.72 55.38
C HIS B 103 26.21 78.99 56.02
N LEU B 104 27.08 80.00 56.08
CA LEU B 104 26.70 81.32 56.58
C LEU B 104 25.78 82.03 55.59
N ILE B 105 24.95 82.92 56.11
CA ILE B 105 24.08 83.76 55.30
C ILE B 105 24.78 85.10 55.11
N ASP B 106 25.09 85.43 53.86
CA ASP B 106 25.69 86.72 53.53
C ASP B 106 24.63 87.62 52.89
N GLU B 107 25.08 88.60 52.12
CA GLU B 107 24.16 89.61 51.59
C GLU B 107 23.22 89.03 50.55
N HIS B 108 23.66 88.04 49.77
CA HIS B 108 22.87 87.51 48.68
C HIS B 108 22.24 86.17 49.06
N VAL B 109 21.49 85.61 48.12
CA VAL B 109 20.68 84.42 48.39
C VAL B 109 21.54 83.17 48.26
N ASP B 110 21.76 82.48 49.39
CA ASP B 110 22.48 81.21 49.43
C ASP B 110 23.85 81.31 48.77
N THR B 111 24.61 82.34 49.15
CA THR B 111 25.92 82.53 48.58
C THR B 111 27.03 82.60 49.63
N GLY B 112 26.70 82.51 50.92
CA GLY B 112 27.68 82.68 51.96
C GLY B 112 28.66 81.52 52.04
N ASP B 113 29.72 81.76 52.82
CA ASP B 113 30.77 80.77 52.99
C ASP B 113 30.23 79.50 53.63
N ILE B 114 30.80 78.38 53.24
CA ILE B 114 30.39 77.06 53.71
C ILE B 114 31.07 76.75 55.03
N LEU B 115 30.28 76.45 56.06
CA LEU B 115 30.85 75.93 57.30
C LEU B 115 31.10 74.43 57.21
N VAL B 116 30.09 73.66 56.82
CA VAL B 116 30.19 72.21 56.73
C VAL B 116 29.46 71.76 55.46
N GLN B 117 30.08 70.84 54.72
CA GLN B 117 29.52 70.31 53.50
C GLN B 117 29.76 68.80 53.46
N GLU B 118 28.79 68.06 52.94
CA GLU B 118 28.88 66.60 52.90
C GLU B 118 28.15 66.07 51.68
N GLU B 119 28.74 65.08 51.02
CA GLU B 119 28.12 64.49 49.84
C GLU B 119 27.05 63.49 50.25
N ILE B 120 26.05 63.32 49.37
CA ILE B 120 24.96 62.38 49.58
C ILE B 120 24.65 61.71 48.24
N ALA B 121 23.99 60.55 48.31
CA ALA B 121 23.65 59.79 47.12
C ALA B 121 22.18 59.38 47.18
N PHE B 122 21.50 59.46 46.03
CA PHE B 122 20.11 59.05 45.89
C PHE B 122 20.04 57.89 44.91
N ALA B 123 19.32 56.83 45.30
CA ALA B 123 19.17 55.67 44.44
C ALA B 123 18.16 55.94 43.34
N ASP B 124 18.35 55.26 42.21
CA ASP B 124 17.48 55.45 41.06
C ASP B 124 16.04 55.10 41.40
N GLU B 125 15.82 54.08 42.24
CA GLU B 125 14.48 53.63 42.54
C GLU B 125 13.74 54.53 43.52
N ASP B 126 14.43 55.44 44.21
CA ASP B 126 13.77 56.35 45.13
C ASP B 126 12.88 57.32 44.37
N THR B 127 11.73 57.63 44.94
CA THR B 127 10.85 58.64 44.37
C THR B 127 11.31 60.03 44.82
N LEU B 128 10.87 61.05 44.08
CA LEU B 128 11.24 62.42 44.41
C LEU B 128 10.80 62.82 45.81
N LEU B 129 9.73 62.18 46.32
CA LEU B 129 9.34 62.41 47.71
C LEU B 129 10.34 61.78 48.68
N ASP B 130 10.81 60.57 48.38
CA ASP B 130 11.78 59.91 49.24
C ASP B 130 13.08 60.68 49.28
N CYS B 131 13.57 61.14 48.13
CA CYS B 131 14.81 61.90 48.08
C CYS B 131 14.69 63.19 48.88
N TYR B 132 13.59 63.92 48.68
CA TYR B 132 13.36 65.14 49.46
C TYR B 132 13.38 64.85 50.96
N ASN B 133 12.74 63.76 51.39
CA ASN B 133 12.75 63.41 52.80
C ASN B 133 14.12 62.93 53.25
N LYS B 134 14.77 62.11 52.43
CA LYS B 134 16.07 61.56 52.81
C LYS B 134 17.11 62.66 53.01
N ALA B 135 17.12 63.66 52.12
CA ALA B 135 18.06 64.76 52.25
C ALA B 135 17.79 65.57 53.51
N ASN B 136 16.51 65.81 53.83
CA ASN B 136 16.17 66.55 55.04
C ASN B 136 16.63 65.80 56.28
N GLN B 137 16.49 64.47 56.28
CA GLN B 137 16.91 63.68 57.43
C GLN B 137 18.43 63.68 57.56
N ALA B 138 19.15 63.62 56.44
CA ALA B 138 20.61 63.54 56.48
C ALA B 138 21.23 64.82 56.99
N ILE B 139 20.64 65.98 56.66
CA ILE B 139 21.22 67.24 57.09
C ILE B 139 20.94 67.50 58.56
N GLU B 140 19.81 67.02 59.09
CA GLU B 140 19.51 67.21 60.51
C GLU B 140 20.48 66.43 61.39
N GLU B 141 20.79 65.18 61.01
CA GLU B 141 21.75 64.40 61.76
C GLU B 141 23.15 65.00 61.69
N LEU B 142 23.52 65.53 60.52
CA LEU B 142 24.80 66.22 60.38
C LEU B 142 24.89 67.41 61.34
N PHE B 143 23.78 68.14 61.49
CA PHE B 143 23.74 69.28 62.39
C PHE B 143 23.91 68.84 63.85
N ILE B 144 23.35 67.68 64.20
CA ILE B 144 23.38 67.22 65.58
C ILE B 144 24.81 66.89 66.01
N ARG B 145 25.61 66.33 65.11
CA ARG B 145 26.98 65.98 65.45
C ARG B 145 27.90 67.19 65.51
N GLU B 146 27.66 68.20 64.68
CA GLU B 146 28.59 69.31 64.50
C GLU B 146 28.12 70.60 65.14
N TRP B 147 27.06 70.56 65.95
CA TRP B 147 26.56 71.79 66.57
C TRP B 147 27.56 72.37 67.56
N GLU B 148 28.14 71.52 68.40
CA GLU B 148 29.13 72.00 69.37
C GLU B 148 30.30 72.70 68.68
N ASN B 149 30.75 72.16 67.55
CA ASN B 149 31.83 72.81 66.81
C ASN B 149 31.38 74.12 66.19
N ILE B 150 30.10 74.24 65.84
CA ILE B 150 29.61 75.47 65.22
C ILE B 150 29.48 76.57 66.26
N VAL B 151 28.99 76.24 67.46
CA VAL B 151 28.82 77.24 68.51
C VAL B 151 30.16 77.88 68.86
N HIS B 152 31.15 77.05 69.22
CA HIS B 152 32.45 77.54 69.64
C HIS B 152 33.26 78.14 68.50
N GLY B 153 32.72 78.20 67.29
CA GLY B 153 33.47 78.77 66.18
C GLY B 153 34.72 78.00 65.82
N ARG B 154 34.81 76.72 66.20
CA ARG B 154 36.00 75.94 65.88
C ARG B 154 36.15 75.71 64.39
N ILE B 155 35.05 75.73 63.65
CA ILE B 155 35.07 75.42 62.22
C ILE B 155 35.54 76.65 61.45
N ALA B 156 36.32 76.42 60.39
CA ALA B 156 36.78 77.49 59.53
C ALA B 156 35.91 77.57 58.29
N PRO B 157 35.04 78.57 58.17
CA PRO B 157 34.23 78.69 56.94
C PRO B 157 35.09 78.96 55.72
N TYR B 158 34.71 78.35 54.61
CA TYR B 158 35.43 78.50 53.35
C TYR B 158 34.46 78.92 52.26
N ARG B 159 34.89 79.87 51.43
CA ARG B 159 34.04 80.40 50.38
C ARG B 159 33.61 79.29 49.42
N GLN B 160 32.43 79.47 48.83
CA GLN B 160 31.93 78.45 47.91
C GLN B 160 32.69 78.49 46.60
N THR B 161 32.64 77.37 45.89
CA THR B 161 33.26 77.26 44.58
C THR B 161 32.57 78.21 43.60
N ALA B 162 33.32 78.60 42.56
CA ALA B 162 32.77 79.45 41.51
C ALA B 162 31.84 78.63 40.62
N GLY B 163 30.64 79.15 40.39
CA GLY B 163 29.69 78.48 39.52
C GLY B 163 28.34 78.25 40.17
N GLY B 164 27.67 77.17 39.78
CA GLY B 164 26.37 76.83 40.33
C GLY B 164 25.23 77.24 39.42
N THR B 165 24.02 77.11 39.97
CA THR B 165 22.79 77.47 39.28
C THR B 165 21.89 78.23 40.25
N LEU B 166 20.74 78.67 39.73
CA LEU B 166 19.78 79.41 40.53
C LEU B 166 18.38 79.16 39.98
N HIS B 167 17.41 79.02 40.86
CA HIS B 167 16.03 78.75 40.48
C HIS B 167 15.09 79.54 41.38
N PHE B 168 13.93 79.91 40.82
CA PHE B 168 12.94 80.70 41.50
C PHE B 168 11.68 79.86 41.74
N LYS B 169 10.68 80.50 42.38
CA LYS B 169 9.47 79.79 42.75
C LYS B 169 8.72 79.29 41.52
N ALA B 170 8.65 80.11 40.47
CA ALA B 170 7.85 79.75 39.30
C ALA B 170 8.52 78.69 38.43
N ASP B 171 9.83 78.47 38.60
CA ASP B 171 10.56 77.55 37.74
C ASP B 171 10.02 76.12 37.81
N ARG B 172 9.23 75.82 38.84
CA ARG B 172 8.72 74.43 39.04
C ARG B 172 7.28 74.25 38.56
N ASP B 173 6.62 75.32 38.11
CA ASP B 173 5.24 75.19 37.64
C ASP B 173 5.11 74.15 36.54
N PHE B 174 6.03 74.19 35.57
CA PHE B 174 6.06 73.22 34.48
C PHE B 174 6.20 71.79 34.99
N TYR B 175 6.76 71.60 36.18
CA TYR B 175 7.08 70.28 36.72
C TYR B 175 6.23 69.92 37.94
N LYS B 176 5.10 70.62 38.15
CA LYS B 176 4.32 70.42 39.36
C LYS B 176 3.78 68.99 39.48
N ASN B 177 3.44 68.37 38.35
CA ASN B 177 2.86 67.03 38.36
C ASN B 177 3.91 65.92 38.40
N LEU B 178 5.18 66.24 38.65
CA LEU B 178 6.25 65.27 38.51
C LEU B 178 6.86 64.81 39.83
N ASN B 179 6.57 65.47 40.95
CA ASN B 179 7.27 65.19 42.19
C ASN B 179 6.91 63.83 42.79
N MET B 180 5.97 63.09 42.21
CA MET B 180 5.64 61.74 42.66
C MET B 180 6.19 60.68 41.72
N THR B 181 7.03 61.05 40.76
CA THR B 181 7.66 60.09 39.86
C THR B 181 9.00 59.65 40.44
N THR B 182 9.33 58.38 40.22
CA THR B 182 10.63 57.87 40.63
C THR B 182 11.75 58.65 39.93
N VAL B 183 12.91 58.69 40.57
CA VAL B 183 14.08 59.34 39.98
C VAL B 183 14.36 58.78 38.59
N ARG B 184 14.27 57.46 38.45
CA ARG B 184 14.46 56.82 37.15
C ARG B 184 13.44 57.32 36.14
N GLU B 185 12.16 57.36 36.52
CA GLU B 185 11.12 57.80 35.59
C GLU B 185 11.30 59.27 35.22
N LEU B 186 11.68 60.10 36.18
CA LEU B 186 11.88 61.52 35.90
C LEU B 186 12.98 61.73 34.86
N LEU B 187 14.16 61.17 35.12
CA LEU B 187 15.25 61.30 34.16
C LEU B 187 14.93 60.63 32.83
N ALA B 188 14.05 59.62 32.85
CA ALA B 188 13.61 59.00 31.61
C ALA B 188 12.80 59.98 30.76
N LEU B 189 11.90 60.74 31.38
CA LEU B 189 11.16 61.76 30.66
C LEU B 189 12.09 62.87 30.18
N LYS B 190 13.10 63.21 30.98
CA LYS B 190 14.04 64.26 30.57
C LYS B 190 14.77 63.88 29.28
N ARG B 191 15.17 62.61 29.16
CA ARG B 191 15.84 62.17 27.94
C ARG B 191 14.89 62.22 26.75
N LEU B 192 13.64 61.80 26.93
CA LEU B 192 12.68 61.80 25.84
C LEU B 192 12.34 63.22 25.36
N CYS B 193 12.63 64.24 26.17
CA CYS B 193 12.39 65.62 25.81
C CYS B 193 13.69 66.42 25.75
N ALA B 194 14.77 65.77 25.33
CA ALA B 194 16.08 66.39 25.30
C ALA B 194 16.06 67.66 24.45
N GLU B 195 16.42 68.78 25.07
CA GLU B 195 16.49 70.04 24.34
C GLU B 195 17.58 69.96 23.27
N PRO B 196 17.46 70.73 22.19
CA PRO B 196 18.48 70.71 21.14
C PRO B 196 19.86 71.07 21.69
N LYS B 197 20.80 70.13 21.55
CA LYS B 197 22.14 70.32 22.06
C LYS B 197 22.89 71.37 21.24
N ARG B 198 24.03 71.80 21.77
CA ARG B 198 24.86 72.77 21.07
C ARG B 198 25.44 72.15 19.79
N GLY B 199 25.69 73.01 18.80
CA GLY B 199 26.17 72.53 17.52
C GLY B 199 25.10 71.96 16.61
N GLU B 200 23.83 72.15 16.98
CA GLU B 200 22.68 71.67 16.15
C GLU B 200 22.74 72.39 14.79
N LYS B 201 22.44 71.72 13.68
CA LYS B 201 22.68 72.45 12.44
C LYS B 201 21.43 73.20 12.01
N PRO B 202 21.59 74.44 11.54
CA PRO B 202 20.47 75.18 10.96
C PRO B 202 20.29 74.84 9.49
N ILE B 203 19.11 75.21 8.97
CA ILE B 203 18.79 75.01 7.56
C ILE B 203 19.03 76.31 6.83
N ASP B 204 19.85 76.26 5.78
CA ASP B 204 20.20 77.44 5.01
C ASP B 204 19.62 77.45 3.60
N LYS B 205 19.27 76.29 3.06
CA LYS B 205 18.85 76.17 1.67
C LYS B 205 17.34 75.96 1.58
N THR B 206 16.77 76.38 0.46
CA THR B 206 15.39 76.09 0.14
C THR B 206 15.30 74.74 -0.56
N PHE B 207 14.06 74.27 -0.74
CA PHE B 207 13.84 72.94 -1.30
C PHE B 207 14.33 72.86 -2.75
N HIS B 208 13.93 73.81 -3.58
CA HIS B 208 14.33 73.78 -4.99
C HIS B 208 15.84 73.95 -5.15
N GLN B 209 16.49 74.61 -4.19
CA GLN B 209 17.96 74.61 -4.16
C GLN B 209 18.50 73.21 -4.01
N LEU B 210 17.94 72.43 -3.08
CA LEU B 210 18.34 71.04 -2.91
C LEU B 210 17.88 70.18 -4.07
N PHE B 211 16.71 70.47 -4.64
CA PHE B 211 16.20 69.70 -5.76
C PHE B 211 17.10 69.82 -6.97
N GLU B 212 17.45 71.06 -7.35
CA GLU B 212 18.39 71.26 -8.45
C GLU B 212 19.71 70.55 -8.18
N GLN B 213 20.17 70.56 -6.93
CA GLN B 213 21.37 69.82 -6.56
C GLN B 213 21.19 68.33 -6.81
N GLN B 214 20.00 67.80 -6.53
CA GLN B 214 19.73 66.39 -6.79
C GLN B 214 19.54 66.12 -8.28
N VAL B 215 18.99 67.10 -9.02
CA VAL B 215 18.86 66.95 -10.47
C VAL B 215 20.23 66.76 -11.10
N GLU B 216 21.22 67.54 -10.64
CA GLU B 216 22.57 67.43 -11.17
C GLU B 216 23.27 66.14 -10.74
N MET B 217 22.69 65.39 -9.80
CA MET B 217 23.27 64.12 -9.38
C MET B 217 22.76 62.95 -10.22
N THR B 218 21.49 62.97 -10.61
CA THR B 218 20.89 61.91 -11.43
C THR B 218 20.00 62.56 -12.49
N PRO B 219 20.60 63.22 -13.48
CA PRO B 219 19.77 63.94 -14.46
C PRO B 219 18.97 63.01 -15.36
N ASP B 220 19.56 61.91 -15.81
CA ASP B 220 18.94 61.02 -16.76
C ASP B 220 18.15 59.89 -16.09
N HIS B 221 17.98 59.94 -14.78
CA HIS B 221 17.17 58.94 -14.09
C HIS B 221 15.70 59.28 -14.25
N VAL B 222 14.87 58.22 -14.31
CA VAL B 222 13.43 58.41 -14.47
C VAL B 222 12.87 59.11 -13.24
N ALA B 223 12.16 60.22 -13.46
CA ALA B 223 11.61 61.03 -12.38
C ALA B 223 10.11 60.80 -12.18
N VAL B 224 9.35 60.80 -13.27
CA VAL B 224 7.89 60.67 -13.19
C VAL B 224 7.42 59.77 -14.31
N VAL B 225 6.47 58.89 -14.00
CA VAL B 225 5.88 57.96 -14.97
C VAL B 225 4.37 58.08 -14.91
N ASP B 226 3.75 58.27 -16.07
CA ASP B 226 2.30 58.41 -16.19
C ASP B 226 1.85 57.56 -17.37
N ARG B 227 1.38 56.35 -17.09
CA ARG B 227 0.96 55.38 -18.10
C ARG B 227 2.16 55.12 -19.01
N GLY B 228 2.07 55.42 -20.31
CA GLY B 228 3.21 55.16 -21.18
C GLY B 228 4.26 56.25 -21.16
N GLN B 229 3.86 57.50 -20.96
CA GLN B 229 4.78 58.62 -21.00
C GLN B 229 5.60 58.71 -19.71
N SER B 230 6.73 59.41 -19.80
CA SER B 230 7.59 59.60 -18.65
C SER B 230 8.52 60.77 -18.91
N LEU B 231 8.93 61.44 -17.84
CA LEU B 231 9.89 62.53 -17.90
C LEU B 231 11.04 62.24 -16.95
N THR B 232 12.24 62.65 -17.34
CA THR B 232 13.41 62.49 -16.49
C THR B 232 13.58 63.70 -15.59
N TYR B 233 14.53 63.58 -14.65
CA TYR B 233 14.84 64.70 -13.76
C TYR B 233 15.29 65.92 -14.55
N LYS B 234 16.14 65.73 -15.56
CA LYS B 234 16.60 66.84 -16.38
C LYS B 234 15.44 67.48 -17.14
N GLN B 235 14.63 66.66 -17.81
CA GLN B 235 13.50 67.18 -18.57
C GLN B 235 12.51 67.92 -17.66
N LEU B 236 12.18 67.31 -16.52
CA LEU B 236 11.28 67.95 -15.57
C LEU B 236 11.84 69.27 -15.07
N ASN B 237 13.12 69.27 -14.67
CA ASN B 237 13.73 70.49 -14.15
C ASN B 237 13.75 71.60 -15.19
N GLU B 238 14.06 71.24 -16.44
CA GLU B 238 14.14 72.25 -17.50
C GLU B 238 12.75 72.78 -17.89
N ARG B 239 11.78 71.87 -18.07
CA ARG B 239 10.44 72.29 -18.45
C ARG B 239 9.81 73.17 -17.37
N ALA B 240 10.03 72.84 -16.10
CA ALA B 240 9.52 73.67 -15.01
C ALA B 240 10.16 75.05 -15.01
N ASN B 241 11.46 75.12 -15.32
CA ASN B 241 12.13 76.41 -15.41
C ASN B 241 11.52 77.29 -16.48
N GLN B 242 11.12 76.70 -17.61
CA GLN B 242 10.49 77.47 -18.67
C GLN B 242 9.20 78.12 -18.20
N LEU B 243 8.31 77.32 -17.60
CA LEU B 243 7.08 77.87 -17.05
C LEU B 243 7.36 78.84 -15.90
N ALA B 244 8.44 78.61 -15.16
CA ALA B 244 8.77 79.49 -14.04
C ALA B 244 9.19 80.88 -14.51
N HIS B 245 10.02 80.96 -15.55
CA HIS B 245 10.39 82.26 -16.10
C HIS B 245 9.16 83.03 -16.55
N HIS B 246 8.24 82.35 -17.25
CA HIS B 246 6.99 83.00 -17.66
C HIS B 246 6.17 83.43 -16.44
N LEU B 247 6.12 82.59 -15.40
CA LEU B 247 5.37 82.95 -14.20
C LEU B 247 6.02 84.12 -13.47
N ARG B 248 7.33 84.06 -13.26
CA ARG B 248 8.01 85.17 -12.60
C ARG B 248 7.97 86.44 -13.43
N GLY B 249 7.94 86.31 -14.75
CA GLY B 249 7.75 87.48 -15.61
C GLY B 249 6.38 88.11 -15.50
N LYS B 250 5.39 87.36 -15.00
CA LYS B 250 4.06 87.89 -14.76
C LYS B 250 3.89 88.48 -13.37
N GLY B 251 4.95 88.50 -12.55
CA GLY B 251 4.91 89.15 -11.26
C GLY B 251 4.89 88.24 -10.05
N VAL B 252 5.12 86.94 -10.21
CA VAL B 252 5.12 86.03 -9.07
C VAL B 252 6.32 86.34 -8.18
N LYS B 253 6.06 86.59 -6.90
CA LYS B 253 7.09 86.94 -5.94
C LYS B 253 7.06 85.95 -4.78
N PRO B 254 8.08 85.94 -3.92
CA PRO B 254 8.04 85.05 -2.76
C PRO B 254 6.81 85.29 -1.89
N ASP B 255 6.24 84.19 -1.37
CA ASP B 255 5.04 84.13 -0.56
C ASP B 255 3.77 84.43 -1.34
N ASP B 256 3.85 84.70 -2.64
CA ASP B 256 2.65 84.80 -3.45
C ASP B 256 2.04 83.42 -3.64
N GLN B 257 0.71 83.37 -3.75
CA GLN B 257 -0.01 82.13 -3.93
C GLN B 257 -0.44 81.99 -5.39
N VAL B 258 -0.22 80.80 -5.95
CA VAL B 258 -0.63 80.48 -7.31
C VAL B 258 -1.52 79.24 -7.21
N ALA B 259 -2.81 79.40 -7.54
CA ALA B 259 -3.73 78.29 -7.51
C ALA B 259 -3.45 77.34 -8.67
N ILE B 260 -3.63 76.04 -8.43
CA ILE B 260 -3.46 75.00 -9.43
C ILE B 260 -4.70 74.13 -9.41
N MET B 261 -5.37 73.99 -10.55
CA MET B 261 -6.57 73.17 -10.67
C MET B 261 -6.39 72.26 -11.88
N LEU B 262 -5.93 71.03 -11.63
CA LEU B 262 -5.68 70.07 -12.69
C LEU B 262 -5.92 68.66 -12.16
N ASP B 263 -6.20 67.76 -13.09
CA ASP B 263 -6.33 66.32 -12.77
C ASP B 263 -4.90 65.77 -12.73
N LYS B 264 -4.66 64.74 -11.91
CA LYS B 264 -3.32 64.16 -11.76
C LYS B 264 -2.73 63.83 -13.12
N SER B 265 -1.58 64.40 -13.42
CA SER B 265 -0.94 64.23 -14.73
C SER B 265 0.50 64.73 -14.61
N LEU B 266 1.20 64.75 -15.74
CA LEU B 266 2.54 65.31 -15.79
C LEU B 266 2.50 66.83 -15.62
N ASP B 267 1.51 67.48 -16.24
CA ASP B 267 1.38 68.93 -16.13
C ASP B 267 1.25 69.38 -14.68
N MET B 268 0.70 68.53 -13.82
CA MET B 268 0.57 68.87 -12.41
C MET B 268 1.93 69.01 -11.74
N ILE B 269 2.77 67.97 -11.85
CA ILE B 269 4.09 68.02 -11.22
C ILE B 269 4.94 69.12 -11.84
N VAL B 270 4.79 69.35 -13.15
CA VAL B 270 5.51 70.44 -13.79
C VAL B 270 5.04 71.78 -13.24
N SER B 271 3.73 71.95 -13.07
CA SER B 271 3.20 73.21 -12.55
C SER B 271 3.61 73.41 -11.09
N ILE B 272 3.59 72.34 -10.29
CA ILE B 272 3.94 72.45 -8.87
C ILE B 272 5.37 72.98 -8.72
N LEU B 273 6.33 72.34 -9.40
CA LEU B 273 7.71 72.78 -9.29
C LEU B 273 7.93 74.14 -9.93
N ALA B 274 7.16 74.47 -10.97
CA ALA B 274 7.31 75.78 -11.61
C ALA B 274 6.94 76.90 -10.65
N VAL B 275 5.93 76.68 -9.81
CA VAL B 275 5.52 77.69 -8.85
C VAL B 275 6.62 77.92 -7.82
N MET B 276 7.22 76.84 -7.30
CA MET B 276 8.29 76.98 -6.32
C MET B 276 9.47 77.75 -6.89
N LYS B 277 9.98 77.31 -8.05
CA LYS B 277 11.11 78.00 -8.68
C LYS B 277 10.79 79.46 -8.95
N ALA B 278 9.56 79.74 -9.39
CA ALA B 278 9.16 81.14 -9.58
C ALA B 278 9.24 81.92 -8.27
N GLY B 279 8.98 81.26 -7.14
CA GLY B 279 9.18 81.90 -5.85
C GLY B 279 8.02 81.74 -4.88
N GLY B 280 6.84 81.42 -5.40
CA GLY B 280 5.62 81.43 -4.61
C GLY B 280 5.23 80.07 -4.09
N ALA B 281 4.01 80.01 -3.55
CA ALA B 281 3.43 78.80 -2.98
C ALA B 281 2.22 78.38 -3.81
N TYR B 282 2.08 77.07 -4.01
CA TYR B 282 1.00 76.55 -4.85
C TYR B 282 -0.22 76.21 -4.00
N VAL B 283 -1.39 76.59 -4.49
CA VAL B 283 -2.66 76.32 -3.82
C VAL B 283 -3.40 75.24 -4.62
N PRO B 284 -3.30 73.97 -4.24
CA PRO B 284 -3.94 72.92 -5.03
C PRO B 284 -5.45 72.97 -4.89
N ILE B 285 -6.15 72.88 -6.02
CA ILE B 285 -7.61 72.95 -6.06
C ILE B 285 -8.09 71.75 -6.88
N ASP B 286 -8.61 70.74 -6.20
CA ASP B 286 -9.17 69.58 -6.88
C ASP B 286 -10.31 70.03 -7.79
N PRO B 287 -10.23 69.78 -9.10
CA PRO B 287 -11.27 70.27 -10.01
C PRO B 287 -12.62 69.58 -9.84
N ASP B 288 -12.69 68.45 -9.13
CA ASP B 288 -13.96 67.81 -8.86
C ASP B 288 -14.76 68.52 -7.78
N TYR B 289 -14.15 69.44 -7.05
CA TYR B 289 -14.88 70.27 -6.11
C TYR B 289 -15.97 71.05 -6.82
N PRO B 290 -17.08 71.35 -6.15
CA PRO B 290 -18.10 72.23 -6.75
C PRO B 290 -17.59 73.66 -6.86
N GLY B 291 -18.22 74.42 -7.77
CA GLY B 291 -17.80 75.78 -8.00
C GLY B 291 -17.84 76.66 -6.76
N GLU B 292 -18.76 76.37 -5.83
CA GLU B 292 -18.80 77.10 -4.58
C GLU B 292 -17.50 76.94 -3.81
N ARG B 293 -17.00 75.71 -3.71
CA ARG B 293 -15.74 75.49 -3.02
C ARG B 293 -14.57 76.06 -3.81
N ILE B 294 -14.64 75.99 -5.14
CA ILE B 294 -13.56 76.51 -5.97
C ILE B 294 -13.47 78.02 -5.82
N ALA B 295 -14.61 78.71 -5.89
CA ALA B 295 -14.62 80.15 -5.69
C ALA B 295 -14.13 80.53 -4.30
N TYR B 296 -14.42 79.69 -3.31
CA TYR B 296 -13.99 80.00 -1.94
C TYR B 296 -12.46 79.97 -1.82
N MET B 297 -11.82 78.91 -2.33
CA MET B 297 -10.37 78.84 -2.27
C MET B 297 -9.72 79.97 -3.05
N LEU B 298 -10.31 80.34 -4.18
CA LEU B 298 -9.76 81.45 -4.96
C LEU B 298 -9.94 82.78 -4.24
N ALA B 299 -11.05 82.94 -3.51
CA ALA B 299 -11.33 84.20 -2.83
C ALA B 299 -10.51 84.34 -1.56
N ASP B 300 -10.56 83.33 -0.67
CA ASP B 300 -9.85 83.41 0.60
C ASP B 300 -8.35 83.52 0.37
N SER B 301 -7.81 82.72 -0.55
CA SER B 301 -6.39 82.83 -0.88
C SER B 301 -6.13 84.07 -1.73
N SER B 302 -5.06 84.78 -1.41
CA SER B 302 -4.69 85.98 -2.15
C SER B 302 -3.96 85.60 -3.44
N ALA B 303 -4.58 84.76 -4.25
CA ALA B 303 -3.99 84.24 -5.47
C ALA B 303 -4.68 84.85 -6.68
N ALA B 304 -3.93 85.60 -7.48
CA ALA B 304 -4.45 86.15 -8.72
C ALA B 304 -4.27 85.21 -9.90
N ILE B 305 -3.19 84.41 -9.90
CA ILE B 305 -2.87 83.51 -10.99
C ILE B 305 -3.42 82.13 -10.70
N LEU B 306 -4.06 81.53 -11.70
CA LEU B 306 -4.58 80.16 -11.60
C LEU B 306 -4.03 79.36 -12.78
N LEU B 307 -3.12 78.43 -12.48
CA LEU B 307 -2.61 77.50 -13.48
C LEU B 307 -3.61 76.36 -13.63
N THR B 308 -4.26 76.28 -14.79
CA THR B 308 -5.28 75.28 -15.02
C THR B 308 -5.31 74.93 -16.49
N ASN B 309 -6.25 74.07 -16.86
CA ASN B 309 -6.45 73.60 -18.22
C ASN B 309 -7.70 74.25 -18.81
N ALA B 310 -7.97 73.92 -20.08
CA ALA B 310 -9.23 74.33 -20.69
C ALA B 310 -10.40 73.44 -20.29
N LEU B 311 -10.14 72.20 -19.89
CA LEU B 311 -11.21 71.32 -19.41
C LEU B 311 -11.85 71.88 -18.15
N HIS B 312 -11.07 72.51 -17.27
CA HIS B 312 -11.58 73.07 -16.03
C HIS B 312 -11.51 74.59 -16.01
N GLU B 313 -11.19 75.22 -17.15
CA GLU B 313 -11.07 76.68 -17.19
C GLU B 313 -12.39 77.35 -16.80
N GLU B 314 -13.50 76.87 -17.36
CA GLU B 314 -14.78 77.52 -17.12
C GLU B 314 -15.21 77.41 -15.65
N LYS B 315 -14.70 76.41 -14.92
CA LYS B 315 -15.07 76.22 -13.52
C LYS B 315 -14.61 77.37 -12.63
N ALA B 316 -13.72 78.24 -13.11
CA ALA B 316 -13.29 79.40 -12.34
C ALA B 316 -14.10 80.65 -12.66
N ASN B 317 -14.92 80.62 -13.72
CA ASN B 317 -15.77 81.74 -14.11
C ASN B 317 -14.99 83.04 -14.22
N GLY B 318 -13.84 82.95 -14.90
CA GLY B 318 -13.03 84.13 -15.17
C GLY B 318 -12.59 84.91 -13.95
N ALA B 319 -12.55 84.28 -12.78
CA ALA B 319 -12.18 85.00 -11.57
C ALA B 319 -10.68 85.29 -11.51
N CYS B 320 -9.86 84.44 -12.12
CA CYS B 320 -8.41 84.56 -12.07
C CYS B 320 -7.85 84.66 -13.47
N ASP B 321 -6.69 85.32 -13.57
CA ASP B 321 -5.93 85.38 -14.83
C ASP B 321 -5.38 83.99 -15.11
N ILE B 322 -6.06 83.26 -15.99
CA ILE B 322 -5.72 81.87 -16.26
C ILE B 322 -4.48 81.78 -17.13
N ILE B 323 -3.61 80.82 -16.81
CA ILE B 323 -2.46 80.48 -17.63
C ILE B 323 -2.60 79.02 -18.00
N ASP B 324 -3.13 78.74 -19.19
CA ASP B 324 -3.33 77.38 -19.64
C ASP B 324 -1.99 76.65 -19.73
N VAL B 325 -1.86 75.55 -19.00
CA VAL B 325 -0.63 74.77 -19.00
C VAL B 325 -0.38 74.05 -20.31
N HIS B 326 -1.37 74.10 -21.22
CA HIS B 326 -1.23 73.43 -22.55
C HIS B 326 -0.80 74.46 -23.60
N ASP B 327 -1.17 75.73 -23.41
CA ASP B 327 -0.80 76.77 -24.37
C ASP B 327 0.72 76.82 -24.45
N PRO B 328 1.32 76.56 -25.62
CA PRO B 328 2.78 76.53 -25.70
C PRO B 328 3.44 77.85 -25.39
N ASP B 329 2.74 78.98 -25.56
CA ASP B 329 3.30 80.28 -25.23
C ASP B 329 3.38 80.52 -23.73
N SER B 330 2.85 79.63 -22.90
CA SER B 330 3.00 79.73 -21.46
C SER B 330 4.38 79.34 -20.97
N TYR B 331 5.22 78.77 -21.84
CA TYR B 331 6.56 78.34 -21.48
C TYR B 331 7.57 79.19 -22.24
N SER B 332 8.56 79.71 -21.52
CA SER B 332 9.60 80.52 -22.13
C SER B 332 10.64 79.62 -22.81
N GLU B 333 11.51 80.25 -23.60
CA GLU B 333 12.63 79.53 -24.18
C GLU B 333 13.70 79.22 -23.15
N ASN B 334 13.83 80.06 -22.13
CA ASN B 334 14.87 79.90 -21.13
C ASN B 334 14.62 78.64 -20.30
N THR B 335 15.59 77.74 -20.29
CA THR B 335 15.50 76.48 -19.56
C THR B 335 16.43 76.44 -18.35
N ASN B 336 17.20 77.49 -18.10
CA ASN B 336 18.15 77.49 -17.00
C ASN B 336 17.43 77.69 -15.67
N ASN B 337 18.13 77.32 -14.59
CA ASN B 337 17.62 77.59 -13.26
C ASN B 337 17.51 79.09 -13.02
N LEU B 338 16.39 79.51 -12.45
CA LEU B 338 16.17 80.91 -12.18
C LEU B 338 17.04 81.37 -11.01
N PRO B 339 17.34 82.67 -10.95
CA PRO B 339 18.05 83.19 -9.77
C PRO B 339 17.26 82.92 -8.49
N HIS B 340 17.95 82.36 -7.50
CA HIS B 340 17.30 82.00 -6.25
C HIS B 340 16.89 83.27 -5.50
N VAL B 341 15.60 83.38 -5.17
CA VAL B 341 15.05 84.53 -4.48
C VAL B 341 14.34 84.15 -3.19
N ASN B 342 14.43 82.88 -2.79
CA ASN B 342 13.69 82.37 -1.65
C ASN B 342 14.61 82.08 -0.48
N ARG B 343 14.12 82.36 0.72
CA ARG B 343 14.75 82.01 1.98
C ARG B 343 14.05 80.82 2.60
N PRO B 344 14.74 80.06 3.45
CA PRO B 344 14.10 78.90 4.08
C PRO B 344 12.86 79.23 4.92
N ASP B 345 12.63 80.50 5.22
CA ASP B 345 11.47 80.92 6.00
C ASP B 345 10.30 81.36 5.13
N ASP B 346 10.36 81.10 3.83
CA ASP B 346 9.29 81.49 2.92
C ASP B 346 8.29 80.34 2.73
N LEU B 347 7.05 80.72 2.40
CA LEU B 347 6.00 79.73 2.20
C LEU B 347 6.28 78.87 0.98
N VAL B 348 5.93 77.59 1.08
CA VAL B 348 6.09 76.66 -0.03
C VAL B 348 4.74 76.22 -0.60
N TYR B 349 3.73 76.06 0.27
CA TYR B 349 2.39 75.78 -0.22
C TYR B 349 1.37 76.16 0.85
N VAL B 350 0.11 76.23 0.44
CA VAL B 350 -1.01 76.52 1.33
C VAL B 350 -2.10 75.50 1.01
N MET B 351 -2.27 74.52 1.90
CA MET B 351 -3.32 73.53 1.75
C MET B 351 -4.49 73.86 2.67
N TYR B 352 -5.69 73.49 2.23
CA TYR B 352 -6.91 73.77 2.97
C TYR B 352 -7.42 72.49 3.62
N THR B 353 -7.63 72.54 4.93
CA THR B 353 -8.20 71.46 5.71
C THR B 353 -9.57 71.89 6.23
N SER B 354 -10.21 71.01 6.99
CA SER B 354 -11.51 71.33 7.53
C SER B 354 -11.41 72.46 8.55
N GLY B 355 -12.55 73.08 8.84
CA GLY B 355 -12.59 74.18 9.77
C GLY B 355 -13.82 74.20 10.65
N SER B 356 -13.62 74.19 11.97
CA SER B 356 -14.73 74.19 12.90
C SER B 356 -15.33 75.58 13.06
N THR B 357 -14.51 76.55 13.47
CA THR B 357 -14.98 77.92 13.71
C THR B 357 -15.17 78.63 12.36
N GLY B 358 -16.16 78.15 11.61
CA GLY B 358 -16.44 78.71 10.31
C GLY B 358 -16.33 77.69 9.19
N LEU B 359 -15.71 78.10 8.08
CA LEU B 359 -15.59 77.26 6.90
C LEU B 359 -14.37 76.35 6.97
N ALA B 360 -13.23 76.83 6.47
CA ALA B 360 -12.00 76.06 6.42
C ALA B 360 -10.82 76.99 6.67
N LYS B 361 -9.71 76.39 7.07
CA LYS B 361 -8.49 77.14 7.38
C LYS B 361 -7.38 76.74 6.43
N GLY B 362 -6.74 77.75 5.83
CA GLY B 362 -5.58 77.51 4.99
C GLY B 362 -4.32 77.26 5.80
N VAL B 363 -3.76 76.06 5.72
CA VAL B 363 -2.56 75.72 6.46
C VAL B 363 -1.35 76.20 5.66
N MET B 364 -0.59 77.12 6.24
CA MET B 364 0.62 77.64 5.61
C MET B 364 1.83 76.84 6.06
N ILE B 365 2.47 76.16 5.11
CA ILE B 365 3.67 75.36 5.37
C ILE B 365 4.85 76.06 4.71
N GLU B 366 5.95 76.17 5.44
CA GLU B 366 7.14 76.85 4.97
C GLU B 366 8.15 75.86 4.39
N HIS B 367 9.15 76.40 3.70
CA HIS B 367 10.17 75.58 3.05
C HIS B 367 10.95 74.77 4.08
N HIS B 368 11.41 75.42 5.16
CA HIS B 368 12.25 74.74 6.14
C HIS B 368 11.50 73.60 6.81
N ASN B 369 10.17 73.67 6.87
CA ASN B 369 9.39 72.54 7.37
C ASN B 369 9.57 71.32 6.46
N LEU B 370 9.41 71.51 5.15
CA LEU B 370 9.51 70.38 4.22
C LEU B 370 10.95 69.90 4.11
N VAL B 371 11.92 70.81 4.11
CA VAL B 371 13.32 70.43 3.98
C VAL B 371 13.76 69.55 5.16
N ASN B 372 13.36 69.95 6.37
CA ASN B 372 13.71 69.16 7.55
C ASN B 372 13.15 67.75 7.46
N PHE B 373 11.93 67.61 6.94
CA PHE B 373 11.31 66.29 6.83
C PHE B 373 11.99 65.44 5.76
N CYS B 374 12.27 66.02 4.58
CA CYS B 374 12.92 65.27 3.51
C CYS B 374 14.36 64.89 3.87
N GLU B 375 15.07 65.76 4.59
CA GLU B 375 16.45 65.47 4.94
C GLU B 375 16.57 64.38 6.00
N TRP B 376 15.51 64.12 6.76
CA TRP B 376 15.48 62.95 7.64
C TRP B 376 14.96 61.71 6.95
N TYR B 377 14.00 61.87 6.04
CA TYR B 377 13.36 60.74 5.38
C TYR B 377 14.38 59.88 4.62
N ARG B 378 15.27 60.53 3.87
CA ARG B 378 16.20 59.80 3.02
C ARG B 378 17.16 58.92 3.81
N PRO B 379 17.86 59.41 4.85
CA PRO B 379 18.75 58.50 5.58
C PRO B 379 18.03 57.45 6.40
N TYR B 380 16.91 57.81 7.03
CA TYR B 380 16.23 56.88 7.94
C TYR B 380 15.73 55.64 7.19
N PHE B 381 15.08 55.84 6.05
CA PHE B 381 14.56 54.74 5.26
C PHE B 381 15.53 54.24 4.20
N GLY B 382 16.72 54.83 4.11
CA GLY B 382 17.71 54.42 3.14
C GLY B 382 17.21 54.48 1.71
N VAL B 383 16.58 55.59 1.35
CA VAL B 383 16.01 55.76 0.02
C VAL B 383 17.12 56.06 -0.97
N THR B 384 17.06 55.44 -2.14
CA THR B 384 18.05 55.57 -3.19
C THR B 384 17.34 55.76 -4.51
N PRO B 385 18.05 56.24 -5.54
CA PRO B 385 17.41 56.37 -6.87
C PRO B 385 16.80 55.09 -7.40
N ALA B 386 17.28 53.92 -6.96
CA ALA B 386 16.68 52.66 -7.40
C ALA B 386 15.22 52.55 -6.98
N ASP B 387 14.81 53.25 -5.92
CA ASP B 387 13.44 53.18 -5.46
C ASP B 387 12.49 53.85 -6.45
N LYS B 388 11.27 53.32 -6.51
CA LYS B 388 10.20 53.90 -7.33
C LYS B 388 9.00 54.13 -6.42
N ALA B 389 8.56 55.37 -6.32
CA ALA B 389 7.51 55.76 -5.37
C ALA B 389 6.20 56.02 -6.10
N LEU B 390 5.10 55.75 -5.41
CA LEU B 390 3.76 55.96 -5.95
C LEU B 390 3.23 57.33 -5.54
N VAL B 391 2.81 58.11 -6.53
CA VAL B 391 2.10 59.38 -6.26
C VAL B 391 0.61 59.02 -6.23
N TYR B 392 0.19 58.49 -5.08
CA TYR B 392 -1.15 57.91 -4.96
C TYR B 392 -2.18 58.88 -4.39
N SER B 393 -1.82 59.61 -3.33
CA SER B 393 -2.78 60.44 -2.63
C SER B 393 -3.21 61.63 -3.48
N SER B 394 -4.48 62.04 -3.31
CA SER B 394 -4.99 63.26 -3.93
C SER B 394 -4.11 64.44 -3.57
N PHE B 395 -3.81 65.27 -4.56
CA PHE B 395 -2.75 66.26 -4.41
C PHE B 395 -3.17 67.50 -3.63
N SER B 396 -4.41 67.54 -3.13
CA SER B 396 -4.78 68.62 -2.23
C SER B 396 -4.40 68.32 -0.79
N PHE B 397 -4.02 67.08 -0.48
CA PHE B 397 -3.64 66.67 0.86
C PHE B 397 -2.13 66.47 0.94
N ASP B 398 -1.57 66.80 2.11
CA ASP B 398 -0.11 66.79 2.26
C ASP B 398 0.49 65.39 2.20
N GLY B 399 -0.34 64.34 2.27
CA GLY B 399 0.17 63.00 2.00
C GLY B 399 0.74 62.86 0.60
N SER B 400 0.30 63.69 -0.34
CA SER B 400 0.93 63.74 -1.65
C SER B 400 2.30 64.39 -1.60
N ALA B 401 2.48 65.37 -0.69
CA ALA B 401 3.79 65.99 -0.52
C ALA B 401 4.83 64.98 -0.03
N LEU B 402 4.41 64.04 0.82
CA LEU B 402 5.30 62.94 1.20
C LEU B 402 5.65 62.09 -0.03
N ASP B 403 4.64 61.71 -0.81
CA ASP B 403 4.86 60.86 -1.97
C ASP B 403 5.84 61.51 -2.95
N ILE B 404 5.72 62.82 -3.15
CA ILE B 404 6.42 63.50 -4.23
C ILE B 404 7.77 64.06 -3.77
N PHE B 405 7.79 64.83 -2.68
CA PHE B 405 8.95 65.66 -2.39
C PHE B 405 10.06 64.89 -1.70
N THR B 406 9.73 63.99 -0.77
CA THR B 406 10.77 63.23 -0.08
C THR B 406 11.50 62.29 -1.02
N HIS B 407 10.80 61.76 -2.03
CA HIS B 407 11.42 60.80 -2.94
C HIS B 407 12.20 61.48 -4.05
N LEU B 408 11.85 62.71 -4.42
CA LEU B 408 12.58 63.42 -5.46
C LEU B 408 13.97 63.82 -4.98
N LEU B 409 14.09 64.23 -3.72
CA LEU B 409 15.41 64.58 -3.18
C LEU B 409 16.32 63.37 -3.03
N ALA B 410 15.76 62.17 -2.98
CA ALA B 410 16.54 60.95 -2.94
C ALA B 410 16.85 60.38 -4.31
N GLY B 411 16.42 61.05 -5.38
CA GLY B 411 16.62 60.56 -6.72
C GLY B 411 15.70 59.44 -7.15
N ALA B 412 14.73 59.06 -6.31
CA ALA B 412 13.82 57.99 -6.66
C ALA B 412 12.89 58.41 -7.79
N ALA B 413 12.11 57.45 -8.29
CA ALA B 413 11.22 57.66 -9.41
C ALA B 413 9.78 57.72 -8.90
N LEU B 414 9.06 58.76 -9.30
CA LEU B 414 7.65 58.90 -8.95
C LEU B 414 6.79 58.24 -10.03
N HIS B 415 5.81 57.47 -9.60
CA HIS B 415 4.87 56.82 -10.52
C HIS B 415 3.48 57.29 -10.18
N ILE B 416 2.97 58.26 -10.95
CA ILE B 416 1.60 58.72 -10.75
C ILE B 416 0.66 57.54 -10.96
N VAL B 417 -0.29 57.39 -10.06
CA VAL B 417 -1.21 56.27 -10.15
C VAL B 417 -2.26 56.57 -11.22
N PRO B 418 -2.43 55.71 -12.22
CA PRO B 418 -3.47 55.95 -13.23
C PRO B 418 -4.84 56.08 -12.58
N SER B 419 -5.60 57.07 -13.05
CA SER B 419 -6.92 57.34 -12.47
C SER B 419 -7.80 56.10 -12.49
N GLU B 420 -7.70 55.30 -13.57
CA GLU B 420 -8.47 54.07 -13.64
C GLU B 420 -7.95 53.04 -12.64
N ARG B 421 -6.63 52.97 -12.46
CA ARG B 421 -6.01 52.00 -11.57
C ARG B 421 -5.92 52.50 -10.14
N LYS B 422 -6.39 53.73 -9.86
CA LYS B 422 -6.25 54.31 -8.54
C LYS B 422 -7.02 53.49 -7.50
N TYR B 423 -8.26 53.13 -7.82
CA TYR B 423 -9.12 52.44 -6.87
C TYR B 423 -9.22 50.95 -7.14
N ASP B 424 -8.78 50.47 -8.30
CA ASP B 424 -8.70 49.03 -8.56
C ASP B 424 -7.34 48.54 -8.11
N LEU B 425 -7.24 48.23 -6.80
CA LEU B 425 -5.97 47.82 -6.22
C LEU B 425 -5.43 46.54 -6.84
N ASP B 426 -6.28 45.74 -7.48
CA ASP B 426 -5.79 44.57 -8.20
C ASP B 426 -4.82 44.98 -9.31
N ALA B 427 -5.23 45.91 -10.16
CA ALA B 427 -4.34 46.39 -11.22
C ALA B 427 -3.17 47.19 -10.64
N LEU B 428 -3.40 47.88 -9.51
CA LEU B 428 -2.32 48.63 -8.88
C LEU B 428 -1.21 47.69 -8.42
N ASN B 429 -1.57 46.63 -7.70
CA ASN B 429 -0.58 45.65 -7.25
C ASN B 429 0.11 45.00 -8.45
N ASP B 430 -0.64 44.71 -9.51
CA ASP B 430 -0.03 44.20 -10.74
C ASP B 430 0.97 45.21 -11.29
N TYR B 431 0.57 46.48 -11.37
CA TYR B 431 1.47 47.53 -11.84
C TYR B 431 2.67 47.66 -10.91
N CYS B 432 2.45 47.58 -9.60
CA CYS B 432 3.54 47.71 -8.65
C CYS B 432 4.54 46.56 -8.79
N ASN B 433 4.04 45.35 -9.04
CA ASN B 433 4.94 44.23 -9.27
C ASN B 433 5.62 44.33 -10.62
N GLN B 434 4.95 44.93 -11.61
CA GLN B 434 5.54 45.05 -12.94
C GLN B 434 6.65 46.11 -12.95
N GLU B 435 6.34 47.32 -12.51
CA GLU B 435 7.31 48.40 -12.53
C GLU B 435 8.33 48.32 -11.39
N GLY B 436 8.03 47.57 -10.33
CA GLY B 436 8.95 47.43 -9.23
C GLY B 436 8.87 48.57 -8.23
N ILE B 437 7.66 48.88 -7.78
CA ILE B 437 7.44 49.96 -6.81
C ILE B 437 7.92 49.46 -5.44
N THR B 438 8.99 50.07 -4.93
CA THR B 438 9.63 49.59 -3.70
C THR B 438 9.10 50.28 -2.45
N ILE B 439 8.93 51.60 -2.48
CA ILE B 439 8.48 52.35 -1.31
C ILE B 439 7.31 53.24 -1.72
N SER B 440 6.36 53.41 -0.81
CA SER B 440 5.18 54.23 -1.07
C SER B 440 4.46 54.47 0.24
N TYR B 441 3.75 55.60 0.32
CA TYR B 441 2.83 55.87 1.40
C TYR B 441 1.40 55.61 0.92
N LEU B 442 0.66 54.81 1.69
CA LEU B 442 -0.72 54.50 1.38
C LEU B 442 -1.57 54.82 2.60
N PRO B 443 -2.71 55.51 2.44
CA PRO B 443 -3.57 55.76 3.60
C PRO B 443 -4.04 54.46 4.24
N THR B 444 -4.35 54.55 5.53
CA THR B 444 -4.69 53.36 6.32
C THR B 444 -5.78 52.54 5.66
N GLY B 445 -6.82 53.21 5.12
CA GLY B 445 -7.89 52.48 4.46
C GLY B 445 -7.41 51.64 3.30
N ALA B 446 -6.65 52.26 2.39
CA ALA B 446 -6.12 51.50 1.25
C ALA B 446 -5.03 50.54 1.67
N ALA B 447 -4.28 50.86 2.72
CA ALA B 447 -3.20 49.98 3.17
C ALA B 447 -3.74 48.65 3.68
N GLU B 448 -4.72 48.69 4.60
CA GLU B 448 -5.29 47.46 5.13
C GLU B 448 -5.86 46.58 4.04
N GLN B 449 -6.54 47.18 3.05
CA GLN B 449 -7.11 46.41 1.95
C GLN B 449 -6.03 45.87 1.01
N PHE B 450 -4.88 46.53 0.96
CA PHE B 450 -3.78 46.06 0.12
C PHE B 450 -2.99 44.93 0.76
N MET B 451 -3.05 44.78 2.09
CA MET B 451 -2.28 43.74 2.76
C MET B 451 -2.68 42.34 2.31
N GLN B 452 -3.96 42.12 2.01
CA GLN B 452 -4.39 40.81 1.54
C GLN B 452 -3.75 40.45 0.20
N MET B 453 -3.42 41.47 -0.60
CA MET B 453 -2.83 41.22 -1.91
C MET B 453 -1.43 40.63 -1.76
N ASP B 454 -1.02 39.88 -2.78
CA ASP B 454 0.31 39.27 -2.81
C ASP B 454 1.31 40.29 -3.37
N ASN B 455 2.37 40.54 -2.62
CA ASN B 455 3.39 41.49 -3.04
C ASN B 455 4.76 41.00 -2.58
N GLN B 456 5.77 41.20 -3.43
CA GLN B 456 7.15 40.89 -3.10
C GLN B 456 8.12 42.01 -3.44
N SER B 457 7.62 43.13 -3.96
CA SER B 457 8.48 44.22 -4.42
C SER B 457 8.70 45.29 -3.35
N PHE B 458 7.68 45.60 -2.57
CA PHE B 458 7.80 46.67 -1.58
C PHE B 458 8.77 46.29 -0.48
N ARG B 459 9.50 47.28 0.02
CA ARG B 459 10.34 47.14 1.20
C ARG B 459 9.85 47.95 2.38
N VAL B 460 9.23 49.11 2.14
CA VAL B 460 8.74 49.99 3.20
C VAL B 460 7.41 50.58 2.72
N VAL B 461 6.32 50.23 3.41
CA VAL B 461 5.03 50.85 3.18
C VAL B 461 4.72 51.71 4.41
N ILE B 462 4.63 53.01 4.20
CA ILE B 462 4.29 53.93 5.27
C ILE B 462 2.79 54.18 5.23
N THR B 463 2.17 54.19 6.41
CA THR B 463 0.74 54.44 6.54
C THR B 463 0.51 55.48 7.63
N GLY B 464 -0.73 55.85 7.81
CA GLY B 464 -1.09 56.85 8.80
C GLY B 464 -2.32 57.60 8.37
N GLY B 465 -2.70 58.57 9.22
CA GLY B 465 -3.90 59.35 9.02
C GLY B 465 -5.14 58.77 9.65
N ASP B 466 -5.21 57.44 9.77
CA ASP B 466 -6.30 56.76 10.45
C ASP B 466 -5.72 55.62 11.26
N VAL B 467 -6.47 55.20 12.29
CA VAL B 467 -5.99 54.19 13.23
C VAL B 467 -5.69 52.89 12.50
N LEU B 468 -4.40 52.58 12.35
CA LEU B 468 -4.00 51.31 11.75
C LEU B 468 -4.24 50.17 12.72
N LYS B 469 -4.89 49.10 12.25
CA LYS B 469 -5.27 48.00 13.13
C LYS B 469 -4.78 46.65 12.62
N LYS B 470 -4.65 46.51 11.30
CA LYS B 470 -4.26 45.26 10.68
C LYS B 470 -2.76 45.25 10.44
N ILE B 471 -2.10 44.18 10.86
CA ILE B 471 -0.66 44.04 10.71
C ILE B 471 -0.31 42.88 9.77
N GLU B 472 -1.10 41.81 9.79
CA GLU B 472 -0.84 40.66 8.93
C GLU B 472 -0.93 41.05 7.46
N ARG B 473 0.04 40.57 6.68
CA ARG B 473 0.14 40.95 5.27
C ARG B 473 0.96 39.88 4.55
N ASN B 474 0.65 39.70 3.27
CA ASN B 474 1.34 38.71 2.44
C ASN B 474 2.50 39.36 1.66
N GLY B 475 3.48 39.85 2.41
CA GLY B 475 4.61 40.51 1.79
C GLY B 475 5.78 40.65 2.71
N THR B 476 6.97 40.79 2.11
CA THR B 476 8.23 40.93 2.85
C THR B 476 8.60 42.40 2.88
N TYR B 477 7.96 43.16 3.77
CA TYR B 477 8.25 44.58 3.87
C TYR B 477 7.95 45.09 5.27
N LYS B 478 8.80 46.01 5.73
CA LYS B 478 8.62 46.63 7.04
C LYS B 478 7.43 47.58 7.02
N LEU B 479 6.45 47.32 7.89
CA LEU B 479 5.32 48.22 8.04
C LEU B 479 5.70 49.37 8.96
N TYR B 480 5.47 50.60 8.48
CA TYR B 480 5.78 51.80 9.25
C TYR B 480 4.52 52.61 9.48
N ASN B 481 4.26 52.96 10.73
CA ASN B 481 3.09 53.73 11.12
C ASN B 481 3.52 55.15 11.43
N GLY B 482 3.02 56.11 10.66
CA GLY B 482 3.37 57.51 10.85
C GLY B 482 2.22 58.34 11.37
N TYR B 483 2.53 59.46 12.01
CA TYR B 483 1.53 60.35 12.58
C TYR B 483 1.98 61.79 12.42
N GLY B 484 1.01 62.69 12.29
CA GLY B 484 1.27 64.10 12.20
C GLY B 484 0.13 64.86 11.57
N PRO B 485 -0.15 66.05 12.06
CA PRO B 485 -1.19 66.89 11.46
C PRO B 485 -0.67 67.63 10.24
N THR B 486 -1.61 68.09 9.42
CA THR B 486 -1.25 68.94 8.28
C THR B 486 -0.56 70.21 8.74
N GLU B 487 -0.94 70.70 9.92
CA GLU B 487 -0.38 71.97 10.47
C GLU B 487 1.12 71.86 10.77
N CYS B 488 1.63 70.65 10.98
CA CYS B 488 3.04 70.45 11.31
C CYS B 488 3.77 69.65 10.23
N THR B 489 3.32 69.79 8.98
CA THR B 489 4.00 69.29 7.80
C THR B 489 4.05 67.77 7.77
N ILE B 490 3.03 67.16 7.15
CA ILE B 490 3.00 65.74 6.81
C ILE B 490 2.94 64.88 8.06
N MET B 491 4.09 64.62 8.67
CA MET B 491 4.14 63.74 9.83
C MET B 491 5.13 64.27 10.86
N VAL B 492 4.88 63.92 12.11
CA VAL B 492 5.71 64.34 13.23
C VAL B 492 6.32 63.17 13.99
N THR B 493 5.74 61.98 13.93
CA THR B 493 6.28 60.80 14.59
C THR B 493 6.29 59.64 13.60
N MET B 494 7.10 58.63 13.92
CA MET B 494 7.22 57.44 13.09
C MET B 494 7.46 56.25 14.00
N PHE B 495 6.75 55.15 13.75
CA PHE B 495 6.87 53.95 14.56
C PHE B 495 7.22 52.76 13.67
N GLU B 496 8.14 51.94 14.15
CA GLU B 496 8.48 50.67 13.51
C GLU B 496 7.60 49.59 14.11
N VAL B 497 6.64 49.10 13.32
CA VAL B 497 5.67 48.12 13.79
C VAL B 497 6.37 46.77 13.99
N ASP B 498 6.96 46.58 15.17
CA ASP B 498 7.69 45.35 15.45
C ASP B 498 6.77 44.18 15.76
N LYS B 499 5.54 44.45 16.21
CA LYS B 499 4.62 43.39 16.59
C LYS B 499 3.21 43.95 16.54
N PRO B 500 2.19 43.10 16.57
CA PRO B 500 0.81 43.61 16.59
C PRO B 500 0.47 44.28 17.92
N TYR B 501 -0.35 45.33 17.81
CA TYR B 501 -0.92 46.01 18.97
C TYR B 501 -2.40 46.26 18.70
N ALA B 502 -3.21 46.22 19.76
CA ALA B 502 -4.58 46.67 19.63
C ALA B 502 -4.65 48.15 19.30
N ASN B 503 -3.65 48.92 19.73
CA ASN B 503 -3.49 50.32 19.36
C ASN B 503 -2.02 50.50 18.98
N ILE B 504 -1.73 50.40 17.68
CA ILE B 504 -0.36 50.53 17.17
C ILE B 504 0.15 51.93 17.48
N PRO B 505 1.18 52.06 18.31
CA PRO B 505 1.66 53.39 18.70
C PRO B 505 2.23 54.15 17.51
N ILE B 506 2.30 55.47 17.67
CA ILE B 506 2.74 56.34 16.59
C ILE B 506 4.24 56.61 16.59
N GLY B 507 4.96 56.20 17.63
CA GLY B 507 6.40 56.24 17.58
C GLY B 507 7.08 57.37 18.33
N LYS B 508 8.29 57.71 17.90
CA LYS B 508 9.13 58.72 18.51
C LYS B 508 9.23 59.96 17.62
N PRO B 509 9.59 61.11 18.18
CA PRO B 509 9.71 62.32 17.37
C PRO B 509 10.77 62.19 16.29
N ILE B 510 10.63 63.02 15.24
CA ILE B 510 11.56 62.99 14.06
C ILE B 510 12.65 64.04 14.27
N ASP B 511 13.39 64.37 13.21
CA ASP B 511 14.52 65.35 13.29
C ASP B 511 14.07 66.70 13.88
N ARG B 512 14.93 67.27 14.73
CA ARG B 512 14.75 68.61 15.36
C ARG B 512 13.30 68.80 15.84
N THR B 513 12.73 67.79 16.51
CA THR B 513 11.38 67.91 17.02
C THR B 513 11.33 67.36 18.43
N ARG B 514 10.92 68.20 19.38
CA ARG B 514 10.58 67.74 20.73
C ARG B 514 9.07 67.74 20.87
N ILE B 515 8.55 66.68 21.48
CA ILE B 515 7.12 66.55 21.73
C ILE B 515 6.91 66.42 23.23
N LEU B 516 6.15 67.35 23.80
CA LEU B 516 5.82 67.35 25.21
C LEU B 516 4.37 66.91 25.40
N ILE B 517 4.14 66.04 26.36
CA ILE B 517 2.80 65.63 26.76
C ILE B 517 2.44 66.46 27.98
N LEU B 518 1.56 67.43 27.82
CA LEU B 518 1.19 68.36 28.87
C LEU B 518 -0.29 68.23 29.16
N ASP B 519 -0.65 68.50 30.42
CA ASP B 519 -2.06 68.49 30.82
C ASP B 519 -2.68 69.85 30.47
N GLU B 520 -3.93 70.06 30.90
CA GLU B 520 -4.61 71.31 30.61
C GLU B 520 -3.86 72.51 31.19
N ALA B 521 -3.12 72.32 32.27
CA ALA B 521 -2.39 73.39 32.93
C ALA B 521 -0.99 73.59 32.35
N LEU B 522 -0.67 72.94 31.22
CA LEU B 522 0.61 73.04 30.52
C LEU B 522 1.78 72.46 31.31
N ALA B 523 1.51 71.74 32.40
CA ALA B 523 2.59 71.13 33.16
C ALA B 523 2.96 69.78 32.56
N LEU B 524 4.21 69.36 32.79
CA LEU B 524 4.69 68.11 32.23
C LEU B 524 3.88 66.92 32.73
N GLN B 525 3.54 66.03 31.81
CA GLN B 525 2.93 64.82 32.33
C GLN B 525 3.98 63.73 32.49
N PRO B 526 3.95 63.00 33.61
CA PRO B 526 4.86 61.86 33.77
C PRO B 526 4.68 60.87 32.64
N ILE B 527 5.76 60.12 32.35
CA ILE B 527 5.68 59.07 31.34
C ILE B 527 4.54 58.13 31.70
N GLY B 528 3.73 57.79 30.70
CA GLY B 528 2.56 56.98 30.92
C GLY B 528 1.30 57.75 31.26
N VAL B 529 1.42 59.03 31.61
CA VAL B 529 0.27 59.84 31.96
C VAL B 529 -0.23 60.55 30.70
N ALA B 530 -1.52 60.38 30.40
CA ALA B 530 -2.10 60.98 29.21
C ALA B 530 -2.12 62.50 29.31
N GLY B 531 -2.14 63.15 28.15
CA GLY B 531 -2.18 64.60 28.10
C GLY B 531 -2.21 65.05 26.66
N GLU B 532 -2.20 66.37 26.49
CA GLU B 532 -2.26 66.95 25.16
C GLU B 532 -0.89 66.87 24.49
N LEU B 533 -0.86 66.31 23.28
CA LEU B 533 0.37 66.20 22.52
C LEU B 533 0.76 67.57 21.99
N PHE B 534 1.88 68.11 22.46
CA PHE B 534 2.41 69.38 22.00
C PHE B 534 3.62 69.12 21.11
N ILE B 535 3.66 69.77 19.94
CA ILE B 535 4.75 69.62 18.99
C ILE B 535 5.62 70.87 19.04
N VAL B 536 6.93 70.65 19.19
CA VAL B 536 7.92 71.72 19.17
C VAL B 536 8.98 71.36 18.15
N GLY B 537 9.50 72.37 17.45
CA GLY B 537 10.65 72.15 16.61
C GLY B 537 10.43 72.74 15.23
N GLU B 538 11.24 72.24 14.28
CA GLU B 538 11.32 72.79 12.93
C GLU B 538 10.09 72.48 12.08
N GLY B 539 9.22 71.57 12.52
CA GLY B 539 8.06 71.22 11.72
C GLY B 539 6.91 72.20 11.82
N LEU B 540 6.94 73.11 12.79
CA LEU B 540 5.81 74.08 12.88
C LEU B 540 5.72 74.93 11.59
N GLY B 541 4.51 75.08 11.03
CA GLY B 541 4.23 75.94 9.86
C GLY B 541 4.08 77.39 10.29
N ARG B 542 3.97 78.38 9.37
CA ARG B 542 3.96 79.73 10.01
C ARG B 542 2.63 79.95 10.74
N GLY B 543 1.53 79.40 10.21
CA GLY B 543 0.20 79.58 10.82
C GLY B 543 -0.93 79.42 9.82
N TYR B 544 -2.15 79.81 10.20
CA TYR B 544 -3.29 79.70 9.31
C TYR B 544 -3.41 80.94 8.45
N LEU B 545 -3.79 80.74 7.19
CA LEU B 545 -3.92 81.85 6.25
C LEU B 545 -5.17 82.66 6.54
N ASN B 546 -4.99 83.97 6.72
CA ASN B 546 -6.06 84.92 7.01
C ASN B 546 -6.77 84.61 8.33
N ARG B 547 -6.12 83.87 9.23
CA ARG B 547 -6.69 83.53 10.52
C ARG B 547 -5.63 83.74 11.61
N PRO B 548 -5.23 85.00 11.85
CA PRO B 548 -4.21 85.24 12.87
C PRO B 548 -4.69 84.93 14.28
N GLU B 549 -5.99 85.07 14.56
CA GLU B 549 -6.49 84.75 15.88
C GLU B 549 -6.35 83.27 16.20
N LEU B 550 -6.53 82.41 15.19
CA LEU B 550 -6.38 80.98 15.42
C LEU B 550 -4.91 80.57 15.52
N THR B 551 -4.02 81.29 14.84
CA THR B 551 -2.59 81.01 14.98
C THR B 551 -2.12 81.31 16.40
N ALA B 552 -2.56 82.43 16.97
CA ALA B 552 -2.17 82.76 18.33
C ALA B 552 -2.73 81.76 19.33
N GLU B 553 -3.91 81.21 19.06
CA GLU B 553 -4.52 80.26 19.98
C GLU B 553 -3.84 78.90 19.92
N LYS B 554 -3.45 78.47 18.71
CA LYS B 554 -2.87 77.15 18.52
C LYS B 554 -1.34 77.14 18.57
N PHE B 555 -0.69 78.22 18.16
CA PHE B 555 0.77 78.34 18.20
C PHE B 555 1.11 79.28 19.36
N ILE B 556 1.30 78.70 20.54
CA ILE B 556 1.50 79.47 21.76
C ILE B 556 2.97 79.46 22.13
N VAL B 557 3.38 80.49 22.87
CA VAL B 557 4.70 80.57 23.47
C VAL B 557 4.57 80.17 24.93
N HIS B 558 5.25 79.09 25.32
CA HIS B 558 5.08 78.55 26.66
C HIS B 558 5.51 79.59 27.70
N PRO B 559 4.72 79.79 28.77
CA PRO B 559 5.07 80.86 29.73
C PRO B 559 6.35 80.58 30.50
N GLN B 560 6.56 79.35 30.96
CA GLN B 560 7.77 79.04 31.71
C GLN B 560 8.96 78.77 30.80
N THR B 561 8.76 77.93 29.79
CA THR B 561 9.86 77.51 28.92
C THR B 561 10.23 78.59 27.90
N GLY B 562 9.25 79.34 27.40
CA GLY B 562 9.49 80.33 26.37
C GLY B 562 9.53 79.78 24.97
N GLU B 563 9.41 78.47 24.79
CA GLU B 563 9.45 77.87 23.47
C GLU B 563 8.09 77.98 22.78
N ARG B 564 8.13 78.14 21.46
CA ARG B 564 6.93 78.16 20.65
C ARG B 564 6.46 76.73 20.39
N MET B 565 5.20 76.44 20.72
CA MET B 565 4.65 75.11 20.60
C MET B 565 3.31 75.18 19.86
N TYR B 566 2.93 74.06 19.26
CA TYR B 566 1.66 73.94 18.56
C TYR B 566 0.70 73.10 19.38
N ARG B 567 -0.50 73.62 19.62
CA ARG B 567 -1.54 72.91 20.36
C ARG B 567 -2.30 72.03 19.37
N THR B 568 -2.06 70.72 19.44
CA THR B 568 -2.64 69.80 18.47
C THR B 568 -4.09 69.46 18.76
N GLY B 569 -4.50 69.49 20.03
CA GLY B 569 -5.80 68.98 20.40
C GLY B 569 -5.89 67.47 20.48
N ASP B 570 -4.76 66.78 20.38
CA ASP B 570 -4.71 65.33 20.46
C ASP B 570 -4.30 64.89 21.86
N ARG B 571 -4.84 63.76 22.30
CA ARG B 571 -4.46 63.16 23.57
C ARG B 571 -3.47 62.03 23.33
N ALA B 572 -2.43 61.99 24.15
CA ALA B 572 -1.38 60.99 23.97
C ALA B 572 -0.66 60.78 25.30
N ARG B 573 0.12 59.70 25.36
CA ARG B 573 0.94 59.38 26.51
C ARG B 573 2.28 58.83 26.04
N PHE B 574 3.30 59.01 26.87
CA PHE B 574 4.59 58.37 26.63
C PHE B 574 4.58 56.96 27.20
N LEU B 575 4.93 55.99 26.37
CA LEU B 575 5.11 54.64 26.86
C LEU B 575 6.48 54.51 27.52
N PRO B 576 6.68 53.49 28.37
CA PRO B 576 7.98 53.35 29.04
C PRO B 576 9.16 53.30 28.08
N ASP B 577 8.99 52.72 26.91
CA ASP B 577 10.08 52.60 25.94
C ASP B 577 10.32 53.89 25.17
N GLY B 578 9.48 54.91 25.35
CA GLY B 578 9.63 56.18 24.67
C GLY B 578 8.62 56.43 23.57
N ASN B 579 8.06 55.37 22.98
CA ASN B 579 7.05 55.55 21.95
C ASN B 579 5.79 56.16 22.53
N ILE B 580 4.99 56.77 21.65
CA ILE B 580 3.81 57.53 22.03
C ILE B 580 2.56 56.76 21.61
N GLU B 581 1.58 56.71 22.51
CA GLU B 581 0.30 56.06 22.26
C GLU B 581 -0.76 57.13 22.03
N PHE B 582 -1.50 57.01 20.94
CA PHE B 582 -2.58 57.94 20.61
C PHE B 582 -3.86 57.49 21.31
N LEU B 583 -4.44 58.39 22.10
CA LEU B 583 -5.58 58.07 22.95
C LEU B 583 -6.81 58.90 22.59
N GLY B 584 -6.99 59.18 21.30
CA GLY B 584 -8.15 59.94 20.88
C GLY B 584 -7.99 61.42 21.15
N ARG B 585 -9.12 62.15 21.09
CA ARG B 585 -9.04 63.62 21.30
C ARG B 585 -10.32 64.13 21.97
N LEU B 586 -10.16 65.06 22.92
CA LEU B 586 -11.29 65.66 23.62
C LEU B 586 -12.32 66.18 22.63
N ASP B 587 -11.85 66.90 21.61
CA ASP B 587 -12.75 67.48 20.61
C ASP B 587 -13.48 66.37 19.85
N ASN B 588 -14.80 66.54 19.70
CA ASN B 588 -15.62 65.53 19.05
C ASN B 588 -15.38 65.47 17.54
N LEU B 589 -14.09 65.56 17.14
CA LEU B 589 -13.62 65.52 15.72
C LEU B 589 -13.32 64.06 15.33
N VAL B 590 -13.72 63.65 14.10
CA VAL B 590 -13.63 62.26 13.67
C VAL B 590 -12.95 62.19 12.31
N LYS B 591 -12.11 61.19 12.13
CA LYS B 591 -11.39 60.96 10.88
C LYS B 591 -12.13 59.88 10.09
N ILE B 592 -12.75 60.28 8.98
CA ILE B 592 -13.59 59.40 8.18
C ILE B 592 -12.85 59.09 6.89
N ARG B 593 -12.52 57.81 6.70
CA ARG B 593 -11.86 57.28 5.48
C ARG B 593 -10.69 58.17 5.06
N GLY B 594 -9.80 58.51 5.99
CA GLY B 594 -8.64 59.31 5.66
C GLY B 594 -8.78 60.80 5.54
N TYR B 595 -9.86 61.38 6.07
CA TYR B 595 -10.10 62.81 5.95
C TYR B 595 -10.38 63.39 7.33
N ARG B 596 -9.70 64.48 7.67
CA ARG B 596 -9.98 65.20 8.92
C ARG B 596 -11.08 66.21 8.63
N ILE B 597 -12.21 66.04 9.29
CA ILE B 597 -13.34 66.95 9.11
C ILE B 597 -13.84 67.39 10.48
N GLU B 598 -14.43 68.59 10.49
CA GLU B 598 -15.13 69.10 11.67
C GLU B 598 -16.62 68.87 11.46
N PRO B 599 -17.22 67.87 12.11
CA PRO B 599 -18.64 67.57 11.83
C PRO B 599 -19.55 68.77 12.03
N GLY B 600 -19.22 69.67 12.95
CA GLY B 600 -20.03 70.86 13.17
C GLY B 600 -20.07 71.82 11.99
N GLU B 601 -19.11 71.73 11.07
CA GLU B 601 -19.08 72.63 9.94
C GLU B 601 -20.08 72.25 8.84
N ILE B 602 -20.64 71.05 8.90
CA ILE B 602 -21.69 70.66 7.97
C ILE B 602 -23.06 71.18 8.41
N GLU B 603 -23.24 71.40 9.71
CA GLU B 603 -24.54 71.83 10.25
C GLU B 603 -25.11 73.08 9.58
N PRO B 604 -24.36 74.18 9.41
CA PRO B 604 -24.98 75.37 8.78
C PRO B 604 -25.47 75.11 7.37
N PHE B 605 -24.72 74.34 6.57
CA PHE B 605 -25.16 74.08 5.20
C PHE B 605 -26.42 73.24 5.16
N LEU B 606 -26.53 72.26 6.07
CA LEU B 606 -27.74 71.44 6.13
C LEU B 606 -28.91 72.24 6.70
N MET B 607 -28.68 72.94 7.82
CA MET B 607 -29.74 73.72 8.45
C MET B 607 -30.24 74.83 7.53
N ASN B 608 -29.41 75.29 6.59
CA ASN B 608 -29.83 76.32 5.65
C ASN B 608 -30.92 75.81 4.70
N HIS B 609 -31.12 74.51 4.60
CA HIS B 609 -32.20 73.98 3.79
C HIS B 609 -33.54 74.46 4.33
N PRO B 610 -34.50 74.80 3.46
CA PRO B 610 -35.78 75.32 3.97
C PRO B 610 -36.54 74.34 4.85
N LEU B 611 -36.56 73.06 4.49
CA LEU B 611 -37.32 72.06 5.23
C LEU B 611 -36.62 71.58 6.49
N ILE B 612 -35.35 71.94 6.70
CA ILE B 612 -34.56 71.43 7.82
C ILE B 612 -34.50 72.50 8.90
N GLU B 613 -34.88 72.13 10.12
CA GLU B 613 -34.87 73.05 11.26
C GLU B 613 -33.60 72.89 12.10
N LEU B 614 -33.33 71.68 12.57
CA LEU B 614 -32.15 71.37 13.37
C LEU B 614 -31.45 70.16 12.77
N THR B 615 -30.15 70.05 13.03
CA THR B 615 -29.38 68.92 12.54
C THR B 615 -28.20 68.67 13.47
N THR B 616 -27.87 67.39 13.65
CA THR B 616 -26.70 66.96 14.41
C THR B 616 -26.10 65.76 13.72
N VAL B 617 -24.84 65.88 13.29
CA VAL B 617 -24.14 64.79 12.63
C VAL B 617 -23.21 64.14 13.64
N LEU B 618 -23.45 62.86 13.94
CA LEU B 618 -22.65 62.11 14.90
C LEU B 618 -21.80 61.08 14.17
N ALA B 619 -20.86 60.51 14.92
CA ALA B 619 -20.01 59.43 14.44
C ALA B 619 -20.32 58.16 15.21
N LYS B 620 -20.66 57.11 14.47
CA LYS B 620 -20.95 55.79 15.04
C LYS B 620 -20.04 54.78 14.38
N GLU B 621 -19.50 53.85 15.16
CA GLU B 621 -18.57 52.85 14.67
C GLU B 621 -19.26 51.52 14.49
N GLN B 622 -19.02 50.88 13.35
CA GLN B 622 -19.51 49.53 13.09
C GLN B 622 -18.89 48.47 13.99
N ALA B 623 -18.03 48.88 14.93
CA ALA B 623 -17.23 48.10 15.87
C ALA B 623 -15.96 47.57 15.22
N ASP B 624 -15.69 47.90 13.95
CA ASP B 624 -14.45 47.48 13.31
C ASP B 624 -13.31 48.41 13.67
N GLY B 625 -13.51 49.72 13.51
CA GLY B 625 -12.50 50.70 13.82
C GLY B 625 -12.74 52.02 13.12
N ARG B 626 -12.57 52.03 11.80
CA ARG B 626 -12.81 53.23 11.01
C ARG B 626 -14.29 53.58 11.06
N LYS B 627 -14.60 54.79 11.53
CA LYS B 627 -15.98 55.19 11.75
C LYS B 627 -16.61 55.69 10.45
N TYR B 628 -17.93 55.84 10.49
CA TYR B 628 -18.71 56.45 9.42
C TYR B 628 -19.62 57.51 10.02
N LEU B 629 -20.14 58.37 9.16
CA LEU B 629 -20.95 59.50 9.59
C LEU B 629 -22.43 59.22 9.34
N VAL B 630 -23.25 59.51 10.35
CA VAL B 630 -24.70 59.49 10.23
C VAL B 630 -25.22 60.91 10.37
N GLY B 631 -26.00 61.37 9.40
CA GLY B 631 -26.52 62.72 9.42
C GLY B 631 -27.97 62.81 9.84
N TYR B 632 -28.21 63.14 11.11
CA TYR B 632 -29.58 63.29 11.59
C TYR B 632 -30.11 64.67 11.25
N TYR B 633 -31.36 64.72 10.80
CA TYR B 633 -32.01 65.97 10.43
C TYR B 633 -33.48 65.91 10.81
N VAL B 634 -33.99 67.05 11.28
CA VAL B 634 -35.40 67.18 11.64
C VAL B 634 -36.12 67.82 10.46
N ALA B 635 -37.01 67.05 9.85
CA ALA B 635 -37.79 67.49 8.69
C ALA B 635 -39.21 66.96 8.85
N PRO B 636 -40.20 67.63 8.22
CA PRO B 636 -41.57 67.10 8.30
C PRO B 636 -41.69 65.68 7.77
N GLU B 637 -41.22 65.45 6.54
CA GLU B 637 -41.19 64.12 5.95
C GLU B 637 -39.75 63.77 5.60
N GLU B 638 -39.48 62.46 5.51
CA GLU B 638 -38.17 62.00 5.10
C GLU B 638 -37.81 62.56 3.73
N ILE B 639 -36.59 63.04 3.60
CA ILE B 639 -36.10 63.62 2.35
C ILE B 639 -35.32 62.55 1.60
N PRO B 640 -35.50 62.40 0.29
CA PRO B 640 -34.74 61.39 -0.45
C PRO B 640 -33.25 61.57 -0.24
N HIS B 641 -32.56 60.45 0.00
CA HIS B 641 -31.13 60.49 0.32
C HIS B 641 -30.35 61.23 -0.76
N GLY B 642 -30.58 60.87 -2.03
CA GLY B 642 -29.86 61.52 -3.12
C GLY B 642 -30.15 63.00 -3.22
N GLU B 643 -31.34 63.42 -2.78
CA GLU B 643 -31.67 64.85 -2.83
C GLU B 643 -30.85 65.64 -1.82
N LEU B 644 -30.62 65.07 -0.63
CA LEU B 644 -29.78 65.74 0.36
C LEU B 644 -28.32 65.73 -0.08
N ARG B 645 -27.89 64.61 -0.66
CA ARG B 645 -26.50 64.46 -1.16
C ARG B 645 -26.22 65.56 -2.18
N GLU B 646 -27.17 65.80 -3.10
CA GLU B 646 -27.00 66.84 -4.11
C GLU B 646 -27.10 68.22 -3.49
N TRP B 647 -27.93 68.38 -2.46
CA TRP B 647 -28.03 69.67 -1.78
C TRP B 647 -26.69 70.05 -1.14
N LEU B 648 -26.08 69.12 -0.40
CA LEU B 648 -24.77 69.38 0.17
C LEU B 648 -23.68 69.38 -0.90
N GLY B 649 -23.89 68.62 -1.98
CA GLY B 649 -22.93 68.61 -3.07
C GLY B 649 -22.78 69.94 -3.75
N ASN B 650 -23.77 70.83 -3.63
CA ASN B 650 -23.67 72.17 -4.20
C ASN B 650 -22.73 73.06 -3.40
N ASP B 651 -22.49 72.75 -2.13
CA ASP B 651 -21.65 73.56 -1.27
C ASP B 651 -20.48 72.81 -0.67
N LEU B 652 -20.59 71.48 -0.51
CA LEU B 652 -19.60 70.68 0.18
C LEU B 652 -19.00 69.64 -0.76
N PRO B 653 -17.75 69.24 -0.54
CA PRO B 653 -17.18 68.14 -1.31
C PRO B 653 -17.82 66.81 -0.93
N ASP B 654 -17.50 65.79 -1.73
CA ASP B 654 -18.10 64.48 -1.53
C ASP B 654 -17.78 63.91 -0.15
N TYR B 655 -16.56 64.13 0.34
CA TYR B 655 -16.16 63.51 1.60
C TYR B 655 -16.84 64.16 2.80
N MET B 656 -17.37 65.37 2.65
CA MET B 656 -18.15 66.01 3.71
C MET B 656 -19.63 65.70 3.61
N ILE B 657 -20.05 64.89 2.64
CA ILE B 657 -21.44 64.46 2.52
C ILE B 657 -21.60 63.19 3.37
N PRO B 658 -22.43 63.22 4.41
CA PRO B 658 -22.59 62.02 5.25
C PRO B 658 -23.07 60.83 4.45
N THR B 659 -22.54 59.65 4.80
CA THR B 659 -22.93 58.42 4.11
C THR B 659 -24.40 58.12 4.33
N TYR B 660 -24.90 58.33 5.55
CA TYR B 660 -26.29 58.08 5.87
C TYR B 660 -26.96 59.35 6.37
N PHE B 661 -28.24 59.48 6.06
CA PHE B 661 -29.10 60.53 6.62
C PHE B 661 -30.28 59.86 7.31
N VAL B 662 -30.59 60.30 8.53
CA VAL B 662 -31.67 59.74 9.32
C VAL B 662 -32.68 60.84 9.61
N HIS B 663 -33.91 60.66 9.13
CA HIS B 663 -34.97 61.61 9.41
C HIS B 663 -35.63 61.31 10.75
N MET B 664 -35.89 62.36 11.52
CA MET B 664 -36.56 62.26 12.80
C MET B 664 -37.48 63.45 12.98
N LYS B 665 -38.64 63.22 13.60
CA LYS B 665 -39.57 64.32 13.84
C LYS B 665 -39.05 65.29 14.89
N ALA B 666 -38.28 64.78 15.85
CA ALA B 666 -37.68 65.63 16.88
C ALA B 666 -36.52 64.86 17.52
N PHE B 667 -35.66 65.60 18.22
CA PHE B 667 -34.52 64.98 18.85
C PHE B 667 -34.78 64.71 20.33
N PRO B 668 -34.24 63.61 20.86
CA PRO B 668 -34.33 63.38 22.31
C PRO B 668 -33.42 64.33 23.07
N LEU B 669 -33.92 64.85 24.18
CA LEU B 669 -33.21 65.87 24.95
C LEU B 669 -32.88 65.33 26.34
N THR B 670 -31.80 65.86 26.90
CA THR B 670 -31.41 65.54 28.26
C THR B 670 -32.13 66.47 29.24
N ALA B 671 -31.94 66.20 30.54
CA ALA B 671 -32.55 67.03 31.57
C ALA B 671 -32.06 68.47 31.51
N ASN B 672 -30.90 68.72 30.90
CA ASN B 672 -30.34 70.06 30.78
C ASN B 672 -30.69 70.72 29.45
N GLY B 673 -31.55 70.10 28.64
CA GLY B 673 -31.93 70.65 27.35
C GLY B 673 -31.01 70.30 26.21
N LYS B 674 -29.88 69.67 26.48
CA LYS B 674 -28.96 69.28 25.41
C LYS B 674 -29.53 68.10 24.63
N VAL B 675 -29.10 67.99 23.37
CA VAL B 675 -29.46 66.83 22.57
C VAL B 675 -28.85 65.59 23.19
N ASP B 676 -29.69 64.58 23.43
CA ASP B 676 -29.22 63.31 23.99
C ASP B 676 -28.57 62.53 22.86
N ARG B 677 -27.28 62.79 22.63
CA ARG B 677 -26.56 62.15 21.54
C ARG B 677 -26.58 60.62 21.67
N ARG B 678 -26.60 60.11 22.90
CA ARG B 678 -26.58 58.67 23.10
C ARG B 678 -27.85 58.00 22.61
N ALA B 679 -28.98 58.69 22.67
CA ALA B 679 -30.28 58.12 22.31
C ALA B 679 -30.56 58.14 20.82
N LEU B 680 -29.62 58.61 20.00
CA LEU B 680 -29.88 58.62 18.56
C LEU B 680 -29.63 57.25 17.96
N PRO B 681 -30.46 56.80 17.01
CA PRO B 681 -30.37 55.46 16.44
C PRO B 681 -29.13 55.27 15.57
N THR B 698 -34.70 38.36 -8.96
CA THR B 698 -35.65 37.55 -9.72
C THR B 698 -35.00 36.27 -10.22
N ASP B 699 -33.89 36.41 -10.93
CA ASP B 699 -33.18 35.28 -11.50
C ASP B 699 -32.13 34.76 -10.52
N GLU B 700 -31.66 33.54 -10.80
CA GLU B 700 -30.58 32.96 -9.98
C GLU B 700 -29.33 33.80 -10.02
N LEU B 701 -29.09 34.50 -11.14
CA LEU B 701 -27.93 35.40 -11.23
C LEU B 701 -28.08 36.57 -10.28
N GLU B 702 -29.29 37.17 -10.27
CA GLU B 702 -29.60 38.31 -9.37
C GLU B 702 -29.36 37.88 -7.93
N GLN B 703 -29.69 36.63 -7.60
CA GLN B 703 -29.49 36.11 -6.25
C GLN B 703 -28.01 36.01 -5.91
N GLN B 704 -27.21 35.48 -6.86
CA GLN B 704 -25.77 35.42 -6.64
C GLN B 704 -25.18 36.81 -6.43
N LEU B 705 -25.64 37.79 -7.22
CA LEU B 705 -25.19 39.17 -7.04
C LEU B 705 -25.62 39.72 -5.70
N ALA B 706 -26.79 39.32 -5.21
CA ALA B 706 -27.26 39.79 -3.91
C ALA B 706 -26.41 39.26 -2.77
N GLN B 707 -25.85 38.06 -2.92
CA GLN B 707 -25.05 37.47 -1.84
C GLN B 707 -23.75 38.24 -1.65
N VAL B 708 -23.02 38.50 -2.73
CA VAL B 708 -21.77 39.25 -2.63
C VAL B 708 -22.04 40.64 -2.06
N TRP B 709 -23.17 41.23 -2.43
CA TRP B 709 -23.56 42.51 -1.86
C TRP B 709 -23.81 42.40 -0.36
N SER B 710 -24.58 41.39 0.05
CA SER B 710 -24.87 41.18 1.46
C SER B 710 -23.59 41.00 2.27
N HIS B 711 -22.58 40.36 1.70
CA HIS B 711 -21.35 40.10 2.44
C HIS B 711 -20.61 41.38 2.78
N VAL B 712 -20.45 42.28 1.81
CA VAL B 712 -19.75 43.54 2.05
C VAL B 712 -20.45 44.34 3.13
N LEU B 713 -21.79 44.39 3.08
CA LEU B 713 -22.56 45.19 4.02
C LEU B 713 -22.91 44.45 5.29
N GLY B 714 -22.62 43.15 5.37
CA GLY B 714 -22.94 42.37 6.56
C GLY B 714 -24.41 42.29 6.89
N ILE B 715 -25.29 42.45 5.89
CA ILE B 715 -26.73 42.43 6.12
C ILE B 715 -27.39 41.59 5.04
N PRO B 716 -28.30 40.69 5.40
CA PRO B 716 -28.89 39.78 4.41
C PRO B 716 -30.06 40.43 3.67
N GLN B 717 -30.55 39.68 2.68
CA GLN B 717 -31.69 40.08 1.85
C GLN B 717 -31.55 41.49 1.31
N MET B 718 -30.71 41.64 0.30
CA MET B 718 -30.45 42.93 -0.32
C MET B 718 -31.38 43.15 -1.50
N GLY B 719 -32.04 44.31 -1.53
CA GLY B 719 -32.86 44.66 -2.67
C GLY B 719 -32.03 45.10 -3.86
N ILE B 720 -32.60 44.92 -5.05
CA ILE B 720 -31.88 45.24 -6.28
C ILE B 720 -31.89 46.73 -6.55
N ASP B 721 -33.06 47.37 -6.47
CA ASP B 721 -33.17 48.81 -6.67
C ASP B 721 -32.46 49.63 -5.58
N ASP B 722 -31.84 48.99 -4.59
CA ASP B 722 -31.07 49.72 -3.60
C ASP B 722 -29.84 50.36 -4.24
N HIS B 723 -29.66 51.66 -3.99
CA HIS B 723 -28.53 52.39 -4.54
C HIS B 723 -27.29 52.16 -3.68
N PHE B 724 -26.15 52.00 -4.34
CA PHE B 724 -24.92 51.65 -3.64
C PHE B 724 -24.51 52.75 -2.67
N LEU B 725 -24.63 54.01 -3.09
CA LEU B 725 -24.20 55.13 -2.26
C LEU B 725 -25.21 55.52 -1.19
N GLU B 726 -26.35 54.85 -1.11
CA GLU B 726 -27.34 55.11 -0.07
C GLU B 726 -27.29 54.08 1.06
N ARG B 727 -26.38 53.11 0.98
CA ARG B 727 -26.22 52.09 2.00
C ARG B 727 -24.79 52.07 2.54
N GLY B 728 -24.16 53.24 2.58
CA GLY B 728 -22.82 53.33 3.16
C GLY B 728 -21.69 52.97 2.24
N GLY B 729 -21.92 52.98 0.92
CA GLY B 729 -20.89 52.60 -0.02
C GLY B 729 -19.83 53.68 -0.13
N ASP B 730 -18.57 53.33 0.15
CA ASP B 730 -17.44 54.24 0.10
C ASP B 730 -16.60 53.93 -1.12
N SER B 731 -15.52 54.70 -1.30
CA SER B 731 -14.50 54.32 -2.27
C SER B 731 -13.74 53.10 -1.80
N ILE B 732 -13.50 53.00 -0.49
CA ILE B 732 -12.77 51.85 0.07
C ILE B 732 -13.58 50.57 -0.11
N LYS B 733 -14.90 50.68 0.03
CA LYS B 733 -15.77 49.51 -0.05
C LYS B 733 -15.93 49.02 -1.49
N VAL B 734 -15.92 49.94 -2.47
CA VAL B 734 -15.95 49.54 -3.87
C VAL B 734 -14.78 48.62 -4.19
N MET B 735 -13.61 48.91 -3.63
CA MET B 735 -12.43 48.08 -3.87
C MET B 735 -12.67 46.65 -3.42
N GLN B 736 -13.28 46.46 -2.25
CA GLN B 736 -13.59 45.11 -1.78
C GLN B 736 -14.55 44.40 -2.73
N LEU B 737 -15.49 45.14 -3.31
CA LEU B 737 -16.41 44.56 -4.27
C LEU B 737 -15.68 44.10 -5.53
N ILE B 738 -14.80 44.96 -6.07
CA ILE B 738 -14.08 44.62 -7.29
C ILE B 738 -13.21 43.38 -7.08
N HIS B 739 -12.56 43.28 -5.92
CA HIS B 739 -11.73 42.11 -5.63
C HIS B 739 -12.56 40.84 -5.60
N GLN B 740 -13.66 40.85 -4.84
CA GLN B 740 -14.51 39.66 -4.74
C GLN B 740 -15.26 39.36 -6.03
N LEU B 741 -15.33 40.33 -6.96
CA LEU B 741 -15.92 40.05 -8.26
C LEU B 741 -14.95 39.32 -9.18
N LYS B 742 -13.67 39.72 -9.17
CA LYS B 742 -12.66 39.04 -9.95
C LYS B 742 -12.54 37.57 -9.57
N ASN B 743 -12.81 37.25 -8.30
CA ASN B 743 -12.80 35.84 -7.88
C ASN B 743 -13.86 35.04 -8.62
N ILE B 744 -15.03 35.62 -8.84
CA ILE B 744 -16.09 34.95 -9.59
C ILE B 744 -15.73 34.87 -11.07
N GLY B 745 -14.76 35.66 -11.53
CA GLY B 745 -14.32 35.64 -12.90
C GLY B 745 -14.80 36.79 -13.76
N LEU B 746 -15.44 37.80 -13.17
CA LEU B 746 -15.95 38.94 -13.90
C LEU B 746 -15.09 40.16 -13.58
N SER B 747 -14.68 40.88 -14.62
CA SER B 747 -13.79 42.04 -14.48
C SER B 747 -14.62 43.30 -14.63
N LEU B 748 -14.86 43.99 -13.52
CA LEU B 748 -15.62 45.23 -13.51
C LEU B 748 -14.70 46.39 -13.13
N ARG B 749 -14.93 47.54 -13.75
CA ARG B 749 -14.11 48.72 -13.53
C ARG B 749 -14.78 49.68 -12.56
N TYR B 750 -13.94 50.55 -11.98
CA TYR B 750 -14.40 51.47 -10.94
C TYR B 750 -15.46 52.43 -11.46
N ASP B 751 -15.20 53.07 -12.61
CA ASP B 751 -16.15 54.03 -13.14
C ASP B 751 -17.42 53.36 -13.65
N GLN B 752 -17.38 52.08 -14.00
CA GLN B 752 -18.58 51.37 -14.38
C GLN B 752 -19.56 51.19 -13.21
N LEU B 753 -19.06 51.23 -11.98
CA LEU B 753 -19.93 51.11 -10.83
C LEU B 753 -20.78 52.35 -10.63
N PHE B 754 -20.22 53.53 -10.92
CA PHE B 754 -20.93 54.78 -10.66
C PHE B 754 -21.97 55.09 -11.73
N THR B 755 -21.72 54.68 -12.98
CA THR B 755 -22.73 54.83 -14.02
C THR B 755 -23.79 53.74 -13.97
N HIS B 756 -23.53 52.66 -13.23
CA HIS B 756 -24.52 51.61 -12.96
C HIS B 756 -24.55 51.35 -11.46
N PRO B 757 -24.95 52.34 -10.66
CA PRO B 757 -24.88 52.20 -9.20
C PRO B 757 -25.97 51.35 -8.57
N THR B 758 -26.72 50.59 -9.37
CA THR B 758 -27.72 49.67 -8.86
C THR B 758 -27.51 48.31 -9.52
N ILE B 759 -28.14 47.28 -8.94
CA ILE B 759 -28.02 45.94 -9.51
C ILE B 759 -28.82 45.83 -10.81
N ARG B 760 -29.95 46.55 -10.89
CA ARG B 760 -30.71 46.59 -12.14
C ARG B 760 -29.86 47.17 -13.27
N GLN B 761 -29.13 48.25 -13.00
CA GLN B 761 -28.24 48.82 -14.00
C GLN B 761 -27.04 47.91 -14.24
N LEU B 762 -26.53 47.26 -13.18
CA LEU B 762 -25.40 46.36 -13.36
C LEU B 762 -25.80 45.13 -14.16
N LYS B 763 -27.05 44.66 -13.99
CA LYS B 763 -27.53 43.55 -14.79
C LYS B 763 -27.45 43.86 -16.27
N ARG B 764 -27.96 45.05 -16.65
CA ARG B 764 -27.88 45.47 -18.05
C ARG B 764 -26.44 45.62 -18.51
N LEU B 765 -25.54 46.04 -17.60
CA LEU B 765 -24.16 46.27 -17.98
C LEU B 765 -23.48 44.98 -18.43
N LEU B 766 -23.81 43.86 -17.79
CA LEU B 766 -23.17 42.60 -18.14
C LEU B 766 -23.54 42.15 -19.54
N THR B 767 -24.70 42.58 -20.04
CA THR B 767 -25.09 42.24 -21.42
C THR B 767 -24.21 42.96 -22.43
N GLU B 768 -23.78 44.18 -22.12
CA GLU B 768 -22.97 44.94 -23.06
C GLU B 768 -21.60 44.30 -23.27
N GLN B 769 -20.96 43.85 -22.18
CA GLN B 769 -19.63 43.24 -22.26
C GLN B 769 -19.63 42.00 -23.15
N LEU B 777 -9.27 32.29 -11.61
CA LEU B 777 -8.56 31.05 -11.32
C LEU B 777 -7.73 31.19 -10.04
N ARG B 778 -7.98 30.29 -9.09
CA ARG B 778 -7.33 30.36 -7.79
C ARG B 778 -5.95 29.73 -7.87
N GLU B 779 -4.91 30.55 -7.78
CA GLU B 779 -3.55 30.04 -7.78
C GLU B 779 -3.30 29.26 -6.49
N LEU B 780 -2.72 28.07 -6.63
CA LEU B 780 -2.50 27.20 -5.47
C LEU B 780 -1.30 27.68 -4.66
N ASP B 781 -1.31 27.32 -3.38
CA ASP B 781 -0.15 27.54 -2.53
C ASP B 781 0.90 26.48 -2.81
N GLU B 782 2.15 26.81 -2.50
CA GLU B 782 3.27 25.93 -2.84
C GLU B 782 3.18 24.62 -2.07
N GLN B 783 3.36 23.51 -2.78
CA GLN B 783 3.34 22.18 -2.20
C GLN B 783 4.52 21.39 -2.73
N ALA B 784 4.90 20.34 -1.98
CA ALA B 784 5.92 19.43 -2.47
C ALA B 784 5.42 18.60 -3.65
N GLU B 785 4.11 18.41 -3.77
CA GLU B 785 3.51 17.63 -4.84
C GLU B 785 2.12 18.17 -5.11
N TYR B 786 1.68 18.07 -6.37
CA TYR B 786 0.44 18.69 -6.80
C TYR B 786 -0.45 17.67 -7.51
N GLU B 787 -1.75 17.96 -7.50
CA GLU B 787 -2.71 17.14 -8.21
C GLU B 787 -2.53 17.28 -9.71
N THR B 788 -2.89 16.23 -10.44
CA THR B 788 -2.92 16.25 -11.89
C THR B 788 -4.37 16.40 -12.37
N SER B 789 -4.53 16.98 -13.55
CA SER B 789 -5.86 17.14 -14.11
C SER B 789 -6.40 15.79 -14.59
N ALA B 790 -7.71 15.76 -14.82
CA ALA B 790 -8.34 14.52 -15.30
C ALA B 790 -7.73 14.06 -16.62
N VAL B 791 -7.48 15.00 -17.53
CA VAL B 791 -6.93 14.63 -18.84
C VAL B 791 -5.48 14.22 -18.72
N GLU B 792 -4.72 14.84 -17.81
CA GLU B 792 -3.36 14.39 -17.55
C GLU B 792 -3.34 12.95 -17.05
N LYS B 793 -4.31 12.59 -16.20
CA LYS B 793 -4.43 11.22 -15.73
C LYS B 793 -4.62 10.25 -16.89
N ARG B 794 -5.44 10.63 -17.87
CA ARG B 794 -5.71 9.75 -19.00
C ARG B 794 -4.44 9.53 -19.83
N MET B 795 -3.73 10.61 -20.15
CA MET B 795 -2.50 10.51 -20.94
C MET B 795 -1.48 9.62 -20.23
N TYR B 796 -1.30 9.83 -18.93
CA TYR B 796 -0.35 9.01 -18.17
C TYR B 796 -0.75 7.55 -18.18
N ILE B 797 -2.03 7.25 -17.98
CA ILE B 797 -2.50 5.87 -17.99
C ILE B 797 -2.20 5.21 -19.32
N ILE B 798 -2.48 5.91 -20.43
CA ILE B 798 -2.22 5.36 -21.75
C ILE B 798 -0.73 5.10 -21.94
N GLN B 799 0.11 6.03 -21.49
CA GLN B 799 1.55 5.88 -21.71
C GLN B 799 2.13 4.75 -20.87
N GLN B 800 1.66 4.57 -19.64
CA GLN B 800 2.18 3.51 -18.79
C GLN B 800 1.77 2.12 -19.28
N GLN B 801 0.71 2.03 -20.09
CA GLN B 801 0.33 0.74 -20.66
C GLN B 801 1.22 0.33 -21.83
N ASP B 802 2.00 1.27 -22.38
CA ASP B 802 2.99 0.98 -23.42
C ASP B 802 4.05 2.08 -23.31
N VAL B 803 5.01 1.86 -22.40
CA VAL B 803 5.99 2.89 -22.09
C VAL B 803 6.88 3.21 -23.28
N GLU B 804 7.09 2.24 -24.17
CA GLU B 804 7.91 2.44 -25.36
C GLU B 804 7.13 3.03 -26.53
N SER B 805 5.85 3.33 -26.35
CA SER B 805 5.02 3.83 -27.44
C SER B 805 5.30 5.30 -27.71
N ILE B 806 5.54 5.64 -28.97
CA ILE B 806 5.58 7.03 -29.41
C ILE B 806 4.27 7.44 -30.07
N ALA B 807 3.19 6.68 -29.83
CA ALA B 807 1.93 6.93 -30.52
C ALA B 807 1.35 8.30 -30.17
N TYR B 808 1.61 8.79 -28.96
CA TYR B 808 1.13 10.10 -28.53
C TYR B 808 2.23 11.15 -28.54
N ASN B 809 3.33 10.91 -29.25
CA ASN B 809 4.32 11.95 -29.46
C ASN B 809 3.80 12.97 -30.47
N VAL B 810 3.99 14.25 -30.16
CA VAL B 810 3.50 15.36 -30.96
C VAL B 810 4.70 15.98 -31.67
N VAL B 811 4.90 15.62 -32.93
CA VAL B 811 6.09 15.97 -33.70
C VAL B 811 5.74 17.05 -34.71
N TYR B 812 6.59 18.06 -34.81
CA TYR B 812 6.42 19.15 -35.77
C TYR B 812 7.77 19.54 -36.34
N THR B 813 7.73 20.05 -37.57
CA THR B 813 8.90 20.60 -38.25
C THR B 813 8.61 22.04 -38.68
N ILE B 814 9.67 22.83 -38.79
CA ILE B 814 9.59 24.20 -39.29
C ILE B 814 10.70 24.41 -40.30
N ASN B 815 10.34 24.76 -41.52
CA ASN B 815 11.31 25.03 -42.57
C ASN B 815 11.76 26.48 -42.46
N PHE B 816 12.99 26.70 -41.98
CA PHE B 816 13.55 28.04 -41.94
C PHE B 816 14.52 28.24 -43.09
N PRO B 817 14.66 29.47 -43.59
CA PRO B 817 15.67 29.76 -44.60
C PRO B 817 17.07 29.65 -44.02
N LEU B 818 18.05 29.50 -44.91
CA LEU B 818 19.45 29.39 -44.50
C LEU B 818 19.93 30.63 -43.77
N THR B 819 19.23 31.76 -43.91
CA THR B 819 19.65 33.02 -43.30
C THR B 819 19.49 33.02 -41.78
N VAL B 820 18.71 32.09 -41.22
CA VAL B 820 18.44 32.11 -39.79
C VAL B 820 19.68 31.65 -39.02
N ASP B 821 19.96 32.34 -37.91
CA ASP B 821 21.03 31.95 -37.01
C ASP B 821 20.53 30.87 -36.06
N THR B 822 21.17 29.70 -36.08
CA THR B 822 20.72 28.59 -35.25
C THR B 822 20.93 28.88 -33.76
N GLU B 823 21.95 29.68 -33.42
CA GLU B 823 22.22 29.97 -32.03
C GLU B 823 21.11 30.78 -31.37
N GLN B 824 20.44 31.64 -32.15
CA GLN B 824 19.30 32.39 -31.62
C GLN B 824 18.17 31.46 -31.21
N ILE B 825 17.88 30.45 -32.05
CA ILE B 825 16.84 29.48 -31.73
C ILE B 825 17.17 28.74 -30.45
N ARG B 826 18.42 28.30 -30.31
CA ARG B 826 18.83 27.56 -29.12
C ARG B 826 18.62 28.38 -27.85
N VAL B 827 19.00 29.66 -27.88
CA VAL B 827 18.88 30.50 -26.69
C VAL B 827 17.42 30.76 -26.36
N ALA B 828 16.57 30.93 -27.39
CA ALA B 828 15.16 31.20 -27.14
C ALA B 828 14.47 30.02 -26.47
N LEU B 829 14.77 28.80 -26.91
CA LEU B 829 14.14 27.61 -26.32
C LEU B 829 14.51 27.47 -24.85
N GLU B 830 15.75 27.81 -24.48
CA GLU B 830 16.17 27.70 -23.09
C GLU B 830 15.39 28.64 -22.18
N GLN B 831 14.95 29.79 -22.71
CA GLN B 831 14.14 30.71 -21.91
C GLN B 831 12.75 30.15 -21.68
N LEU B 832 12.15 29.53 -22.70
CA LEU B 832 10.82 28.95 -22.55
C LEU B 832 10.79 27.84 -21.52
N VAL B 833 11.88 27.07 -21.41
CA VAL B 833 11.96 26.02 -20.39
C VAL B 833 11.82 26.63 -19.00
N LEU B 834 12.60 27.68 -18.73
CA LEU B 834 12.54 28.34 -17.43
C LEU B 834 11.21 29.09 -17.23
N ARG B 835 10.51 29.41 -18.32
CA ARG B 835 9.34 30.29 -18.22
C ARG B 835 8.08 29.51 -17.87
N HIS B 836 7.91 28.30 -18.39
CA HIS B 836 6.66 27.56 -18.26
C HIS B 836 6.88 26.33 -17.38
N GLU B 837 6.05 26.24 -16.33
CA GLU B 837 6.12 25.09 -15.37
C GLU B 837 5.83 23.78 -16.11
N GLY B 838 5.01 23.83 -17.17
CA GLY B 838 4.71 22.61 -17.91
C GLY B 838 5.96 21.95 -18.47
N LEU B 839 6.90 22.75 -18.97
CA LEU B 839 8.17 22.22 -19.44
C LEU B 839 9.08 21.79 -18.30
N ARG B 840 8.74 22.13 -17.06
CA ARG B 840 9.48 21.67 -15.89
C ARG B 840 8.62 20.78 -15.00
N SER B 841 7.52 20.25 -15.54
CA SER B 841 6.64 19.38 -14.78
C SER B 841 7.04 17.93 -14.96
N THR B 842 7.03 17.17 -13.86
CA THR B 842 7.31 15.74 -13.88
C THR B 842 6.15 15.02 -13.22
N TYR B 843 5.69 13.94 -13.85
CA TYR B 843 4.54 13.17 -13.38
C TYR B 843 5.00 11.86 -12.77
N HIS B 844 4.44 11.53 -11.61
CA HIS B 844 4.84 10.34 -10.86
C HIS B 844 3.61 9.65 -10.29
N MET B 845 3.81 8.41 -9.87
CA MET B 845 2.74 7.58 -9.31
C MET B 845 3.01 7.37 -7.82
N ARG B 846 2.26 8.08 -6.98
CA ARG B 846 2.34 7.93 -5.53
C ARG B 846 1.16 7.03 -5.12
N GLY B 847 1.44 5.73 -5.01
CA GLY B 847 0.40 4.77 -4.72
C GLY B 847 -0.55 4.60 -5.89
N ASP B 848 -1.80 5.02 -5.73
CA ASP B 848 -2.78 4.99 -6.79
C ASP B 848 -3.17 6.39 -7.27
N GLU B 849 -2.45 7.41 -6.83
CA GLU B 849 -2.75 8.80 -7.19
C GLU B 849 -1.69 9.31 -8.15
N ILE B 850 -2.11 9.74 -9.34
CA ILE B 850 -1.19 10.36 -10.28
C ILE B 850 -0.88 11.76 -9.79
N VAL B 851 0.40 12.04 -9.57
CA VAL B 851 0.86 13.23 -8.87
C VAL B 851 1.90 13.94 -9.73
N LYS B 852 1.97 15.26 -9.59
CA LYS B 852 2.89 16.09 -10.35
C LYS B 852 3.98 16.64 -9.43
N ARG B 853 5.23 16.57 -9.88
CA ARG B 853 6.36 17.20 -9.23
C ARG B 853 6.97 18.24 -10.16
N ILE B 854 7.48 19.33 -9.58
CA ILE B 854 8.08 20.42 -10.33
C ILE B 854 9.59 20.37 -10.12
N VAL B 855 10.33 20.16 -11.20
CA VAL B 855 11.78 20.19 -11.19
C VAL B 855 12.23 21.63 -11.38
N PRO B 856 13.23 22.11 -10.62
CA PRO B 856 13.61 23.53 -10.74
C PRO B 856 14.33 23.86 -12.04
N ARG B 857 15.10 22.94 -12.61
CA ARG B 857 15.83 23.24 -13.84
C ARG B 857 16.06 21.95 -14.63
N ALA B 858 15.97 22.06 -15.95
CA ALA B 858 16.11 20.91 -16.83
C ALA B 858 16.99 21.29 -18.01
N GLU B 859 17.77 20.32 -18.49
CA GLU B 859 18.70 20.52 -19.60
C GLU B 859 18.04 20.06 -20.89
N LEU B 860 17.97 20.96 -21.87
CA LEU B 860 17.33 20.67 -23.15
C LEU B 860 18.31 20.01 -24.10
N SER B 861 17.92 18.86 -24.64
CA SER B 861 18.69 18.21 -25.68
C SER B 861 18.55 18.99 -26.98
N PHE B 862 19.68 19.41 -27.55
CA PHE B 862 19.67 20.16 -28.82
C PHE B 862 20.78 19.62 -29.70
N VAL B 863 20.41 18.81 -30.69
CA VAL B 863 21.37 18.17 -31.58
C VAL B 863 21.40 18.93 -32.90
N ARG B 864 22.57 18.96 -33.53
CA ARG B 864 22.76 19.59 -34.83
C ARG B 864 23.24 18.54 -35.82
N GLN B 865 22.59 18.47 -36.98
CA GLN B 865 22.94 17.50 -38.01
C GLN B 865 22.87 18.17 -39.38
N THR B 866 23.77 17.74 -40.26
CA THR B 866 23.77 18.18 -41.65
C THR B 866 23.39 17.01 -42.55
N GLY B 867 22.44 17.23 -43.44
CA GLY B 867 22.00 16.21 -44.35
C GLY B 867 21.37 16.80 -45.59
N GLU B 868 20.54 16.00 -46.24
CA GLU B 868 19.80 16.43 -47.41
C GLU B 868 18.32 16.14 -47.21
N GLU B 869 17.50 16.85 -47.99
CA GLU B 869 16.04 16.67 -47.92
C GLU B 869 15.64 15.21 -48.05
N GLU B 870 16.38 14.43 -48.84
CA GLU B 870 16.05 13.02 -49.02
C GLU B 870 16.30 12.18 -47.76
N SER B 871 17.09 12.68 -46.82
CA SER B 871 17.45 11.93 -45.63
C SER B 871 16.98 12.59 -44.34
N VAL B 872 16.12 13.60 -44.43
CA VAL B 872 15.65 14.29 -43.23
C VAL B 872 14.83 13.34 -42.36
N GLN B 873 13.92 12.59 -42.97
CA GLN B 873 13.06 11.70 -42.19
C GLN B 873 13.86 10.59 -41.52
N SER B 874 14.88 10.06 -42.21
CA SER B 874 15.70 9.02 -41.61
C SER B 874 16.48 9.56 -40.41
N LEU B 875 17.07 10.75 -40.54
CA LEU B 875 17.75 11.36 -39.41
C LEU B 875 16.78 11.74 -38.29
N LEU B 876 15.55 12.10 -38.65
CA LEU B 876 14.57 12.49 -37.64
C LEU B 876 14.03 11.28 -36.88
N ALA B 877 13.78 10.18 -37.59
CA ALA B 877 13.20 8.99 -36.96
C ALA B 877 14.06 8.50 -35.80
N GLU B 878 15.38 8.58 -35.94
CA GLU B 878 16.27 8.20 -34.86
C GLU B 878 16.17 9.13 -33.66
N GLN B 879 15.72 10.37 -33.87
CA GLN B 879 15.59 11.31 -32.77
C GLN B 879 14.28 11.14 -32.01
N ILE B 880 13.24 10.60 -32.68
CA ILE B 880 11.93 10.42 -32.06
C ILE B 880 11.99 9.24 -31.10
N LYS B 881 12.24 9.52 -29.83
CA LYS B 881 12.38 8.51 -28.80
C LYS B 881 11.31 8.68 -27.73
N PRO B 882 10.96 7.62 -27.00
CA PRO B 882 9.91 7.73 -25.99
C PRO B 882 10.31 8.66 -24.86
N PHE B 883 9.31 9.17 -24.16
CA PHE B 883 9.52 10.06 -23.03
C PHE B 883 9.30 9.32 -21.72
N ASP B 884 10.13 9.62 -20.74
CA ASP B 884 9.90 9.21 -19.35
C ASP B 884 9.12 10.33 -18.67
N LEU B 885 7.81 10.12 -18.45
CA LEU B 885 6.97 11.16 -17.90
C LEU B 885 7.42 11.59 -16.50
N ALA B 886 8.26 10.80 -15.84
CA ALA B 886 8.85 11.18 -14.57
C ALA B 886 10.14 11.97 -14.73
N LYS B 887 10.55 12.27 -15.96
CA LYS B 887 11.80 12.95 -16.24
C LYS B 887 11.52 14.22 -17.03
N ALA B 888 12.11 15.34 -16.58
CA ALA B 888 11.99 16.62 -17.25
C ALA B 888 13.28 16.94 -18.02
N PRO B 889 13.18 17.68 -19.13
CA PRO B 889 11.94 18.20 -19.69
C PRO B 889 11.29 17.21 -20.65
N LEU B 890 9.97 17.23 -20.74
CA LEU B 890 9.23 16.38 -21.68
C LEU B 890 9.22 17.05 -23.07
N LEU B 891 10.43 17.32 -23.56
CA LEU B 891 10.60 18.01 -24.83
C LEU B 891 12.03 17.87 -25.33
N ARG B 892 12.19 17.50 -26.60
CA ARG B 892 13.50 17.48 -27.25
C ARG B 892 13.40 18.27 -28.55
N ALA B 893 14.54 18.79 -28.99
CA ALA B 893 14.57 19.62 -30.19
C ALA B 893 15.90 19.44 -30.91
N GLY B 894 15.97 19.99 -32.11
CA GLY B 894 17.17 19.92 -32.91
C GLY B 894 16.96 20.63 -34.23
N VAL B 895 18.06 20.81 -34.95
CA VAL B 895 18.06 21.47 -36.25
C VAL B 895 18.77 20.59 -37.24
N ILE B 896 18.09 20.22 -38.31
CA ILE B 896 18.67 19.47 -39.42
C ILE B 896 18.94 20.46 -40.54
N GLU B 897 20.21 20.80 -40.75
CA GLU B 897 20.60 21.77 -41.76
C GLU B 897 20.87 21.07 -43.08
N THR B 898 20.25 21.56 -44.15
CA THR B 898 20.43 21.03 -45.48
C THR B 898 21.12 22.07 -46.37
N ALA B 899 21.25 21.75 -47.65
CA ALA B 899 21.86 22.70 -48.58
C ALA B 899 21.00 23.94 -48.79
N ASP B 900 19.69 23.80 -48.66
CA ASP B 900 18.75 24.90 -48.90
C ASP B 900 18.13 25.46 -47.64
N LYS B 901 17.75 24.62 -46.69
CA LYS B 901 16.97 25.05 -45.54
C LYS B 901 17.67 24.64 -44.25
N LYS B 902 17.27 25.31 -43.18
CA LYS B 902 17.60 24.90 -41.81
C LYS B 902 16.30 24.44 -41.16
N VAL B 903 16.07 23.14 -41.15
CA VAL B 903 14.82 22.58 -40.67
C VAL B 903 14.87 22.45 -39.16
N LEU B 904 14.11 23.29 -38.46
CA LEU B 904 13.95 23.16 -37.03
C LEU B 904 12.91 22.09 -36.73
N TRP B 905 13.26 21.14 -35.87
CA TRP B 905 12.33 20.13 -35.40
C TRP B 905 12.32 20.12 -33.88
N PHE B 906 11.14 19.88 -33.31
CA PHE B 906 10.99 19.74 -31.87
C PHE B 906 9.96 18.65 -31.59
N ASP B 907 10.17 17.93 -30.50
CA ASP B 907 9.33 16.79 -30.15
C ASP B 907 8.87 16.94 -28.71
N SER B 908 7.56 17.00 -28.50
CA SER B 908 6.97 17.12 -27.18
C SER B 908 5.97 15.99 -26.97
N HIS B 909 5.51 15.86 -25.73
CA HIS B 909 4.51 14.87 -25.36
C HIS B 909 3.14 15.53 -25.31
N HIS B 910 2.10 14.73 -25.57
CA HIS B 910 0.75 15.28 -25.68
C HIS B 910 0.18 15.67 -24.32
N ILE B 911 0.70 15.11 -23.23
CA ILE B 911 0.25 15.52 -21.90
C ILE B 911 0.58 16.99 -21.63
N LEU B 912 1.50 17.57 -22.41
CA LEU B 912 1.84 18.99 -22.31
C LEU B 912 1.42 19.79 -23.53
N LEU B 913 1.66 19.27 -24.73
CA LEU B 913 1.54 20.03 -25.96
C LEU B 913 0.42 19.44 -26.83
N ASP B 914 -0.80 19.93 -26.63
CA ASP B 914 -1.86 19.63 -27.57
C ASP B 914 -1.76 20.58 -28.76
N GLY B 915 -2.70 20.46 -29.69
CA GLY B 915 -2.66 21.24 -30.92
C GLY B 915 -2.61 22.75 -30.73
N LEU B 916 -3.62 23.29 -30.05
CA LEU B 916 -3.70 24.74 -29.87
C LEU B 916 -2.58 25.25 -28.96
N SER B 917 -2.11 24.43 -28.01
CA SER B 917 -1.01 24.84 -27.15
C SER B 917 0.25 25.11 -27.96
N LYS B 918 0.48 24.31 -29.01
CA LYS B 918 1.64 24.53 -29.87
C LYS B 918 1.54 25.84 -30.62
N SER B 919 0.32 26.22 -31.04
CA SER B 919 0.14 27.51 -31.69
C SER B 919 0.52 28.65 -30.76
N ILE B 920 0.23 28.51 -29.46
CA ILE B 920 0.65 29.50 -28.48
C ILE B 920 2.16 29.51 -28.36
N LEU B 921 2.79 28.33 -28.43
CA LEU B 921 4.25 28.25 -28.37
C LEU B 921 4.88 28.85 -29.63
N ALA B 922 4.34 28.51 -30.80
CA ALA B 922 4.85 29.06 -32.06
C ALA B 922 4.77 30.58 -32.08
N ARG B 923 3.65 31.13 -31.60
CA ARG B 923 3.49 32.57 -31.55
C ARG B 923 4.61 33.23 -30.76
N GLU B 924 4.88 32.71 -29.57
CA GLU B 924 5.85 33.35 -28.68
C GLU B 924 7.30 33.09 -29.11
N LEU B 925 7.56 31.96 -29.78
CA LEU B 925 8.90 31.73 -30.30
C LEU B 925 9.25 32.75 -31.38
N GLN B 926 8.27 33.13 -32.21
CA GLN B 926 8.50 34.17 -33.20
C GLN B 926 8.87 35.49 -32.54
N ALA B 927 8.20 35.83 -31.43
CA ALA B 927 8.52 37.07 -30.72
C ALA B 927 9.95 37.03 -30.18
N LEU B 928 10.35 35.90 -29.60
CA LEU B 928 11.70 35.79 -29.07
C LEU B 928 12.75 35.86 -30.17
N LEU B 929 12.52 35.16 -31.28
CA LEU B 929 13.46 35.23 -32.40
C LEU B 929 13.54 36.64 -32.97
N GLY B 930 12.45 37.42 -32.85
CA GLY B 930 12.46 38.81 -33.22
C GLY B 930 13.01 39.75 -32.18
N GLN B 931 13.68 39.21 -31.15
CA GLN B 931 14.32 39.99 -30.10
C GLN B 931 13.30 40.83 -29.31
N GLN B 932 12.27 40.16 -28.82
CA GLN B 932 11.26 40.77 -27.97
C GLN B 932 11.19 40.03 -26.65
N VAL B 933 10.54 40.66 -25.67
CA VAL B 933 10.38 40.10 -24.34
C VAL B 933 8.92 39.80 -24.10
N LEU B 934 8.66 38.78 -23.28
CA LEU B 934 7.31 38.31 -22.99
C LEU B 934 6.94 38.62 -21.55
N SER B 935 5.69 39.04 -21.34
CA SER B 935 5.21 39.26 -20.00
C SER B 935 5.14 37.93 -19.24
N PRO B 936 5.39 37.95 -17.93
CA PRO B 936 5.37 36.70 -17.16
C PRO B 936 3.99 36.07 -17.14
N VAL B 937 3.97 34.73 -17.12
CA VAL B 937 2.72 33.99 -17.10
C VAL B 937 2.02 34.21 -15.77
N GLU B 938 0.77 34.66 -15.83
CA GLU B 938 0.05 35.02 -14.61
C GLU B 938 -0.39 33.78 -13.85
N LYS B 939 -0.95 32.80 -14.54
CA LYS B 939 -1.47 31.59 -13.91
C LYS B 939 -0.60 30.39 -14.25
N THR B 940 -0.89 29.28 -13.58
CA THR B 940 -0.18 28.02 -13.78
C THR B 940 -1.18 26.90 -14.01
N TYR B 941 -0.72 25.85 -14.70
CA TYR B 941 -1.60 24.73 -15.03
C TYR B 941 -2.14 24.05 -13.78
N LYS B 942 -1.25 23.88 -12.79
CA LYS B 942 -1.60 23.20 -11.51
C LYS B 942 -2.84 23.84 -10.86
N SER B 943 -2.99 25.16 -11.00
CA SER B 943 -4.11 25.86 -10.40
C SER B 943 -5.43 25.48 -11.08
N PHE B 944 -5.42 25.38 -12.40
CA PHE B 944 -6.61 24.90 -13.10
C PHE B 944 -6.88 23.44 -12.77
N ALA B 945 -5.83 22.64 -12.61
CA ALA B 945 -6.00 21.23 -12.30
C ALA B 945 -6.79 21.03 -11.00
N ARG B 946 -6.43 21.83 -9.99
CA ARG B 946 -7.11 21.75 -8.66
C ARG B 946 -8.55 22.27 -8.80
N TRP B 947 -8.74 23.39 -9.51
CA TRP B 947 -10.06 23.98 -9.69
C TRP B 947 -11.01 23.00 -10.37
N GLN B 948 -10.55 22.37 -11.45
CA GLN B 948 -11.40 21.42 -12.16
C GLN B 948 -11.68 20.17 -11.34
N ASN B 949 -10.71 19.77 -10.50
CA ASN B 949 -10.93 18.60 -9.64
C ASN B 949 -12.02 18.86 -8.61
N GLU B 950 -12.05 20.07 -8.04
CA GLU B 950 -13.10 20.41 -7.10
C GLU B 950 -14.44 20.61 -7.80
N TRP B 951 -14.40 21.11 -9.04
CA TRP B 951 -15.65 21.32 -9.79
C TRP B 951 -16.33 20.00 -10.12
N PHE B 952 -15.57 18.90 -10.20
CA PHE B 952 -16.14 17.59 -10.45
C PHE B 952 -17.10 17.14 -9.36
N ALA B 953 -17.12 17.81 -8.21
CA ALA B 953 -17.98 17.45 -7.10
C ALA B 953 -19.20 18.36 -6.98
N SER B 954 -19.41 19.25 -7.95
CA SER B 954 -20.48 20.23 -7.88
C SER B 954 -21.75 19.70 -8.53
N ASP B 955 -22.85 20.43 -8.31
CA ASP B 955 -24.13 20.07 -8.93
C ASP B 955 -24.05 20.19 -10.45
N GLU B 956 -23.33 21.19 -10.95
CA GLU B 956 -23.23 21.39 -12.39
C GLU B 956 -22.68 20.15 -13.09
N TYR B 957 -21.65 19.53 -12.52
CA TYR B 957 -21.11 18.32 -13.11
C TYR B 957 -22.13 17.18 -13.10
N GLU B 958 -22.84 17.01 -11.98
CA GLU B 958 -23.85 15.96 -11.90
C GLU B 958 -24.96 16.17 -12.90
N GLN B 959 -25.24 17.42 -13.26
CA GLN B 959 -26.22 17.71 -14.29
C GLN B 959 -25.67 17.48 -15.69
N GLN B 960 -24.37 17.73 -15.89
CA GLN B 960 -23.76 17.50 -17.20
C GLN B 960 -23.63 16.01 -17.49
N ILE B 961 -23.13 15.24 -16.52
CA ILE B 961 -23.02 13.80 -16.70
C ILE B 961 -24.39 13.13 -16.81
N ALA B 962 -25.44 13.79 -16.30
CA ALA B 962 -26.79 13.26 -16.45
C ALA B 962 -27.23 13.27 -17.91
N TYR B 963 -26.84 14.29 -18.66
CA TYR B 963 -27.15 14.33 -20.09
C TYR B 963 -26.51 13.14 -20.81
N TRP B 964 -25.27 12.81 -20.47
CA TRP B 964 -24.60 11.69 -21.13
C TRP B 964 -25.19 10.35 -20.71
N LYS B 965 -25.63 10.21 -19.46
CA LYS B 965 -26.31 8.99 -19.04
C LYS B 965 -27.57 8.75 -19.86
N THR B 966 -28.44 9.77 -19.94
CA THR B 966 -29.67 9.65 -20.71
C THR B 966 -29.40 9.40 -22.18
N LEU B 967 -28.31 9.96 -22.71
CA LEU B 967 -28.00 9.82 -24.13
C LEU B 967 -27.47 8.44 -24.47
N LEU B 968 -26.63 7.87 -23.60
CA LEU B 968 -25.93 6.62 -23.89
C LEU B 968 -26.49 5.43 -23.13
N GLN B 969 -27.71 5.57 -22.59
CA GLN B 969 -28.31 4.45 -21.85
C GLN B 969 -28.87 3.39 -22.79
N GLY B 970 -29.56 3.82 -23.85
CA GLY B 970 -30.17 2.89 -24.78
C GLY B 970 -29.16 2.17 -25.66
N GLU B 971 -29.62 1.61 -26.77
CA GLU B 971 -28.74 0.92 -27.69
C GLU B 971 -27.95 1.92 -28.51
N LEU B 972 -26.63 1.74 -28.57
CA LEU B 972 -25.83 2.71 -29.28
C LEU B 972 -25.47 2.22 -30.67
N PRO B 973 -25.48 3.10 -31.67
CA PRO B 973 -25.13 2.67 -33.03
C PRO B 973 -23.66 2.35 -33.14
N ALA B 974 -23.35 1.38 -34.01
CA ALA B 974 -21.98 1.03 -34.34
C ALA B 974 -21.71 1.41 -35.79
N VAL B 975 -20.52 1.97 -36.02
CA VAL B 975 -20.12 2.42 -37.35
C VAL B 975 -19.19 1.37 -37.93
N GLN B 976 -19.69 0.63 -38.93
CA GLN B 976 -18.89 -0.42 -39.61
C GLN B 976 -18.34 0.15 -40.92
N LEU B 977 -17.01 0.12 -41.10
CA LEU B 977 -16.40 0.65 -42.29
C LEU B 977 -15.91 -0.48 -43.19
N PRO B 978 -15.89 -0.28 -44.51
CA PRO B 978 -15.36 -1.32 -45.41
C PRO B 978 -13.86 -1.51 -45.22
N THR B 979 -13.48 -2.25 -44.19
CA THR B 979 -12.08 -2.49 -43.86
C THR B 979 -11.69 -3.90 -44.27
N LYS B 980 -10.41 -4.21 -44.09
CA LYS B 980 -9.96 -5.59 -44.15
C LYS B 980 -10.25 -6.27 -42.81
N LYS B 981 -9.92 -7.55 -42.72
CA LYS B 981 -10.14 -8.36 -41.49
C LYS B 981 -9.48 -7.63 -40.30
N ARG B 982 -10.30 -7.17 -39.35
CA ARG B 982 -9.79 -6.45 -38.15
C ARG B 982 -8.84 -7.35 -37.36
N PRO B 983 -7.72 -6.83 -36.81
CA PRO B 983 -6.76 -7.63 -36.04
C PRO B 983 -7.34 -8.08 -34.68
N PRO B 984 -6.80 -9.14 -34.05
CA PRO B 984 -7.29 -9.62 -32.76
C PRO B 984 -7.21 -8.54 -31.67
N GLN B 985 -6.25 -7.61 -31.81
CA GLN B 985 -6.08 -6.54 -30.84
C GLN B 985 -5.93 -5.20 -31.56
N LEU B 986 -6.17 -4.13 -30.81
CA LEU B 986 -6.08 -2.78 -31.35
C LEU B 986 -4.68 -2.49 -31.87
N THR B 987 -4.60 -2.09 -33.14
CA THR B 987 -3.34 -1.65 -33.73
C THR B 987 -3.37 -0.14 -33.93
N PHE B 988 -2.17 0.44 -34.01
CA PHE B 988 -2.03 1.88 -34.18
C PHE B 988 -1.09 2.25 -35.32
N ASP B 989 -0.66 1.29 -36.13
CA ASP B 989 0.09 1.59 -37.34
C ASP B 989 -0.80 2.31 -38.33
N GLY B 990 -0.26 3.37 -38.95
CA GLY B 990 -1.06 4.18 -39.84
C GLY B 990 -0.24 4.89 -40.88
N ALA B 991 -0.93 5.67 -41.72
CA ALA B 991 -0.31 6.49 -42.75
C ALA B 991 -1.25 7.64 -43.05
N ILE B 992 -0.76 8.58 -43.86
CA ILE B 992 -1.47 9.82 -44.14
C ILE B 992 -1.65 9.99 -45.64
N GLN B 993 -2.83 10.43 -46.04
CA GLN B 993 -3.09 10.98 -47.36
C GLN B 993 -3.69 12.37 -47.20
N MET B 994 -3.26 13.31 -48.02
CA MET B 994 -3.66 14.70 -47.90
C MET B 994 -4.50 15.10 -49.12
N TYR B 995 -5.73 15.53 -48.87
CA TYR B 995 -6.62 16.03 -49.91
C TYR B 995 -6.69 17.55 -49.82
N ARG B 996 -6.39 18.21 -50.95
CA ARG B 996 -6.29 19.67 -51.00
C ARG B 996 -7.58 20.23 -51.61
N VAL B 997 -8.34 20.94 -50.79
CA VAL B 997 -9.51 21.69 -51.26
C VAL B 997 -9.00 23.05 -51.73
N ASN B 998 -9.04 23.27 -53.05
CA ASN B 998 -8.51 24.49 -53.64
C ASN B 998 -9.24 25.71 -53.06
N PRO B 999 -8.62 26.90 -53.15
CA PRO B 999 -9.25 28.10 -52.57
C PRO B 999 -10.62 28.43 -53.14
N GLU B 1000 -10.88 28.11 -54.41
CA GLU B 1000 -12.14 28.48 -55.03
C GLU B 1000 -13.32 27.77 -54.35
N ILE B 1001 -13.27 26.45 -54.25
CA ILE B 1001 -14.35 25.70 -53.61
C ILE B 1001 -14.46 26.10 -52.13
N THR B 1002 -13.33 26.34 -51.48
CA THR B 1002 -13.35 26.68 -50.06
C THR B 1002 -14.15 27.95 -49.79
N ARG B 1003 -14.04 28.91 -50.71
CA ARG B 1003 -14.76 30.21 -50.59
C ARG B 1003 -16.28 29.98 -50.65
N LYS B 1004 -16.73 29.09 -51.53
CA LYS B 1004 -18.16 28.81 -51.68
C LYS B 1004 -18.70 28.06 -50.46
N LEU B 1005 -17.91 27.15 -49.89
CA LEU B 1005 -18.31 26.44 -48.68
C LEU B 1005 -18.53 27.41 -47.53
N LYS B 1006 -17.58 28.32 -47.30
CA LYS B 1006 -17.72 29.28 -46.22
C LYS B 1006 -18.91 30.21 -46.44
N ALA B 1007 -19.21 30.55 -47.70
CA ALA B 1007 -20.35 31.41 -47.98
C ALA B 1007 -21.66 30.71 -47.66
N THR B 1008 -21.76 29.41 -47.95
CA THR B 1008 -22.96 28.65 -47.64
C THR B 1008 -23.17 28.57 -46.13
N ALA B 1009 -22.11 28.25 -45.38
CA ALA B 1009 -22.24 28.12 -43.93
C ALA B 1009 -22.65 29.44 -43.30
N ALA B 1010 -22.07 30.55 -43.75
CA ALA B 1010 -22.41 31.85 -43.20
C ALA B 1010 -23.83 32.27 -43.56
N LYS B 1011 -24.32 31.82 -44.72
CA LYS B 1011 -25.65 32.22 -45.18
C LYS B 1011 -26.75 31.74 -44.24
N HIS B 1012 -26.58 30.57 -43.63
CA HIS B 1012 -27.64 29.92 -42.87
C HIS B 1012 -27.28 29.80 -41.39
N ASP B 1013 -26.56 30.79 -40.87
CA ASP B 1013 -26.20 30.88 -39.45
C ASP B 1013 -25.58 29.58 -38.95
N LEU B 1014 -24.48 29.21 -39.59
CA LEU B 1014 -23.74 28.00 -39.23
C LEU B 1014 -22.26 28.28 -39.29
N THR B 1015 -21.49 27.52 -38.52
CA THR B 1015 -20.05 27.58 -38.58
C THR B 1015 -19.52 26.57 -39.58
N LEU B 1016 -18.30 26.82 -40.07
CA LEU B 1016 -17.66 25.87 -40.98
C LEU B 1016 -17.51 24.51 -40.31
N TYR B 1017 -17.29 24.48 -39.00
CA TYR B 1017 -17.21 23.22 -38.26
C TYR B 1017 -18.52 22.44 -38.38
N MET B 1018 -19.65 23.12 -38.15
CA MET B 1018 -20.94 22.46 -38.28
C MET B 1018 -21.16 21.94 -39.69
N LEU B 1019 -20.71 22.70 -40.70
CA LEU B 1019 -20.88 22.27 -42.09
C LEU B 1019 -20.05 21.03 -42.39
N MET B 1020 -18.76 21.07 -42.09
CA MET B 1020 -17.89 19.92 -42.34
C MET B 1020 -18.33 18.70 -41.54
N LEU B 1021 -18.84 18.91 -40.33
CA LEU B 1021 -19.31 17.78 -39.52
C LEU B 1021 -20.50 17.09 -40.17
N THR B 1022 -21.44 17.87 -40.73
CA THR B 1022 -22.59 17.27 -41.39
C THR B 1022 -22.20 16.52 -42.65
N ILE B 1023 -21.20 17.01 -43.38
CA ILE B 1023 -20.75 16.32 -44.58
C ILE B 1023 -20.09 14.99 -44.22
N VAL B 1024 -19.29 14.97 -43.16
CA VAL B 1024 -18.66 13.74 -42.72
C VAL B 1024 -19.70 12.76 -42.20
N SER B 1025 -20.72 13.26 -41.49
CA SER B 1025 -21.74 12.39 -40.94
C SER B 1025 -22.55 11.71 -42.04
N ILE B 1026 -22.92 12.47 -43.08
CA ILE B 1026 -23.62 11.88 -44.22
C ILE B 1026 -22.72 10.87 -44.93
N TRP B 1027 -21.45 11.22 -45.13
CA TRP B 1027 -20.50 10.33 -45.78
C TRP B 1027 -20.41 8.98 -45.04
N LEU B 1028 -20.22 9.03 -43.73
CA LEU B 1028 -20.19 7.81 -42.93
C LEU B 1028 -21.53 7.08 -42.99
N SER B 1029 -22.64 7.83 -43.00
CA SER B 1029 -23.95 7.22 -43.06
C SER B 1029 -24.13 6.42 -44.34
N LYS B 1030 -23.76 7.00 -45.48
CA LYS B 1030 -23.94 6.32 -46.76
C LYS B 1030 -23.07 5.06 -46.85
N MET B 1031 -21.84 5.11 -46.30
CA MET B 1031 -21.00 3.92 -46.26
C MET B 1031 -21.48 2.89 -45.25
N ASN B 1032 -22.44 3.24 -44.40
CA ASN B 1032 -23.01 2.33 -43.42
C ASN B 1032 -24.43 1.91 -43.80
N SER B 1033 -24.65 1.69 -45.10
CA SER B 1033 -25.95 1.29 -45.63
C SER B 1033 -27.03 2.33 -45.31
N ASP B 1034 -26.66 3.61 -45.40
CA ASP B 1034 -27.57 4.73 -45.18
C ASP B 1034 -28.25 4.62 -43.82
N SER B 1035 -27.44 4.37 -42.79
CA SER B 1035 -27.96 4.25 -41.44
C SER B 1035 -28.54 5.58 -40.97
N ASN B 1036 -29.64 5.50 -40.21
CA ASN B 1036 -30.28 6.72 -39.72
C ASN B 1036 -29.46 7.40 -38.62
N GLN B 1037 -28.71 6.63 -37.85
CA GLN B 1037 -27.90 7.17 -36.77
C GLN B 1037 -26.42 6.90 -37.02
N VAL B 1038 -25.59 7.91 -36.72
CA VAL B 1038 -24.15 7.81 -36.85
C VAL B 1038 -23.51 8.31 -35.55
N ILE B 1039 -22.41 7.69 -35.16
CA ILE B 1039 -21.66 8.11 -33.98
C ILE B 1039 -20.22 8.38 -34.41
N LEU B 1040 -19.68 9.49 -33.94
CA LEU B 1040 -18.30 9.86 -34.23
C LEU B 1040 -17.81 10.81 -33.14
N GLY B 1041 -16.52 10.75 -32.87
CA GLY B 1041 -15.93 11.60 -31.86
C GLY B 1041 -15.52 12.95 -32.39
N THR B 1042 -15.38 13.91 -31.48
CA THR B 1042 -14.92 15.25 -31.83
C THR B 1042 -14.02 15.76 -30.70
N VAL B 1043 -13.42 16.92 -30.94
CA VAL B 1043 -12.48 17.53 -30.01
C VAL B 1043 -12.93 18.96 -29.72
N THR B 1044 -13.08 19.28 -28.44
CA THR B 1044 -13.36 20.63 -28.00
C THR B 1044 -12.09 21.29 -27.46
N ASP B 1045 -12.06 22.61 -27.53
CA ASP B 1045 -10.87 23.35 -27.10
C ASP B 1045 -10.55 23.08 -25.63
N GLY B 1046 -11.56 22.82 -24.81
CA GLY B 1046 -11.35 22.51 -23.41
C GLY B 1046 -10.88 23.66 -22.54
N ARG B 1047 -10.80 24.87 -23.08
CA ARG B 1047 -10.42 26.05 -22.28
C ARG B 1047 -11.60 26.48 -21.42
N GLN B 1048 -11.88 25.66 -20.41
CA GLN B 1048 -13.05 25.91 -19.57
C GLN B 1048 -12.94 27.23 -18.83
N HIS B 1049 -11.84 27.43 -18.10
CA HIS B 1049 -11.63 28.70 -17.43
C HIS B 1049 -11.03 29.71 -18.40
N PRO B 1050 -11.58 30.91 -18.51
CA PRO B 1050 -11.05 31.89 -19.47
C PRO B 1050 -9.61 32.31 -19.19
N ASP B 1051 -9.10 32.05 -17.99
CA ASP B 1051 -7.73 32.40 -17.63
C ASP B 1051 -6.71 31.35 -18.05
N THR B 1052 -7.08 30.42 -18.93
CA THR B 1052 -6.18 29.35 -19.38
C THR B 1052 -5.85 29.46 -20.85
N ARG B 1053 -6.25 30.55 -21.51
CA ARG B 1053 -6.05 30.67 -22.96
C ARG B 1053 -4.59 30.83 -23.33
N GLU B 1054 -3.72 31.18 -22.37
CA GLU B 1054 -2.31 31.43 -22.66
C GLU B 1054 -1.40 30.40 -22.02
N LEU B 1055 -1.95 29.33 -21.47
CA LEU B 1055 -1.17 28.34 -20.72
C LEU B 1055 -0.78 27.17 -21.61
N LEU B 1056 0.45 26.70 -21.43
CA LEU B 1056 0.90 25.48 -22.07
C LEU B 1056 0.43 24.28 -21.25
N GLY B 1057 -0.33 23.39 -21.88
CA GLY B 1057 -0.85 22.24 -21.17
C GLY B 1057 -1.87 21.51 -22.01
N MET B 1058 -2.24 20.33 -21.52
CA MET B 1058 -3.22 19.47 -22.18
C MET B 1058 -4.61 19.80 -21.63
N PHE B 1059 -5.38 20.54 -22.41
CA PHE B 1059 -6.74 20.92 -22.04
C PHE B 1059 -7.81 20.21 -22.85
N VAL B 1060 -7.51 19.83 -24.09
CA VAL B 1060 -8.56 19.42 -25.02
C VAL B 1060 -9.27 18.18 -24.50
N ASN B 1061 -10.60 18.19 -24.58
CA ASN B 1061 -11.43 17.07 -24.16
C ASN B 1061 -12.04 16.42 -25.40
N THR B 1062 -12.19 15.09 -25.32
CA THR B 1062 -12.76 14.32 -26.41
C THR B 1062 -14.25 14.11 -26.16
N LEU B 1063 -15.07 14.38 -27.17
CA LEU B 1063 -16.50 14.25 -27.04
C LEU B 1063 -17.06 13.25 -28.05
N PRO B 1064 -17.99 12.40 -27.64
CA PRO B 1064 -18.71 11.56 -28.60
C PRO B 1064 -19.96 12.24 -29.12
N LEU B 1065 -20.12 12.29 -30.44
CA LEU B 1065 -21.26 12.94 -31.08
C LEU B 1065 -22.22 11.88 -31.58
N LEU B 1066 -23.42 11.84 -31.01
CA LEU B 1066 -24.49 10.94 -31.45
C LEU B 1066 -25.39 11.75 -32.39
N LEU B 1067 -25.05 11.72 -33.67
CA LEU B 1067 -25.76 12.49 -34.68
C LEU B 1067 -26.73 11.61 -35.45
N SER B 1068 -27.85 12.20 -35.86
CA SER B 1068 -28.87 11.52 -36.65
C SER B 1068 -28.94 12.16 -38.03
N ILE B 1069 -28.88 11.33 -39.07
CA ILE B 1069 -28.93 11.79 -40.45
C ILE B 1069 -30.24 11.32 -41.05
N ASP B 1070 -31.12 12.26 -41.36
CA ASP B 1070 -32.41 11.97 -42.00
C ASP B 1070 -32.20 12.05 -43.51
N HIS B 1071 -31.98 10.89 -44.13
CA HIS B 1071 -31.72 10.86 -45.57
C HIS B 1071 -32.91 11.31 -46.40
N GLU B 1072 -34.11 11.30 -45.83
CA GLU B 1072 -35.30 11.77 -46.54
C GLU B 1072 -35.39 13.29 -46.57
N GLU B 1073 -34.69 13.99 -45.68
CA GLU B 1073 -34.71 15.44 -45.65
C GLU B 1073 -33.56 16.02 -46.47
N SER B 1074 -33.67 17.30 -46.77
CA SER B 1074 -32.68 17.97 -47.60
C SER B 1074 -31.36 18.14 -46.82
N PHE B 1075 -30.34 18.59 -47.55
CA PHE B 1075 -29.05 18.86 -46.92
C PHE B 1075 -29.15 19.98 -45.91
N LEU B 1076 -29.91 21.03 -46.23
CA LEU B 1076 -30.11 22.12 -45.28
C LEU B 1076 -30.80 21.65 -44.01
N HIS B 1077 -31.83 20.79 -44.16
CA HIS B 1077 -32.54 20.28 -43.00
C HIS B 1077 -31.62 19.47 -42.10
N ASN B 1078 -30.69 18.71 -42.69
CA ASN B 1078 -29.74 17.96 -41.89
C ASN B 1078 -28.75 18.88 -41.17
N LEU B 1079 -28.41 20.02 -41.79
CA LEU B 1079 -27.56 20.99 -41.12
C LEU B 1079 -28.22 21.51 -39.85
N GLN B 1080 -29.53 21.73 -39.89
CA GLN B 1080 -30.24 22.19 -38.70
C GLN B 1080 -30.32 21.10 -37.64
N GLN B 1081 -30.52 19.85 -38.06
CA GLN B 1081 -30.57 18.74 -37.12
C GLN B 1081 -29.21 18.52 -36.45
N VAL B 1082 -28.13 18.56 -37.23
CA VAL B 1082 -26.80 18.41 -36.67
C VAL B 1082 -26.51 19.56 -35.70
N LYS B 1083 -26.92 20.78 -36.06
CA LYS B 1083 -26.79 21.90 -35.14
C LYS B 1083 -27.59 21.66 -33.86
N ALA B 1084 -28.79 21.11 -33.99
CA ALA B 1084 -29.62 20.84 -32.81
C ALA B 1084 -29.00 19.78 -31.91
N LYS B 1085 -28.30 18.80 -32.49
CA LYS B 1085 -27.66 17.76 -31.69
C LYS B 1085 -26.33 18.22 -31.11
N LEU B 1086 -25.62 19.12 -31.79
CA LEU B 1086 -24.29 19.50 -31.36
C LEU B 1086 -24.32 20.38 -30.11
N LEU B 1087 -25.22 21.37 -30.07
CA LEU B 1087 -25.20 22.33 -28.97
C LEU B 1087 -25.35 21.71 -27.59
N PRO B 1088 -26.22 20.71 -27.35
CA PRO B 1088 -26.19 20.05 -26.03
C PRO B 1088 -24.85 19.42 -25.70
N ALA B 1089 -24.16 18.84 -26.69
CA ALA B 1089 -22.85 18.25 -26.44
C ALA B 1089 -21.83 19.30 -26.03
N LEU B 1090 -21.81 20.44 -26.73
CA LEU B 1090 -20.85 21.50 -26.41
C LEU B 1090 -21.13 22.12 -25.05
N GLN B 1091 -22.39 22.11 -24.61
CA GLN B 1091 -22.71 22.68 -23.30
C GLN B 1091 -22.23 21.78 -22.15
N ASN B 1092 -22.21 20.47 -22.37
CA ASN B 1092 -21.70 19.51 -21.39
C ASN B 1092 -20.35 18.93 -21.82
N GLN B 1093 -19.52 19.77 -22.45
CA GLN B 1093 -18.28 19.28 -23.05
C GLN B 1093 -17.20 19.00 -22.03
N TYR B 1094 -17.34 19.50 -20.80
CA TYR B 1094 -16.27 19.44 -19.81
C TYR B 1094 -16.37 18.25 -18.88
N VAL B 1095 -17.07 17.19 -19.29
CA VAL B 1095 -17.07 15.92 -18.59
C VAL B 1095 -15.92 15.09 -19.15
N PRO B 1096 -14.96 14.66 -18.33
CA PRO B 1096 -13.84 13.88 -18.86
C PRO B 1096 -14.29 12.65 -19.62
N PHE B 1097 -13.53 12.30 -20.66
CA PHE B 1097 -13.91 11.20 -21.53
C PHE B 1097 -14.06 9.90 -20.77
N ASP B 1098 -13.19 9.66 -19.78
CA ASP B 1098 -13.28 8.43 -18.99
C ASP B 1098 -14.58 8.35 -18.20
N LYS B 1099 -15.10 9.49 -17.75
CA LYS B 1099 -16.35 9.48 -16.99
C LYS B 1099 -17.56 9.38 -17.90
N ILE B 1100 -17.45 9.81 -19.15
CA ILE B 1100 -18.48 9.50 -20.13
C ILE B 1100 -18.51 8.01 -20.41
N LEU B 1101 -17.34 7.36 -20.39
CA LEU B 1101 -17.29 5.92 -20.54
C LEU B 1101 -17.92 5.20 -19.37
N GLU B 1102 -17.68 5.70 -18.15
CA GLU B 1102 -18.29 5.10 -16.96
C GLU B 1102 -19.81 5.15 -17.03
N ALA B 1103 -20.36 6.34 -17.30
CA ALA B 1103 -21.81 6.51 -17.33
C ALA B 1103 -22.47 5.65 -18.39
N ALA B 1104 -21.75 5.25 -19.43
CA ALA B 1104 -22.31 4.43 -20.50
C ALA B 1104 -22.14 2.93 -20.26
N ARG B 1105 -21.53 2.53 -19.14
CA ARG B 1105 -21.26 1.13 -18.83
C ARG B 1105 -20.38 0.47 -19.90
N VAL B 1106 -19.49 1.24 -20.51
CA VAL B 1106 -18.61 0.77 -21.57
C VAL B 1106 -17.17 1.02 -21.17
N LYS B 1107 -16.29 0.08 -21.50
CA LYS B 1107 -14.87 0.18 -21.20
C LYS B 1107 -14.07 -0.16 -22.44
N ARG B 1108 -12.82 0.28 -22.46
CA ARG B 1108 -11.92 0.04 -23.59
C ARG B 1108 -11.58 -1.45 -23.63
N GLU B 1109 -12.20 -2.17 -24.57
CA GLU B 1109 -12.00 -3.60 -24.69
C GLU B 1109 -11.94 -3.99 -26.16
N GLY B 1110 -11.19 -5.06 -26.44
CA GLY B 1110 -11.22 -5.69 -27.74
C GLY B 1110 -10.53 -4.89 -28.84
N ASN B 1111 -10.90 -5.23 -30.08
CA ASN B 1111 -10.28 -4.68 -31.27
C ASN B 1111 -10.98 -3.43 -31.78
N ARG B 1112 -12.04 -2.97 -31.13
CA ARG B 1112 -12.71 -1.74 -31.49
C ARG B 1112 -12.48 -0.66 -30.44
N HIS B 1113 -12.52 0.58 -30.88
CA HIS B 1113 -12.44 1.70 -29.95
C HIS B 1113 -13.81 1.91 -29.29
N PRO B 1114 -13.82 2.41 -28.03
CA PRO B 1114 -15.04 2.31 -27.19
C PRO B 1114 -16.39 2.74 -27.75
N LEU B 1115 -16.49 3.99 -28.21
CA LEU B 1115 -17.76 4.54 -28.65
C LEU B 1115 -17.72 4.85 -30.14
N PHE B 1116 -16.54 5.14 -30.69
CA PHE B 1116 -16.44 5.57 -32.08
C PHE B 1116 -15.14 5.06 -32.67
N ASP B 1117 -15.14 4.92 -34.00
CA ASP B 1117 -13.95 4.54 -34.74
C ASP B 1117 -13.43 5.66 -35.64
N VAL B 1118 -14.21 6.70 -35.88
CA VAL B 1118 -13.82 7.82 -36.72
C VAL B 1118 -13.71 9.05 -35.83
N MET B 1119 -12.54 9.67 -35.82
CA MET B 1119 -12.31 10.92 -35.13
C MET B 1119 -12.41 12.08 -36.12
N PHE B 1120 -13.12 13.13 -35.73
CA PHE B 1120 -13.20 14.37 -36.51
C PHE B 1120 -12.58 15.49 -35.69
N MET B 1121 -11.37 15.90 -36.06
CA MET B 1121 -10.71 17.03 -35.44
C MET B 1121 -10.80 18.25 -36.36
N MET B 1122 -10.81 19.43 -35.74
CA MET B 1122 -10.89 20.68 -36.50
C MET B 1122 -10.25 21.81 -35.71
N GLN B 1123 -9.30 22.49 -36.34
CA GLN B 1123 -8.66 23.67 -35.77
C GLN B 1123 -8.65 24.78 -36.80
N GLY B 1124 -8.87 26.01 -36.34
CA GLY B 1124 -8.97 27.14 -37.23
C GLY B 1124 -7.67 27.46 -37.92
N ALA B 1125 -7.68 28.58 -38.63
CA ALA B 1125 -6.51 29.02 -39.38
C ALA B 1125 -5.36 29.35 -38.43
N PRO B 1126 -4.12 29.26 -38.91
CA PRO B 1126 -2.98 29.63 -38.07
C PRO B 1126 -3.06 31.09 -37.67
N GLU B 1127 -2.60 31.37 -36.45
CA GLU B 1127 -2.59 32.74 -35.95
C GLU B 1127 -1.44 33.55 -36.51
N THR B 1128 -0.39 32.91 -37.00
CA THR B 1128 0.80 33.60 -37.50
C THR B 1128 1.28 32.94 -38.78
N GLU B 1129 2.17 33.63 -39.49
CA GLU B 1129 2.75 33.10 -40.72
C GLU B 1129 3.61 31.87 -40.43
N LEU B 1130 4.40 31.92 -39.35
CA LEU B 1130 5.26 30.80 -39.01
C LEU B 1130 4.45 29.54 -38.73
N GLU B 1131 3.31 29.68 -38.06
CA GLU B 1131 2.44 28.54 -37.80
C GLU B 1131 1.87 27.96 -39.09
N SER B 1132 1.69 28.80 -40.13
CA SER B 1132 1.15 28.31 -41.38
C SER B 1132 2.13 27.39 -42.10
N ASN B 1133 3.42 27.71 -42.06
CA ASN B 1133 4.43 26.91 -42.73
C ASN B 1133 4.86 25.69 -41.92
N MET B 1134 4.26 25.44 -40.76
CA MET B 1134 4.58 24.26 -39.97
C MET B 1134 3.77 23.07 -40.48
N HIS B 1135 4.47 22.03 -40.90
CA HIS B 1135 3.85 20.81 -41.40
C HIS B 1135 3.85 19.77 -40.30
N HIS B 1136 2.66 19.36 -39.87
CA HIS B 1136 2.54 18.31 -38.86
C HIS B 1136 3.01 16.99 -39.44
N ILE B 1137 4.07 16.43 -38.87
CA ILE B 1137 4.66 15.18 -39.36
C ILE B 1137 4.04 14.02 -38.58
N ASN B 1138 3.31 13.17 -39.29
CA ASN B 1138 2.80 11.94 -38.72
C ASN B 1138 3.80 10.82 -38.95
N ALA B 1139 4.34 10.25 -37.87
CA ALA B 1139 5.34 9.20 -37.96
C ALA B 1139 4.74 7.81 -38.14
N GLY B 1140 3.72 7.69 -38.99
CA GLY B 1140 3.06 6.42 -39.22
C GLY B 1140 2.23 5.98 -38.04
N ILE B 1141 1.40 6.88 -37.52
CA ILE B 1141 0.57 6.58 -36.32
C ILE B 1141 -0.89 6.99 -36.56
N SER B 1142 -1.82 6.12 -36.19
CA SER B 1142 -3.26 6.37 -36.31
C SER B 1142 -3.90 5.99 -34.99
N LYS B 1143 -4.31 7.00 -34.22
CA LYS B 1143 -4.89 6.75 -32.90
C LYS B 1143 -6.25 6.04 -33.00
N PHE B 1144 -6.95 6.17 -34.12
CA PHE B 1144 -8.19 5.46 -34.36
C PHE B 1144 -8.13 4.83 -35.75
N ASP B 1145 -9.24 4.22 -36.16
CA ASP B 1145 -9.31 3.66 -37.51
C ASP B 1145 -9.11 4.75 -38.56
N LEU B 1146 -9.73 5.91 -38.36
CA LEU B 1146 -9.65 7.01 -39.30
C LEU B 1146 -9.84 8.32 -38.56
N THR B 1147 -9.02 9.31 -38.91
CA THR B 1147 -9.12 10.65 -38.34
C THR B 1147 -9.14 11.66 -39.48
N LEU B 1148 -10.21 12.46 -39.55
CA LEU B 1148 -10.30 13.57 -40.49
C LEU B 1148 -9.98 14.86 -39.76
N GLU B 1149 -8.82 15.42 -40.04
CA GLU B 1149 -8.38 16.69 -39.45
C GLU B 1149 -8.39 17.75 -40.54
N VAL B 1150 -9.45 18.55 -40.58
CA VAL B 1150 -9.55 19.66 -41.52
C VAL B 1150 -8.72 20.82 -40.97
N LEU B 1151 -7.74 21.27 -41.75
CA LEU B 1151 -6.88 22.39 -41.36
C LEU B 1151 -7.00 23.48 -42.39
N GLU B 1152 -7.45 24.66 -41.95
CA GLU B 1152 -7.49 25.83 -42.83
C GLU B 1152 -6.07 26.31 -43.11
N ARG B 1153 -5.59 26.09 -44.32
CA ARG B 1153 -4.24 26.47 -44.70
C ARG B 1153 -4.27 27.13 -46.07
N GLU B 1154 -3.67 28.31 -46.17
CA GLU B 1154 -3.55 29.04 -47.44
C GLU B 1154 -4.92 29.22 -48.12
N ASN B 1155 -5.91 29.60 -47.31
CA ASN B 1155 -7.28 29.88 -47.74
C ASN B 1155 -8.01 28.64 -48.26
N GLY B 1156 -7.39 27.47 -48.17
CA GLY B 1156 -8.03 26.23 -48.50
C GLY B 1156 -8.24 25.35 -47.28
N LEU B 1157 -8.52 24.07 -47.54
CA LEU B 1157 -8.71 23.09 -46.48
C LEU B 1157 -7.77 21.91 -46.73
N ASN B 1158 -6.82 21.71 -45.83
CA ASN B 1158 -5.95 20.53 -45.85
C ASN B 1158 -6.66 19.42 -45.08
N ILE B 1159 -7.39 18.57 -45.81
CA ILE B 1159 -8.16 17.49 -45.20
C ILE B 1159 -7.22 16.29 -45.08
N VAL B 1160 -6.66 16.11 -43.89
CA VAL B 1160 -5.73 15.02 -43.63
C VAL B 1160 -6.52 13.75 -43.30
N PHE B 1161 -6.32 12.71 -44.11
CA PHE B 1161 -6.92 11.40 -43.87
C PHE B 1161 -5.90 10.53 -43.13
N GLU B 1162 -5.99 10.50 -41.81
CA GLU B 1162 -5.16 9.62 -40.99
C GLU B 1162 -5.86 8.28 -40.85
N TYR B 1163 -5.29 7.23 -41.46
CA TYR B 1163 -5.94 5.94 -41.54
C TYR B 1163 -5.01 4.84 -41.05
N ASN B 1164 -5.61 3.78 -40.53
CA ASN B 1164 -4.87 2.62 -40.04
C ASN B 1164 -4.40 1.79 -41.22
N THR B 1165 -3.08 1.57 -41.32
CA THR B 1165 -2.53 0.83 -42.45
C THR B 1165 -2.94 -0.63 -42.46
N HIS B 1166 -3.27 -1.20 -41.30
CA HIS B 1166 -3.76 -2.57 -41.26
C HIS B 1166 -5.22 -2.68 -41.68
N LEU B 1167 -5.95 -1.57 -41.70
CA LEU B 1167 -7.37 -1.58 -42.07
C LEU B 1167 -7.63 -1.07 -43.48
N PHE B 1168 -6.73 -0.27 -44.04
CA PHE B 1168 -6.92 0.29 -45.38
C PHE B 1168 -5.59 0.27 -46.13
N ASP B 1169 -5.61 -0.26 -47.35
CA ASP B 1169 -4.46 -0.12 -48.24
C ASP B 1169 -4.40 1.31 -48.77
N GLU B 1170 -3.27 1.63 -49.41
CA GLU B 1170 -3.13 2.95 -50.02
C GLU B 1170 -4.13 3.16 -51.14
N GLY B 1171 -4.50 2.09 -51.85
CA GLY B 1171 -5.52 2.22 -52.88
C GLY B 1171 -6.92 2.38 -52.32
N MET B 1172 -7.18 1.80 -51.15
CA MET B 1172 -8.50 1.90 -50.55
C MET B 1172 -8.81 3.34 -50.14
N ILE B 1173 -7.84 4.04 -49.57
CA ILE B 1173 -8.07 5.42 -49.13
C ILE B 1173 -8.21 6.35 -50.33
N LEU B 1174 -7.39 6.15 -51.36
CA LEU B 1174 -7.49 6.97 -52.56
C LEU B 1174 -8.87 6.89 -53.19
N ARG B 1175 -9.56 5.75 -53.02
CA ARG B 1175 -10.94 5.65 -53.49
C ARG B 1175 -11.88 6.42 -52.58
N MET B 1176 -11.82 6.13 -51.27
CA MET B 1176 -12.67 6.84 -50.32
C MET B 1176 -12.47 8.34 -50.40
N VAL B 1177 -11.22 8.78 -50.60
CA VAL B 1177 -10.95 10.20 -50.78
C VAL B 1177 -11.64 10.71 -52.04
N ALA B 1178 -11.52 9.96 -53.15
CA ALA B 1178 -12.19 10.35 -54.38
C ALA B 1178 -13.70 10.39 -54.20
N GLN B 1179 -14.25 9.46 -53.43
CA GLN B 1179 -15.69 9.46 -53.17
C GLN B 1179 -16.09 10.70 -52.36
N PHE B 1180 -15.30 11.03 -51.33
CA PHE B 1180 -15.58 12.23 -50.54
C PHE B 1180 -15.54 13.48 -51.41
N GLU B 1181 -14.54 13.58 -52.29
CA GLU B 1181 -14.47 14.70 -53.21
C GLU B 1181 -15.70 14.74 -54.12
N HIS B 1182 -16.06 13.60 -54.70
CA HIS B 1182 -17.24 13.52 -55.56
C HIS B 1182 -18.50 13.93 -54.80
N LEU B 1183 -18.62 13.51 -53.54
CA LEU B 1183 -19.79 13.84 -52.74
C LEU B 1183 -19.82 15.32 -52.40
N LEU B 1184 -18.66 15.90 -52.09
CA LEU B 1184 -18.60 17.33 -51.75
C LEU B 1184 -19.06 18.18 -52.92
N LEU B 1185 -18.71 17.78 -54.15
CA LEU B 1185 -19.10 18.55 -55.33
C LEU B 1185 -20.60 18.49 -55.57
N GLN B 1186 -21.25 17.39 -55.17
CA GLN B 1186 -22.71 17.30 -55.31
C GLN B 1186 -23.42 18.11 -54.24
N ALA B 1187 -22.85 18.19 -53.03
CA ALA B 1187 -23.50 18.93 -51.95
C ALA B 1187 -23.51 20.43 -52.20
N VAL B 1188 -22.38 20.98 -52.69
CA VAL B 1188 -22.30 22.42 -52.93
C VAL B 1188 -23.27 22.83 -54.03
N HIS B 1189 -23.50 21.97 -55.01
CA HIS B 1189 -24.41 22.27 -56.12
C HIS B 1189 -25.83 21.79 -55.85
N GLY B 1190 -26.09 21.15 -54.72
CA GLY B 1190 -27.41 20.67 -54.40
C GLY B 1190 -27.79 20.93 -52.95
N LEU B 1191 -27.85 22.21 -52.57
CA LEU B 1191 -28.18 22.55 -51.19
C LEU B 1191 -29.61 22.17 -50.84
N ASP B 1192 -30.56 22.45 -51.73
CA ASP B 1192 -31.96 22.14 -51.50
C ASP B 1192 -32.35 20.75 -51.96
N GLN B 1193 -31.42 19.98 -52.53
CA GLN B 1193 -31.71 18.63 -52.96
C GLN B 1193 -31.67 17.67 -51.78
N GLN B 1194 -32.51 16.64 -51.87
CA GLN B 1194 -32.54 15.62 -50.83
C GLN B 1194 -31.22 14.85 -50.82
N VAL B 1195 -30.73 14.56 -49.61
CA VAL B 1195 -29.46 13.86 -49.44
C VAL B 1195 -29.49 12.50 -50.12
N LYS B 1196 -30.66 11.85 -50.16
CA LYS B 1196 -30.80 10.55 -50.80
C LYS B 1196 -30.38 10.55 -52.26
N ARG B 1197 -30.37 11.71 -52.92
CA ARG B 1197 -30.06 11.79 -54.34
C ARG B 1197 -28.57 11.88 -54.62
N PHE B 1198 -27.73 12.04 -53.60
CA PHE B 1198 -26.29 12.14 -53.81
C PHE B 1198 -25.68 10.75 -53.97
N GLU B 1199 -24.97 10.53 -55.07
CA GLU B 1199 -24.33 9.25 -55.35
C GLU B 1199 -22.95 9.21 -54.71
N LEU B 1200 -22.58 8.03 -54.21
CA LEU B 1200 -21.26 7.82 -53.63
C LEU B 1200 -20.28 7.15 -54.59
N VAL B 1201 -20.73 6.13 -55.32
CA VAL B 1201 -19.88 5.43 -56.26
C VAL B 1201 -19.68 6.29 -57.50
N THR B 1202 -18.43 6.40 -57.95
CA THR B 1202 -18.13 7.20 -59.13
C THR B 1202 -18.34 6.37 -60.40
N GLU B 1203 -18.39 7.07 -61.54
CA GLU B 1203 -18.59 6.39 -62.82
C GLU B 1203 -17.41 5.51 -63.19
N ASP B 1204 -16.19 5.91 -62.81
CA ASP B 1204 -15.02 5.10 -63.13
C ASP B 1204 -15.01 3.77 -62.37
N GLU B 1205 -15.56 3.73 -61.16
CA GLU B 1205 -15.66 2.47 -60.44
C GLU B 1205 -16.67 1.53 -61.07
N LYS B 1206 -17.74 2.07 -61.66
CA LYS B 1206 -18.72 1.23 -62.36
C LYS B 1206 -18.15 0.69 -63.65
N ARG B 1207 -17.42 1.52 -64.41
CA ARG B 1207 -16.85 1.08 -65.68
C ARG B 1207 -15.84 -0.06 -65.46
N ASP B 1208 -14.91 0.13 -64.51
CA ASP B 1208 -13.94 -0.92 -64.23
C ASP B 1208 -14.63 -2.17 -63.68
N LEU B 1209 -15.70 -1.99 -62.90
CA LEU B 1209 -16.48 -3.13 -62.43
C LEU B 1209 -17.07 -3.90 -63.61
N PHE B 1210 -17.59 -3.19 -64.60
CA PHE B 1210 -18.13 -3.85 -65.79
C PHE B 1210 -17.02 -4.55 -66.57
N LEU B 1211 -15.88 -3.87 -66.76
CA LEU B 1211 -14.80 -4.46 -67.53
C LEU B 1211 -14.24 -5.71 -66.87
N ARG B 1212 -14.10 -5.67 -65.54
CA ARG B 1212 -13.50 -6.80 -64.82
C ARG B 1212 -14.49 -7.90 -64.50
N VAL B 1213 -15.78 -7.60 -64.39
CA VAL B 1213 -16.78 -8.55 -63.94
C VAL B 1213 -17.82 -8.84 -65.02
N ASN B 1214 -18.36 -7.79 -65.64
CA ASN B 1214 -19.52 -7.93 -66.52
C ASN B 1214 -19.19 -7.73 -68.00
N ASP B 1215 -17.91 -7.79 -68.37
CA ASP B 1215 -17.53 -7.77 -69.79
C ASP B 1215 -17.68 -9.19 -70.33
N THR B 1216 -18.94 -9.60 -70.48
CA THR B 1216 -19.29 -10.98 -70.79
C THR B 1216 -19.97 -11.14 -72.14
N ALA B 1217 -19.98 -10.10 -72.98
CA ALA B 1217 -20.67 -10.18 -74.26
C ALA B 1217 -19.96 -11.16 -75.18
N LYS B 1218 -20.65 -12.25 -75.53
CA LYS B 1218 -20.13 -13.25 -76.47
C LYS B 1218 -21.30 -13.74 -77.31
N ALA B 1219 -21.27 -13.42 -78.60
CA ALA B 1219 -22.35 -13.81 -79.50
C ALA B 1219 -22.47 -15.32 -79.57
N TYR B 1220 -23.70 -15.82 -79.45
CA TYR B 1220 -23.98 -17.25 -79.47
C TYR B 1220 -25.04 -17.56 -80.50
N PRO B 1221 -25.01 -18.75 -81.08
CA PRO B 1221 -26.05 -19.15 -82.05
C PRO B 1221 -27.42 -19.21 -81.37
N ASN B 1222 -28.41 -18.62 -82.03
CA ASN B 1222 -29.78 -18.64 -81.52
C ASN B 1222 -30.54 -19.90 -81.92
N LYS B 1223 -29.88 -20.84 -82.60
CA LYS B 1223 -30.54 -22.09 -82.99
C LYS B 1223 -30.95 -22.85 -81.73
N LEU B 1224 -32.22 -23.27 -81.71
CA LEU B 1224 -32.81 -23.87 -80.52
C LEU B 1224 -32.09 -25.16 -80.15
N ILE B 1225 -32.36 -25.64 -78.93
CA ILE B 1225 -31.65 -26.80 -78.40
C ILE B 1225 -32.08 -28.07 -79.12
N MET B 1226 -33.37 -28.21 -79.43
CA MET B 1226 -33.83 -29.40 -80.13
C MET B 1226 -33.41 -29.38 -81.59
N SER B 1227 -33.28 -28.20 -82.19
CA SER B 1227 -32.72 -28.10 -83.54
C SER B 1227 -31.28 -28.60 -83.55
N MET B 1228 -30.53 -28.31 -82.49
CA MET B 1228 -29.18 -28.85 -82.35
C MET B 1228 -29.22 -30.36 -82.15
N LEU B 1229 -30.17 -30.85 -81.36
CA LEU B 1229 -30.36 -32.28 -81.21
C LEU B 1229 -30.65 -32.94 -82.56
N GLU B 1230 -31.45 -32.28 -83.40
CA GLU B 1230 -31.81 -32.87 -84.68
C GLU B 1230 -30.61 -32.99 -85.60
N ASP B 1231 -29.79 -31.94 -85.69
CA ASP B 1231 -28.61 -31.99 -86.55
C ASP B 1231 -27.67 -33.10 -86.12
N TRP B 1232 -27.51 -33.30 -84.81
CA TRP B 1232 -26.61 -34.33 -84.32
C TRP B 1232 -27.10 -35.74 -84.68
N ALA B 1233 -28.42 -35.95 -84.68
CA ALA B 1233 -28.95 -37.23 -85.11
C ALA B 1233 -28.89 -37.40 -86.63
N ALA B 1234 -28.91 -36.29 -87.37
CA ALA B 1234 -28.84 -36.38 -88.82
C ALA B 1234 -27.40 -36.57 -89.31
N ALA B 1235 -26.44 -35.95 -88.62
CA ALA B 1235 -25.05 -36.03 -89.07
C ALA B 1235 -24.38 -37.31 -88.58
N THR B 1236 -24.57 -37.66 -87.30
CA THR B 1236 -24.00 -38.87 -86.71
C THR B 1236 -25.10 -39.65 -86.01
N PRO B 1237 -25.96 -40.34 -86.77
CA PRO B 1237 -27.10 -41.03 -86.13
C PRO B 1237 -26.71 -42.03 -85.06
N ASP B 1238 -25.74 -42.89 -85.33
CA ASP B 1238 -25.46 -44.04 -84.48
C ASP B 1238 -24.57 -43.71 -83.28
N LYS B 1239 -24.21 -42.45 -83.09
CA LYS B 1239 -23.38 -42.08 -81.94
C LYS B 1239 -24.15 -42.25 -80.64
N THR B 1240 -23.49 -42.84 -79.65
CA THR B 1240 -24.11 -43.09 -78.36
C THR B 1240 -24.47 -41.77 -77.68
N ALA B 1241 -25.75 -41.61 -77.35
CA ALA B 1241 -26.28 -40.37 -76.80
C ALA B 1241 -26.71 -40.46 -75.35
N LEU B 1242 -27.34 -41.57 -74.95
CA LEU B 1242 -27.81 -41.75 -73.59
C LEU B 1242 -27.31 -43.08 -73.06
N VAL B 1243 -27.00 -43.11 -71.76
CA VAL B 1243 -26.52 -44.31 -71.10
C VAL B 1243 -27.23 -44.50 -69.77
N PHE B 1244 -28.20 -45.40 -69.73
CA PHE B 1244 -28.92 -45.75 -68.50
C PHE B 1244 -28.71 -47.24 -68.26
N ARG B 1245 -27.75 -47.57 -67.40
CA ARG B 1245 -27.41 -48.96 -67.05
C ARG B 1245 -27.05 -49.69 -68.34
N GLU B 1246 -27.81 -50.71 -68.76
CA GLU B 1246 -27.50 -51.42 -69.99
C GLU B 1246 -28.01 -50.71 -71.24
N GLN B 1247 -28.85 -49.69 -71.10
CA GLN B 1247 -29.35 -48.96 -72.25
C GLN B 1247 -28.30 -47.97 -72.74
N ARG B 1248 -27.99 -48.03 -74.03
CA ARG B 1248 -27.03 -47.12 -74.67
C ARG B 1248 -27.68 -46.54 -75.93
N VAL B 1249 -28.73 -45.74 -75.71
CA VAL B 1249 -29.49 -45.18 -76.82
C VAL B 1249 -28.60 -44.28 -77.67
N THR B 1250 -28.77 -44.36 -78.99
CA THR B 1250 -28.06 -43.50 -79.93
C THR B 1250 -28.86 -42.23 -80.21
N TYR B 1251 -28.23 -41.31 -80.95
CA TYR B 1251 -28.89 -40.06 -81.29
C TYR B 1251 -30.10 -40.29 -82.18
N ARG B 1252 -29.98 -41.20 -83.16
CA ARG B 1252 -31.10 -41.48 -84.04
C ARG B 1252 -32.24 -42.17 -83.28
N GLU B 1253 -31.90 -43.07 -82.36
CA GLU B 1253 -32.93 -43.71 -81.55
C GLU B 1253 -33.62 -42.71 -80.63
N LEU B 1254 -32.86 -41.83 -79.99
CA LEU B 1254 -33.44 -40.85 -79.09
C LEU B 1254 -34.32 -39.86 -79.85
N ASN B 1255 -33.80 -39.30 -80.95
CA ASN B 1255 -34.51 -38.24 -81.65
C ASN B 1255 -35.86 -38.71 -82.17
N GLU B 1256 -35.93 -39.95 -82.68
CA GLU B 1256 -37.18 -40.44 -83.25
C GLU B 1256 -38.24 -40.66 -82.16
N ARG B 1257 -37.84 -41.28 -81.05
CA ARG B 1257 -38.77 -41.46 -79.94
C ARG B 1257 -39.30 -40.11 -79.45
N VAL B 1258 -38.44 -39.09 -79.44
CA VAL B 1258 -38.87 -37.74 -79.09
C VAL B 1258 -39.92 -37.25 -80.08
N ASN B 1259 -39.66 -37.46 -81.38
CA ASN B 1259 -40.60 -37.02 -82.41
C ASN B 1259 -41.95 -37.72 -82.28
N GLN B 1260 -41.96 -38.96 -81.80
CA GLN B 1260 -43.22 -39.66 -81.58
C GLN B 1260 -44.09 -38.91 -80.58
N LEU B 1261 -43.53 -38.62 -79.41
CA LEU B 1261 -44.28 -37.95 -78.35
C LEU B 1261 -44.58 -36.49 -78.68
N ALA B 1262 -43.85 -35.90 -79.62
CA ALA B 1262 -44.09 -34.50 -79.98
C ALA B 1262 -45.41 -34.34 -80.72
N HIS B 1263 -45.74 -35.28 -81.60
CA HIS B 1263 -46.94 -35.14 -82.42
C HIS B 1263 -48.21 -35.26 -81.60
N THR B 1264 -48.25 -36.20 -80.65
CA THR B 1264 -49.44 -36.37 -79.83
C THR B 1264 -49.67 -35.17 -78.91
N LEU B 1265 -48.61 -34.45 -78.57
CA LEU B 1265 -48.79 -33.19 -77.86
C LEU B 1265 -49.36 -32.11 -78.78
N ARG B 1266 -48.82 -32.02 -80.01
CA ARG B 1266 -49.41 -31.11 -80.99
C ARG B 1266 -50.84 -31.50 -81.33
N GLU B 1267 -51.14 -32.80 -81.29
CA GLU B 1267 -52.50 -33.27 -81.53
C GLU B 1267 -53.46 -32.88 -80.42
N LYS B 1268 -52.94 -32.47 -79.26
CA LYS B 1268 -53.75 -32.09 -78.11
C LYS B 1268 -53.62 -30.61 -77.79
N GLY B 1269 -53.50 -29.78 -78.81
CA GLY B 1269 -53.51 -28.34 -78.65
C GLY B 1269 -52.40 -27.77 -77.80
N VAL B 1270 -51.16 -28.09 -78.14
CA VAL B 1270 -49.99 -27.54 -77.45
C VAL B 1270 -49.45 -26.42 -78.33
N GLN B 1271 -49.74 -25.19 -77.95
CA GLN B 1271 -49.15 -24.00 -78.53
C GLN B 1271 -47.91 -23.60 -77.74
N PRO B 1272 -47.13 -22.63 -78.22
CA PRO B 1272 -46.06 -22.09 -77.37
C PRO B 1272 -46.62 -21.47 -76.11
N ASP B 1273 -45.81 -21.43 -75.07
CA ASP B 1273 -46.16 -21.00 -73.71
C ASP B 1273 -47.17 -21.93 -73.05
N ASP B 1274 -47.46 -23.08 -73.65
CA ASP B 1274 -48.31 -24.07 -73.00
C ASP B 1274 -47.53 -24.77 -71.89
N LEU B 1275 -48.15 -24.90 -70.73
CA LEU B 1275 -47.48 -25.45 -69.55
C LEU B 1275 -47.82 -26.94 -69.47
N VAL B 1276 -46.89 -27.77 -69.91
CA VAL B 1276 -47.04 -29.23 -69.83
C VAL B 1276 -46.39 -29.70 -68.54
N MET B 1277 -47.16 -30.43 -67.73
CA MET B 1277 -46.66 -30.89 -66.43
C MET B 1277 -46.01 -32.26 -66.57
N LEU B 1278 -44.96 -32.48 -65.79
CA LEU B 1278 -44.23 -33.74 -65.77
C LEU B 1278 -44.00 -34.17 -64.32
N MET B 1279 -44.07 -35.47 -64.08
CA MET B 1279 -43.71 -36.03 -62.78
C MET B 1279 -43.12 -37.42 -62.98
N ALA B 1280 -42.15 -37.53 -63.88
CA ALA B 1280 -41.49 -38.78 -64.22
C ALA B 1280 -40.10 -38.78 -63.58
N GLU B 1281 -39.88 -39.68 -62.64
CA GLU B 1281 -38.58 -39.79 -61.99
C GLU B 1281 -37.51 -40.19 -63.00
N ARG B 1282 -36.27 -40.20 -62.55
CA ARG B 1282 -35.12 -40.38 -63.44
C ARG B 1282 -35.24 -41.67 -64.24
N SER B 1283 -35.30 -41.53 -65.56
CA SER B 1283 -35.37 -42.65 -66.49
C SER B 1283 -35.21 -42.09 -67.90
N VAL B 1284 -35.06 -43.00 -68.87
CA VAL B 1284 -34.99 -42.59 -70.27
C VAL B 1284 -36.28 -41.92 -70.70
N GLU B 1285 -37.40 -42.24 -70.02
CA GLU B 1285 -38.66 -41.61 -70.33
C GLU B 1285 -38.65 -40.12 -69.99
N MET B 1286 -37.88 -39.72 -68.98
CA MET B 1286 -37.76 -38.30 -68.64
C MET B 1286 -37.18 -37.52 -69.82
N MET B 1287 -36.08 -38.00 -70.38
CA MET B 1287 -35.48 -37.33 -71.54
C MET B 1287 -36.46 -37.28 -72.71
N VAL B 1288 -37.12 -38.41 -72.99
CA VAL B 1288 -38.11 -38.43 -74.07
C VAL B 1288 -39.22 -37.42 -73.80
N ALA B 1289 -39.66 -37.32 -72.54
CA ALA B 1289 -40.70 -36.36 -72.20
C ALA B 1289 -40.23 -34.92 -72.39
N ILE B 1290 -39.02 -34.61 -71.93
CA ILE B 1290 -38.53 -33.23 -71.94
C ILE B 1290 -38.35 -32.73 -73.36
N PHE B 1291 -37.52 -33.43 -74.15
CA PHE B 1291 -37.26 -33.00 -75.52
C PHE B 1291 -38.52 -32.94 -76.36
N ALA B 1292 -39.48 -33.84 -76.12
CA ALA B 1292 -40.72 -33.84 -76.88
C ALA B 1292 -41.59 -32.63 -76.53
N VAL B 1293 -41.74 -32.36 -75.23
CA VAL B 1293 -42.47 -31.16 -74.81
C VAL B 1293 -41.80 -29.91 -75.37
N LEU B 1294 -40.47 -29.92 -75.43
CA LEU B 1294 -39.76 -28.82 -76.06
C LEU B 1294 -40.05 -28.76 -77.56
N LYS B 1295 -40.00 -29.91 -78.24
CA LYS B 1295 -40.30 -29.93 -79.67
C LYS B 1295 -41.75 -29.55 -79.93
N ALA B 1296 -42.68 -30.01 -79.07
CA ALA B 1296 -44.08 -29.66 -79.25
C ALA B 1296 -44.29 -28.16 -79.21
N GLY B 1297 -43.54 -27.46 -78.37
CA GLY B 1297 -43.64 -26.02 -78.22
C GLY B 1297 -43.95 -25.55 -76.81
N GLY B 1298 -44.55 -26.41 -75.99
CA GLY B 1298 -44.90 -26.03 -74.64
C GLY B 1298 -43.76 -26.21 -73.65
N ALA B 1299 -43.94 -25.62 -72.47
CA ALA B 1299 -42.96 -25.71 -71.40
C ALA B 1299 -43.23 -26.95 -70.54
N TYR B 1300 -42.16 -27.63 -70.14
CA TYR B 1300 -42.27 -28.82 -69.30
C TYR B 1300 -42.11 -28.42 -67.84
N LEU B 1301 -43.07 -28.85 -67.02
CA LEU B 1301 -43.13 -28.46 -65.61
C LEU B 1301 -42.90 -29.69 -64.73
N PRO B 1302 -41.69 -29.88 -64.21
CA PRO B 1302 -41.43 -31.07 -63.38
C PRO B 1302 -42.18 -31.03 -62.07
N ILE B 1303 -42.53 -32.22 -61.58
CA ILE B 1303 -43.16 -32.42 -60.27
C ILE B 1303 -42.52 -33.65 -59.63
N ASP B 1304 -42.33 -33.60 -58.32
CA ASP B 1304 -41.78 -34.75 -57.61
C ASP B 1304 -42.90 -35.75 -57.30
N PRO B 1305 -42.79 -37.00 -57.75
CA PRO B 1305 -43.83 -37.98 -57.44
C PRO B 1305 -44.02 -38.25 -55.95
N HIS B 1306 -43.01 -37.96 -55.12
CA HIS B 1306 -43.08 -38.22 -53.69
C HIS B 1306 -43.62 -37.03 -52.90
N SER B 1307 -44.15 -36.01 -53.58
CA SER B 1307 -44.66 -34.85 -52.86
C SER B 1307 -46.12 -35.05 -52.47
N PRO B 1308 -46.56 -34.42 -51.38
CA PRO B 1308 -47.95 -34.56 -50.95
C PRO B 1308 -48.92 -34.12 -52.03
N ALA B 1309 -50.14 -34.69 -51.97
CA ALA B 1309 -51.14 -34.41 -52.99
C ALA B 1309 -51.66 -32.98 -52.89
N GLU B 1310 -51.62 -32.37 -51.70
CA GLU B 1310 -52.11 -31.01 -51.55
C GLU B 1310 -51.28 -30.03 -52.37
N ARG B 1311 -50.00 -30.33 -52.58
CA ARG B 1311 -49.14 -29.41 -53.33
C ARG B 1311 -49.28 -29.61 -54.83
N ILE B 1312 -49.39 -30.87 -55.26
CA ILE B 1312 -49.61 -31.16 -56.68
C ILE B 1312 -50.92 -30.54 -57.14
N ALA B 1313 -51.96 -30.63 -56.32
CA ALA B 1313 -53.22 -29.96 -56.64
C ALA B 1313 -53.07 -28.45 -56.62
N TYR B 1314 -52.28 -27.92 -55.67
CA TYR B 1314 -52.03 -26.49 -55.62
C TYR B 1314 -51.27 -26.03 -56.86
N ILE B 1315 -50.15 -26.69 -57.16
CA ILE B 1315 -49.33 -26.30 -58.31
C ILE B 1315 -50.15 -26.34 -59.59
N PHE B 1316 -50.87 -27.45 -59.82
CA PHE B 1316 -51.68 -27.58 -61.03
C PHE B 1316 -52.74 -26.49 -61.10
N ALA B 1317 -53.43 -26.23 -59.99
CA ALA B 1317 -54.47 -25.20 -59.99
C ALA B 1317 -53.88 -23.83 -60.27
N ASP B 1318 -52.78 -23.48 -59.61
CA ASP B 1318 -52.16 -22.18 -59.83
C ASP B 1318 -51.48 -22.11 -61.19
N SER B 1319 -50.96 -23.24 -61.69
CA SER B 1319 -50.27 -23.22 -62.98
C SER B 1319 -51.25 -23.09 -64.14
N GLY B 1320 -52.45 -23.65 -64.00
CA GLY B 1320 -53.37 -23.68 -65.13
C GLY B 1320 -52.86 -24.50 -66.29
N ALA B 1321 -52.08 -25.54 -66.01
CA ALA B 1321 -51.49 -26.37 -67.06
C ALA B 1321 -52.58 -27.02 -67.90
N LYS B 1322 -52.26 -27.29 -69.16
CA LYS B 1322 -53.23 -27.87 -70.08
C LYS B 1322 -53.27 -29.39 -70.04
N LEU B 1323 -52.15 -30.04 -69.73
CA LEU B 1323 -52.09 -31.49 -69.72
C LEU B 1323 -50.88 -31.94 -68.92
N VAL B 1324 -50.87 -33.23 -68.58
CA VAL B 1324 -49.82 -33.82 -67.75
C VAL B 1324 -49.34 -35.10 -68.41
N LEU B 1325 -48.02 -35.26 -68.51
CA LEU B 1325 -47.40 -36.52 -68.91
C LEU B 1325 -46.68 -37.08 -67.70
N ALA B 1326 -47.06 -38.29 -67.27
CA ALA B 1326 -46.51 -38.91 -66.08
C ALA B 1326 -46.14 -40.35 -66.37
N GLN B 1327 -45.06 -40.81 -65.72
CA GLN B 1327 -44.71 -42.21 -65.79
C GLN B 1327 -45.86 -43.07 -65.28
N SER B 1328 -45.96 -44.29 -65.82
CA SER B 1328 -47.12 -45.17 -65.59
C SER B 1328 -47.61 -45.24 -64.15
N PRO B 1329 -46.76 -45.40 -63.13
CA PRO B 1329 -47.31 -45.46 -61.77
C PRO B 1329 -47.92 -44.15 -61.30
N PHE B 1330 -47.43 -43.01 -61.80
CA PHE B 1330 -47.75 -41.71 -61.24
C PHE B 1330 -48.92 -41.03 -61.94
N VAL B 1331 -49.77 -41.80 -62.64
CA VAL B 1331 -50.98 -41.22 -63.21
C VAL B 1331 -52.06 -41.08 -62.16
N GLU B 1332 -52.18 -42.06 -61.26
CA GLU B 1332 -53.11 -41.95 -60.15
C GLU B 1332 -52.68 -40.88 -59.16
N LYS B 1333 -51.37 -40.70 -58.97
CA LYS B 1333 -50.89 -39.62 -58.11
C LYS B 1333 -51.22 -38.25 -58.70
N ALA B 1334 -51.36 -38.16 -60.02
CA ALA B 1334 -51.82 -36.94 -60.67
C ALA B 1334 -53.35 -36.93 -60.70
N SER B 1335 -53.92 -36.73 -59.51
CA SER B 1335 -55.37 -36.78 -59.35
C SER B 1335 -56.05 -35.63 -60.07
N MET B 1336 -57.18 -35.93 -60.72
CA MET B 1336 -58.02 -34.93 -61.37
C MET B 1336 -57.23 -34.04 -62.32
N ALA B 1337 -56.37 -34.67 -63.12
CA ALA B 1337 -55.63 -33.98 -64.17
C ALA B 1337 -56.41 -34.11 -65.47
N GLU B 1338 -56.68 -32.98 -66.12
CA GLU B 1338 -57.62 -32.92 -67.24
C GLU B 1338 -57.26 -33.96 -68.31
N VAL B 1339 -56.11 -33.79 -68.94
CA VAL B 1339 -55.69 -34.62 -70.06
C VAL B 1339 -54.35 -35.25 -69.68
N VAL B 1340 -54.36 -36.54 -69.37
CA VAL B 1340 -53.17 -37.26 -68.94
C VAL B 1340 -52.82 -38.28 -70.01
N LEU B 1341 -51.72 -38.05 -70.70
CA LEU B 1341 -51.14 -39.03 -71.62
C LEU B 1341 -50.04 -39.76 -70.85
N ASP B 1342 -50.29 -41.02 -70.50
CA ASP B 1342 -49.33 -41.79 -69.73
C ASP B 1342 -48.00 -41.86 -70.47
N LEU B 1343 -46.92 -41.49 -69.77
CA LEU B 1343 -45.63 -41.35 -70.42
C LEU B 1343 -45.09 -42.69 -70.89
N ASN B 1344 -45.28 -43.75 -70.10
CA ASN B 1344 -44.71 -45.05 -70.44
C ASN B 1344 -45.53 -45.76 -71.51
N SER B 1345 -46.85 -45.61 -71.48
CA SER B 1345 -47.71 -46.34 -72.40
C SER B 1345 -47.42 -45.94 -73.84
N ALA B 1346 -47.45 -46.93 -74.74
CA ALA B 1346 -47.18 -46.68 -76.15
C ALA B 1346 -48.25 -45.83 -76.82
N SER B 1347 -49.45 -45.75 -76.22
CA SER B 1347 -50.54 -44.99 -76.83
C SER B 1347 -50.17 -43.52 -77.00
N SER B 1348 -49.44 -42.96 -76.05
CA SER B 1348 -49.06 -41.55 -76.10
C SER B 1348 -48.02 -41.24 -77.17
N TYR B 1349 -47.51 -42.25 -77.88
CA TYR B 1349 -46.51 -42.05 -78.93
C TYR B 1349 -47.16 -42.30 -80.29
N ALA B 1350 -47.08 -41.30 -81.17
CA ALA B 1350 -47.54 -41.45 -82.54
C ALA B 1350 -46.44 -42.05 -83.41
N ALA B 1351 -46.84 -42.89 -84.36
CA ALA B 1351 -45.86 -43.58 -85.20
C ALA B 1351 -45.01 -42.63 -86.02
N ASP B 1352 -45.51 -41.42 -86.28
CA ASP B 1352 -44.74 -40.44 -87.04
C ASP B 1352 -43.45 -40.10 -86.32
N THR B 1353 -42.32 -40.23 -87.02
CA THR B 1353 -41.01 -39.89 -86.48
C THR B 1353 -40.33 -38.77 -87.23
N SER B 1354 -41.05 -38.08 -88.13
CA SER B 1354 -40.48 -36.92 -88.80
C SER B 1354 -40.37 -35.76 -87.81
N ASN B 1355 -39.22 -35.09 -87.83
CA ASN B 1355 -38.95 -33.96 -86.95
C ASN B 1355 -40.03 -32.89 -87.12
N PRO B 1356 -40.84 -32.65 -86.09
CA PRO B 1356 -41.93 -31.68 -86.21
C PRO B 1356 -41.40 -30.28 -86.51
N PRO B 1357 -42.24 -29.39 -87.03
CA PRO B 1357 -41.77 -28.02 -87.31
C PRO B 1357 -41.55 -27.26 -86.01
N LEU B 1358 -40.46 -26.49 -85.98
CA LEU B 1358 -40.07 -25.75 -84.78
C LEU B 1358 -40.67 -24.35 -84.84
N VAL B 1359 -41.91 -24.22 -84.36
CA VAL B 1359 -42.55 -22.93 -84.23
C VAL B 1359 -42.12 -22.20 -82.95
N ASN B 1360 -41.44 -22.90 -82.04
CA ASN B 1360 -40.95 -22.27 -80.83
C ASN B 1360 -39.93 -21.19 -81.15
N GLN B 1361 -40.11 -20.02 -80.57
CA GLN B 1361 -39.19 -18.90 -80.67
C GLN B 1361 -38.32 -18.83 -79.44
N PRO B 1362 -37.22 -18.05 -79.47
CA PRO B 1362 -36.40 -17.90 -78.25
C PRO B 1362 -37.11 -17.19 -77.12
N GLY B 1363 -38.28 -16.61 -77.34
CA GLY B 1363 -38.98 -15.88 -76.30
C GLY B 1363 -40.04 -16.68 -75.58
N ASP B 1364 -40.42 -17.81 -76.14
CA ASP B 1364 -41.42 -18.65 -75.51
C ASP B 1364 -40.81 -19.47 -74.37
N LEU B 1365 -41.67 -19.91 -73.45
CA LEU B 1365 -41.21 -20.66 -72.29
C LEU B 1365 -40.65 -22.02 -72.72
N VAL B 1366 -39.58 -22.43 -72.04
CA VAL B 1366 -39.01 -23.76 -72.24
C VAL B 1366 -39.38 -24.71 -71.12
N TYR B 1367 -39.31 -24.23 -69.87
CA TYR B 1367 -39.78 -25.00 -68.73
C TYR B 1367 -40.32 -24.04 -67.68
N VAL B 1368 -40.99 -24.61 -66.68
CA VAL B 1368 -41.49 -23.85 -65.53
C VAL B 1368 -41.02 -24.58 -64.28
N MET B 1369 -40.10 -23.95 -63.55
CA MET B 1369 -39.50 -24.56 -62.38
C MET B 1369 -40.12 -23.97 -61.11
N TYR B 1370 -40.66 -24.83 -60.26
CA TYR B 1370 -41.37 -24.40 -59.06
C TYR B 1370 -40.42 -24.34 -57.87
N THR B 1371 -40.47 -23.25 -57.13
CA THR B 1371 -39.59 -23.05 -55.98
C THR B 1371 -40.31 -23.33 -54.66
N LYS B 1377 -46.70 -21.73 -49.81
CA LYS B 1377 -47.22 -21.63 -51.18
C LYS B 1377 -46.09 -21.38 -52.17
N PRO B 1378 -45.73 -22.41 -52.92
CA PRO B 1378 -44.60 -22.29 -53.86
C PRO B 1378 -44.98 -21.44 -55.07
N LYS B 1379 -43.95 -21.03 -55.80
CA LYS B 1379 -44.08 -20.19 -56.97
C LYS B 1379 -43.42 -20.87 -58.17
N GLY B 1380 -43.98 -20.61 -59.37
CA GLY B 1380 -43.47 -21.19 -60.59
C GLY B 1380 -42.69 -20.18 -61.40
N VAL B 1381 -41.41 -20.49 -61.63
CA VAL B 1381 -40.50 -19.59 -62.34
C VAL B 1381 -40.66 -19.83 -63.84
N MET B 1382 -41.30 -18.89 -64.53
CA MET B 1382 -41.41 -18.94 -65.99
C MET B 1382 -40.10 -18.48 -66.61
N ILE B 1383 -39.52 -19.35 -67.44
CA ILE B 1383 -38.22 -19.05 -68.10
C ILE B 1383 -38.37 -19.25 -69.62
N GLU B 1384 -37.80 -18.32 -70.40
CA GLU B 1384 -37.87 -18.37 -71.85
C GLU B 1384 -36.76 -19.25 -72.41
N HIS B 1385 -36.92 -19.62 -73.69
CA HIS B 1385 -35.99 -20.52 -74.35
C HIS B 1385 -34.58 -19.92 -74.46
N GLY B 1386 -34.48 -18.77 -75.12
CA GLY B 1386 -33.18 -18.16 -75.35
C GLY B 1386 -32.37 -17.94 -74.09
N ALA B 1387 -33.04 -17.69 -72.98
CA ALA B 1387 -32.34 -17.59 -71.70
C ALA B 1387 -31.55 -18.86 -71.39
N LEU B 1388 -32.13 -20.03 -71.72
CA LEU B 1388 -31.45 -21.29 -71.46
C LEU B 1388 -30.31 -21.51 -72.45
N LEU B 1389 -30.51 -21.15 -73.72
CA LEU B 1389 -29.48 -21.36 -74.73
C LEU B 1389 -28.18 -20.65 -74.36
N ASN B 1390 -28.32 -19.44 -73.81
CA ASN B 1390 -27.15 -18.59 -73.44
C ASN B 1390 -26.25 -19.29 -72.41
N VAL B 1391 -26.83 -20.15 -71.55
CA VAL B 1391 -26.04 -20.82 -70.51
C VAL B 1391 -25.46 -22.12 -71.04
N LEU B 1392 -26.21 -22.85 -71.87
CA LEU B 1392 -25.69 -24.07 -72.46
C LEU B 1392 -24.49 -23.78 -73.35
N HIS B 1393 -24.56 -22.71 -74.14
CA HIS B 1393 -23.39 -22.28 -74.88
C HIS B 1393 -22.34 -21.66 -73.96
N GLY B 1394 -22.77 -21.02 -72.87
CA GLY B 1394 -21.81 -20.45 -71.94
C GLY B 1394 -21.00 -21.51 -71.23
N MET B 1395 -21.67 -22.50 -70.65
CA MET B 1395 -20.95 -23.59 -69.98
C MET B 1395 -20.08 -24.35 -70.96
N GLN B 1396 -20.56 -24.56 -72.18
CA GLN B 1396 -19.81 -25.34 -73.16
C GLN B 1396 -18.50 -24.64 -73.52
N ASP B 1397 -18.49 -23.32 -73.56
CA ASP B 1397 -17.25 -22.59 -73.83
C ASP B 1397 -16.23 -22.81 -72.71
N GLU B 1398 -16.66 -22.61 -71.47
CA GLU B 1398 -15.74 -22.77 -70.34
C GLU B 1398 -15.42 -24.24 -70.08
N TYR B 1399 -16.44 -25.10 -70.11
CA TYR B 1399 -16.29 -26.51 -69.77
C TYR B 1399 -16.81 -27.37 -70.92
N PRO B 1400 -16.04 -27.47 -72.01
CA PRO B 1400 -16.53 -28.19 -73.20
C PRO B 1400 -16.79 -29.66 -72.91
N LEU B 1401 -18.05 -30.06 -73.12
CA LEU B 1401 -18.48 -31.48 -72.99
C LEU B 1401 -18.52 -32.04 -74.41
N LEU B 1402 -17.39 -32.54 -74.89
CA LEU B 1402 -17.25 -32.99 -76.27
C LEU B 1402 -17.66 -34.46 -76.40
N GLN B 1403 -17.52 -34.98 -77.61
CA GLN B 1403 -17.91 -36.38 -77.95
C GLN B 1403 -17.33 -37.36 -76.92
N ASP B 1404 -16.01 -37.34 -76.73
CA ASP B 1404 -15.36 -38.25 -75.79
C ASP B 1404 -15.94 -38.14 -74.39
N ASP B 1405 -16.49 -36.98 -74.06
CA ASP B 1405 -16.83 -36.60 -72.69
C ASP B 1405 -18.30 -36.88 -72.39
N ALA B 1406 -18.61 -36.99 -71.10
CA ALA B 1406 -19.93 -37.39 -70.66
C ALA B 1406 -20.36 -36.60 -69.42
N PHE B 1407 -21.67 -36.59 -69.18
CA PHE B 1407 -22.29 -35.92 -68.04
C PHE B 1407 -23.04 -36.96 -67.21
N LEU B 1408 -23.18 -36.69 -65.91
CA LEU B 1408 -23.87 -37.56 -64.98
C LEU B 1408 -25.04 -36.82 -64.35
N LEU B 1409 -26.18 -37.50 -64.24
CA LEU B 1409 -27.42 -36.92 -63.72
C LEU B 1409 -27.59 -37.33 -62.26
N LYS B 1410 -27.21 -36.45 -61.34
CA LYS B 1410 -27.31 -36.72 -59.91
C LYS B 1410 -28.38 -35.91 -59.21
N THR B 1411 -28.60 -34.66 -59.62
CA THR B 1411 -29.54 -33.78 -58.95
C THR B 1411 -30.96 -34.02 -59.45
N THR B 1412 -31.90 -34.07 -58.50
CA THR B 1412 -33.31 -34.25 -58.85
C THR B 1412 -33.78 -33.14 -59.78
N TYR B 1413 -34.66 -33.50 -60.70
CA TYR B 1413 -35.07 -32.57 -61.76
C TYR B 1413 -36.24 -31.67 -61.35
N ILE B 1414 -36.39 -31.50 -60.04
CA ILE B 1414 -37.34 -30.53 -59.45
C ILE B 1414 -36.46 -29.37 -58.99
N PHE B 1415 -35.21 -29.34 -59.46
CA PHE B 1415 -34.24 -28.32 -59.09
C PHE B 1415 -33.53 -27.86 -60.36
N ASP B 1416 -33.20 -26.56 -60.43
CA ASP B 1416 -32.68 -26.01 -61.68
C ASP B 1416 -31.36 -26.66 -62.11
N ILE B 1417 -30.61 -27.22 -61.15
CA ILE B 1417 -29.29 -27.75 -61.45
C ILE B 1417 -29.38 -28.85 -62.51
N SER B 1418 -30.41 -29.68 -62.43
CA SER B 1418 -30.53 -30.81 -63.35
C SER B 1418 -30.58 -30.38 -64.81
N VAL B 1419 -31.20 -29.22 -65.09
CA VAL B 1419 -31.34 -28.76 -66.46
C VAL B 1419 -29.98 -28.57 -67.13
N ALA B 1420 -28.94 -28.30 -66.34
CA ALA B 1420 -27.59 -28.24 -66.89
C ALA B 1420 -27.15 -29.62 -67.39
N GLU B 1421 -27.35 -30.65 -66.57
CA GLU B 1421 -27.03 -32.01 -67.00
C GLU B 1421 -27.88 -32.43 -68.19
N ILE B 1422 -29.18 -32.15 -68.14
CA ILE B 1422 -30.11 -32.61 -69.15
C ILE B 1422 -29.74 -32.11 -70.54
N PHE B 1423 -29.19 -30.90 -70.63
CA PHE B 1423 -28.91 -30.29 -71.92
C PHE B 1423 -27.44 -29.96 -72.17
N GLY B 1424 -26.58 -30.05 -71.16
CA GLY B 1424 -25.18 -29.70 -71.33
C GLY B 1424 -24.38 -30.65 -72.20
N TRP B 1425 -25.00 -31.71 -72.74
CA TRP B 1425 -24.29 -32.72 -73.51
C TRP B 1425 -24.59 -32.65 -75.00
N VAL B 1426 -25.47 -31.74 -75.43
CA VAL B 1426 -25.82 -31.59 -76.83
C VAL B 1426 -24.82 -30.71 -77.59
N PRO B 1427 -24.29 -29.62 -77.02
CA PRO B 1427 -23.40 -28.76 -77.82
C PRO B 1427 -22.16 -29.46 -78.35
N GLY B 1428 -21.57 -30.37 -77.58
CA GLY B 1428 -20.37 -31.07 -77.99
C GLY B 1428 -20.57 -32.48 -78.48
N ARG B 1429 -21.82 -32.89 -78.73
CA ARG B 1429 -22.14 -34.25 -79.16
C ARG B 1429 -21.60 -35.29 -78.18
N GLY B 1430 -21.73 -35.01 -76.89
CA GLY B 1430 -21.40 -35.95 -75.85
C GLY B 1430 -22.52 -36.93 -75.59
N LYS B 1431 -22.40 -37.65 -74.47
CA LYS B 1431 -23.41 -38.59 -74.04
C LYS B 1431 -23.89 -38.22 -72.64
N LEU B 1432 -25.08 -38.72 -72.30
CA LEU B 1432 -25.73 -38.41 -71.03
C LEU B 1432 -25.98 -39.72 -70.29
N VAL B 1433 -25.34 -39.87 -69.14
CA VAL B 1433 -25.52 -41.06 -68.30
C VAL B 1433 -26.64 -40.78 -67.32
N ILE B 1434 -27.75 -41.50 -67.48
CA ILE B 1434 -28.93 -41.31 -66.63
C ILE B 1434 -28.71 -42.16 -65.38
N LEU B 1435 -28.07 -41.56 -64.38
CA LEU B 1435 -27.87 -42.25 -63.11
C LEU B 1435 -29.21 -42.62 -62.50
N GLU B 1436 -29.27 -43.81 -61.91
CA GLU B 1436 -30.52 -44.38 -61.43
C GLU B 1436 -30.93 -43.74 -60.12
N PRO B 1437 -32.25 -43.54 -59.89
CA PRO B 1437 -32.70 -43.01 -58.60
C PRO B 1437 -32.23 -43.81 -57.40
N GLU B 1438 -31.93 -45.10 -57.58
CA GLU B 1438 -31.40 -45.90 -56.48
C GLU B 1438 -30.06 -45.38 -55.99
N ALA B 1439 -29.25 -44.82 -56.89
CA ALA B 1439 -27.90 -44.34 -56.56
C ALA B 1439 -27.86 -42.83 -56.35
N GLU B 1440 -28.97 -42.23 -55.92
CA GLU B 1440 -29.05 -40.78 -55.81
C GLU B 1440 -28.10 -40.26 -54.71
N LYS B 1441 -28.34 -40.67 -53.47
CA LYS B 1441 -27.56 -40.19 -52.34
C LYS B 1441 -26.40 -41.11 -51.97
N ASN B 1442 -26.12 -42.12 -52.80
CA ASN B 1442 -25.10 -43.11 -52.47
C ASN B 1442 -23.81 -42.75 -53.18
N PRO B 1443 -22.79 -42.24 -52.48
CA PRO B 1443 -21.60 -41.74 -53.18
C PRO B 1443 -20.78 -42.83 -53.85
N LYS B 1444 -20.67 -44.01 -53.22
CA LYS B 1444 -19.91 -45.09 -53.83
C LYS B 1444 -20.58 -45.59 -55.10
N ALA B 1445 -21.93 -45.62 -55.11
CA ALA B 1445 -22.64 -45.98 -56.34
C ALA B 1445 -22.45 -44.90 -57.41
N ILE B 1446 -22.54 -43.63 -57.00
CA ILE B 1446 -22.16 -42.53 -57.90
C ILE B 1446 -20.73 -42.71 -58.38
N TRP B 1447 -19.83 -43.08 -57.46
CA TRP B 1447 -18.41 -43.21 -57.80
C TRP B 1447 -18.18 -44.25 -58.89
N GLN B 1448 -18.98 -45.31 -58.89
CA GLN B 1448 -18.89 -46.32 -59.95
C GLN B 1448 -19.18 -45.70 -61.32
N ALA B 1449 -20.18 -44.83 -61.39
CA ALA B 1449 -20.53 -44.21 -62.68
C ALA B 1449 -19.38 -43.38 -63.23
N VAL B 1450 -18.59 -42.74 -62.36
CA VAL B 1450 -17.45 -41.96 -62.81
C VAL B 1450 -16.47 -42.82 -63.57
N VAL B 1451 -15.98 -43.88 -62.94
CA VAL B 1451 -14.99 -44.75 -63.59
C VAL B 1451 -15.65 -45.60 -64.66
N GLY B 1452 -16.90 -46.03 -64.45
CA GLY B 1452 -17.59 -46.90 -65.37
C GLY B 1452 -17.79 -46.30 -66.75
N ALA B 1453 -18.54 -45.20 -66.82
CA ALA B 1453 -18.83 -44.54 -68.08
C ALA B 1453 -17.83 -43.45 -68.43
N GLY B 1454 -16.81 -43.23 -67.58
CA GLY B 1454 -15.85 -42.18 -67.83
C GLY B 1454 -16.48 -40.81 -67.79
N ILE B 1455 -17.22 -40.52 -66.71
CA ILE B 1455 -17.90 -39.23 -66.59
C ILE B 1455 -16.88 -38.11 -66.58
N THR B 1456 -17.19 -37.04 -67.30
CA THR B 1456 -16.32 -35.87 -67.38
C THR B 1456 -16.89 -34.64 -66.68
N HIS B 1457 -18.21 -34.47 -66.70
CA HIS B 1457 -18.88 -33.37 -66.01
C HIS B 1457 -19.77 -33.94 -64.91
N ILE B 1458 -19.62 -33.43 -63.70
CA ILE B 1458 -20.51 -33.76 -62.59
C ILE B 1458 -20.95 -32.46 -61.94
N ASN B 1459 -22.25 -32.33 -61.69
CA ASN B 1459 -22.79 -31.25 -60.88
C ASN B 1459 -22.98 -31.76 -59.45
N PHE B 1460 -22.60 -30.93 -58.48
CA PHE B 1460 -22.61 -31.33 -57.08
C PHE B 1460 -23.15 -30.19 -56.23
N VAL B 1461 -23.30 -30.47 -54.94
CA VAL B 1461 -23.71 -29.51 -53.93
C VAL B 1461 -22.71 -29.64 -52.79
N PRO B 1462 -22.33 -28.55 -52.11
CA PRO B 1462 -21.38 -28.66 -50.99
C PRO B 1462 -21.68 -29.77 -49.98
N SER B 1463 -22.94 -30.18 -49.84
CA SER B 1463 -23.28 -31.23 -48.89
C SER B 1463 -22.88 -32.61 -49.40
N MET B 1464 -23.36 -32.98 -50.59
CA MET B 1464 -23.16 -34.33 -51.10
C MET B 1464 -21.69 -34.63 -51.35
N LEU B 1465 -20.88 -33.62 -51.68
CA LEU B 1465 -19.50 -33.88 -52.07
C LEU B 1465 -18.60 -34.26 -50.91
N ILE B 1466 -18.97 -33.95 -49.67
CA ILE B 1466 -18.08 -34.26 -48.54
C ILE B 1466 -18.07 -35.76 -48.31
N PRO B 1467 -19.22 -36.45 -48.17
CA PRO B 1467 -19.19 -37.92 -48.27
C PRO B 1467 -18.43 -38.42 -49.50
N PHE B 1468 -18.70 -37.83 -50.67
CA PHE B 1468 -17.94 -38.17 -51.86
C PHE B 1468 -16.44 -37.97 -51.65
N VAL B 1469 -16.07 -36.89 -50.96
CA VAL B 1469 -14.66 -36.63 -50.69
C VAL B 1469 -14.10 -37.66 -49.71
N GLU B 1470 -14.93 -38.15 -48.78
CA GLU B 1470 -14.46 -39.06 -47.75
C GLU B 1470 -13.86 -40.34 -48.32
N TYR B 1471 -14.17 -40.69 -49.56
CA TYR B 1471 -13.51 -41.78 -50.26
C TYR B 1471 -12.27 -41.19 -50.93
N LEU B 1472 -11.15 -41.27 -50.21
CA LEU B 1472 -9.98 -40.46 -50.50
C LEU B 1472 -9.13 -41.01 -51.65
N GLU B 1473 -7.84 -40.65 -51.64
CA GLU B 1473 -6.94 -41.00 -52.74
C GLU B 1473 -6.73 -42.51 -52.87
N GLY B 1474 -7.01 -43.28 -51.81
CA GLY B 1474 -6.85 -44.73 -51.89
C GLY B 1474 -7.60 -45.34 -53.06
N ARG B 1475 -8.76 -44.77 -53.39
CA ARG B 1475 -9.49 -45.19 -54.58
C ARG B 1475 -8.97 -44.42 -55.78
N THR B 1476 -8.88 -45.06 -56.94
CA THR B 1476 -8.34 -44.32 -58.12
C THR B 1476 -9.00 -44.78 -59.41
N GLU B 1477 -8.26 -44.70 -60.52
CA GLU B 1477 -8.65 -45.10 -61.90
C GLU B 1477 -9.67 -44.16 -62.57
N ALA B 1478 -9.85 -42.93 -62.04
CA ALA B 1478 -10.75 -42.02 -62.74
C ALA B 1478 -10.02 -41.00 -63.63
N ASN B 1479 -9.52 -41.50 -64.77
CA ASN B 1479 -8.68 -40.67 -65.62
C ASN B 1479 -9.49 -39.62 -66.37
N ARG B 1480 -10.71 -39.98 -66.81
CA ARG B 1480 -11.46 -39.13 -67.72
C ARG B 1480 -12.09 -37.91 -67.06
N LEU B 1481 -12.32 -37.94 -65.75
CA LEU B 1481 -13.03 -36.86 -65.09
C LEU B 1481 -12.32 -35.53 -65.27
N ARG B 1482 -13.05 -34.52 -65.74
CA ARG B 1482 -12.51 -33.20 -66.02
C ARG B 1482 -12.94 -32.17 -64.98
N TYR B 1483 -14.25 -32.00 -64.78
CA TYR B 1483 -14.77 -30.89 -63.99
C TYR B 1483 -15.73 -31.39 -62.91
N ILE B 1484 -15.71 -30.70 -61.78
CA ILE B 1484 -16.72 -30.83 -60.73
C ILE B 1484 -17.30 -29.45 -60.50
N LEU B 1485 -18.61 -29.32 -60.68
CA LEU B 1485 -19.31 -28.04 -60.59
C LEU B 1485 -20.20 -28.07 -59.36
N ALA B 1486 -19.76 -27.41 -58.29
CA ALA B 1486 -20.53 -27.32 -57.06
C ALA B 1486 -21.42 -26.09 -57.10
N CYS B 1487 -22.65 -26.24 -56.62
CA CYS B 1487 -23.63 -25.17 -56.66
C CYS B 1487 -24.64 -25.35 -55.54
N GLY B 1488 -25.47 -24.33 -55.35
CA GLY B 1488 -26.56 -24.37 -54.39
C GLY B 1488 -26.24 -23.82 -53.02
N GLU B 1489 -25.01 -23.98 -52.56
CA GLU B 1489 -24.63 -23.54 -51.22
C GLU B 1489 -23.23 -22.95 -51.25
N ALA B 1490 -22.94 -22.15 -50.22
CA ALA B 1490 -21.59 -21.60 -50.06
C ALA B 1490 -20.61 -22.73 -49.76
N MET B 1491 -19.57 -22.83 -50.57
CA MET B 1491 -18.62 -23.93 -50.43
C MET B 1491 -17.70 -23.69 -49.25
N PRO B 1492 -17.46 -24.70 -48.41
CA PRO B 1492 -16.48 -24.56 -47.33
C PRO B 1492 -15.07 -24.39 -47.89
N ASP B 1493 -14.18 -23.88 -47.04
CA ASP B 1493 -12.81 -23.62 -47.46
C ASP B 1493 -11.97 -24.90 -47.48
N GLU B 1494 -12.10 -25.74 -46.47
CA GLU B 1494 -11.34 -26.98 -46.40
C GLU B 1494 -11.64 -27.91 -47.57
N LEU B 1495 -12.88 -27.73 -48.21
CA LEU B 1495 -13.23 -28.69 -49.25
C LEU B 1495 -12.33 -28.54 -50.48
N VAL B 1496 -11.81 -27.35 -50.73
CA VAL B 1496 -11.05 -27.09 -51.95
C VAL B 1496 -9.72 -27.87 -51.94
N PRO B 1497 -8.84 -27.70 -50.95
CA PRO B 1497 -7.60 -28.49 -50.98
C PRO B 1497 -7.83 -29.97 -50.74
N LYS B 1498 -8.84 -30.33 -49.96
CA LYS B 1498 -9.11 -31.74 -49.70
C LYS B 1498 -9.48 -32.49 -50.97
N VAL B 1499 -10.15 -31.82 -51.92
CA VAL B 1499 -10.49 -32.45 -53.18
C VAL B 1499 -9.22 -32.77 -53.97
N TYR B 1500 -8.32 -31.79 -54.08
CA TYR B 1500 -7.19 -31.91 -55.00
C TYR B 1500 -6.24 -33.03 -54.60
N GLU B 1501 -6.04 -33.25 -53.29
CA GLU B 1501 -5.27 -34.42 -52.87
C GLU B 1501 -5.97 -35.71 -53.26
N VAL B 1502 -7.30 -35.73 -53.14
CA VAL B 1502 -8.07 -36.92 -53.50
C VAL B 1502 -8.13 -37.11 -55.01
N LEU B 1503 -8.16 -36.01 -55.77
CA LEU B 1503 -8.32 -36.08 -57.22
C LEU B 1503 -7.49 -35.00 -57.89
N PRO B 1504 -6.22 -35.28 -58.18
CA PRO B 1504 -5.44 -34.34 -58.98
C PRO B 1504 -5.84 -34.40 -60.46
N GLU B 1505 -5.23 -33.50 -61.24
CA GLU B 1505 -5.46 -33.38 -62.68
C GLU B 1505 -6.93 -33.13 -63.01
N VAL B 1506 -7.68 -32.55 -62.08
CA VAL B 1506 -9.11 -32.30 -62.24
C VAL B 1506 -9.40 -30.86 -61.84
N LYS B 1507 -10.29 -30.21 -62.58
CA LYS B 1507 -10.63 -28.81 -62.35
C LYS B 1507 -11.92 -28.72 -61.55
N LEU B 1508 -11.84 -28.13 -60.36
CA LEU B 1508 -13.00 -27.91 -59.51
C LEU B 1508 -13.51 -26.49 -59.67
N GLU B 1509 -14.83 -26.34 -59.79
CA GLU B 1509 -15.45 -25.06 -60.03
C GLU B 1509 -16.57 -24.82 -59.02
N ASN B 1510 -16.65 -23.61 -58.50
CA ASN B 1510 -17.77 -23.19 -57.65
C ASN B 1510 -18.78 -22.43 -58.50
N ILE B 1511 -20.03 -22.86 -58.46
CA ILE B 1511 -21.08 -22.29 -59.30
C ILE B 1511 -22.16 -21.71 -58.41
N TYR B 1512 -22.81 -20.66 -58.91
CA TYR B 1512 -23.93 -20.02 -58.23
C TYR B 1512 -24.98 -19.63 -59.26
N GLY B 1513 -26.23 -19.91 -58.95
CA GLY B 1513 -27.32 -19.58 -59.84
C GLY B 1513 -28.69 -19.83 -59.23
N PRO B 1514 -29.47 -18.76 -59.12
CA PRO B 1514 -30.86 -18.92 -58.68
C PRO B 1514 -31.75 -19.38 -59.82
N THR B 1515 -32.85 -20.05 -59.45
CA THR B 1515 -33.77 -20.61 -60.44
C THR B 1515 -34.25 -19.53 -61.41
N GLU B 1516 -34.47 -18.31 -60.91
CA GLU B 1516 -34.95 -17.20 -61.71
C GLU B 1516 -33.89 -16.62 -62.64
N ALA B 1517 -32.66 -17.13 -62.54
CA ALA B 1517 -31.55 -16.59 -63.37
C ALA B 1517 -31.09 -17.63 -64.40
N THR B 1518 -32.00 -18.52 -64.81
CA THR B 1518 -31.73 -19.58 -65.82
C THR B 1518 -30.62 -20.51 -65.33
N ILE B 1519 -30.96 -21.40 -64.39
CA ILE B 1519 -30.01 -22.41 -63.80
C ILE B 1519 -28.81 -21.70 -63.14
N TYR B 1520 -27.73 -21.51 -63.89
CA TYR B 1520 -26.49 -20.90 -63.34
C TYR B 1520 -26.40 -19.40 -63.68
N ALA B 1521 -25.55 -18.70 -62.93
CA ALA B 1521 -25.29 -17.27 -63.09
C ALA B 1521 -23.80 -16.96 -62.98
N SER B 1522 -23.10 -17.61 -62.04
CA SER B 1522 -21.71 -17.29 -61.77
C SER B 1522 -20.88 -18.57 -61.62
N ARG B 1523 -19.59 -18.43 -61.86
CA ARG B 1523 -18.64 -19.53 -61.77
C ARG B 1523 -17.31 -18.99 -61.27
N TYR B 1524 -16.60 -19.81 -60.50
CA TYR B 1524 -15.25 -19.49 -60.04
C TYR B 1524 -14.35 -20.69 -60.27
N SER B 1525 -13.33 -20.51 -61.11
CA SER B 1525 -12.33 -21.55 -61.34
C SER B 1525 -11.36 -21.58 -60.17
N LEU B 1526 -11.24 -22.74 -59.53
CA LEU B 1526 -10.38 -22.91 -58.36
C LEU B 1526 -9.08 -23.53 -58.88
N ALA B 1527 -7.97 -22.81 -58.74
CA ALA B 1527 -6.68 -23.34 -59.12
C ALA B 1527 -6.25 -24.35 -58.07
N LYS B 1528 -5.45 -25.32 -58.50
CA LYS B 1528 -4.98 -26.35 -57.58
C LYS B 1528 -4.03 -25.76 -56.55
N GLY B 1529 -3.18 -24.82 -56.96
CA GLY B 1529 -2.20 -24.22 -56.09
C GLY B 1529 -2.66 -23.00 -55.32
N SER B 1530 -3.96 -22.73 -55.28
CA SER B 1530 -4.50 -21.57 -54.58
C SER B 1530 -5.53 -22.03 -53.55
N GLN B 1531 -5.52 -21.37 -52.40
CA GLN B 1531 -6.48 -21.61 -51.33
C GLN B 1531 -7.19 -20.31 -50.99
N GLU B 1532 -8.51 -20.30 -51.09
CA GLU B 1532 -9.30 -19.09 -50.88
C GLU B 1532 -9.78 -19.03 -49.44
N SER B 1533 -9.61 -17.85 -48.82
CA SER B 1533 -10.10 -17.69 -47.45
C SER B 1533 -11.62 -17.63 -47.40
N PRO B 1534 -12.32 -16.77 -48.17
CA PRO B 1534 -13.75 -17.03 -48.41
C PRO B 1534 -13.79 -17.59 -49.82
N VAL B 1535 -14.63 -18.60 -50.05
CA VAL B 1535 -14.71 -19.26 -51.35
C VAL B 1535 -15.74 -18.40 -52.11
N PRO B 1536 -15.32 -17.68 -53.15
CA PRO B 1536 -16.25 -16.80 -53.85
C PRO B 1536 -17.08 -17.54 -54.88
N ILE B 1537 -18.27 -16.99 -55.17
CA ILE B 1537 -19.17 -17.60 -56.14
C ILE B 1537 -18.72 -17.22 -57.54
N GLY B 1538 -17.69 -16.38 -57.61
CA GLY B 1538 -17.03 -16.10 -58.87
C GLY B 1538 -17.70 -15.04 -59.71
N LYS B 1539 -17.20 -14.94 -60.95
CA LYS B 1539 -17.66 -13.97 -61.94
C LYS B 1539 -18.79 -14.55 -62.78
N PRO B 1540 -19.62 -13.69 -63.39
CA PRO B 1540 -20.77 -14.19 -64.16
C PRO B 1540 -20.35 -14.88 -65.45
N LEU B 1541 -21.32 -15.54 -66.05
CA LEU B 1541 -21.16 -16.29 -67.29
C LEU B 1541 -21.28 -15.36 -68.49
N PRO B 1542 -21.03 -15.85 -69.71
CA PRO B 1542 -21.22 -15.01 -70.89
C PRO B 1542 -22.63 -14.45 -70.98
N ASN B 1543 -22.73 -13.17 -71.37
CA ASN B 1543 -23.98 -12.43 -71.47
C ASN B 1543 -24.70 -12.31 -70.14
N TYR B 1544 -23.98 -12.42 -69.03
CA TYR B 1544 -24.51 -12.22 -67.70
C TYR B 1544 -23.97 -10.92 -67.12
N ARG B 1545 -24.80 -10.27 -66.31
CA ARG B 1545 -24.41 -9.07 -65.59
C ARG B 1545 -25.02 -9.13 -64.19
N MET B 1546 -24.17 -9.05 -63.18
CA MET B 1546 -24.59 -9.17 -61.79
C MET B 1546 -24.34 -7.85 -61.07
N TYR B 1547 -25.27 -7.46 -60.20
CA TYR B 1547 -25.20 -6.21 -59.48
C TYR B 1547 -25.54 -6.45 -58.01
N ILE B 1548 -24.76 -5.80 -57.14
CA ILE B 1548 -24.95 -5.89 -55.70
C ILE B 1548 -25.39 -4.50 -55.23
N ILE B 1549 -26.67 -4.37 -54.86
CA ILE B 1549 -27.25 -3.08 -54.52
C ILE B 1549 -27.68 -3.09 -53.07
N ASN B 1550 -27.74 -1.90 -52.47
CA ASN B 1550 -28.21 -1.75 -51.11
C ASN B 1550 -29.73 -1.61 -51.09
N ARG B 1551 -30.29 -1.47 -49.89
CA ARG B 1551 -31.74 -1.39 -49.71
C ARG B 1551 -32.37 -0.17 -50.36
N HIS B 1552 -31.58 0.76 -50.91
CA HIS B 1552 -32.09 1.91 -51.62
C HIS B 1552 -31.89 1.83 -53.13
N GLY B 1553 -31.39 0.71 -53.63
CA GLY B 1553 -31.33 0.48 -55.05
C GLY B 1553 -30.19 1.14 -55.79
N GLN B 1554 -29.04 1.31 -55.14
CA GLN B 1554 -27.85 1.85 -55.79
C GLN B 1554 -26.70 0.87 -55.63
N LEU B 1555 -25.82 0.84 -56.63
CA LEU B 1555 -24.75 -0.13 -56.68
C LEU B 1555 -23.80 0.02 -55.50
N GLN B 1556 -23.36 -1.13 -54.93
CA GLN B 1556 -22.42 -1.16 -53.84
C GLN B 1556 -20.98 -1.26 -54.37
N PRO B 1557 -20.02 -0.69 -53.65
CA PRO B 1557 -18.62 -0.83 -54.03
C PRO B 1557 -18.05 -2.16 -53.54
N ILE B 1558 -16.76 -2.37 -53.81
CA ILE B 1558 -16.11 -3.62 -53.46
C ILE B 1558 -16.11 -3.80 -51.95
N GLY B 1559 -16.52 -5.00 -51.50
CA GLY B 1559 -16.49 -5.35 -50.10
C GLY B 1559 -17.74 -5.02 -49.32
N VAL B 1560 -18.53 -4.06 -49.77
CA VAL B 1560 -19.74 -3.64 -49.05
C VAL B 1560 -20.86 -4.63 -49.33
N PRO B 1561 -21.47 -5.23 -48.31
CA PRO B 1561 -22.56 -6.18 -48.55
C PRO B 1561 -23.78 -5.51 -49.15
N GLY B 1562 -24.53 -6.29 -49.91
CA GLY B 1562 -25.76 -5.81 -50.52
C GLY B 1562 -26.50 -6.95 -51.18
N GLU B 1563 -27.72 -6.64 -51.64
CA GLU B 1563 -28.54 -7.65 -52.28
C GLU B 1563 -28.03 -7.96 -53.67
N LEU B 1564 -27.78 -9.23 -53.95
CA LEU B 1564 -27.26 -9.66 -55.24
C LEU B 1564 -28.38 -9.67 -56.27
N CYS B 1565 -28.11 -9.09 -57.44
CA CYS B 1565 -29.09 -8.99 -58.51
C CYS B 1565 -28.43 -9.37 -59.84
N ILE B 1566 -29.13 -10.19 -60.63
CA ILE B 1566 -28.66 -10.62 -61.93
C ILE B 1566 -29.49 -9.93 -63.00
N ALA B 1567 -28.86 -9.63 -64.13
CA ALA B 1567 -29.54 -8.99 -65.25
C ALA B 1567 -28.96 -9.56 -66.55
N GLY B 1568 -29.64 -9.25 -67.65
CA GLY B 1568 -29.23 -9.68 -68.97
C GLY B 1568 -30.34 -10.45 -69.67
N ALA B 1569 -29.97 -10.97 -70.85
CA ALA B 1569 -30.93 -11.72 -71.66
C ALA B 1569 -31.38 -13.02 -71.00
N SER B 1570 -30.64 -13.49 -70.00
CA SER B 1570 -30.89 -14.80 -69.40
C SER B 1570 -31.84 -14.75 -68.21
N LEU B 1571 -32.49 -13.61 -67.97
CA LEU B 1571 -33.43 -13.54 -66.85
C LEU B 1571 -34.74 -14.23 -67.19
N ALA B 1572 -35.31 -14.87 -66.17
CA ALA B 1572 -36.56 -15.65 -66.31
C ALA B 1572 -37.74 -14.72 -66.62
N ARG B 1573 -38.74 -15.24 -67.33
CA ARG B 1573 -39.94 -14.48 -67.69
C ARG B 1573 -40.64 -13.92 -66.46
N GLY B 1574 -40.50 -14.59 -65.32
CA GLY B 1574 -41.10 -14.15 -64.08
C GLY B 1574 -41.77 -15.31 -63.37
N TYR B 1575 -42.62 -14.99 -62.41
CA TYR B 1575 -43.36 -16.00 -61.67
C TYR B 1575 -44.72 -16.23 -62.31
N LEU B 1576 -45.17 -17.49 -62.25
CA LEU B 1576 -46.34 -17.93 -62.98
C LEU B 1576 -47.61 -17.52 -62.25
N ASN B 1577 -48.41 -16.67 -62.91
CA ASN B 1577 -49.67 -16.16 -62.37
C ASN B 1577 -49.51 -15.64 -60.95
N ASN B 1578 -48.41 -14.91 -60.73
CA ASN B 1578 -48.17 -14.20 -59.47
C ASN B 1578 -47.60 -12.82 -59.80
N PRO B 1579 -48.35 -11.99 -60.50
CA PRO B 1579 -47.77 -10.74 -61.03
C PRO B 1579 -47.34 -9.76 -59.94
N ALA B 1580 -48.09 -9.68 -58.84
CA ALA B 1580 -47.68 -8.83 -57.73
C ALA B 1580 -46.31 -9.23 -57.20
N LEU B 1581 -45.99 -10.52 -57.24
CA LEU B 1581 -44.67 -10.98 -56.81
C LEU B 1581 -43.64 -10.85 -57.94
N THR B 1582 -44.06 -11.07 -59.19
CA THR B 1582 -43.15 -10.93 -60.31
C THR B 1582 -42.62 -9.50 -60.40
N GLU B 1583 -43.51 -8.52 -60.33
CA GLU B 1583 -43.09 -7.12 -60.33
C GLU B 1583 -42.36 -6.74 -59.05
N GLU B 1584 -42.58 -7.49 -57.96
CA GLU B 1584 -41.83 -7.23 -56.74
C GLU B 1584 -40.37 -7.64 -56.89
N LYS B 1585 -40.12 -8.75 -57.58
CA LYS B 1585 -38.78 -9.32 -57.67
C LYS B 1585 -38.07 -9.04 -58.99
N PHE B 1586 -38.81 -8.78 -60.06
CA PHE B 1586 -38.25 -8.42 -61.35
C PHE B 1586 -38.56 -6.95 -61.61
N THR B 1587 -37.77 -6.07 -60.98
CA THR B 1587 -38.02 -4.64 -61.02
C THR B 1587 -37.21 -3.97 -62.12
N PRO B 1588 -37.83 -3.16 -62.97
CA PRO B 1588 -37.06 -2.38 -63.95
C PRO B 1588 -36.05 -1.47 -63.26
N HIS B 1589 -34.77 -1.81 -63.34
CA HIS B 1589 -33.73 -1.05 -62.66
C HIS B 1589 -33.02 -0.13 -63.65
N PRO B 1590 -32.67 1.09 -63.23
CA PRO B 1590 -31.98 2.00 -64.14
C PRO B 1590 -30.56 1.57 -64.49
N LEU B 1591 -29.95 0.68 -63.70
CA LEU B 1591 -28.59 0.26 -63.98
C LEU B 1591 -28.49 -0.69 -65.17
N GLU B 1592 -29.63 -1.24 -65.61
CA GLU B 1592 -29.67 -2.11 -66.79
C GLU B 1592 -30.40 -1.43 -67.95
N LYS B 1593 -30.30 -0.10 -68.02
CA LYS B 1593 -30.93 0.68 -69.08
C LYS B 1593 -32.44 0.42 -69.12
N GLY B 1594 -33.06 0.41 -67.94
CA GLY B 1594 -34.48 0.18 -67.82
C GLY B 1594 -34.89 -1.28 -67.71
N GLU B 1595 -34.08 -2.20 -68.25
CA GLU B 1595 -34.41 -3.62 -68.17
C GLU B 1595 -34.41 -4.07 -66.71
N ARG B 1596 -35.26 -5.07 -66.43
CA ARG B 1596 -35.48 -5.56 -65.04
C ARG B 1596 -34.36 -6.46 -64.55
N ILE B 1597 -34.18 -6.49 -63.22
CA ILE B 1597 -33.21 -7.32 -62.53
C ILE B 1597 -33.96 -8.18 -61.53
N TYR B 1598 -33.42 -9.36 -61.25
CA TYR B 1598 -34.00 -10.27 -60.27
C TYR B 1598 -33.35 -10.05 -58.92
N ARG B 1599 -34.14 -9.58 -57.95
CA ARG B 1599 -33.66 -9.37 -56.59
C ARG B 1599 -33.66 -10.71 -55.85
N THR B 1600 -32.47 -11.28 -55.66
CA THR B 1600 -32.36 -12.63 -55.11
C THR B 1600 -32.67 -12.69 -53.63
N GLY B 1601 -32.55 -11.57 -52.91
CA GLY B 1601 -32.61 -11.63 -51.46
C GLY B 1601 -31.38 -12.22 -50.82
N ASP B 1602 -30.29 -12.34 -51.56
CA ASP B 1602 -29.03 -12.89 -51.06
C ASP B 1602 -28.03 -11.75 -50.84
N LEU B 1603 -27.34 -11.79 -49.71
CA LEU B 1603 -26.32 -10.82 -49.38
C LEU B 1603 -24.98 -11.28 -49.95
N ALA B 1604 -24.27 -10.36 -50.60
CA ALA B 1604 -23.00 -10.70 -51.24
C ALA B 1604 -22.13 -9.45 -51.33
N ARG B 1605 -20.89 -9.65 -51.77
CA ARG B 1605 -19.94 -8.56 -51.91
C ARG B 1605 -18.91 -8.94 -52.96
N TYR B 1606 -18.24 -7.93 -53.52
CA TYR B 1606 -17.20 -8.12 -54.51
C TYR B 1606 -15.84 -8.27 -53.85
N ARG B 1607 -14.95 -8.99 -54.52
CA ARG B 1607 -13.55 -9.02 -54.13
C ARG B 1607 -12.76 -7.98 -54.92
N GLU B 1608 -11.47 -7.84 -54.56
CA GLU B 1608 -10.61 -6.91 -55.28
C GLU B 1608 -10.54 -7.24 -56.76
N ASP B 1609 -10.46 -8.53 -57.10
CA ASP B 1609 -10.43 -8.95 -58.49
C ASP B 1609 -11.81 -8.97 -59.13
N GLY B 1610 -12.88 -8.86 -58.34
CA GLY B 1610 -14.23 -8.76 -58.85
C GLY B 1610 -15.09 -9.97 -58.58
N ASN B 1611 -14.50 -11.10 -58.20
CA ASN B 1611 -15.29 -12.29 -57.89
C ASN B 1611 -16.21 -12.01 -56.72
N ILE B 1612 -17.48 -12.39 -56.87
CA ILE B 1612 -18.49 -12.13 -55.85
C ILE B 1612 -18.40 -13.17 -54.75
N GLU B 1613 -18.61 -12.76 -53.51
CA GLU B 1613 -18.58 -13.64 -52.35
C GLU B 1613 -19.98 -13.78 -51.78
N TYR B 1614 -20.47 -15.01 -51.69
CA TYR B 1614 -21.77 -15.27 -51.10
C TYR B 1614 -21.69 -15.09 -49.58
N LEU B 1615 -22.61 -14.31 -49.01
CA LEU B 1615 -22.61 -14.02 -47.59
C LEU B 1615 -23.79 -14.63 -46.84
N GLY B 1616 -24.88 -14.96 -47.52
CA GLY B 1616 -26.01 -15.60 -46.89
C GLY B 1616 -27.29 -14.79 -47.05
N ARG B 1617 -28.37 -15.36 -46.53
CA ARG B 1617 -29.68 -14.73 -46.59
C ARG B 1617 -29.67 -13.42 -45.79
N MET B 1618 -30.64 -12.56 -46.10
CA MET B 1618 -30.77 -11.29 -45.42
C MET B 1618 -31.43 -11.49 -44.04
N ASP B 1619 -31.20 -10.51 -43.17
CA ASP B 1619 -31.73 -10.50 -41.80
C ASP B 1619 -31.22 -11.68 -40.97
N HIS B 1620 -30.11 -12.29 -41.37
CA HIS B 1620 -29.50 -13.38 -40.61
C HIS B 1620 -28.41 -12.88 -39.68
N GLN B 1621 -27.51 -12.03 -40.19
CA GLN B 1621 -26.47 -11.46 -39.34
C GLN B 1621 -27.08 -10.45 -38.37
N VAL B 1622 -26.76 -10.60 -37.09
CA VAL B 1622 -27.26 -9.72 -36.04
C VAL B 1622 -26.06 -9.05 -35.38
N LYS B 1623 -26.19 -7.75 -35.11
CA LYS B 1623 -25.13 -6.99 -34.45
C LYS B 1623 -25.23 -7.16 -32.92
N ILE B 1624 -25.17 -8.42 -32.49
CA ILE B 1624 -25.20 -8.73 -31.06
C ILE B 1624 -23.89 -8.26 -30.44
N ARG B 1625 -23.99 -7.49 -29.37
CA ARG B 1625 -22.86 -6.89 -28.66
C ARG B 1625 -22.03 -5.95 -29.53
N GLY B 1626 -22.54 -5.58 -30.71
CA GLY B 1626 -21.86 -4.60 -31.53
C GLY B 1626 -20.95 -5.16 -32.60
N TYR B 1627 -21.24 -6.36 -33.11
CA TYR B 1627 -20.42 -6.97 -34.15
C TYR B 1627 -21.30 -7.65 -35.17
N ARG B 1628 -21.07 -7.35 -36.45
CA ARG B 1628 -21.74 -7.99 -37.56
C ARG B 1628 -20.79 -8.89 -38.37
N ILE B 1629 -19.72 -9.36 -37.74
CA ILE B 1629 -18.75 -10.20 -38.44
C ILE B 1629 -19.38 -11.56 -38.74
N GLU B 1630 -18.98 -12.14 -39.87
CA GLU B 1630 -19.52 -13.42 -40.31
C GLU B 1630 -19.17 -14.52 -39.31
N LEU B 1631 -19.84 -15.66 -39.47
CA LEU B 1631 -19.62 -16.83 -38.63
C LEU B 1631 -18.72 -17.86 -39.29
N ASP B 1632 -18.07 -17.51 -40.40
CA ASP B 1632 -17.21 -18.47 -41.09
C ASP B 1632 -15.92 -18.72 -40.31
N GLU B 1633 -15.37 -17.68 -39.67
CA GLU B 1633 -14.17 -17.87 -38.87
C GLU B 1633 -14.44 -18.76 -37.67
N ILE B 1634 -15.66 -18.75 -37.14
CA ILE B 1634 -16.02 -19.65 -36.05
C ILE B 1634 -16.00 -21.10 -36.54
N ARG B 1635 -16.61 -21.34 -37.70
CA ARG B 1635 -16.65 -22.69 -38.26
C ARG B 1635 -15.27 -23.21 -38.63
N SER B 1636 -14.28 -22.33 -38.80
CA SER B 1636 -12.94 -22.76 -39.18
C SER B 1636 -12.16 -23.32 -38.01
N LYS B 1637 -12.42 -22.85 -36.80
CA LYS B 1637 -11.66 -23.26 -35.63
C LYS B 1637 -12.17 -24.55 -35.00
N LEU B 1638 -13.44 -24.90 -35.22
CA LEU B 1638 -13.97 -26.14 -34.69
C LEU B 1638 -13.33 -27.35 -35.35
N ILE B 1639 -13.25 -27.33 -36.68
CA ILE B 1639 -12.71 -28.45 -37.45
C ILE B 1639 -11.20 -28.58 -37.28
N GLN B 1640 -10.54 -27.60 -36.68
CA GLN B 1640 -9.11 -27.71 -36.41
C GLN B 1640 -8.80 -28.89 -35.50
N GLU B 1641 -9.72 -29.23 -34.60
CA GLU B 1641 -9.57 -30.42 -33.78
C GLU B 1641 -10.02 -31.64 -34.56
N GLU B 1642 -9.24 -32.73 -34.44
CA GLU B 1642 -9.55 -33.95 -35.17
C GLU B 1642 -10.80 -34.64 -34.65
N THR B 1643 -11.21 -34.35 -33.41
CA THR B 1643 -12.41 -34.96 -32.86
C THR B 1643 -13.69 -34.37 -33.45
N ILE B 1644 -13.64 -33.13 -33.94
CA ILE B 1644 -14.79 -32.49 -34.56
C ILE B 1644 -14.72 -32.70 -36.06
N GLN B 1645 -15.82 -33.15 -36.65
CA GLN B 1645 -15.87 -33.47 -38.08
C GLN B 1645 -16.21 -32.25 -38.93
N ASP B 1646 -17.42 -31.70 -38.75
CA ASP B 1646 -17.87 -30.57 -39.55
C ASP B 1646 -18.30 -29.45 -38.60
N ALA B 1647 -19.02 -28.48 -39.14
CA ALA B 1647 -19.37 -27.28 -38.38
C ALA B 1647 -20.75 -26.77 -38.77
N VAL B 1648 -21.54 -26.41 -37.76
CA VAL B 1648 -22.86 -25.80 -37.95
C VAL B 1648 -23.02 -24.73 -36.87
N VAL B 1649 -23.17 -23.47 -37.30
CA VAL B 1649 -23.35 -22.35 -36.39
C VAL B 1649 -24.62 -21.61 -36.81
N VAL B 1650 -25.69 -21.77 -36.04
CA VAL B 1650 -26.99 -21.20 -36.37
C VAL B 1650 -27.55 -20.52 -35.12
N ALA B 1651 -28.03 -19.29 -35.28
CA ALA B 1651 -28.68 -18.56 -34.20
C ALA B 1651 -30.16 -18.94 -34.13
N ARG B 1652 -30.69 -19.00 -32.91
CA ARG B 1652 -32.07 -19.40 -32.69
C ARG B 1652 -32.73 -18.47 -31.69
N ASN B 1653 -33.97 -18.09 -31.97
CA ASN B 1653 -34.77 -17.23 -31.10
C ASN B 1653 -35.96 -18.04 -30.59
N ASP B 1654 -35.83 -18.60 -29.39
CA ASP B 1654 -36.92 -19.37 -28.82
C ASP B 1654 -38.09 -18.47 -28.43
N GLN B 1655 -37.80 -17.30 -27.85
CA GLN B 1655 -38.84 -16.34 -27.47
C GLN B 1655 -38.38 -14.95 -27.85
N ASN B 1656 -39.33 -14.02 -27.86
CA ASN B 1656 -39.02 -12.63 -28.17
C ASN B 1656 -38.16 -12.02 -27.07
N GLY B 1657 -37.10 -11.35 -27.46
CA GLY B 1657 -36.14 -10.79 -26.52
C GLY B 1657 -35.20 -11.81 -25.91
N GLN B 1658 -35.35 -13.09 -26.21
CA GLN B 1658 -34.50 -14.16 -25.71
C GLN B 1658 -33.98 -14.94 -26.91
N ALA B 1659 -32.83 -14.52 -27.43
CA ALA B 1659 -32.20 -15.14 -28.58
C ALA B 1659 -30.93 -15.87 -28.13
N TYR B 1660 -30.91 -17.19 -28.31
CA TYR B 1660 -29.79 -18.03 -27.90
C TYR B 1660 -29.33 -18.84 -29.09
N LEU B 1661 -28.12 -18.54 -29.59
CA LEU B 1661 -27.57 -19.30 -30.71
C LEU B 1661 -27.12 -20.68 -30.24
N CYS B 1662 -27.14 -21.63 -31.18
CA CYS B 1662 -26.81 -23.01 -30.88
C CYS B 1662 -25.77 -23.53 -31.88
N ALA B 1663 -24.94 -24.44 -31.41
CA ALA B 1663 -23.90 -25.07 -32.23
C ALA B 1663 -24.17 -26.55 -32.35
N TYR B 1664 -24.05 -27.06 -33.58
CA TYR B 1664 -24.30 -28.49 -33.88
C TYR B 1664 -23.07 -29.10 -34.56
N LEU B 1665 -22.33 -29.94 -33.82
CA LEU B 1665 -21.13 -30.57 -34.32
C LEU B 1665 -21.31 -32.09 -34.34
N LEU B 1666 -20.31 -32.78 -34.90
CA LEU B 1666 -20.30 -34.23 -34.98
C LEU B 1666 -19.02 -34.73 -34.32
N SER B 1667 -19.15 -35.27 -33.11
CA SER B 1667 -18.02 -35.81 -32.37
C SER B 1667 -18.52 -36.98 -31.53
N GLU B 1668 -18.20 -38.21 -31.95
CA GLU B 1668 -18.65 -39.38 -31.23
C GLU B 1668 -18.04 -39.47 -29.83
N GLN B 1669 -16.93 -38.78 -29.60
CA GLN B 1669 -16.33 -38.72 -28.28
C GLN B 1669 -17.11 -37.75 -27.41
N GLU B 1670 -17.27 -38.10 -26.13
CA GLU B 1670 -18.11 -37.31 -25.24
C GLU B 1670 -17.43 -36.01 -24.84
N TRP B 1671 -18.19 -34.92 -24.89
CA TRP B 1671 -17.74 -33.61 -24.44
C TRP B 1671 -18.78 -33.05 -23.49
N THR B 1672 -18.43 -32.93 -22.21
CA THR B 1672 -19.38 -32.46 -21.21
C THR B 1672 -19.65 -30.96 -21.40
N VAL B 1673 -20.68 -30.48 -20.69
CA VAL B 1673 -21.07 -29.09 -20.82
C VAL B 1673 -19.97 -28.16 -20.34
N GLY B 1674 -19.30 -28.53 -19.26
CA GLY B 1674 -18.25 -27.68 -18.72
C GLY B 1674 -17.04 -27.59 -19.64
N GLN B 1675 -16.65 -28.71 -20.24
CA GLN B 1675 -15.48 -28.71 -21.11
C GLN B 1675 -15.74 -27.98 -22.42
N LEU B 1676 -16.99 -27.97 -22.90
CA LEU B 1676 -17.29 -27.39 -24.20
C LEU B 1676 -17.07 -25.88 -24.20
N ARG B 1677 -17.49 -25.19 -23.14
CA ARG B 1677 -17.31 -23.75 -23.08
C ARG B 1677 -15.83 -23.37 -23.04
N GLU B 1678 -14.99 -24.21 -22.44
CA GLU B 1678 -13.57 -23.91 -22.35
C GLU B 1678 -12.84 -24.24 -23.65
N LEU B 1679 -13.35 -25.21 -24.42
CA LEU B 1679 -12.81 -25.44 -25.76
C LEU B 1679 -12.94 -24.20 -26.62
N LEU B 1680 -14.06 -23.49 -26.51
CA LEU B 1680 -14.27 -22.26 -27.25
C LEU B 1680 -13.42 -21.11 -26.73
N ARG B 1681 -12.90 -21.22 -25.50
CA ARG B 1681 -12.04 -20.17 -24.97
C ARG B 1681 -10.65 -20.23 -25.56
N ARG B 1682 -10.19 -21.44 -25.88
CA ARG B 1682 -8.84 -21.65 -26.48
C ARG B 1682 -8.83 -21.12 -27.92
N GLU B 1683 -10.00 -20.77 -28.47
CA GLU B 1683 -10.08 -20.27 -29.83
C GLU B 1683 -10.15 -18.75 -29.85
N LEU B 1684 -11.12 -18.19 -29.14
CA LEU B 1684 -11.34 -16.75 -29.15
C LEU B 1684 -11.86 -16.34 -27.78
N PRO B 1685 -11.83 -15.04 -27.46
CA PRO B 1685 -12.29 -14.58 -26.15
C PRO B 1685 -13.76 -14.92 -25.89
N GLU B 1686 -14.17 -14.64 -24.65
CA GLU B 1686 -15.52 -14.95 -24.18
C GLU B 1686 -16.46 -13.78 -24.51
N TYR B 1687 -16.96 -13.79 -25.75
CA TYR B 1687 -17.93 -12.79 -26.18
C TYR B 1687 -18.70 -13.26 -27.41
N MET B 1688 -18.23 -14.34 -28.03
CA MET B 1688 -18.92 -14.93 -29.19
C MET B 1688 -19.29 -16.39 -28.96
N ILE B 1689 -19.10 -16.90 -27.74
CA ILE B 1689 -19.36 -18.32 -27.47
C ILE B 1689 -20.85 -18.61 -27.66
N PRO B 1690 -21.22 -19.68 -28.35
CA PRO B 1690 -22.64 -20.03 -28.48
C PRO B 1690 -23.27 -20.28 -27.12
N ALA B 1691 -24.48 -19.76 -26.94
CA ALA B 1691 -25.16 -19.89 -25.65
C ALA B 1691 -25.50 -21.34 -25.33
N HIS B 1692 -25.72 -22.17 -26.36
CA HIS B 1692 -26.05 -23.56 -26.18
C HIS B 1692 -25.20 -24.42 -27.10
N PHE B 1693 -25.05 -25.69 -26.72
CA PHE B 1693 -24.27 -26.69 -27.50
C PHE B 1693 -25.13 -27.95 -27.68
N VAL B 1694 -25.11 -28.54 -28.87
CA VAL B 1694 -25.93 -29.76 -29.15
C VAL B 1694 -25.04 -30.91 -29.63
N LEU B 1695 -25.29 -32.11 -29.09
CA LEU B 1695 -24.55 -33.31 -29.46
C LEU B 1695 -25.33 -34.06 -30.54
N LEU B 1696 -24.63 -34.46 -31.60
CA LEU B 1696 -25.25 -35.16 -32.72
C LEU B 1696 -24.41 -36.36 -33.12
N LYS B 1697 -25.07 -37.36 -33.70
CA LYS B 1697 -24.40 -38.51 -34.27
C LYS B 1697 -24.34 -38.47 -35.79
N GLN B 1698 -25.22 -37.70 -36.42
CA GLN B 1698 -25.18 -37.47 -37.87
C GLN B 1698 -26.04 -36.25 -38.16
N PHE B 1699 -25.55 -35.38 -39.04
CA PHE B 1699 -26.23 -34.12 -39.30
C PHE B 1699 -27.56 -34.36 -40.00
N PRO B 1700 -28.66 -33.82 -39.48
CA PRO B 1700 -29.96 -33.97 -40.16
C PRO B 1700 -30.11 -32.96 -41.28
N LEU B 1701 -30.47 -33.46 -42.47
CA LEU B 1701 -30.69 -32.64 -43.64
C LEU B 1701 -32.10 -32.84 -44.15
N THR B 1702 -32.53 -31.92 -45.02
CA THR B 1702 -33.85 -32.00 -45.63
C THR B 1702 -33.80 -32.93 -46.85
N ALA B 1703 -34.97 -33.12 -47.47
CA ALA B 1703 -35.06 -33.97 -48.65
C ALA B 1703 -34.40 -33.34 -49.88
N ASN B 1704 -34.07 -32.06 -49.83
CA ASN B 1704 -33.42 -31.38 -50.95
C ASN B 1704 -31.93 -31.67 -51.03
N GLY B 1705 -31.40 -32.53 -50.16
CA GLY B 1705 -29.96 -32.76 -50.13
C GLY B 1705 -29.17 -31.54 -49.72
N LYS B 1706 -29.73 -30.70 -48.85
CA LYS B 1706 -29.12 -29.44 -48.48
C LYS B 1706 -29.25 -29.22 -46.98
N LEU B 1707 -28.44 -28.29 -46.48
CA LEU B 1707 -28.49 -27.86 -45.08
C LEU B 1707 -29.40 -26.64 -44.97
N ASP B 1708 -30.44 -26.74 -44.14
CA ASP B 1708 -31.39 -25.65 -43.97
C ASP B 1708 -31.62 -25.41 -42.49
N ARG B 1709 -31.96 -24.17 -42.16
CA ARG B 1709 -32.27 -23.81 -40.78
C ARG B 1709 -33.64 -24.32 -40.33
N LYS B 1710 -34.45 -24.86 -41.25
CA LYS B 1710 -35.70 -25.47 -40.85
C LYS B 1710 -35.48 -26.80 -40.15
N ALA B 1711 -34.40 -27.50 -40.50
CA ALA B 1711 -34.09 -28.78 -39.88
C ALA B 1711 -33.19 -28.56 -38.68
N LEU B 1712 -33.34 -27.41 -38.02
CA LEU B 1712 -32.51 -27.06 -36.88
C LEU B 1712 -33.32 -27.33 -35.61
N PRO B 1713 -33.02 -28.39 -34.85
CA PRO B 1713 -33.82 -28.69 -33.66
C PRO B 1713 -33.26 -27.98 -32.44
N GLU B 1714 -33.89 -28.24 -31.29
CA GLU B 1714 -33.52 -27.59 -30.00
C GLU B 1714 -32.22 -28.17 -29.44
N PRO B 1715 -31.53 -27.45 -28.52
CA PRO B 1715 -30.28 -27.93 -27.94
C PRO B 1715 -30.55 -28.92 -26.79
N ASP B 1716 -29.57 -29.76 -26.49
CA ASP B 1716 -29.66 -30.76 -25.43
C ASP B 1716 -28.27 -31.29 -25.15
N GLY B 1717 -27.88 -31.28 -23.87
CA GLY B 1717 -26.58 -31.78 -23.47
C GLY B 1717 -25.43 -30.89 -23.91
C DG9 C . 0.69 -21.06 58.72
N DG9 C . 2.46 -23.62 57.53
S DG9 C . 1.27 -23.80 58.75
C1 DG9 C . 1.04 -22.23 59.64
N1 DG9 C . 8.56 -18.46 54.37
O1 DG9 C . 5.89 -25.10 59.37
C2 DG9 C . 8.70 -19.72 54.00
N2 DG9 C . 2.21 -19.91 60.23
O2 DG9 C . 7.72 -24.82 57.94
C3 DG9 C . 3.78 -22.93 57.88
N3 DG9 C . 8.17 -20.74 54.72
O3 DG9 C . -5.11 -20.07 46.57
C4 DG9 C . 7.47 -20.49 55.85
C5 DG9 C . 7.30 -19.20 56.28
C6 DG9 C . 7.88 -18.15 55.48
N6 DG9 C . 7.72 -16.74 55.89
N7 DG9 C . 6.56 -19.25 57.43
C8 DG9 C . 6.30 -20.55 57.70
N9 DG9 C . 6.83 -21.32 56.78
CA DG9 C . 1.76 -19.96 58.87
CB DG9 C . 1.18 -18.59 58.47
C1' DG9 C . 6.77 -22.79 56.71
S1P DG9 C . 0.64 -21.59 56.99
C2' DG9 C . 7.03 -23.54 58.17
P2A DG9 C . -6.28 -19.26 46.04
C2P DG9 C . -0.60 -20.53 56.08
O2P DG9 C . 1.64 -24.87 59.68
C3' DG9 C . 5.91 -23.75 58.71
C3P DG9 C . -2.00 -21.01 56.37
O3P DG9 C . 0.01 -24.34 58.22
C4' DG9 C . 4.87 -23.74 57.53
O4' DG9 C . 5.61 -23.14 56.32
O4A DG9 C . -7.33 -20.21 45.49
N4P DG9 C . -2.78 -21.02 55.09
C5P DG9 C . -3.74 -19.91 54.79
O5P DG9 C . -3.87 -19.01 55.56
O6A DG9 C . -6.93 -18.37 47.28
C6P DG9 C . -4.54 -19.92 53.48
C7P DG9 C . -5.26 -18.55 53.22
N8P DG9 C . -4.64 -17.91 52.06
C9P DG9 C . -5.46 -17.22 51.06
O9P DG9 C . -6.65 -17.19 51.20
CAP DG9 C . -4.77 -16.57 49.87
OAP DG9 C . -4.65 -15.22 50.11
CBP DG9 C . -5.52 -16.78 48.51
CCP DG9 C . -6.01 -18.29 48.36
CDP DG9 C . -6.74 -15.79 48.43
CEP DG9 C . -4.55 -16.46 47.37
CG1 DG9 C . -0.20 -18.31 59.21
CG2 DG9 C . 2.20 -17.45 58.72
C DG9 D . -2.61 64.02 7.30
N DG9 D . -4.81 64.76 9.69
S DG9 D . -3.99 65.96 8.77
C1 DG9 D . -2.41 65.29 8.13
N1 DG9 D . -4.09 56.99 13.34
O1 DG9 D . -3.77 65.68 13.59
C2 DG9 D . -5.06 57.72 13.84
N2 DG9 D . -0.58 63.42 8.49
O2 DG9 D . -4.66 64.08 15.04
C3 DG9 D . -4.03 63.95 10.73
N3 DG9 D . -5.07 59.06 13.75
O3 DG9 D . -12.84 58.44 0.07
C4 DG9 D . -4.07 59.72 13.13
C5 DG9 D . -3.04 59.01 12.58
C6 DG9 D . -3.07 57.58 12.70
N6 DG9 D . -1.97 56.76 12.13
N7 DG9 D . -2.17 59.91 12.02
C8 DG9 D . -2.68 61.16 12.23
N9 DG9 D . -3.82 61.07 12.89
CA DG9 D . -1.81 62.89 7.95
CB DG9 D . -1.46 61.81 6.91
C1' DG9 D . -4.69 62.18 13.31
S1P DG9 D . -4.35 63.54 7.25
C2' DG9 D . -3.86 63.44 14.00
P2A DG9 D . -12.94 57.88 -1.34
C2P DG9 D . -4.66 62.64 5.65
O2P DG9 D . -3.76 67.16 9.58
C3' DG9 D . -3.61 64.28 13.08
C3P DG9 D . -4.80 63.64 4.52
O3P DG9 D . -4.83 66.51 7.71
C4' DG9 D . -4.67 64.00 11.97
O4' DG9 D . -5.32 62.64 12.31
O4A DG9 D . -13.98 58.69 -2.10
N4P DG9 D . -5.94 63.20 3.66
C5P DG9 D . -5.66 62.45 2.38
O5P DG9 D . -4.55 62.22 2.05
O6A DG9 D . -11.48 58.08 -2.09
C6P DG9 D . -6.84 62.01 1.52
C7P DG9 D . -6.37 61.14 0.31
N8P DG9 D . -6.94 59.82 0.51
C9P DG9 D . -7.53 59.07 -0.60
O9P DG9 D . -7.53 59.54 -1.70
CAP DG9 D . -8.11 57.69 -0.29
OAP DG9 D . -7.12 56.76 -0.57
CBP DG9 D . -9.39 57.33 -1.11
CCP DG9 D . -10.47 58.48 -1.17
CDP DG9 D . -8.93 56.92 -2.55
CEP DG9 D . -10.02 56.11 -0.43
CG1 DG9 D . -0.76 62.44 5.64
CG2 DG9 D . -0.60 60.70 7.56
#